data_5H8I
#
_entry.id   5H8I
#
_cell.length_a   152.130
_cell.length_b   211.060
_cell.length_c   208.780
_cell.angle_alpha   90.00
_cell.angle_beta   90.00
_cell.angle_gamma   90.00
#
_symmetry.space_group_name_H-M   'P 21 21 2'
#
loop_
_entity.id
_entity.type
_entity.pdbx_description
1 polymer 'N-carbamoylputrescine amidohydrolase'
2 non-polymer GLYCEROL
3 non-polymer DI(HYDROXYETHYL)ETHER
4 non-polymer 'TRIETHYLENE GLYCOL'
5 non-polymer 1,2-ETHANEDIOL
6 non-polymer (4-azanylbutylamino)methanediol
7 non-polymer 'SODIUM ION'
8 water water
#
_entity_poly.entity_id   1
_entity_poly.type   'polypeptide(L)'
_entity_poly.pdbx_seq_one_letter_code
;SNAMAEDKGRKVVVSALQFACTDDVSTNVTTAERLVRAAHKQGANIVLIQELFEGYYFCQAQREDFIQRAKPYKDHPTIM
RLQKLAKELGVVIPVSFFEEANNAHYNSIAIIDADGTDLGIYRKSHIPDGPGYEEKFYFNPGDTGFKVFQTKYAKIGVAI
CWDQWFPEAARAMALQGAEILFYPTAIGSEPHDQSIDSRDHWKRVMQGHAGANLVPLVASNRIGNEIIETEHGKSEIKFY
GNSFIAGPTGEIVSIADDKEEAVLIAEFNLDKIKSMRHCWGVFRDRRPDLYKVLLTLDGKNPVL
;
_entity_poly.pdbx_strand_id   A,B,C,D,E,F,G,H,I,J,K,L,M,N,O,P
#
loop_
_chem_comp.id
_chem_comp.type
_chem_comp.name
_chem_comp.formula
EDO non-polymer 1,2-ETHANEDIOL 'C2 H6 O2'
GOL non-polymer GLYCEROL 'C3 H8 O3'
N2H non-polymer (4-azanylbutylamino)methanediol 'C5 H14 N2 O2'
NA non-polymer 'SODIUM ION' 'Na 1'
PEG non-polymer DI(HYDROXYETHYL)ETHER 'C4 H10 O3'
PGE non-polymer 'TRIETHYLENE GLYCOL' 'C6 H14 O4'
#
# COMPACT_ATOMS: atom_id res chain seq x y z
N ASP A 7 17.67 -36.77 -76.62
CA ASP A 7 17.24 -37.44 -75.33
C ASP A 7 18.40 -37.86 -74.39
N LYS A 8 19.62 -37.41 -74.67
CA LYS A 8 20.80 -37.78 -73.87
C LYS A 8 20.87 -37.01 -72.51
N GLY A 9 21.46 -37.65 -71.48
CA GLY A 9 21.67 -37.04 -70.17
C GLY A 9 21.05 -37.78 -69.00
N ARG A 10 21.50 -37.42 -67.79
CA ARG A 10 21.00 -38.01 -66.53
C ARG A 10 19.52 -37.78 -66.37
N LYS A 11 18.77 -38.86 -66.25
CA LYS A 11 17.35 -38.79 -66.09
C LYS A 11 17.00 -39.23 -64.70
N VAL A 12 16.02 -38.59 -64.11
CA VAL A 12 15.60 -38.99 -62.75
C VAL A 12 14.10 -38.99 -62.75
N VAL A 13 13.51 -40.02 -62.14
CA VAL A 13 12.06 -40.12 -62.03
C VAL A 13 11.71 -39.72 -60.58
N VAL A 14 10.84 -38.72 -60.43
CA VAL A 14 10.43 -38.30 -59.08
C VAL A 14 8.95 -38.58 -58.86
N SER A 15 8.56 -38.68 -57.59
CA SER A 15 7.20 -39.01 -57.26
C SER A 15 6.71 -38.24 -56.04
N ALA A 16 5.45 -37.77 -56.13
CA ALA A 16 4.74 -37.17 -55.00
C ALA A 16 3.68 -38.16 -54.56
N LEU A 17 3.58 -38.47 -53.28
CA LEU A 17 2.54 -39.34 -52.79
C LEU A 17 1.52 -38.52 -52.02
N GLN A 18 0.26 -38.98 -52.00
CA GLN A 18 -0.79 -38.28 -51.30
C GLN A 18 -1.71 -39.28 -50.68
N PHE A 19 -1.96 -39.15 -49.38
CA PHE A 19 -2.89 -40.04 -48.69
C PHE A 19 -3.50 -39.38 -47.48
N ALA A 20 -4.56 -39.99 -46.94
CA ALA A 20 -5.20 -39.51 -45.71
C ALA A 20 -4.53 -40.20 -44.52
N CYS A 21 -4.32 -39.45 -43.45
CA CYS A 21 -3.71 -40.02 -42.25
C CYS A 21 -4.80 -40.49 -41.29
N THR A 22 -4.53 -41.64 -40.65
CA THR A 22 -5.32 -42.08 -39.52
C THR A 22 -4.56 -41.53 -38.33
N ASP A 23 -5.13 -41.64 -37.13
CA ASP A 23 -4.32 -41.23 -35.97
C ASP A 23 -3.65 -42.44 -35.30
N ASP A 24 -3.14 -43.37 -36.11
CA ASP A 24 -2.47 -44.59 -35.66
C ASP A 24 -1.16 -44.70 -36.44
N VAL A 25 -0.06 -44.67 -35.70
CA VAL A 25 1.24 -44.64 -36.32
C VAL A 25 1.53 -45.83 -37.24
N SER A 26 1.30 -47.06 -36.75
CA SER A 26 1.60 -48.27 -37.55
C SER A 26 0.84 -48.26 -38.84
N THR A 27 -0.43 -47.90 -38.75
CA THR A 27 -1.25 -47.82 -39.93
C THR A 27 -0.65 -46.84 -40.92
N ASN A 28 -0.30 -45.65 -40.47
CA ASN A 28 0.22 -44.64 -41.40
C ASN A 28 1.53 -45.04 -42.05
N VAL A 29 2.43 -45.66 -41.28
CA VAL A 29 3.71 -46.09 -41.85
C VAL A 29 3.45 -47.21 -42.85
N THR A 30 2.50 -48.09 -42.56
CA THR A 30 2.12 -49.13 -43.50
C THR A 30 1.61 -48.47 -44.79
N THR A 31 0.79 -47.41 -44.65
CA THR A 31 0.28 -46.72 -45.82
C THR A 31 1.43 -46.11 -46.64
N ALA A 32 2.36 -45.45 -45.96
CA ALA A 32 3.51 -44.86 -46.64
C ALA A 32 4.32 -45.89 -47.42
N GLU A 33 4.58 -47.05 -46.80
CA GLU A 33 5.35 -48.11 -47.44
C GLU A 33 4.64 -48.61 -48.69
N ARG A 34 3.33 -48.84 -48.60
CA ARG A 34 2.56 -49.30 -49.75
C ARG A 34 2.71 -48.34 -50.95
N LEU A 35 2.57 -47.07 -50.68
CA LEU A 35 2.63 -46.07 -51.73
C LEU A 35 4.07 -45.87 -52.26
N VAL A 36 5.09 -46.01 -51.40
CA VAL A 36 6.47 -45.94 -51.88
C VAL A 36 6.71 -47.10 -52.86
N ARG A 37 6.27 -48.30 -52.49
CA ARG A 37 6.43 -49.46 -53.35
C ARG A 37 5.69 -49.27 -54.68
N ALA A 38 4.49 -48.67 -54.65
CA ALA A 38 3.76 -48.39 -55.89
C ALA A 38 4.53 -47.38 -56.77
N ALA A 39 5.08 -46.32 -56.19
CA ALA A 39 5.89 -45.37 -56.93
C ALA A 39 7.11 -46.05 -57.58
N HIS A 40 7.79 -46.90 -56.80
CA HIS A 40 8.96 -47.64 -57.27
C HIS A 40 8.57 -48.53 -58.44
N LYS A 41 7.44 -49.19 -58.33
CA LYS A 41 6.96 -50.04 -59.41
C LYS A 41 6.78 -49.23 -60.70
N GLN A 42 6.38 -47.96 -60.58
CA GLN A 42 6.22 -47.12 -61.76
C GLN A 42 7.51 -46.42 -62.18
N GLY A 43 8.66 -46.82 -61.59
CA GLY A 43 9.96 -46.32 -61.98
C GLY A 43 10.56 -45.19 -61.17
N ALA A 44 9.93 -44.79 -60.07
CA ALA A 44 10.43 -43.68 -59.30
C ALA A 44 11.79 -43.96 -58.66
N ASN A 45 12.64 -42.94 -58.70
CA ASN A 45 13.98 -42.95 -58.07
C ASN A 45 13.99 -42.20 -56.75
N ILE A 46 13.14 -41.18 -56.64
CA ILE A 46 13.05 -40.34 -55.45
C ILE A 46 11.57 -40.15 -55.18
N VAL A 47 11.15 -40.38 -53.94
CA VAL A 47 9.75 -40.44 -53.60
C VAL A 47 9.51 -39.60 -52.39
N LEU A 48 8.50 -38.69 -52.48
CA LEU A 48 8.18 -37.78 -51.40
C LEU A 48 6.85 -38.06 -50.69
N ILE A 49 6.96 -38.31 -49.39
CA ILE A 49 5.86 -38.53 -48.48
C ILE A 49 5.52 -37.18 -47.77
N GLN A 50 4.21 -36.93 -47.62
CA GLN A 50 3.68 -35.72 -47.01
C GLN A 50 4.16 -35.50 -45.57
N GLU A 51 4.06 -34.26 -45.11
CA GLU A 51 4.59 -33.83 -43.80
C GLU A 51 3.92 -34.54 -42.63
N LEU A 52 4.71 -34.92 -41.61
CA LEU A 52 4.20 -35.48 -40.35
C LEU A 52 3.14 -36.59 -40.54
N PHE A 53 3.41 -37.45 -41.52
CA PHE A 53 2.50 -38.50 -41.99
C PHE A 53 2.19 -39.62 -40.96
N GLU A 54 2.96 -39.68 -39.86
CA GLU A 54 2.76 -40.69 -38.81
C GLU A 54 1.47 -40.51 -38.03
N GLY A 55 0.80 -39.35 -38.15
CA GLY A 55 -0.48 -39.11 -37.43
C GLY A 55 -1.28 -37.92 -37.96
N TYR A 56 -2.37 -37.59 -37.26
CA TYR A 56 -3.15 -36.37 -37.53
C TYR A 56 -2.24 -35.13 -37.36
N TYR A 57 -2.54 -34.07 -38.11
CA TYR A 57 -1.88 -32.79 -37.97
C TYR A 57 -2.29 -32.10 -36.67
N PHE A 58 -1.48 -32.28 -35.66
CA PHE A 58 -1.80 -31.87 -34.30
C PHE A 58 -1.39 -30.42 -34.00
N CYS A 59 -0.68 -29.77 -34.92
CA CYS A 59 0.15 -28.57 -34.57
C CYS A 59 -0.54 -27.31 -34.16
N GLN A 60 -1.83 -27.21 -34.46
CA GLN A 60 -2.56 -26.00 -34.13
C GLN A 60 -3.38 -26.23 -32.86
N ALA A 61 -3.73 -27.50 -32.55
CA ALA A 61 -4.20 -27.86 -31.20
C ALA A 61 -3.02 -27.56 -30.30
N GLN A 62 -3.23 -26.96 -29.14
CA GLN A 62 -2.08 -26.65 -28.29
C GLN A 62 -2.17 -27.51 -27.08
N ARG A 63 -1.83 -28.79 -27.25
CA ARG A 63 -1.93 -29.77 -26.17
C ARG A 63 -0.57 -30.31 -25.75
N GLU A 64 -0.28 -30.15 -24.45
CA GLU A 64 0.98 -30.56 -23.83
C GLU A 64 1.27 -32.06 -24.01
N ASP A 65 0.22 -32.88 -24.04
CA ASP A 65 0.44 -34.33 -24.18
C ASP A 65 0.90 -34.76 -25.59
N PHE A 66 0.59 -33.95 -26.61
CA PHE A 66 1.08 -34.22 -27.96
C PHE A 66 2.59 -34.02 -28.06
N ILE A 67 3.17 -33.22 -27.16
CA ILE A 67 4.62 -32.99 -27.18
C ILE A 67 5.40 -34.32 -27.08
N GLN A 68 4.94 -35.25 -26.28
CA GLN A 68 5.61 -36.57 -26.15
C GLN A 68 5.60 -37.41 -27.44
N ARG A 69 4.93 -36.94 -28.49
CA ARG A 69 5.02 -37.62 -29.78
C ARG A 69 6.39 -37.41 -30.43
N ALA A 70 7.10 -36.37 -30.01
CA ALA A 70 8.43 -36.11 -30.56
C ALA A 70 9.37 -37.24 -30.15
N LYS A 71 10.36 -37.52 -31.00
CA LYS A 71 11.38 -38.54 -30.75
C LYS A 71 12.71 -38.09 -31.26
N PRO A 72 13.80 -38.60 -30.64
CA PRO A 72 15.08 -38.17 -31.17
C PRO A 72 15.36 -38.59 -32.62
N TYR A 73 16.18 -37.79 -33.28
CA TYR A 73 16.71 -38.12 -34.60
C TYR A 73 17.51 -39.45 -34.56
N LYS A 74 18.31 -39.61 -33.52
CA LYS A 74 19.08 -40.84 -33.32
C LYS A 74 18.17 -42.06 -33.08
N ASP A 75 18.41 -43.10 -33.88
CA ASP A 75 17.68 -44.40 -33.81
C ASP A 75 16.16 -44.24 -33.85
N HIS A 76 15.67 -43.42 -34.74
CA HIS A 76 14.25 -43.19 -34.84
C HIS A 76 13.60 -44.38 -35.52
N PRO A 77 12.60 -45.02 -34.91
CA PRO A 77 12.05 -46.28 -35.47
C PRO A 77 11.48 -46.12 -36.88
N THR A 78 10.84 -44.98 -37.15
CA THR A 78 10.28 -44.74 -38.49
C THR A 78 11.40 -44.48 -39.52
N ILE A 79 12.39 -43.68 -39.18
CA ILE A 79 13.51 -43.43 -40.09
C ILE A 79 14.23 -44.75 -40.40
N MET A 80 14.54 -45.52 -39.34
CA MET A 80 15.28 -46.79 -39.45
C MET A 80 14.50 -47.78 -40.33
N ARG A 81 13.19 -47.80 -40.18
CA ARG A 81 12.37 -48.65 -41.03
C ARG A 81 12.40 -48.20 -42.48
N LEU A 82 12.35 -46.89 -42.73
CA LEU A 82 12.33 -46.39 -44.09
C LEU A 82 13.72 -46.46 -44.76
N GLN A 83 14.79 -46.48 -43.96
CA GLN A 83 16.13 -46.80 -44.46
C GLN A 83 16.17 -48.19 -45.07
N LYS A 84 15.53 -49.17 -44.43
CA LYS A 84 15.46 -50.51 -44.96
C LYS A 84 14.72 -50.51 -46.28
N LEU A 85 13.63 -49.76 -46.36
CA LEU A 85 12.86 -49.74 -47.57
C LEU A 85 13.64 -49.08 -48.72
N ALA A 86 14.27 -47.97 -48.40
CA ALA A 86 15.10 -47.22 -49.37
C ALA A 86 16.20 -48.11 -49.97
N LYS A 87 16.85 -48.90 -49.10
CA LYS A 87 17.94 -49.75 -49.53
C LYS A 87 17.39 -50.92 -50.38
N GLU A 88 16.34 -51.53 -49.91
CA GLU A 88 15.68 -52.61 -50.64
C GLU A 88 15.30 -52.18 -52.06
N LEU A 89 14.71 -51.01 -52.22
CA LEU A 89 14.15 -50.58 -53.51
C LEU A 89 15.12 -49.73 -54.37
N GLY A 90 16.21 -49.22 -53.78
CA GLY A 90 17.11 -48.31 -54.50
C GLY A 90 16.47 -46.95 -54.72
N VAL A 91 15.72 -46.45 -53.74
CA VAL A 91 15.06 -45.14 -53.87
CA VAL A 91 15.00 -45.19 -53.83
C VAL A 91 15.44 -44.19 -52.75
N VAL A 92 15.46 -42.90 -53.09
CA VAL A 92 15.74 -41.84 -52.13
C VAL A 92 14.39 -41.48 -51.43
N ILE A 93 14.40 -41.40 -50.12
CA ILE A 93 13.18 -41.12 -49.31
C ILE A 93 13.47 -40.03 -48.23
N PRO A 94 13.00 -38.81 -48.44
CA PRO A 94 13.00 -37.84 -47.37
C PRO A 94 11.94 -38.20 -46.33
N VAL A 95 12.33 -38.30 -45.05
CA VAL A 95 11.42 -38.75 -43.97
C VAL A 95 11.11 -37.63 -42.99
N SER A 96 9.88 -37.15 -43.06
CA SER A 96 9.39 -36.14 -42.14
C SER A 96 9.15 -36.72 -40.74
N PHE A 97 9.54 -36.01 -39.70
CA PHE A 97 9.29 -36.46 -38.33
C PHE A 97 9.38 -35.30 -37.31
N PHE A 98 8.77 -35.53 -36.15
CA PHE A 98 8.73 -34.59 -35.07
C PHE A 98 9.92 -34.91 -34.18
N GLU A 99 10.90 -34.02 -34.16
CA GLU A 99 12.17 -34.25 -33.52
C GLU A 99 12.26 -33.71 -32.10
N GLU A 100 12.71 -34.56 -31.18
CA GLU A 100 13.08 -34.14 -29.83
C GLU A 100 14.61 -33.99 -29.78
N ALA A 101 15.10 -32.83 -29.35
CA ALA A 101 16.56 -32.59 -29.26
C ALA A 101 16.95 -31.89 -27.96
N ASN A 102 16.85 -32.60 -26.86
CA ASN A 102 17.11 -32.05 -25.52
C ASN A 102 15.98 -31.10 -25.24
N ASN A 103 16.29 -29.86 -24.83
CA ASN A 103 15.22 -28.89 -24.61
C ASN A 103 14.45 -28.51 -25.88
N ALA A 104 15.11 -28.50 -27.03
CA ALA A 104 14.46 -28.09 -28.26
C ALA A 104 13.62 -29.19 -28.92
N HIS A 105 12.62 -28.76 -29.69
CA HIS A 105 11.83 -29.61 -30.55
C HIS A 105 11.74 -28.96 -31.93
N TYR A 106 11.72 -29.79 -32.97
CA TYR A 106 11.73 -29.30 -34.32
C TYR A 106 10.83 -30.10 -35.20
N ASN A 107 10.39 -29.47 -36.27
CA ASN A 107 9.73 -30.14 -37.36
C ASN A 107 10.85 -30.42 -38.37
N SER A 108 11.19 -31.71 -38.54
CA SER A 108 12.42 -32.09 -39.20
C SER A 108 12.21 -33.09 -40.32
N ILE A 109 13.26 -33.27 -41.13
CA ILE A 109 13.22 -34.25 -42.22
C ILE A 109 14.60 -34.84 -42.42
N ALA A 110 14.69 -36.17 -42.43
CA ALA A 110 15.94 -36.87 -42.67
C ALA A 110 15.99 -37.36 -44.11
N ILE A 111 17.12 -37.12 -44.77
CA ILE A 111 17.23 -37.51 -46.17
C ILE A 111 17.92 -38.87 -46.31
N ILE A 112 17.15 -39.89 -46.72
CA ILE A 112 17.68 -41.24 -46.87
C ILE A 112 18.03 -41.46 -48.34
N ASP A 113 19.28 -41.85 -48.57
CA ASP A 113 19.80 -42.08 -49.93
C ASP A 113 19.33 -43.47 -50.44
N ALA A 114 19.55 -43.71 -51.71
CA ALA A 114 19.12 -44.93 -52.39
C ALA A 114 19.84 -46.18 -51.90
N ASP A 115 20.93 -46.01 -51.16
CA ASP A 115 21.60 -47.17 -50.55
C ASP A 115 21.23 -47.35 -49.07
N GLY A 116 20.26 -46.56 -48.59
CA GLY A 116 19.85 -46.61 -47.17
C GLY A 116 20.60 -45.66 -46.24
N THR A 117 21.60 -44.92 -46.77
CA THR A 117 22.39 -44.03 -45.94
C THR A 117 21.60 -42.77 -45.50
N ASP A 118 21.76 -42.44 -44.23
CA ASP A 118 21.16 -41.28 -43.64
C ASP A 118 22.06 -40.15 -43.99
N LEU A 119 21.64 -39.30 -44.91
CA LEU A 119 22.49 -38.24 -45.37
C LEU A 119 22.46 -36.99 -44.49
N GLY A 120 21.54 -36.92 -43.54
CA GLY A 120 21.45 -35.73 -42.71
C GLY A 120 20.04 -35.21 -42.56
N ILE A 121 19.93 -34.13 -41.81
CA ILE A 121 18.66 -33.55 -41.43
C ILE A 121 18.52 -32.08 -41.87
N TYR A 122 17.28 -31.66 -42.16
CA TYR A 122 16.92 -30.28 -42.30
C TYR A 122 15.83 -30.02 -41.26
N ARG A 123 15.91 -28.87 -40.59
CA ARG A 123 14.93 -28.47 -39.59
C ARG A 123 14.11 -27.27 -40.12
N LYS A 124 12.76 -27.41 -40.14
CA LYS A 124 11.86 -26.39 -40.69
C LYS A 124 12.22 -25.06 -40.09
N SER A 125 12.41 -24.08 -40.96
CA SER A 125 12.93 -22.76 -40.60
C SER A 125 11.88 -21.71 -40.23
N HIS A 126 10.80 -21.68 -40.99
CA HIS A 126 9.79 -20.65 -40.84
C HIS A 126 8.63 -21.21 -40.05
N ILE A 127 8.38 -20.63 -38.88
CA ILE A 127 7.35 -21.11 -37.98
C ILE A 127 6.32 -19.96 -37.74
N PRO A 128 5.11 -20.15 -38.27
CA PRO A 128 4.07 -19.10 -38.06
C PRO A 128 3.71 -18.82 -36.57
N ASP A 129 3.79 -17.56 -36.13
CA ASP A 129 3.34 -17.14 -34.75
C ASP A 129 2.49 -15.86 -34.79
N GLY A 130 1.43 -15.83 -33.98
CA GLY A 130 0.44 -14.76 -34.04
C GLY A 130 -0.89 -15.48 -34.20
N PRO A 131 -2.01 -14.71 -34.29
CA PRO A 131 -3.37 -15.32 -34.29
C PRO A 131 -3.60 -16.35 -35.43
N GLY A 132 -4.28 -17.47 -35.12
CA GLY A 132 -4.56 -18.56 -36.09
C GLY A 132 -3.53 -19.70 -36.07
N TYR A 133 -2.24 -19.32 -35.93
CA TYR A 133 -1.10 -20.26 -35.93
C TYR A 133 -0.33 -20.28 -34.57
N GLU A 134 -0.54 -21.35 -33.79
CA GLU A 134 0.15 -21.54 -32.50
C GLU A 134 1.19 -22.72 -32.52
N GLU A 135 1.82 -22.92 -33.68
CA GLU A 135 2.92 -23.89 -33.89
C GLU A 135 4.14 -23.83 -32.98
N LYS A 136 4.45 -22.64 -32.45
CA LYS A 136 5.60 -22.43 -31.60
C LYS A 136 5.44 -23.22 -30.32
N PHE A 137 4.19 -23.53 -30.02
CA PHE A 137 3.90 -24.39 -28.93
C PHE A 137 4.68 -25.69 -29.11
N TYR A 138 4.87 -26.15 -30.36
CA TYR A 138 5.56 -27.44 -30.60
C TYR A 138 6.97 -27.34 -31.16
N PHE A 139 7.23 -26.36 -32.00
CA PHE A 139 8.50 -26.34 -32.75
C PHE A 139 9.34 -25.11 -32.51
N ASN A 140 10.64 -25.32 -32.27
CA ASN A 140 11.60 -24.22 -32.25
C ASN A 140 11.89 -23.86 -33.71
N PRO A 141 12.25 -22.60 -33.97
CA PRO A 141 12.63 -22.27 -35.33
C PRO A 141 13.87 -23.08 -35.74
N GLY A 142 13.86 -23.63 -36.94
CA GLY A 142 14.97 -24.45 -37.37
C GLY A 142 16.34 -23.73 -37.37
N ASP A 143 17.37 -24.46 -36.99
CA ASP A 143 18.72 -23.91 -36.97
C ASP A 143 19.71 -24.63 -37.94
N THR A 144 19.25 -25.45 -38.87
CA THR A 144 20.17 -26.03 -39.81
C THR A 144 20.50 -25.05 -40.92
N GLY A 145 19.57 -24.12 -41.20
CA GLY A 145 19.63 -23.35 -42.39
C GLY A 145 19.18 -24.22 -43.55
N PHE A 146 19.13 -23.64 -44.72
CA PHE A 146 18.68 -24.34 -45.94
C PHE A 146 19.81 -25.19 -46.47
N LYS A 147 19.48 -26.45 -46.75
CA LYS A 147 20.47 -27.41 -47.14
C LYS A 147 20.20 -28.09 -48.49
N VAL A 148 21.27 -28.62 -49.09
CA VAL A 148 21.17 -29.49 -50.25
C VAL A 148 21.88 -30.80 -49.92
N PHE A 149 21.41 -31.87 -50.50
CA PHE A 149 21.95 -33.17 -50.24
C PHE A 149 22.25 -33.82 -51.54
N GLN A 150 23.46 -34.36 -51.63
CA GLN A 150 23.90 -35.12 -52.81
C GLN A 150 23.42 -36.54 -52.67
N THR A 151 22.41 -36.94 -53.46
CA THR A 151 21.90 -38.33 -53.45
C THR A 151 22.52 -39.11 -54.62
N LYS A 152 22.25 -40.41 -54.72
CA LYS A 152 22.75 -41.15 -55.87
C LYS A 152 22.19 -40.65 -57.20
N TYR A 153 21.03 -40.00 -57.20
CA TYR A 153 20.43 -39.58 -58.49
C TYR A 153 20.52 -38.09 -58.78
N ALA A 154 20.76 -37.28 -57.76
CA ALA A 154 20.65 -35.83 -57.91
C ALA A 154 21.04 -35.12 -56.65
N LYS A 155 21.38 -33.85 -56.81
CA LYS A 155 21.55 -32.96 -55.69
C LYS A 155 20.13 -32.41 -55.46
N ILE A 156 19.61 -32.58 -54.24
CA ILE A 156 18.24 -32.14 -53.95
C ILE A 156 18.18 -31.16 -52.81
N GLY A 157 17.16 -30.33 -52.86
CA GLY A 157 16.83 -29.44 -51.78
C GLY A 157 15.45 -29.79 -51.22
N VAL A 158 15.34 -29.80 -49.90
CA VAL A 158 14.09 -30.16 -49.24
C VAL A 158 13.78 -29.12 -48.19
N ALA A 159 12.56 -28.66 -48.18
CA ALA A 159 12.12 -27.76 -47.11
C ALA A 159 10.70 -28.20 -46.71
N ILE A 160 10.12 -27.62 -45.68
CA ILE A 160 8.92 -28.21 -45.04
C ILE A 160 7.77 -27.24 -44.85
N CYS A 161 6.57 -27.64 -45.32
CA CYS A 161 5.30 -26.96 -45.01
C CYS A 161 5.39 -25.43 -45.18
N TRP A 162 5.25 -24.66 -44.13
CA TRP A 162 5.27 -23.20 -44.21
C TRP A 162 6.51 -22.60 -44.99
N ASP A 163 7.66 -23.28 -44.99
CA ASP A 163 8.85 -22.91 -45.77
C ASP A 163 8.48 -22.65 -47.23
N GLN A 164 7.43 -23.35 -47.67
CA GLN A 164 6.88 -23.26 -49.04
C GLN A 164 6.56 -21.83 -49.51
N TRP A 165 6.21 -20.95 -48.59
CA TRP A 165 5.78 -19.63 -48.95
C TRP A 165 6.96 -18.65 -49.24
N PHE A 166 8.20 -19.07 -48.96
CA PHE A 166 9.33 -18.16 -48.92
C PHE A 166 10.26 -18.34 -50.13
N PRO A 167 10.21 -17.39 -51.08
CA PRO A 167 11.15 -17.48 -52.21
C PRO A 167 12.61 -17.60 -51.80
N GLU A 168 12.98 -17.03 -50.68
CA GLU A 168 14.34 -17.10 -50.17
C GLU A 168 14.80 -18.53 -49.93
N ALA A 169 13.92 -19.42 -49.49
CA ALA A 169 14.35 -20.79 -49.23
C ALA A 169 14.63 -21.52 -50.50
N ALA A 170 13.75 -21.34 -51.48
CA ALA A 170 13.94 -21.97 -52.77
C ALA A 170 15.26 -21.45 -53.45
N ARG A 171 15.48 -20.13 -53.40
CA ARG A 171 16.67 -19.54 -54.03
C ARG A 171 17.89 -20.02 -53.31
N ALA A 172 17.83 -20.04 -51.96
CA ALA A 172 18.97 -20.51 -51.19
C ALA A 172 19.41 -21.95 -51.57
N MET A 173 18.46 -22.83 -51.78
CA MET A 173 18.75 -24.20 -52.20
C MET A 173 19.32 -24.28 -53.61
N ALA A 174 18.71 -23.57 -54.54
CA ALA A 174 19.21 -23.56 -55.93
C ALA A 174 20.62 -22.96 -56.07
N LEU A 175 20.91 -21.92 -55.31
CA LEU A 175 22.27 -21.33 -55.35
C LEU A 175 23.35 -22.32 -54.94
N GLN A 176 22.97 -23.25 -54.07
CA GLN A 176 23.87 -24.28 -53.61
C GLN A 176 23.87 -25.55 -54.48
N GLY A 177 23.22 -25.51 -55.63
CA GLY A 177 23.26 -26.61 -56.56
C GLY A 177 22.09 -27.60 -56.53
N ALA A 178 21.02 -27.31 -55.79
CA ALA A 178 19.85 -28.21 -55.83
C ALA A 178 19.30 -28.26 -57.24
N GLU A 179 19.02 -29.46 -57.69
CA GLU A 179 18.52 -29.71 -59.05
C GLU A 179 17.04 -29.99 -59.05
N ILE A 180 16.51 -30.32 -57.86
CA ILE A 180 15.09 -30.59 -57.68
C ILE A 180 14.73 -30.14 -56.28
N LEU A 181 13.60 -29.46 -56.13
CA LEU A 181 13.10 -29.05 -54.81
C LEU A 181 11.95 -29.94 -54.39
N PHE A 182 11.91 -30.24 -53.10
CA PHE A 182 10.85 -31.11 -52.50
C PHE A 182 10.24 -30.37 -51.33
N TYR A 183 8.92 -30.34 -51.30
CA TYR A 183 8.18 -29.69 -50.22
C TYR A 183 7.02 -30.54 -49.67
N PRO A 184 7.33 -31.40 -48.70
CA PRO A 184 6.21 -32.08 -47.97
C PRO A 184 5.42 -31.06 -47.15
N THR A 185 4.10 -31.16 -47.22
CA THR A 185 3.20 -30.19 -46.62
C THR A 185 1.96 -30.80 -45.99
N ALA A 186 1.23 -29.96 -45.27
CA ALA A 186 -0.09 -30.24 -44.73
C ALA A 186 -0.88 -28.94 -44.78
N ILE A 187 -1.80 -28.83 -45.72
CA ILE A 187 -2.61 -27.64 -45.81
C ILE A 187 -4.04 -27.94 -46.22
N GLY A 188 -4.93 -27.23 -45.56
CA GLY A 188 -6.36 -27.42 -45.72
C GLY A 188 -7.10 -26.19 -45.19
N SER A 189 -8.26 -26.43 -44.62
CA SER A 189 -9.12 -25.37 -44.09
C SER A 189 -10.29 -25.94 -43.29
N GLU A 190 -10.94 -25.06 -42.48
CA GLU A 190 -12.18 -25.36 -41.72
C GLU A 190 -13.34 -25.71 -42.70
N PRO A 191 -13.90 -26.94 -42.62
CA PRO A 191 -14.87 -27.42 -43.64
C PRO A 191 -16.19 -26.60 -43.77
N GLN A 194 -15.65 -22.36 -43.19
CA GLN A 194 -14.83 -21.27 -43.75
C GLN A 194 -15.16 -21.05 -45.23
N SER A 195 -14.63 -19.94 -45.78
CA SER A 195 -14.78 -19.58 -47.21
C SER A 195 -13.46 -19.66 -47.96
N ILE A 196 -12.41 -19.05 -47.39
CA ILE A 196 -11.08 -19.08 -48.02
C ILE A 196 -10.58 -20.54 -48.25
N ASP A 197 -10.06 -20.73 -49.45
CA ASP A 197 -9.51 -21.97 -49.94
C ASP A 197 -8.17 -21.53 -50.54
N SER A 198 -7.07 -21.91 -49.92
CA SER A 198 -5.76 -21.37 -50.31
C SER A 198 -5.03 -22.19 -51.38
N ARG A 199 -5.69 -23.20 -51.93
CA ARG A 199 -5.00 -24.15 -52.83
C ARG A 199 -4.38 -23.46 -54.10
N ASP A 200 -5.09 -22.53 -54.71
CA ASP A 200 -4.56 -21.88 -55.90
C ASP A 200 -3.39 -20.92 -55.56
N HIS A 201 -3.55 -20.17 -54.47
CA HIS A 201 -2.49 -19.30 -53.95
C HIS A 201 -1.19 -20.09 -53.73
N TRP A 202 -1.33 -21.18 -52.99
CA TRP A 202 -0.27 -22.13 -52.70
C TRP A 202 0.43 -22.64 -53.98
N LYS A 203 -0.33 -23.17 -54.94
CA LYS A 203 0.26 -23.64 -56.21
C LYS A 203 1.01 -22.53 -56.94
N ARG A 204 0.44 -21.34 -57.03
CA ARG A 204 1.08 -20.24 -57.76
C ARG A 204 2.41 -19.82 -57.12
N VAL A 205 2.48 -19.76 -55.80
CA VAL A 205 3.73 -19.42 -55.13
C VAL A 205 4.77 -20.48 -55.44
N MET A 206 4.37 -21.75 -55.40
CA MET A 206 5.33 -22.84 -55.65
CA MET A 206 5.32 -22.81 -55.65
C MET A 206 5.75 -22.90 -57.12
N GLN A 207 4.80 -22.70 -58.02
CA GLN A 207 5.12 -22.68 -59.44
C GLN A 207 6.15 -21.54 -59.71
N GLY A 208 6.00 -20.43 -58.97
CA GLY A 208 6.93 -19.34 -58.99
C GLY A 208 8.34 -19.72 -58.65
N HIS A 209 8.51 -20.52 -57.58
CA HIS A 209 9.84 -20.98 -57.17
C HIS A 209 10.48 -21.83 -58.27
N ALA A 210 9.70 -22.78 -58.81
CA ALA A 210 10.21 -23.65 -59.88
C ALA A 210 10.68 -22.81 -61.11
N GLY A 211 9.85 -21.86 -61.53
CA GLY A 211 10.12 -21.01 -62.66
C GLY A 211 11.24 -20.01 -62.48
N ALA A 212 11.40 -19.48 -61.27
CA ALA A 212 12.39 -18.46 -61.01
C ALA A 212 13.74 -19.07 -60.86
N ASN A 213 13.78 -20.33 -60.40
CA ASN A 213 15.04 -21.02 -60.22
C ASN A 213 15.38 -22.01 -61.33
N LEU A 214 14.45 -22.22 -62.25
CA LEU A 214 14.56 -23.23 -63.33
C LEU A 214 14.98 -24.62 -62.85
N VAL A 215 14.21 -25.08 -61.87
CA VAL A 215 14.36 -26.40 -61.29
C VAL A 215 12.98 -27.01 -61.10
N PRO A 216 12.86 -28.33 -61.32
CA PRO A 216 11.59 -28.96 -61.00
C PRO A 216 11.30 -28.94 -59.50
N LEU A 217 10.04 -29.14 -59.16
CA LEU A 217 9.55 -28.99 -57.79
C LEU A 217 8.42 -30.02 -57.49
N VAL A 218 8.54 -30.71 -56.38
CA VAL A 218 7.63 -31.80 -56.01
C VAL A 218 7.00 -31.38 -54.69
N ALA A 219 5.68 -31.36 -54.65
CA ALA A 219 4.90 -31.07 -53.42
C ALA A 219 3.89 -32.17 -53.07
N SER A 220 4.00 -32.67 -51.85
CA SER A 220 3.17 -33.74 -51.31
C SER A 220 2.31 -33.20 -50.15
N ASN A 221 1.00 -33.17 -50.34
CA ASN A 221 0.07 -32.71 -49.33
C ASN A 221 -0.92 -33.82 -48.97
N ARG A 222 -1.40 -33.84 -47.71
CA ARG A 222 -2.38 -34.83 -47.28
C ARG A 222 -3.79 -34.50 -47.77
N ILE A 223 -4.64 -35.50 -47.69
CA ILE A 223 -6.08 -35.37 -47.92
C ILE A 223 -6.80 -35.78 -46.65
N GLY A 224 -8.12 -35.57 -46.65
CA GLY A 224 -9.00 -36.08 -45.61
C GLY A 224 -9.41 -35.05 -44.59
N ASN A 225 -10.41 -35.41 -43.82
CA ASN A 225 -10.89 -34.67 -42.67
C ASN A 225 -10.27 -35.20 -41.37
N GLU A 226 -9.88 -34.28 -40.50
CA GLU A 226 -9.29 -34.62 -39.21
C GLU A 226 -9.93 -33.77 -38.12
N ILE A 227 -10.38 -34.43 -37.05
CA ILE A 227 -10.96 -33.80 -35.88
C ILE A 227 -10.06 -34.05 -34.66
N ILE A 228 -9.66 -32.97 -34.01
CA ILE A 228 -8.82 -32.99 -32.80
C ILE A 228 -9.57 -32.28 -31.71
N GLU A 229 -9.71 -32.91 -30.55
CA GLU A 229 -10.26 -32.20 -29.39
C GLU A 229 -9.16 -31.28 -28.85
N THR A 230 -9.51 -30.03 -28.56
CA THR A 230 -8.52 -29.07 -28.04
C THR A 230 -9.04 -28.36 -26.80
N GLU A 231 -8.15 -27.57 -26.20
CA GLU A 231 -8.50 -26.71 -25.05
C GLU A 231 -9.79 -25.94 -25.30
N HIS A 232 -9.94 -25.40 -26.51
CA HIS A 232 -11.16 -24.70 -26.94
C HIS A 232 -12.07 -25.65 -27.76
N GLY A 233 -12.16 -26.92 -27.33
CA GLY A 233 -13.01 -27.92 -28.00
C GLY A 233 -12.64 -28.27 -29.44
N LYS A 234 -13.32 -29.31 -29.94
CA LYS A 234 -13.18 -29.85 -31.31
C LYS A 234 -12.76 -28.88 -32.45
N SER A 235 -11.60 -29.16 -33.07
CA SER A 235 -11.13 -28.45 -34.26
C SER A 235 -11.13 -29.43 -35.41
N GLU A 236 -11.56 -28.95 -36.57
CA GLU A 236 -11.70 -29.78 -37.71
C GLU A 236 -11.03 -29.11 -38.90
N ILE A 237 -10.25 -29.92 -39.63
CA ILE A 237 -9.59 -29.46 -40.84
C ILE A 237 -9.89 -30.45 -41.97
N LYS A 238 -10.27 -29.91 -43.12
CA LYS A 238 -10.34 -30.68 -44.34
C LYS A 238 -9.11 -30.38 -45.19
N PHE A 239 -8.22 -31.36 -45.32
CA PHE A 239 -6.99 -31.15 -46.08
C PHE A 239 -7.27 -31.29 -47.56
N TYR A 240 -6.68 -30.43 -48.38
CA TYR A 240 -7.18 -30.38 -49.75
C TYR A 240 -6.33 -31.08 -50.85
N GLY A 241 -5.36 -31.91 -50.46
CA GLY A 241 -4.54 -32.65 -51.44
C GLY A 241 -3.90 -31.73 -52.46
N ASN A 242 -4.18 -31.97 -53.73
CA ASN A 242 -3.58 -31.20 -54.83
C ASN A 242 -2.07 -31.27 -54.88
N SER A 243 -1.52 -32.37 -54.40
CA SER A 243 -0.12 -32.67 -54.55
C SER A 243 0.20 -32.54 -56.02
N PHE A 244 1.43 -32.12 -56.34
CA PHE A 244 1.74 -31.91 -57.73
C PHE A 244 3.23 -31.97 -57.95
N ILE A 245 3.58 -32.10 -59.20
CA ILE A 245 4.94 -31.98 -59.65
C ILE A 245 4.99 -30.90 -60.74
N ALA A 246 5.89 -29.93 -60.58
CA ALA A 246 6.08 -28.89 -61.57
C ALA A 246 7.44 -28.99 -62.23
N GLY A 247 7.50 -28.58 -63.48
CA GLY A 247 8.74 -28.52 -64.21
C GLY A 247 9.49 -27.22 -63.99
N PRO A 248 10.63 -27.08 -64.66
CA PRO A 248 11.51 -25.93 -64.47
C PRO A 248 11.01 -24.60 -65.03
N THR A 249 9.88 -24.56 -65.74
CA THR A 249 9.27 -23.28 -66.06
C THR A 249 8.01 -23.05 -65.22
N GLY A 250 7.82 -23.86 -64.16
CA GLY A 250 6.62 -23.78 -63.33
C GLY A 250 5.37 -24.47 -63.82
N GLU A 251 5.43 -25.06 -65.00
CA GLU A 251 4.31 -25.79 -65.55
C GLU A 251 4.02 -27.02 -64.66
N ILE A 252 2.75 -27.25 -64.33
CA ILE A 252 2.36 -28.43 -63.57
C ILE A 252 2.37 -29.61 -64.55
N VAL A 253 3.20 -30.63 -64.32
CA VAL A 253 3.19 -31.83 -65.18
C VAL A 253 2.37 -32.99 -64.64
N SER A 254 2.12 -33.03 -63.34
CA SER A 254 1.11 -33.93 -62.81
C SER A 254 0.54 -33.37 -61.54
N ILE A 255 -0.71 -33.70 -61.31
CA ILE A 255 -1.42 -33.13 -60.17
C ILE A 255 -2.47 -34.06 -59.70
N ALA A 256 -2.61 -34.16 -58.37
CA ALA A 256 -3.66 -34.98 -57.76
C ALA A 256 -4.88 -34.10 -57.41
N ASP A 257 -6.02 -34.75 -57.16
CA ASP A 257 -7.25 -34.04 -56.79
C ASP A 257 -7.29 -33.84 -55.26
N ASP A 258 -8.44 -33.45 -54.71
CA ASP A 258 -8.53 -33.14 -53.28
C ASP A 258 -9.15 -34.17 -52.37
N LYS A 259 -9.30 -35.39 -52.86
CA LYS A 259 -9.96 -36.43 -52.10
C LYS A 259 -9.41 -37.84 -52.24
N GLU A 260 -8.67 -38.17 -53.30
CA GLU A 260 -8.16 -39.55 -53.44
C GLU A 260 -6.66 -39.69 -53.19
N GLU A 261 -6.26 -40.90 -52.82
CA GLU A 261 -4.85 -41.31 -52.81
C GLU A 261 -4.24 -41.13 -54.18
N ALA A 262 -2.99 -40.71 -54.22
CA ALA A 262 -2.29 -40.56 -55.50
C ALA A 262 -0.82 -40.95 -55.43
N VAL A 263 -0.32 -41.41 -56.58
CA VAL A 263 1.08 -41.66 -56.81
C VAL A 263 1.40 -40.91 -58.06
N LEU A 264 2.01 -39.74 -57.93
CA LEU A 264 2.38 -38.92 -59.11
C LEU A 264 3.77 -39.25 -59.53
N ILE A 265 3.98 -39.28 -60.84
CA ILE A 265 5.24 -39.69 -61.44
C ILE A 265 5.63 -38.71 -62.57
N ALA A 266 6.88 -38.28 -62.57
CA ALA A 266 7.41 -37.47 -63.66
C ALA A 266 8.90 -37.69 -63.81
N GLU A 267 9.35 -37.73 -65.05
CA GLU A 267 10.76 -37.90 -65.38
C GLU A 267 11.38 -36.56 -65.82
N PHE A 268 12.55 -36.25 -65.30
CA PHE A 268 13.29 -35.02 -65.68
C PHE A 268 14.66 -35.35 -66.22
N ASN A 269 15.04 -34.66 -67.27
CA ASN A 269 16.40 -34.78 -67.79
C ASN A 269 17.25 -33.70 -67.11
N LEU A 270 18.00 -34.08 -66.10
CA LEU A 270 18.74 -33.09 -65.30
C LEU A 270 19.88 -32.39 -66.04
N ASP A 271 20.54 -33.06 -66.98
CA ASP A 271 21.52 -32.35 -67.85
C ASP A 271 20.90 -31.28 -68.77
N LYS A 272 19.77 -31.59 -69.40
CA LYS A 272 19.09 -30.61 -70.24
C LYS A 272 18.55 -29.45 -69.44
N ILE A 273 17.99 -29.75 -68.28
CA ILE A 273 17.45 -28.70 -67.43
C ILE A 273 18.58 -27.76 -66.94
N LYS A 274 19.72 -28.34 -66.52
CA LYS A 274 20.87 -27.56 -66.12
C LYS A 274 21.25 -26.59 -67.25
N SER A 275 21.36 -27.11 -68.48
CA SER A 275 21.75 -26.30 -69.64
C SER A 275 20.74 -25.16 -69.87
N MET A 276 19.44 -25.45 -69.71
CA MET A 276 18.37 -24.48 -69.91
C MET A 276 18.45 -23.40 -68.82
N ARG A 277 18.64 -23.83 -67.57
CA ARG A 277 18.76 -22.94 -66.42
C ARG A 277 19.91 -21.94 -66.65
N HIS A 278 21.06 -22.45 -67.10
CA HIS A 278 22.19 -21.60 -67.33
C HIS A 278 21.99 -20.67 -68.50
N CYS A 279 21.41 -21.14 -69.60
CA CYS A 279 21.21 -20.30 -70.76
CA CYS A 279 21.31 -20.23 -70.73
C CYS A 279 20.19 -19.19 -70.53
N TRP A 280 19.14 -19.48 -69.71
CA TRP A 280 18.11 -18.48 -69.44
C TRP A 280 18.75 -17.25 -68.79
N GLY A 281 19.73 -17.50 -67.94
CA GLY A 281 20.66 -16.45 -67.48
C GLY A 281 20.40 -15.80 -66.14
N VAL A 282 19.32 -16.17 -65.45
CA VAL A 282 19.02 -15.47 -64.19
C VAL A 282 20.15 -15.53 -63.19
N PHE A 283 20.85 -16.67 -63.07
CA PHE A 283 21.93 -16.80 -62.11
C PHE A 283 23.20 -16.03 -62.48
N ARG A 284 23.36 -15.77 -63.78
CA ARG A 284 24.42 -14.94 -64.31
C ARG A 284 24.13 -13.47 -63.99
N ASP A 285 22.85 -13.14 -63.87
CA ASP A 285 22.41 -11.76 -63.80
C ASP A 285 22.01 -11.25 -62.42
N ARG A 286 22.06 -12.16 -61.42
CA ARG A 286 21.72 -11.77 -60.06
C ARG A 286 22.63 -10.63 -59.52
N ARG A 287 22.03 -9.84 -58.62
CA ARG A 287 22.64 -8.67 -58.04
C ARG A 287 22.72 -8.72 -56.49
N PRO A 288 23.47 -9.65 -55.95
CA PRO A 288 23.64 -9.73 -54.46
C PRO A 288 24.13 -8.48 -53.85
N ASP A 289 24.82 -7.64 -54.61
CA ASP A 289 25.22 -6.34 -54.07
C ASP A 289 24.04 -5.42 -53.69
N LEU A 290 22.88 -5.68 -54.25
CA LEU A 290 21.68 -4.90 -54.05
C LEU A 290 20.62 -5.64 -53.17
N TYR A 291 20.98 -6.80 -52.64
CA TYR A 291 20.04 -7.62 -51.88
C TYR A 291 20.17 -7.56 -50.33
N LYS A 292 20.94 -6.62 -49.80
CA LYS A 292 21.14 -6.56 -48.37
C LYS A 292 19.87 -6.35 -47.55
N VAL A 293 18.90 -5.65 -48.12
CA VAL A 293 17.60 -5.42 -47.49
C VAL A 293 16.89 -6.74 -47.15
N LEU A 294 17.16 -7.79 -47.87
CA LEU A 294 16.61 -9.09 -47.57
C LEU A 294 17.10 -9.69 -46.24
N LEU A 295 18.17 -9.15 -45.68
CA LEU A 295 18.70 -9.57 -44.39
C LEU A 295 18.11 -8.68 -43.25
N THR A 296 17.08 -7.90 -43.58
CA THR A 296 16.29 -7.15 -42.59
C THR A 296 14.90 -7.79 -42.48
N LEU A 297 14.19 -7.47 -41.40
CA LEU A 297 12.77 -7.83 -41.28
C LEU A 297 11.91 -6.64 -41.65
N ASP A 298 12.34 -5.44 -41.27
CA ASP A 298 11.55 -4.23 -41.44
C ASP A 298 11.98 -3.39 -42.66
N GLY A 299 12.86 -3.91 -43.50
CA GLY A 299 13.28 -3.15 -44.66
C GLY A 299 14.31 -2.06 -44.45
N LYS A 300 14.88 -1.94 -43.23
CA LYS A 300 15.96 -0.95 -42.95
C LYS A 300 17.10 -1.54 -42.07
N ASN A 301 16.75 -2.23 -40.97
CA ASN A 301 17.73 -2.70 -39.97
C ASN A 301 18.14 -4.14 -40.14
N PRO A 302 19.44 -4.39 -40.42
CA PRO A 302 19.94 -5.78 -40.56
C PRO A 302 19.74 -6.55 -39.28
N VAL A 303 19.42 -7.84 -39.35
CA VAL A 303 19.34 -8.63 -38.13
C VAL A 303 20.72 -9.15 -37.73
N LEU A 304 20.85 -9.56 -36.47
CA LEU A 304 22.08 -10.19 -35.99
C LEU A 304 22.25 -11.66 -36.52
N ASP B 7 -15.76 -2.38 -50.37
CA ASP B 7 -16.16 -2.08 -48.95
C ASP B 7 -15.28 -0.90 -48.47
N LYS B 8 -15.14 -0.67 -47.15
CA LYS B 8 -14.38 0.49 -46.65
C LYS B 8 -12.86 0.38 -46.89
N GLY B 9 -12.21 1.54 -47.08
CA GLY B 9 -10.75 1.63 -47.21
C GLY B 9 -10.26 2.29 -48.48
N ARG B 10 -9.00 2.69 -48.45
CA ARG B 10 -8.33 3.33 -49.56
C ARG B 10 -8.32 2.42 -50.81
N LYS B 11 -9.02 2.84 -51.85
CA LYS B 11 -9.09 2.08 -53.09
C LYS B 11 -8.17 2.73 -54.13
N VAL B 12 -7.59 1.93 -55.01
CA VAL B 12 -6.74 2.46 -56.09
C VAL B 12 -7.01 1.68 -57.36
N VAL B 13 -7.14 2.39 -58.47
CA VAL B 13 -7.39 1.76 -59.73
C VAL B 13 -6.11 1.83 -60.51
N VAL B 14 -5.59 0.68 -60.93
CA VAL B 14 -4.34 0.60 -61.72
C VAL B 14 -4.62 0.12 -63.14
N SER B 15 -3.70 0.42 -64.05
CA SER B 15 -3.89 0.06 -65.45
C SER B 15 -2.61 -0.35 -66.14
N ALA B 16 -2.71 -1.38 -66.95
CA ALA B 16 -1.63 -1.81 -67.82
C ALA B 16 -2.02 -1.45 -69.25
N LEU B 17 -1.10 -0.85 -69.98
CA LEU B 17 -1.31 -0.44 -71.33
C LEU B 17 -0.48 -1.35 -72.21
N GLN B 18 -0.95 -1.58 -73.42
CA GLN B 18 -0.26 -2.46 -74.34
C GLN B 18 -0.43 -1.88 -75.73
N PHE B 19 0.68 -1.61 -76.42
CA PHE B 19 0.61 -1.12 -77.82
C PHE B 19 1.83 -1.52 -78.66
N ALA B 20 1.79 -1.23 -79.95
CA ALA B 20 2.88 -1.46 -80.86
C ALA B 20 3.60 -0.15 -81.04
N CYS B 21 4.92 -0.20 -81.18
CA CYS B 21 5.72 0.97 -81.35
C CYS B 21 6.07 1.22 -82.79
N THR B 22 6.15 2.50 -83.18
CA THR B 22 6.71 2.87 -84.47
C THR B 22 8.20 3.31 -84.23
N ASP B 23 8.85 3.75 -85.27
CA ASP B 23 10.26 4.19 -85.23
C ASP B 23 10.36 5.70 -84.94
N ASP B 24 9.22 6.36 -84.65
CA ASP B 24 9.18 7.79 -84.38
C ASP B 24 8.84 8.10 -82.91
N VAL B 25 9.73 8.79 -82.23
CA VAL B 25 9.51 9.09 -80.85
C VAL B 25 8.18 9.81 -80.56
N SER B 26 7.93 10.93 -81.22
CA SER B 26 6.74 11.71 -80.90
C SER B 26 5.46 10.95 -81.11
N THR B 27 5.44 10.16 -82.19
CA THR B 27 4.29 9.28 -82.46
C THR B 27 4.04 8.36 -81.27
N ASN B 28 5.10 7.70 -80.83
CA ASN B 28 5.02 6.77 -79.73
C ASN B 28 4.60 7.40 -78.43
N VAL B 29 5.03 8.65 -78.16
CA VAL B 29 4.61 9.31 -76.95
C VAL B 29 3.13 9.67 -77.09
N THR B 30 2.69 10.04 -78.30
CA THR B 30 1.29 10.35 -78.54
C THR B 30 0.43 9.10 -78.36
N THR B 31 0.93 7.94 -78.79
CA THR B 31 0.22 6.68 -78.56
C THR B 31 0.06 6.47 -77.02
N ALA B 32 1.14 6.62 -76.29
CA ALA B 32 1.09 6.53 -74.82
C ALA B 32 0.08 7.51 -74.22
N GLU B 33 0.09 8.75 -74.70
CA GLU B 33 -0.82 9.73 -74.19
C GLU B 33 -2.28 9.37 -74.44
N ARG B 34 -2.55 8.89 -75.65
CA ARG B 34 -3.88 8.46 -76.02
C ARG B 34 -4.39 7.33 -75.06
N LEU B 35 -3.55 6.34 -74.80
CA LEU B 35 -3.95 5.19 -73.98
C LEU B 35 -4.02 5.55 -72.50
N VAL B 36 -3.15 6.46 -72.06
CA VAL B 36 -3.26 7.00 -70.70
C VAL B 36 -4.59 7.71 -70.50
N ARG B 37 -5.00 8.51 -71.49
CA ARG B 37 -6.27 9.20 -71.41
C ARG B 37 -7.45 8.21 -71.37
N ALA B 38 -7.38 7.13 -72.14
CA ALA B 38 -8.44 6.12 -72.16
C ALA B 38 -8.50 5.41 -70.80
N ALA B 39 -7.33 5.12 -70.20
CA ALA B 39 -7.28 4.52 -68.85
C ALA B 39 -7.92 5.45 -67.82
N HIS B 40 -7.53 6.72 -67.85
CA HIS B 40 -8.10 7.74 -66.98
C HIS B 40 -9.61 7.81 -67.09
N LYS B 41 -10.13 7.74 -68.32
CA LYS B 41 -11.55 7.76 -68.56
C LYS B 41 -12.26 6.58 -67.91
N GLN B 42 -11.56 5.46 -67.76
CA GLN B 42 -12.11 4.26 -67.11
C GLN B 42 -11.81 4.21 -65.61
N GLY B 43 -11.27 5.29 -65.06
CA GLY B 43 -11.07 5.44 -63.62
C GLY B 43 -9.66 5.24 -63.10
N ALA B 44 -8.68 5.03 -63.98
CA ALA B 44 -7.33 4.70 -63.54
C ALA B 44 -6.68 5.85 -62.77
N ASN B 45 -5.94 5.48 -61.71
CA ASN B 45 -5.20 6.42 -60.87
C ASN B 45 -3.68 6.32 -61.17
N ILE B 46 -3.24 5.12 -61.55
CA ILE B 46 -1.86 4.81 -61.82
C ILE B 46 -1.84 3.98 -63.11
N VAL B 47 -1.11 4.46 -64.11
CA VAL B 47 -1.12 3.85 -65.44
C VAL B 47 0.29 3.46 -65.83
N LEU B 48 0.49 2.19 -66.24
CA LEU B 48 1.79 1.70 -66.65
C LEU B 48 2.01 1.49 -68.16
N ILE B 49 2.96 2.25 -68.70
CA ILE B 49 3.39 2.18 -70.08
C ILE B 49 4.59 1.20 -70.20
N GLN B 50 4.61 0.43 -71.28
CA GLN B 50 5.63 -0.61 -71.55
C GLN B 50 7.08 -0.07 -71.69
N GLU B 51 8.05 -0.97 -71.55
CA GLU B 51 9.45 -0.58 -71.59
C GLU B 51 9.95 0.02 -72.91
N LEU B 52 10.75 1.08 -72.78
CA LEU B 52 11.44 1.70 -73.90
C LEU B 52 10.50 2.03 -75.06
N PHE B 53 9.31 2.46 -74.69
CA PHE B 53 8.20 2.69 -75.58
C PHE B 53 8.43 3.79 -76.61
N GLU B 54 9.48 4.60 -76.43
CA GLU B 54 9.79 5.69 -77.34
C GLU B 54 10.23 5.21 -78.73
N GLY B 55 10.54 3.93 -78.90
CA GLY B 55 10.93 3.46 -80.21
C GLY B 55 10.93 1.97 -80.30
N TYR B 56 11.31 1.47 -81.46
CA TYR B 56 11.57 0.02 -81.58
C TYR B 56 12.54 -0.48 -80.49
N TYR B 57 12.42 -1.74 -80.17
CA TYR B 57 13.30 -2.38 -79.23
C TYR B 57 14.64 -2.61 -79.92
N PHE B 58 15.52 -1.63 -79.77
CA PHE B 58 16.74 -1.57 -80.56
C PHE B 58 17.83 -2.56 -80.11
N CYS B 59 17.67 -3.14 -78.91
CA CYS B 59 18.64 -4.07 -78.32
C CYS B 59 18.82 -5.42 -79.09
N GLN B 60 18.10 -5.65 -80.17
CA GLN B 60 18.44 -6.77 -81.03
C GLN B 60 19.80 -6.53 -81.63
N ALA B 61 20.17 -5.27 -81.82
CA ALA B 61 21.47 -4.94 -82.36
C ALA B 61 22.47 -4.55 -81.27
N GLN B 62 23.76 -4.71 -81.56
CA GLN B 62 24.87 -4.18 -80.73
C GLN B 62 25.57 -3.13 -81.60
N ARG B 63 25.03 -1.91 -81.64
CA ARG B 63 25.47 -0.87 -82.56
C ARG B 63 25.92 0.41 -81.79
N GLU B 64 27.08 0.91 -82.17
CA GLU B 64 27.63 2.17 -81.65
C GLU B 64 26.62 3.34 -81.74
N ASP B 65 26.03 3.53 -82.90
CA ASP B 65 25.10 4.64 -83.07
C ASP B 65 23.82 4.51 -82.18
N PHE B 66 23.39 3.29 -81.87
CA PHE B 66 22.22 3.11 -81.02
C PHE B 66 22.42 3.55 -79.55
N ILE B 67 23.65 3.43 -79.07
CA ILE B 67 24.00 3.93 -77.74
C ILE B 67 23.67 5.41 -77.63
N GLN B 68 23.89 6.16 -78.70
CA GLN B 68 23.66 7.62 -78.69
C GLN B 68 22.18 7.98 -78.77
N ARG B 69 21.29 7.01 -78.75
CA ARG B 69 19.90 7.30 -78.52
C ARG B 69 19.58 7.72 -77.08
N ALA B 70 20.51 7.45 -76.15
CA ALA B 70 20.30 7.82 -74.74
C ALA B 70 20.20 9.33 -74.57
N LYS B 71 19.53 9.75 -73.51
CA LYS B 71 19.41 11.16 -73.18
C LYS B 71 19.50 11.36 -71.68
N PRO B 72 19.96 12.53 -71.26
CA PRO B 72 19.99 12.69 -69.82
C PRO B 72 18.60 12.66 -69.16
N TYR B 73 18.57 12.25 -67.88
CA TYR B 73 17.38 12.40 -67.05
C TYR B 73 16.95 13.88 -66.98
N LYS B 74 17.91 14.76 -66.84
CA LYS B 74 17.60 16.20 -66.70
C LYS B 74 17.01 16.76 -67.98
N ASP B 75 15.85 17.42 -67.83
CA ASP B 75 15.10 18.03 -68.91
C ASP B 75 14.80 17.09 -70.08
N HIS B 76 14.48 15.85 -69.76
CA HIS B 76 14.15 14.86 -70.77
C HIS B 76 12.82 15.24 -71.42
N PRO B 77 12.79 15.38 -72.74
CA PRO B 77 11.57 15.88 -73.38
C PRO B 77 10.37 14.94 -73.23
N THR B 78 10.60 13.64 -73.17
CA THR B 78 9.48 12.74 -72.96
C THR B 78 8.97 12.78 -71.50
N ILE B 79 9.87 12.80 -70.54
CA ILE B 79 9.46 12.93 -69.17
C ILE B 79 8.69 14.25 -69.00
N MET B 80 9.24 15.34 -69.48
CA MET B 80 8.57 16.65 -69.34
C MET B 80 7.18 16.67 -69.98
N ARG B 81 7.03 16.07 -71.13
CA ARG B 81 5.75 16.01 -71.76
C ARG B 81 4.74 15.19 -70.94
N LEU B 82 5.17 14.01 -70.45
CA LEU B 82 4.26 13.19 -69.64
C LEU B 82 3.94 13.79 -68.26
N GLN B 83 4.79 14.70 -67.75
CA GLN B 83 4.50 15.38 -66.49
C GLN B 83 3.32 16.26 -66.63
N LYS B 84 3.17 16.84 -67.81
CA LYS B 84 2.01 17.69 -68.09
C LYS B 84 0.75 16.86 -68.11
N LEU B 85 0.84 15.66 -68.71
CA LEU B 85 -0.33 14.78 -68.76
C LEU B 85 -0.73 14.31 -67.35
N ALA B 86 0.27 13.87 -66.56
CA ALA B 86 0.07 13.44 -65.16
C ALA B 86 -0.69 14.49 -64.36
N LYS B 87 -0.21 15.72 -64.43
CA LYS B 87 -0.81 16.82 -63.72
C LYS B 87 -2.21 17.14 -64.20
N GLU B 88 -2.42 17.12 -65.52
CA GLU B 88 -3.73 17.35 -66.10
C GLU B 88 -4.78 16.33 -65.65
N LEU B 89 -4.43 15.05 -65.64
CA LEU B 89 -5.39 14.00 -65.33
C LEU B 89 -5.43 13.56 -63.87
N GLY B 90 -4.46 14.00 -63.06
CA GLY B 90 -4.32 13.48 -61.71
C GLY B 90 -3.97 12.00 -61.70
N VAL B 91 -3.04 11.60 -62.56
CA VAL B 91 -2.63 10.20 -62.65
CA VAL B 91 -2.64 10.20 -62.72
C VAL B 91 -1.13 10.04 -62.48
N VAL B 92 -0.75 8.98 -61.77
CA VAL B 92 0.64 8.60 -61.58
C VAL B 92 1.11 7.86 -62.85
N ILE B 93 2.27 8.29 -63.39
CA ILE B 93 2.82 7.75 -64.64
C ILE B 93 4.33 7.46 -64.52
N PRO B 94 4.72 6.20 -64.44
CA PRO B 94 6.13 5.81 -64.55
C PRO B 94 6.62 5.88 -66.00
N VAL B 95 7.73 6.55 -66.25
CA VAL B 95 8.18 6.80 -67.62
C VAL B 95 9.52 6.12 -67.88
N SER B 96 9.48 5.03 -68.66
CA SER B 96 10.66 4.28 -69.08
C SER B 96 11.47 5.07 -70.14
N PHE B 97 12.76 5.20 -69.93
CA PHE B 97 13.63 5.90 -70.90
C PHE B 97 15.07 5.36 -70.87
N PHE B 98 15.84 5.71 -71.89
CA PHE B 98 17.24 5.29 -72.03
C PHE B 98 18.10 6.45 -71.54
N GLU B 99 18.71 6.28 -70.40
CA GLU B 99 19.42 7.33 -69.72
C GLU B 99 20.90 7.41 -70.04
N GLU B 100 21.37 8.62 -70.37
CA GLU B 100 22.79 8.95 -70.43
C GLU B 100 23.14 9.71 -69.14
N ALA B 101 24.22 9.31 -68.46
CA ALA B 101 24.66 10.00 -67.23
C ALA B 101 26.16 10.10 -67.26
N ASN B 102 26.63 11.21 -67.85
CA ASN B 102 28.04 11.36 -68.22
C ASN B 102 28.43 10.14 -69.10
N ASN B 103 29.37 9.31 -68.70
CA ASN B 103 29.72 8.14 -69.51
C ASN B 103 28.98 6.85 -69.16
N ALA B 104 28.14 6.85 -68.09
CA ALA B 104 27.34 5.71 -67.77
C ALA B 104 26.04 5.78 -68.59
N HIS B 105 25.42 4.65 -68.82
CA HIS B 105 24.13 4.59 -69.48
C HIS B 105 23.28 3.58 -68.73
N TYR B 106 21.98 3.83 -68.63
CA TYR B 106 21.12 2.95 -67.91
C TYR B 106 19.78 2.81 -68.59
N ASN B 107 19.10 1.71 -68.27
CA ASN B 107 17.71 1.49 -68.68
C ASN B 107 16.94 1.98 -67.43
N SER B 108 16.24 3.10 -67.53
CA SER B 108 15.74 3.77 -66.32
C SER B 108 14.26 4.09 -66.35
N ILE B 109 13.72 4.54 -65.22
CA ILE B 109 12.32 4.89 -65.18
C ILE B 109 12.13 6.00 -64.17
N ALA B 110 11.44 7.06 -64.58
CA ALA B 110 11.13 8.18 -63.71
C ALA B 110 9.67 8.08 -63.26
N ILE B 111 9.42 8.25 -61.98
CA ILE B 111 8.08 8.09 -61.45
C ILE B 111 7.45 9.46 -61.31
N ILE B 112 6.44 9.72 -62.10
CA ILE B 112 5.76 10.99 -62.05
C ILE B 112 4.50 10.89 -61.21
N ASP B 113 4.38 11.79 -60.22
CA ASP B 113 3.25 11.76 -59.31
C ASP B 113 2.02 12.42 -59.96
N ALA B 114 0.88 12.27 -59.30
CA ALA B 114 -0.40 12.70 -59.85
C ALA B 114 -0.54 14.20 -59.91
N ASP B 115 0.35 14.92 -59.23
CA ASP B 115 0.42 16.40 -59.33
C ASP B 115 1.48 16.85 -60.36
N GLY B 116 2.02 15.92 -61.12
CA GLY B 116 3.11 16.24 -62.07
C GLY B 116 4.54 16.23 -61.53
N THR B 117 4.72 16.01 -60.23
CA THR B 117 6.04 16.00 -59.63
C THR B 117 6.86 14.77 -60.04
N ASP B 118 8.10 15.04 -60.47
CA ASP B 118 9.10 13.99 -60.79
C ASP B 118 9.66 13.50 -59.49
N LEU B 119 9.22 12.34 -59.03
CA LEU B 119 9.65 11.85 -57.76
C LEU B 119 11.07 11.19 -57.74
N GLY B 120 11.74 11.02 -58.89
CA GLY B 120 13.02 10.33 -58.90
C GLY B 120 13.00 9.13 -59.84
N ILE B 121 14.12 8.42 -59.88
CA ILE B 121 14.31 7.37 -60.82
C ILE B 121 14.80 6.08 -60.21
N TYR B 122 14.52 5.00 -60.92
CA TYR B 122 15.03 3.69 -60.61
C TYR B 122 15.79 3.30 -61.86
N ARG B 123 16.95 2.70 -61.68
CA ARG B 123 17.82 2.21 -62.77
C ARG B 123 17.80 0.67 -62.75
N LYS B 124 17.46 0.07 -63.89
CA LYS B 124 17.33 -1.38 -64.07
C LYS B 124 18.54 -2.11 -63.55
N SER B 125 18.28 -3.09 -62.68
CA SER B 125 19.30 -3.76 -61.91
C SER B 125 19.84 -5.00 -62.60
N HIS B 126 18.93 -5.79 -63.14
CA HIS B 126 19.29 -7.05 -63.74
C HIS B 126 19.19 -6.85 -65.25
N ILE B 127 20.30 -7.07 -65.96
CA ILE B 127 20.36 -6.74 -67.39
C ILE B 127 20.42 -8.01 -68.22
N PRO B 128 19.46 -8.24 -69.09
CA PRO B 128 19.43 -9.48 -69.88
C PRO B 128 20.45 -9.48 -71.03
N ASP B 129 20.69 -10.66 -71.60
CA ASP B 129 21.64 -10.79 -72.70
C ASP B 129 21.27 -11.96 -73.62
N GLY B 130 21.87 -12.01 -74.79
CA GLY B 130 21.56 -13.05 -75.75
C GLY B 130 20.89 -12.55 -77.02
N PRO B 131 20.78 -13.40 -78.05
CA PRO B 131 20.22 -12.99 -79.33
C PRO B 131 18.84 -12.33 -79.15
N GLY B 132 18.70 -11.16 -79.74
CA GLY B 132 17.48 -10.38 -79.67
C GLY B 132 17.38 -9.43 -78.50
N TYR B 133 18.14 -9.70 -77.43
CA TYR B 133 18.00 -8.96 -76.14
C TYR B 133 19.37 -8.60 -75.59
N GLU B 134 20.17 -7.95 -76.43
CA GLU B 134 21.56 -7.62 -76.11
C GLU B 134 21.68 -6.38 -75.22
N GLU B 135 20.94 -6.35 -74.11
CA GLU B 135 20.89 -5.19 -73.27
C GLU B 135 22.20 -4.96 -72.51
N LYS B 136 22.94 -6.03 -72.21
CA LYS B 136 24.22 -5.88 -71.52
C LYS B 136 25.24 -5.03 -72.30
N PHE B 137 25.04 -4.90 -73.61
CA PHE B 137 25.93 -4.08 -74.46
C PHE B 137 25.68 -2.56 -74.25
N TYR B 138 24.43 -2.24 -73.87
CA TYR B 138 23.96 -0.85 -73.74
C TYR B 138 23.96 -0.28 -72.32
N PHE B 139 23.62 -1.08 -71.30
CA PHE B 139 23.33 -0.52 -69.99
C PHE B 139 24.28 -0.95 -68.91
N ASN B 140 24.88 0.03 -68.21
CA ASN B 140 25.49 -0.32 -66.93
C ASN B 140 24.42 -1.03 -66.03
N PRO B 141 24.82 -2.07 -65.29
CA PRO B 141 23.89 -2.58 -64.24
C PRO B 141 23.49 -1.44 -63.29
N GLY B 142 22.20 -1.34 -62.99
CA GLY B 142 21.72 -0.23 -62.21
C GLY B 142 22.34 -0.11 -60.83
N ASP B 143 22.45 1.12 -60.37
CA ASP B 143 23.08 1.42 -59.13
C ASP B 143 22.19 2.22 -58.18
N THR B 144 20.89 2.36 -58.46
CA THR B 144 19.95 2.96 -57.48
C THR B 144 19.59 1.96 -56.38
N GLY B 145 19.64 0.67 -56.69
CA GLY B 145 19.04 -0.31 -55.84
C GLY B 145 17.51 -0.26 -56.05
N PHE B 146 16.81 -1.20 -55.43
CA PHE B 146 15.34 -1.27 -55.54
C PHE B 146 14.73 -0.14 -54.73
N LYS B 147 13.70 0.47 -55.26
CA LYS B 147 13.11 1.63 -54.63
C LYS B 147 11.59 1.52 -54.54
N VAL B 148 11.06 2.24 -53.56
CA VAL B 148 9.62 2.43 -53.44
CA VAL B 148 9.62 2.42 -53.40
C VAL B 148 9.35 3.92 -53.44
N PHE B 149 8.29 4.32 -54.14
CA PHE B 149 7.90 5.71 -54.26
C PHE B 149 6.58 5.98 -53.59
N GLN B 150 6.53 7.01 -52.77
CA GLN B 150 5.29 7.42 -52.16
C GLN B 150 4.54 8.35 -53.13
N THR B 151 3.47 7.84 -53.72
CA THR B 151 2.62 8.67 -54.59
C THR B 151 1.38 9.15 -53.85
N LYS B 152 0.62 10.03 -54.48
CA LYS B 152 -0.64 10.47 -53.93
C LYS B 152 -1.61 9.32 -53.60
N TYR B 153 -1.55 8.21 -54.34
CA TYR B 153 -2.50 7.07 -54.18
C TYR B 153 -1.95 5.86 -53.42
N ALA B 154 -0.64 5.64 -53.46
CA ALA B 154 -0.04 4.48 -52.86
C ALA B 154 1.48 4.55 -52.89
N LYS B 155 2.10 3.71 -52.07
CA LYS B 155 3.50 3.45 -52.12
C LYS B 155 3.67 2.38 -53.17
N ILE B 156 4.47 2.63 -54.17
CA ILE B 156 4.57 1.69 -55.26
C ILE B 156 6.00 1.25 -55.51
N GLY B 157 6.15 0.03 -55.97
CA GLY B 157 7.43 -0.52 -56.33
C GLY B 157 7.49 -0.69 -57.84
N VAL B 158 8.40 0.01 -58.48
CA VAL B 158 8.55 -0.10 -59.91
C VAL B 158 9.96 -0.65 -60.24
N ALA B 159 9.97 -1.71 -61.02
CA ALA B 159 11.20 -2.25 -61.55
C ALA B 159 10.99 -2.48 -63.06
N ILE B 160 11.99 -3.00 -63.75
CA ILE B 160 11.94 -2.95 -65.22
C ILE B 160 12.25 -4.31 -65.84
N CYS B 161 11.37 -4.70 -66.75
CA CYS B 161 11.44 -5.94 -67.53
C CYS B 161 12.16 -7.11 -66.87
N TRP B 162 13.40 -7.40 -67.26
CA TRP B 162 14.14 -8.55 -66.74
C TRP B 162 14.11 -8.67 -65.21
N ASP B 163 14.05 -7.53 -64.52
CA ASP B 163 13.97 -7.49 -63.05
C ASP B 163 12.80 -8.36 -62.57
N GLN B 164 11.79 -8.52 -63.43
CA GLN B 164 10.58 -9.23 -63.06
C GLN B 164 10.78 -10.75 -62.85
N TRP B 165 11.92 -11.30 -63.27
CA TRP B 165 12.20 -12.73 -63.06
C TRP B 165 12.83 -13.03 -61.71
N PHE B 166 13.13 -11.98 -60.91
CA PHE B 166 13.91 -12.09 -59.69
C PHE B 166 13.06 -11.88 -58.44
N PRO B 167 12.82 -12.97 -57.70
CA PRO B 167 12.08 -12.84 -56.43
C PRO B 167 12.72 -11.86 -55.48
N GLU B 168 14.04 -11.68 -55.56
CA GLU B 168 14.74 -10.74 -54.67
C GLU B 168 14.24 -9.29 -54.88
N ALA B 169 13.93 -8.92 -56.11
CA ALA B 169 13.54 -7.55 -56.40
C ALA B 169 12.15 -7.29 -55.84
N ALA B 170 11.25 -8.24 -56.02
CA ALA B 170 9.91 -8.06 -55.56
C ALA B 170 9.89 -8.04 -54.02
N ARG B 171 10.68 -8.93 -53.40
CA ARG B 171 10.75 -8.95 -51.96
C ARG B 171 11.38 -7.68 -51.40
N ALA B 172 12.46 -7.19 -52.03
CA ALA B 172 13.08 -5.94 -51.59
C ALA B 172 12.06 -4.75 -51.60
N MET B 173 11.27 -4.65 -52.64
CA MET B 173 10.29 -3.59 -52.74
C MET B 173 9.16 -3.74 -51.68
N ALA B 174 8.65 -4.96 -51.50
CA ALA B 174 7.64 -5.23 -50.48
C ALA B 174 8.16 -4.91 -49.10
N LEU B 175 9.41 -5.28 -48.86
CA LEU B 175 9.97 -5.01 -47.53
C LEU B 175 10.07 -3.53 -47.20
N GLN B 176 10.25 -2.71 -48.24
CA GLN B 176 10.34 -1.28 -48.11
C GLN B 176 8.98 -0.57 -48.21
N GLY B 177 7.89 -1.31 -48.17
CA GLY B 177 6.56 -0.71 -48.14
C GLY B 177 5.75 -0.70 -49.43
N ALA B 178 6.24 -1.31 -50.52
CA ALA B 178 5.45 -1.33 -51.76
C ALA B 178 4.07 -2.00 -51.59
N GLU B 179 3.03 -1.33 -52.09
CA GLU B 179 1.65 -1.82 -51.98
C GLU B 179 1.18 -2.44 -53.28
N ILE B 180 1.85 -2.06 -54.37
CA ILE B 180 1.61 -2.54 -55.73
C ILE B 180 2.98 -2.60 -56.41
N LEU B 181 3.24 -3.67 -57.17
CA LEU B 181 4.44 -3.79 -57.99
C LEU B 181 4.11 -3.53 -59.48
N PHE B 182 5.01 -2.87 -60.18
CA PHE B 182 4.85 -2.53 -61.57
C PHE B 182 6.07 -2.91 -62.37
N TYR B 183 5.86 -3.55 -63.50
CA TYR B 183 6.93 -3.93 -64.37
C TYR B 183 6.66 -3.67 -65.88
N PRO B 184 7.14 -2.52 -66.41
CA PRO B 184 7.13 -2.32 -67.88
C PRO B 184 8.07 -3.32 -68.55
N THR B 185 7.60 -3.90 -69.66
CA THR B 185 8.26 -5.05 -70.26
C THR B 185 8.42 -4.91 -71.76
N ALA B 186 9.42 -5.56 -72.33
CA ALA B 186 9.47 -5.83 -73.79
C ALA B 186 9.95 -7.26 -73.97
N ILE B 187 9.02 -8.20 -74.15
CA ILE B 187 9.40 -9.59 -74.34
C ILE B 187 8.58 -10.25 -75.41
N GLY B 188 9.24 -11.10 -76.20
CA GLY B 188 8.63 -11.80 -77.30
C GLY B 188 9.39 -13.05 -77.65
N SER B 189 9.30 -13.44 -78.93
CA SER B 189 10.06 -14.52 -79.51
C SER B 189 11.54 -14.19 -79.46
N GLU B 190 12.36 -15.17 -79.75
CA GLU B 190 13.81 -15.00 -79.77
C GLU B 190 14.30 -15.37 -81.18
N PRO B 191 15.10 -14.48 -81.79
CA PRO B 191 15.39 -14.61 -83.25
C PRO B 191 16.29 -15.78 -83.62
N HIS B 192 17.03 -16.32 -82.67
CA HIS B 192 17.90 -17.46 -82.99
C HIS B 192 17.22 -18.83 -82.80
N ASP B 193 15.98 -18.87 -82.32
CA ASP B 193 15.35 -20.17 -82.02
C ASP B 193 13.87 -20.00 -81.89
N GLN B 194 13.15 -20.32 -82.95
CA GLN B 194 11.71 -20.15 -82.97
C GLN B 194 10.95 -21.10 -82.06
N SER B 195 11.62 -22.08 -81.45
CA SER B 195 10.93 -22.98 -80.50
C SER B 195 10.73 -22.31 -79.12
N ILE B 196 11.36 -21.18 -78.83
CA ILE B 196 11.25 -20.59 -77.52
C ILE B 196 9.97 -19.77 -77.45
N ASP B 197 9.06 -20.15 -76.55
CA ASP B 197 7.84 -19.40 -76.24
C ASP B 197 7.76 -19.25 -74.71
N SER B 198 8.23 -18.12 -74.20
CA SER B 198 8.37 -17.90 -72.79
C SER B 198 7.16 -17.31 -72.09
N ARG B 199 6.04 -17.14 -72.76
CA ARG B 199 4.95 -16.32 -72.17
C ARG B 199 4.31 -16.93 -70.89
N ASP B 200 4.12 -18.26 -70.86
CA ASP B 200 3.52 -18.89 -69.66
C ASP B 200 4.49 -18.84 -68.46
N HIS B 201 5.74 -19.18 -68.73
CA HIS B 201 6.82 -19.11 -67.75
C HIS B 201 6.91 -17.69 -67.15
N TRP B 202 6.92 -16.69 -68.04
CA TRP B 202 6.98 -15.29 -67.68
C TRP B 202 5.88 -14.89 -66.69
N LYS B 203 4.63 -15.24 -67.01
CA LYS B 203 3.48 -14.95 -66.13
C LYS B 203 3.60 -15.67 -64.79
N ARG B 204 3.98 -16.94 -64.81
CA ARG B 204 4.05 -17.75 -63.58
C ARG B 204 5.02 -17.20 -62.56
N VAL B 205 6.15 -16.73 -63.01
CA VAL B 205 7.16 -16.21 -62.14
C VAL B 205 6.66 -14.93 -61.43
N MET B 206 6.01 -14.04 -62.17
CA MET B 206 5.44 -12.83 -61.59
C MET B 206 4.25 -13.14 -60.68
N GLN B 207 3.41 -14.09 -61.07
CA GLN B 207 2.29 -14.46 -60.21
C GLN B 207 2.84 -14.98 -58.88
N GLY B 208 3.99 -15.63 -58.94
CA GLY B 208 4.65 -16.10 -57.75
C GLY B 208 5.11 -14.95 -56.82
N HIS B 209 5.66 -13.89 -57.39
CA HIS B 209 6.00 -12.72 -56.60
C HIS B 209 4.77 -12.10 -55.94
N ALA B 210 3.69 -11.94 -56.68
CA ALA B 210 2.51 -11.35 -56.10
C ALA B 210 2.01 -12.16 -54.90
N GLY B 211 1.93 -13.48 -55.06
CA GLY B 211 1.45 -14.37 -54.05
C GLY B 211 2.36 -14.51 -52.86
N ALA B 212 3.66 -14.43 -53.07
CA ALA B 212 4.62 -14.58 -51.94
C ALA B 212 4.67 -13.32 -51.08
N ASN B 213 4.42 -12.19 -51.71
CA ASN B 213 4.42 -10.93 -51.01
C ASN B 213 3.00 -10.39 -50.66
N LEU B 214 1.97 -11.06 -51.14
CA LEU B 214 0.59 -10.59 -50.96
C LEU B 214 0.43 -9.13 -51.41
N VAL B 215 0.91 -8.86 -52.60
CA VAL B 215 0.75 -7.57 -53.23
C VAL B 215 0.32 -7.72 -54.68
N PRO B 216 -0.59 -6.85 -55.14
CA PRO B 216 -0.94 -6.86 -56.57
C PRO B 216 0.25 -6.46 -57.45
N LEU B 217 0.18 -6.88 -58.71
CA LEU B 217 1.25 -6.73 -59.64
C LEU B 217 0.70 -6.41 -61.02
N VAL B 218 1.34 -5.46 -61.66
CA VAL B 218 0.96 -4.97 -62.99
C VAL B 218 2.14 -5.07 -63.96
N ALA B 219 1.90 -5.72 -65.10
CA ALA B 219 2.91 -5.90 -66.15
C ALA B 219 2.38 -5.45 -67.49
N SER B 220 3.10 -4.53 -68.10
CA SER B 220 2.77 -3.98 -69.38
C SER B 220 3.83 -4.34 -70.41
N ASN B 221 3.41 -5.09 -71.43
CA ASN B 221 4.28 -5.56 -72.50
C ASN B 221 3.83 -5.09 -73.87
N ARG B 222 4.82 -4.95 -74.72
CA ARG B 222 4.71 -4.59 -76.14
C ARG B 222 4.05 -5.70 -77.01
N ILE B 223 3.48 -5.28 -78.14
CA ILE B 223 3.02 -6.15 -79.18
C ILE B 223 3.68 -5.72 -80.49
N GLY B 224 3.47 -6.52 -81.52
CA GLY B 224 3.93 -6.22 -82.87
C GLY B 224 5.21 -6.93 -83.28
N ASN B 225 5.40 -7.07 -84.59
CA ASN B 225 6.66 -7.65 -85.13
C ASN B 225 7.62 -6.52 -85.37
N GLU B 226 8.86 -6.66 -84.92
CA GLU B 226 9.88 -5.61 -85.17
C GLU B 226 11.10 -6.22 -85.83
N ILE B 227 11.56 -5.56 -86.88
CA ILE B 227 12.75 -5.95 -87.58
C ILE B 227 13.80 -4.87 -87.39
N ILE B 228 14.98 -5.29 -86.94
CA ILE B 228 16.08 -4.36 -86.66
C ILE B 228 17.24 -4.73 -87.57
N GLU B 229 17.87 -3.71 -88.15
CA GLU B 229 19.11 -3.94 -88.91
C GLU B 229 20.30 -4.07 -87.96
N THR B 230 20.77 -5.28 -87.77
CA THR B 230 21.86 -5.51 -86.83
C THR B 230 23.14 -5.49 -87.60
N GLU B 231 24.21 -5.44 -86.84
CA GLU B 231 25.57 -5.54 -87.36
C GLU B 231 25.77 -6.79 -88.20
N HIS B 232 24.84 -7.77 -88.12
CA HIS B 232 24.94 -9.03 -88.94
C HIS B 232 23.70 -9.30 -89.78
N GLY B 233 22.87 -8.27 -90.00
CA GLY B 233 21.69 -8.43 -90.90
C GLY B 233 20.39 -8.30 -90.11
N LYS B 234 19.26 -8.51 -90.79
CA LYS B 234 17.96 -8.37 -90.16
C LYS B 234 17.74 -9.38 -89.05
N SER B 235 17.11 -8.95 -87.97
CA SER B 235 16.76 -9.79 -86.83
C SER B 235 15.32 -9.38 -86.50
N GLU B 236 14.45 -10.35 -86.26
CA GLU B 236 13.05 -10.09 -86.04
C GLU B 236 12.60 -10.66 -84.70
N ILE B 237 11.81 -9.89 -83.95
CA ILE B 237 11.13 -10.38 -82.76
C ILE B 237 9.64 -10.12 -82.93
N LYS B 238 8.82 -11.12 -82.62
CA LYS B 238 7.38 -10.92 -82.53
C LYS B 238 7.07 -10.77 -81.04
N PHE B 239 6.69 -9.58 -80.61
CA PHE B 239 6.42 -9.33 -79.19
C PHE B 239 5.08 -9.93 -78.86
N TYR B 240 4.91 -10.50 -77.65
CA TYR B 240 3.70 -11.28 -77.44
C TYR B 240 2.63 -10.74 -76.53
N GLY B 241 2.71 -9.45 -76.19
CA GLY B 241 1.64 -8.85 -75.42
C GLY B 241 1.41 -9.60 -74.11
N ASN B 242 0.20 -10.05 -73.88
CA ASN B 242 -0.10 -10.71 -72.60
C ASN B 242 0.16 -9.83 -71.37
N SER B 243 0.00 -8.51 -71.53
CA SER B 243 0.01 -7.58 -70.42
C SER B 243 -1.06 -8.07 -69.46
N PHE B 244 -0.85 -7.88 -68.15
CA PHE B 244 -1.82 -8.40 -67.21
C PHE B 244 -1.76 -7.70 -65.89
N ILE B 245 -2.81 -7.92 -65.08
CA ILE B 245 -2.83 -7.44 -63.70
C ILE B 245 -3.18 -8.63 -62.83
N ALA B 246 -2.36 -8.87 -61.79
CA ALA B 246 -2.55 -9.96 -60.85
C ALA B 246 -2.88 -9.39 -59.48
N GLY B 247 -3.80 -10.05 -58.78
CA GLY B 247 -4.16 -9.70 -57.41
C GLY B 247 -3.14 -10.22 -56.41
N PRO B 248 -3.35 -9.96 -55.12
CA PRO B 248 -2.37 -10.28 -54.08
C PRO B 248 -2.16 -11.78 -53.82
N THR B 249 -3.01 -12.68 -54.31
CA THR B 249 -2.69 -14.09 -54.23
C THR B 249 -2.15 -14.62 -55.57
N GLY B 250 -1.87 -13.70 -56.49
CA GLY B 250 -1.30 -14.08 -57.79
C GLY B 250 -2.33 -14.41 -58.87
N GLU B 251 -3.62 -14.36 -58.55
CA GLU B 251 -4.68 -14.62 -59.56
C GLU B 251 -4.63 -13.51 -60.60
N ILE B 252 -4.70 -13.88 -61.88
CA ILE B 252 -4.76 -12.89 -62.95
C ILE B 252 -6.18 -12.35 -62.95
N VAL B 253 -6.37 -11.06 -62.74
CA VAL B 253 -7.73 -10.46 -62.75
C VAL B 253 -8.04 -9.74 -64.07
N SER B 254 -7.02 -9.47 -64.87
CA SER B 254 -7.21 -8.88 -66.16
C SER B 254 -5.96 -9.21 -67.03
N ILE B 255 -6.21 -9.57 -68.30
CA ILE B 255 -5.13 -9.96 -69.20
C ILE B 255 -5.45 -9.59 -70.67
N ALA B 256 -4.43 -9.14 -71.41
CA ALA B 256 -4.56 -8.82 -72.81
C ALA B 256 -4.11 -9.99 -73.66
N ASP B 257 -4.48 -9.97 -74.93
CA ASP B 257 -4.04 -11.02 -75.83
C ASP B 257 -2.67 -10.68 -76.42
N ASP B 258 -2.26 -11.42 -77.46
CA ASP B 258 -0.89 -11.23 -77.96
C ASP B 258 -0.73 -10.34 -79.17
N LYS B 259 -1.78 -9.60 -79.55
CA LYS B 259 -1.73 -8.82 -80.81
C LYS B 259 -2.49 -7.49 -80.84
N GLU B 260 -3.39 -7.23 -79.92
CA GLU B 260 -4.15 -5.98 -80.00
C GLU B 260 -3.73 -4.99 -78.93
N GLU B 261 -4.00 -3.71 -79.19
CA GLU B 261 -3.82 -2.67 -78.18
C GLU B 261 -4.72 -3.01 -77.01
N ALA B 262 -4.30 -2.73 -75.80
CA ALA B 262 -5.19 -2.92 -74.65
C ALA B 262 -5.01 -1.85 -73.60
N VAL B 263 -6.12 -1.57 -72.91
CA VAL B 263 -6.14 -0.78 -71.70
C VAL B 263 -6.75 -1.70 -70.66
N LEU B 264 -5.96 -2.22 -69.72
CA LEU B 264 -6.49 -3.13 -68.66
C LEU B 264 -6.67 -2.30 -67.41
N ILE B 265 -7.71 -2.60 -66.65
CA ILE B 265 -8.10 -1.83 -65.47
C ILE B 265 -8.42 -2.81 -64.31
N ALA B 266 -7.99 -2.47 -63.09
CA ALA B 266 -8.40 -3.21 -61.89
C ALA B 266 -8.32 -2.34 -60.66
N GLU B 267 -9.29 -2.51 -59.79
CA GLU B 267 -9.37 -1.80 -58.52
C GLU B 267 -8.89 -2.71 -57.38
N PHE B 268 -8.07 -2.16 -56.48
CA PHE B 268 -7.61 -2.86 -55.28
C PHE B 268 -7.90 -2.04 -54.02
N ASN B 269 -8.40 -2.73 -53.00
CA ASN B 269 -8.58 -2.10 -51.71
C ASN B 269 -7.26 -2.27 -50.91
N LEU B 270 -6.43 -1.23 -50.95
CA LEU B 270 -5.12 -1.30 -50.34
C LEU B 270 -5.12 -1.51 -48.82
N ASP B 271 -6.13 -0.98 -48.10
CA ASP B 271 -6.22 -1.19 -46.65
C ASP B 271 -6.58 -2.62 -46.29
N LYS B 272 -7.54 -3.21 -47.00
CA LYS B 272 -7.87 -4.63 -46.79
C LYS B 272 -6.71 -5.57 -47.17
N ILE B 273 -6.00 -5.26 -48.25
CA ILE B 273 -4.87 -6.09 -48.65
C ILE B 273 -3.79 -5.99 -47.57
N LYS B 274 -3.55 -4.78 -47.08
CA LYS B 274 -2.56 -4.58 -46.05
C LYS B 274 -2.86 -5.41 -44.82
N SER B 275 -4.11 -5.33 -44.37
CA SER B 275 -4.59 -6.08 -43.23
C SER B 275 -4.46 -7.63 -43.45
N MET B 276 -4.85 -8.08 -44.63
CA MET B 276 -4.70 -9.46 -45.02
C MET B 276 -3.20 -9.93 -45.00
N ARG B 277 -2.29 -9.07 -45.50
CA ARG B 277 -0.85 -9.30 -45.48
C ARG B 277 -0.30 -9.36 -44.04
N HIS B 278 -0.71 -8.44 -43.18
CA HIS B 278 -0.31 -8.44 -41.79
C HIS B 278 -0.80 -9.72 -41.08
N CYS B 279 -2.08 -10.06 -41.27
CA CYS B 279 -2.69 -11.30 -40.74
C CYS B 279 -1.99 -12.59 -41.20
N TRP B 280 -1.64 -12.66 -42.47
CA TRP B 280 -0.99 -13.83 -43.02
C TRP B 280 0.38 -14.07 -42.29
N GLY B 281 1.03 -12.95 -41.94
CA GLY B 281 2.21 -12.98 -41.10
C GLY B 281 3.54 -13.44 -41.72
N VAL B 282 3.55 -13.78 -43.01
CA VAL B 282 4.81 -14.23 -43.64
C VAL B 282 5.97 -13.27 -43.38
N PHE B 283 5.74 -11.96 -43.45
CA PHE B 283 6.83 -11.00 -43.18
C PHE B 283 7.38 -11.05 -41.75
N ARG B 284 6.55 -11.28 -40.75
CA ARG B 284 7.08 -11.40 -39.41
C ARG B 284 7.71 -12.83 -39.20
N ASP B 285 7.34 -13.79 -40.05
CA ASP B 285 7.92 -15.18 -39.98
C ASP B 285 9.23 -15.40 -40.78
N ARG B 286 9.68 -14.39 -41.49
CA ARG B 286 10.91 -14.48 -42.31
C ARG B 286 12.12 -14.71 -41.43
N ARG B 287 13.12 -15.33 -42.02
CA ARG B 287 14.33 -15.75 -41.31
C ARG B 287 15.60 -15.13 -41.94
N PRO B 288 15.73 -13.80 -41.85
CA PRO B 288 16.90 -13.13 -42.48
C PRO B 288 18.24 -13.63 -41.94
N ASP B 289 18.23 -14.19 -40.74
CA ASP B 289 19.42 -14.77 -40.17
C ASP B 289 19.90 -15.99 -40.96
N LEU B 290 19.00 -16.58 -41.75
CA LEU B 290 19.34 -17.74 -42.58
C LEU B 290 19.51 -17.41 -44.08
N TYR B 291 19.40 -16.13 -44.49
CA TYR B 291 19.39 -15.80 -45.87
C TYR B 291 20.75 -15.26 -46.39
N LYS B 292 21.83 -15.41 -45.63
CA LYS B 292 23.10 -14.86 -46.10
C LYS B 292 23.58 -15.43 -47.45
N VAL B 293 23.24 -16.68 -47.77
CA VAL B 293 23.64 -17.27 -49.05
C VAL B 293 23.09 -16.46 -50.28
N LEU B 294 22.00 -15.72 -50.11
CA LEU B 294 21.47 -14.83 -51.14
C LEU B 294 22.42 -13.69 -51.54
N LEU B 295 23.39 -13.38 -50.71
CA LEU B 295 24.41 -12.36 -51.03
C LEU B 295 25.63 -13.00 -51.74
N THR B 296 25.47 -14.27 -52.17
CA THR B 296 26.45 -14.92 -53.02
C THR B 296 25.86 -15.05 -54.36
N LEU B 297 26.74 -15.26 -55.34
CA LEU B 297 26.35 -15.70 -56.68
C LEU B 297 26.48 -17.22 -56.79
N ASP B 298 27.51 -17.75 -56.16
CA ASP B 298 27.92 -19.16 -56.31
C ASP B 298 27.49 -20.13 -55.21
N GLY B 299 26.66 -19.67 -54.30
CA GLY B 299 26.23 -20.49 -53.18
C GLY B 299 27.24 -20.63 -52.04
N LYS B 300 28.42 -20.01 -52.15
CA LYS B 300 29.46 -20.08 -51.11
C LYS B 300 30.12 -18.74 -50.71
N ASN B 301 30.58 -17.96 -51.67
CA ASN B 301 31.41 -16.76 -51.41
C ASN B 301 30.56 -15.49 -51.44
N PRO B 302 30.46 -14.79 -50.29
CA PRO B 302 29.67 -13.58 -50.30
C PRO B 302 30.32 -12.55 -51.23
N VAL B 303 29.53 -11.78 -51.93
CA VAL B 303 30.13 -10.75 -52.81
C VAL B 303 30.64 -9.60 -51.98
N LEU B 304 31.59 -8.88 -52.56
CA LEU B 304 32.14 -7.69 -51.95
C LEU B 304 31.10 -6.50 -52.01
N MET C 4 84.82 -8.34 -58.63
CA MET C 4 83.56 -7.52 -58.59
C MET C 4 82.29 -8.35 -58.55
N ALA C 5 81.35 -7.91 -57.72
CA ALA C 5 80.08 -8.58 -57.52
C ALA C 5 78.99 -7.86 -58.33
N GLU C 6 78.03 -8.61 -58.87
CA GLU C 6 76.88 -7.99 -59.59
C GLU C 6 75.94 -7.36 -58.55
N ASP C 7 75.09 -6.45 -59.00
CA ASP C 7 74.17 -5.75 -58.09
C ASP C 7 73.20 -6.66 -57.35
N LYS C 8 73.11 -6.45 -56.03
CA LYS C 8 72.23 -7.19 -55.13
C LYS C 8 70.79 -6.97 -55.48
N GLY C 9 69.95 -7.87 -54.95
CA GLY C 9 68.51 -7.81 -55.11
C GLY C 9 67.97 -9.08 -55.69
N ARG C 10 66.71 -9.38 -55.39
CA ARG C 10 66.03 -10.50 -55.97
C ARG C 10 65.77 -10.31 -57.44
N LYS C 11 66.34 -11.17 -58.26
CA LYS C 11 66.09 -11.17 -59.68
C LYS C 11 64.99 -12.17 -60.00
N VAL C 12 64.08 -11.80 -60.88
CA VAL C 12 63.07 -12.73 -61.32
C VAL C 12 62.99 -12.65 -62.80
N VAL C 13 62.94 -13.80 -63.43
CA VAL C 13 62.83 -13.87 -64.87
C VAL C 13 61.38 -14.25 -65.19
N VAL C 14 60.74 -13.39 -65.98
CA VAL C 14 59.36 -13.62 -66.41
C VAL C 14 59.28 -13.89 -67.89
N SER C 15 58.17 -14.52 -68.31
CA SER C 15 57.98 -14.93 -69.71
C SER C 15 56.55 -14.81 -70.13
N ALA C 16 56.35 -14.28 -71.32
CA ALA C 16 55.09 -14.26 -71.98
C ALA C 16 55.18 -15.28 -73.12
N LEU C 17 54.15 -16.12 -73.27
CA LEU C 17 54.07 -17.04 -74.38
C LEU C 17 53.01 -16.56 -75.34
N GLN C 18 53.18 -16.91 -76.60
CA GLN C 18 52.24 -16.53 -77.66
C GLN C 18 52.10 -17.70 -78.59
N PHE C 19 50.89 -18.24 -78.72
CA PHE C 19 50.65 -19.39 -79.64
C PHE C 19 49.24 -19.45 -80.17
N ALA C 20 49.05 -20.31 -81.14
CA ALA C 20 47.76 -20.55 -81.79
C ALA C 20 47.11 -21.77 -81.18
N CYS C 21 45.79 -21.72 -81.12
CA CYS C 21 44.96 -22.75 -80.54
C CYS C 21 44.12 -23.49 -81.57
N THR C 22 43.91 -24.79 -81.35
CA THR C 22 42.85 -25.50 -82.07
C THR C 22 41.66 -25.55 -81.09
N ASP C 23 40.58 -26.24 -81.47
CA ASP C 23 39.48 -26.39 -80.50
C ASP C 23 39.53 -27.74 -79.73
N ASP C 24 40.67 -28.41 -79.77
CA ASP C 24 40.94 -29.60 -79.01
C ASP C 24 41.81 -29.28 -77.75
N VAL C 25 41.27 -29.59 -76.56
CA VAL C 25 41.93 -29.33 -75.28
CA VAL C 25 41.95 -29.26 -75.31
C VAL C 25 43.29 -30.04 -75.15
N SER C 26 43.34 -31.31 -75.54
CA SER C 26 44.59 -32.04 -75.38
C SER C 26 45.72 -31.41 -76.21
N THR C 27 45.43 -31.02 -77.46
CA THR C 27 46.42 -30.38 -78.32
C THR C 27 46.94 -29.07 -77.68
N ASN C 28 46.03 -28.25 -77.18
CA ASN C 28 46.42 -26.95 -76.67
C ASN C 28 47.23 -27.01 -75.38
N VAL C 29 46.91 -27.97 -74.51
CA VAL C 29 47.66 -28.17 -73.30
C VAL C 29 49.05 -28.68 -73.69
N THR C 30 49.13 -29.56 -74.69
CA THR C 30 50.41 -29.99 -75.20
C THR C 30 51.26 -28.80 -75.71
N THR C 31 50.65 -27.92 -76.47
CA THR C 31 51.31 -26.71 -76.94
C THR C 31 51.81 -25.86 -75.75
N ALA C 32 50.96 -25.65 -74.76
CA ALA C 32 51.34 -24.86 -73.62
C ALA C 32 52.53 -25.50 -72.88
N GLU C 33 52.46 -26.79 -72.63
CA GLU C 33 53.58 -27.47 -71.95
C GLU C 33 54.90 -27.29 -72.71
N ARG C 34 54.84 -27.45 -74.02
CA ARG C 34 56.01 -27.30 -74.85
C ARG C 34 56.66 -25.92 -74.66
N LEU C 35 55.83 -24.88 -74.70
CA LEU C 35 56.31 -23.50 -74.60
C LEU C 35 56.74 -23.15 -73.16
N VAL C 36 56.04 -23.69 -72.16
CA VAL C 36 56.49 -23.51 -70.79
C VAL C 36 57.89 -24.12 -70.60
N ARG C 37 58.11 -25.31 -71.13
CA ARG C 37 59.42 -25.95 -71.03
C ARG C 37 60.51 -25.12 -71.71
N ALA C 38 60.19 -24.61 -72.89
CA ALA C 38 61.13 -23.74 -73.63
C ALA C 38 61.45 -22.47 -72.81
N ALA C 39 60.44 -21.87 -72.19
CA ALA C 39 60.64 -20.70 -71.34
C ALA C 39 61.56 -21.02 -70.17
N HIS C 40 61.32 -22.15 -69.51
CA HIS C 40 62.15 -22.59 -68.37
C HIS C 40 63.60 -22.84 -68.83
N LYS C 41 63.75 -23.45 -70.00
CA LYS C 41 65.09 -23.66 -70.56
C LYS C 41 65.83 -22.31 -70.75
N GLN C 42 65.13 -21.25 -71.13
CA GLN C 42 65.72 -19.91 -71.25
C GLN C 42 65.81 -19.14 -69.91
N GLY C 43 65.55 -19.80 -68.79
CA GLY C 43 65.71 -19.19 -67.46
C GLY C 43 64.46 -18.67 -66.76
N ALA C 44 63.28 -18.83 -67.37
CA ALA C 44 62.08 -18.26 -66.76
C ALA C 44 61.73 -18.87 -65.39
N ASN C 45 61.28 -17.98 -64.48
CA ASN C 45 60.78 -18.34 -63.18
C ASN C 45 59.25 -18.30 -63.11
N ILE C 46 58.65 -17.42 -63.92
CA ILE C 46 57.21 -17.22 -63.95
C ILE C 46 56.80 -17.18 -65.41
N VAL C 47 55.84 -17.99 -65.81
CA VAL C 47 55.48 -18.14 -67.24
C VAL C 47 54.00 -17.95 -67.48
N LEU C 48 53.64 -17.05 -68.37
CA LEU C 48 52.28 -16.67 -68.57
C LEU C 48 51.70 -17.14 -69.89
N ILE C 49 50.67 -17.99 -69.77
CA ILE C 49 49.89 -18.56 -70.88
C ILE C 49 48.67 -17.67 -71.13
N GLN C 50 48.38 -17.44 -72.40
CA GLN C 50 47.22 -16.65 -72.83
C GLN C 50 45.81 -17.13 -72.33
N GLU C 51 44.87 -16.18 -72.36
CA GLU C 51 43.49 -16.40 -71.93
C GLU C 51 42.77 -17.55 -72.63
N LEU C 52 42.08 -18.38 -71.84
CA LEU C 52 41.21 -19.44 -72.37
C LEU C 52 41.89 -20.33 -73.40
N PHE C 53 43.16 -20.62 -73.14
CA PHE C 53 44.05 -21.35 -74.07
C PHE C 53 43.58 -22.77 -74.34
N GLU C 54 42.67 -23.30 -73.51
CA GLU C 54 42.26 -24.68 -73.68
C GLU C 54 41.52 -24.93 -75.02
N GLY C 55 41.03 -23.85 -75.63
CA GLY C 55 40.26 -24.01 -76.86
C GLY C 55 40.22 -22.75 -77.65
N TYR C 56 39.43 -22.80 -78.71
CA TYR C 56 39.11 -21.60 -79.46
C TYR C 56 38.48 -20.56 -78.54
N TYR C 57 38.60 -19.30 -78.94
CA TYR C 57 37.93 -18.19 -78.22
C TYR C 57 36.47 -18.25 -78.66
N PHE C 58 35.69 -19.01 -77.89
CA PHE C 58 34.34 -19.42 -78.29
C PHE C 58 33.32 -18.28 -78.12
N CYS C 59 33.71 -17.24 -77.41
CA CYS C 59 32.84 -16.11 -77.13
C CYS C 59 32.41 -15.27 -78.35
N GLN C 60 32.86 -15.64 -79.55
CA GLN C 60 32.30 -15.01 -80.73
C GLN C 60 30.80 -15.36 -80.85
N ALA C 61 30.39 -16.52 -80.32
CA ALA C 61 28.97 -16.96 -80.32
C ALA C 61 28.36 -16.75 -78.94
N GLN C 62 27.03 -16.68 -78.90
CA GLN C 62 26.27 -16.70 -77.64
C GLN C 62 25.42 -17.97 -77.71
N ARG C 63 26.00 -19.10 -77.32
CA ARG C 63 25.37 -20.41 -77.48
C ARG C 63 25.21 -21.11 -76.14
N GLU C 64 24.05 -21.73 -75.97
CA GLU C 64 23.72 -22.52 -74.78
C GLU C 64 24.76 -23.61 -74.53
N ASP C 65 25.11 -24.35 -75.57
CA ASP C 65 26.04 -25.49 -75.41
C ASP C 65 27.45 -25.03 -75.03
N PHE C 66 27.85 -23.85 -75.46
CA PHE C 66 29.17 -23.38 -75.08
C PHE C 66 29.28 -23.02 -73.59
N ILE C 67 28.17 -22.65 -72.94
CA ILE C 67 28.22 -22.38 -71.50
C ILE C 67 28.71 -23.67 -70.78
N GLN C 68 28.30 -24.83 -71.27
CA GLN C 68 28.64 -26.10 -70.64
C GLN C 68 30.09 -26.58 -70.87
N ARG C 69 30.90 -25.74 -71.51
CA ARG C 69 32.34 -25.96 -71.52
C ARG C 69 32.94 -25.64 -70.15
N ALA C 70 32.22 -24.93 -69.31
CA ALA C 70 32.75 -24.59 -68.00
C ALA C 70 33.03 -25.86 -67.16
N LYS C 71 33.98 -25.80 -66.26
CA LYS C 71 34.26 -26.88 -65.31
C LYS C 71 34.52 -26.33 -63.91
N PRO C 72 34.21 -27.12 -62.86
CA PRO C 72 34.56 -26.67 -61.51
C PRO C 72 36.04 -26.37 -61.34
N TYR C 73 36.33 -25.47 -60.44
CA TYR C 73 37.72 -25.20 -60.02
C TYR C 73 38.33 -26.43 -59.31
N LYS C 74 37.51 -27.11 -58.52
CA LYS C 74 37.92 -28.30 -57.82
C LYS C 74 38.24 -29.45 -58.78
N ASP C 75 39.43 -30.01 -58.62
CA ASP C 75 39.89 -31.17 -59.42
C ASP C 75 39.84 -30.90 -60.93
N HIS C 76 40.25 -29.72 -61.36
CA HIS C 76 40.19 -29.37 -62.77
C HIS C 76 41.35 -30.13 -63.51
N PRO C 77 41.03 -30.87 -64.59
CA PRO C 77 42.10 -31.70 -65.19
C PRO C 77 43.22 -30.87 -65.78
N THR C 78 42.95 -29.67 -66.28
CA THR C 78 44.04 -28.85 -66.82
C THR C 78 44.90 -28.23 -65.72
N ILE C 79 44.26 -27.74 -64.68
CA ILE C 79 44.99 -27.20 -63.54
C ILE C 79 45.89 -28.27 -62.92
N MET C 80 45.35 -29.45 -62.69
CA MET C 80 46.10 -30.56 -62.09
C MET C 80 47.28 -30.97 -62.93
N ARG C 81 47.08 -30.99 -64.23
CA ARG C 81 48.17 -31.36 -65.13
C ARG C 81 49.30 -30.31 -65.05
N LEU C 82 48.93 -29.04 -65.12
CA LEU C 82 49.93 -27.97 -65.07
C LEU C 82 50.54 -27.82 -63.68
N GLN C 83 49.86 -28.27 -62.62
CA GLN C 83 50.50 -28.34 -61.32
C GLN C 83 51.72 -29.26 -61.33
N LYS C 84 51.61 -30.40 -62.02
CA LYS C 84 52.74 -31.31 -62.13
C LYS C 84 53.92 -30.64 -62.84
N LEU C 85 53.63 -29.92 -63.92
CA LEU C 85 54.68 -29.25 -64.67
C LEU C 85 55.35 -28.15 -63.82
N ALA C 86 54.54 -27.38 -63.08
CA ALA C 86 55.07 -26.32 -62.21
C ALA C 86 56.03 -26.88 -61.20
N LYS C 87 55.64 -28.00 -60.60
CA LYS C 87 56.45 -28.63 -59.57
C LYS C 87 57.73 -29.20 -60.16
N GLU C 88 57.64 -29.81 -61.35
CA GLU C 88 58.79 -30.43 -62.01
C GLU C 88 59.87 -29.39 -62.35
N LEU C 89 59.45 -28.25 -62.92
CA LEU C 89 60.37 -27.22 -63.35
C LEU C 89 60.71 -26.17 -62.32
N GLY C 90 59.92 -26.02 -61.27
CA GLY C 90 60.14 -24.90 -60.31
C GLY C 90 59.70 -23.57 -60.90
N VAL C 91 58.57 -23.59 -61.63
CA VAL C 91 58.06 -22.35 -62.23
CA VAL C 91 58.06 -22.42 -62.30
C VAL C 91 56.63 -22.09 -61.81
N VAL C 92 56.32 -20.79 -61.68
CA VAL C 92 54.99 -20.32 -61.36
C VAL C 92 54.20 -20.25 -62.65
N ILE C 93 53.00 -20.81 -62.66
CA ILE C 93 52.14 -20.87 -63.85
C ILE C 93 50.70 -20.51 -63.50
N PRO C 94 50.25 -19.31 -63.89
CA PRO C 94 48.82 -18.97 -63.76
C PRO C 94 48.02 -19.67 -64.81
N VAL C 95 46.88 -20.27 -64.45
CA VAL C 95 46.14 -21.10 -65.39
C VAL C 95 44.73 -20.56 -65.65
N SER C 96 44.53 -20.00 -66.84
CA SER C 96 43.25 -19.46 -67.25
C SER C 96 42.28 -20.60 -67.56
N PHE C 97 41.06 -20.53 -67.02
CA PHE C 97 40.00 -21.53 -67.28
C PHE C 97 38.61 -20.96 -67.09
N PHE C 98 37.63 -21.63 -67.69
CA PHE C 98 36.21 -21.29 -67.66
C PHE C 98 35.63 -22.06 -66.45
N GLU C 99 35.31 -21.31 -65.43
CA GLU C 99 34.83 -21.87 -64.19
C GLU C 99 33.30 -22.01 -64.06
N GLU C 100 32.89 -23.19 -63.64
CA GLU C 100 31.54 -23.42 -63.17
C GLU C 100 31.53 -23.48 -61.62
N ALA C 101 30.64 -22.71 -61.01
CA ALA C 101 30.52 -22.71 -59.56
C ALA C 101 29.04 -22.71 -59.20
N ASN C 102 28.50 -23.91 -59.07
CA ASN C 102 27.08 -24.17 -58.97
C ASN C 102 26.43 -23.51 -60.21
N ASN C 103 25.53 -22.55 -60.03
CA ASN C 103 24.94 -21.90 -61.17
C ASN C 103 25.63 -20.64 -61.64
N ALA C 104 26.70 -20.20 -60.97
CA ALA C 104 27.47 -19.12 -61.44
C ALA C 104 28.55 -19.65 -62.38
N HIS C 105 29.03 -18.75 -63.27
CA HIS C 105 30.15 -19.08 -64.20
C HIS C 105 31.08 -17.91 -64.23
N TYR C 106 32.37 -18.18 -64.30
CA TYR C 106 33.32 -17.14 -64.31
C TYR C 106 34.45 -17.41 -65.28
N ASN C 107 35.13 -16.34 -65.67
CA ASN C 107 36.35 -16.43 -66.43
C ASN C 107 37.43 -16.28 -65.37
N SER C 108 38.15 -17.36 -65.11
CA SER C 108 38.95 -17.42 -63.89
C SER C 108 40.39 -17.77 -64.17
N ILE C 109 41.23 -17.61 -63.15
CA ILE C 109 42.62 -18.00 -63.27
C ILE C 109 43.13 -18.53 -61.93
N ALA C 110 43.74 -19.72 -61.96
CA ALA C 110 44.31 -20.32 -60.76
C ALA C 110 45.82 -20.07 -60.75
N ILE C 111 46.37 -19.57 -59.66
CA ILE C 111 47.81 -19.29 -59.59
C ILE C 111 48.54 -20.48 -58.95
N ILE C 112 49.36 -21.16 -59.75
CA ILE C 112 50.12 -22.35 -59.31
C ILE C 112 51.53 -21.89 -58.96
N ASP C 113 51.98 -22.18 -57.75
CA ASP C 113 53.28 -21.74 -57.27
C ASP C 113 54.40 -22.69 -57.82
N ALA C 114 55.65 -22.29 -57.59
CA ALA C 114 56.80 -23.06 -58.11
C ALA C 114 57.00 -24.40 -57.44
N ASP C 115 56.31 -24.66 -56.35
CA ASP C 115 56.31 -26.01 -55.72
C ASP C 115 55.06 -26.85 -56.10
N GLY C 116 54.24 -26.34 -57.03
CA GLY C 116 53.03 -27.00 -57.47
C GLY C 116 51.75 -26.68 -56.67
N THR C 117 51.87 -25.84 -55.66
CA THR C 117 50.76 -25.49 -54.80
C THR C 117 49.78 -24.56 -55.48
N ASP C 118 48.52 -24.93 -55.43
CA ASP C 118 47.45 -24.10 -55.96
C ASP C 118 47.20 -22.99 -54.95
N LEU C 119 47.68 -21.79 -55.24
CA LEU C 119 47.54 -20.66 -54.32
C LEU C 119 46.14 -20.04 -54.25
N GLY C 120 45.27 -20.34 -55.20
CA GLY C 120 43.94 -19.70 -55.21
C GLY C 120 43.57 -19.16 -56.56
N ILE C 121 42.41 -18.51 -56.61
CA ILE C 121 41.92 -17.97 -57.87
C ILE C 121 41.55 -16.53 -57.85
N TYR C 122 41.57 -15.98 -59.07
CA TYR C 122 41.07 -14.62 -59.33
C TYR C 122 39.97 -14.82 -60.35
N ARG C 123 38.83 -14.12 -60.18
CA ARG C 123 37.72 -14.19 -61.15
C ARG C 123 37.64 -12.86 -61.90
N LYS C 124 37.66 -12.93 -63.24
CA LYS C 124 37.66 -11.72 -64.10
C LYS C 124 36.55 -10.74 -63.67
N SER C 125 36.96 -9.48 -63.43
CA SER C 125 36.10 -8.47 -62.91
C SER C 125 35.34 -7.66 -63.97
N HIS C 126 36.02 -7.27 -65.02
CA HIS C 126 35.48 -6.42 -66.06
C HIS C 126 35.22 -7.31 -67.23
N ILE C 127 33.97 -7.43 -67.64
CA ILE C 127 33.60 -8.39 -68.69
C ILE C 127 33.26 -7.65 -69.99
N PRO C 128 33.99 -7.93 -71.09
CA PRO C 128 33.73 -7.22 -72.34
C PRO C 128 32.48 -7.73 -73.05
N ASP C 129 32.04 -6.97 -74.04
CA ASP C 129 30.86 -7.32 -74.79
C ASP C 129 30.96 -6.79 -76.20
N GLY C 130 30.09 -7.27 -77.08
CA GLY C 130 30.06 -6.77 -78.47
C GLY C 130 30.47 -7.84 -79.49
N PRO C 131 30.26 -7.56 -80.77
CA PRO C 131 30.52 -8.56 -81.79
C PRO C 131 31.94 -9.12 -81.69
N GLY C 132 32.04 -10.44 -81.66
CA GLY C 132 33.29 -11.14 -81.52
C GLY C 132 33.70 -11.48 -80.10
N TYR C 133 33.21 -10.71 -79.12
CA TYR C 133 33.70 -10.76 -77.78
C TYR C 133 32.53 -10.74 -76.79
N GLU C 134 31.63 -11.68 -76.98
CA GLU C 134 30.34 -11.69 -76.27
C GLU C 134 30.50 -12.35 -74.86
N GLU C 135 31.44 -11.84 -74.08
CA GLU C 135 31.78 -12.48 -72.79
C GLU C 135 30.68 -12.30 -71.71
N LYS C 136 29.93 -11.20 -71.80
CA LYS C 136 28.89 -10.92 -70.84
C LYS C 136 27.78 -11.97 -70.89
N PHE C 137 27.64 -12.69 -72.01
CA PHE C 137 26.67 -13.77 -72.08
C PHE C 137 27.09 -14.97 -71.21
N TYR C 138 28.38 -15.15 -70.98
CA TYR C 138 28.96 -16.36 -70.37
C TYR C 138 29.34 -16.21 -68.91
N PHE C 139 29.85 -15.04 -68.55
CA PHE C 139 30.47 -14.90 -67.24
C PHE C 139 29.76 -13.90 -66.29
N ASN C 140 29.50 -14.37 -65.08
CA ASN C 140 29.11 -13.48 -64.00
C ASN C 140 30.30 -12.56 -63.86
N PRO C 141 30.05 -11.27 -63.61
CA PRO C 141 31.21 -10.41 -63.28
C PRO C 141 31.87 -10.95 -62.02
N GLY C 142 33.18 -10.96 -61.99
CA GLY C 142 33.90 -11.64 -60.93
C GLY C 142 33.65 -11.02 -59.56
N ASP C 143 33.74 -11.86 -58.54
CA ASP C 143 33.46 -11.45 -57.21
C ASP C 143 34.61 -11.73 -56.21
N THR C 144 35.79 -12.09 -56.68
CA THR C 144 36.95 -12.19 -55.79
C THR C 144 37.51 -10.84 -55.46
N GLY C 145 37.30 -9.84 -56.32
CA GLY C 145 38.02 -8.59 -56.26
C GLY C 145 39.48 -8.83 -56.74
N PHE C 146 40.25 -7.74 -56.82
CA PHE C 146 41.62 -7.77 -57.30
C PHE C 146 42.51 -8.36 -56.21
N LYS C 147 43.36 -9.29 -56.62
CA LYS C 147 44.18 -10.04 -55.69
C LYS C 147 45.62 -9.99 -56.01
N VAL C 148 46.42 -10.29 -54.99
CA VAL C 148 47.88 -10.44 -55.14
CA VAL C 148 47.86 -10.42 -55.14
C VAL C 148 48.21 -11.78 -54.55
N PHE C 149 49.17 -12.46 -55.13
CA PHE C 149 49.55 -13.80 -54.68
C PHE C 149 51.04 -13.82 -54.35
N GLN C 150 51.37 -14.32 -53.16
CA GLN C 150 52.75 -14.52 -52.73
C GLN C 150 53.29 -15.84 -53.31
N THR C 151 54.15 -15.74 -54.31
CA THR C 151 54.79 -16.94 -54.90
C THR C 151 56.19 -17.09 -54.34
N LYS C 152 56.85 -18.19 -54.67
CA LYS C 152 58.23 -18.38 -54.24
C LYS C 152 59.20 -17.29 -54.72
N TYR C 153 58.87 -16.61 -55.81
CA TYR C 153 59.79 -15.60 -56.40
C TYR C 153 59.38 -14.15 -56.17
N ALA C 154 58.10 -13.90 -55.93
CA ALA C 154 57.60 -12.53 -55.92
C ALA C 154 56.15 -12.50 -55.53
N LYS C 155 55.72 -11.34 -55.09
CA LYS C 155 54.33 -11.10 -54.89
C LYS C 155 53.83 -10.61 -56.27
N ILE C 156 52.84 -11.27 -56.86
CA ILE C 156 52.36 -10.95 -58.19
C ILE C 156 50.87 -10.60 -58.27
N GLY C 157 50.52 -9.79 -59.25
CA GLY C 157 49.14 -9.39 -59.49
C GLY C 157 48.75 -9.96 -60.84
N VAL C 158 47.71 -10.79 -60.87
CA VAL C 158 47.25 -11.37 -62.09
C VAL C 158 45.80 -10.99 -62.31
N ALA C 159 45.52 -10.46 -63.48
CA ALA C 159 44.16 -10.19 -63.91
C ALA C 159 44.02 -10.72 -65.32
N ILE C 160 42.86 -10.55 -65.92
CA ILE C 160 42.54 -11.26 -67.13
C ILE C 160 42.00 -10.33 -68.20
N CYS C 161 42.58 -10.46 -69.38
CA CYS C 161 42.22 -9.78 -70.61
C CYS C 161 41.62 -8.37 -70.44
N TRP C 162 40.31 -8.19 -70.60
CA TRP C 162 39.67 -6.89 -70.57
C TRP C 162 40.04 -6.08 -69.29
N ASP C 163 40.31 -6.76 -68.19
CA ASP C 163 40.80 -6.10 -66.97
C ASP C 163 41.99 -5.17 -67.27
N GLN C 164 42.76 -5.51 -68.30
CA GLN C 164 43.98 -4.74 -68.61
C GLN C 164 43.69 -3.32 -69.12
N TRP C 165 42.45 -2.99 -69.47
CA TRP C 165 42.13 -1.65 -69.89
C TRP C 165 41.83 -0.70 -68.71
N PHE C 166 41.76 -1.24 -67.47
CA PHE C 166 41.27 -0.48 -66.32
C PHE C 166 42.42 -0.12 -65.41
N PRO C 167 42.75 1.19 -65.34
CA PRO C 167 43.78 1.58 -64.38
C PRO C 167 43.50 1.21 -62.97
N GLU C 168 42.21 1.14 -62.61
CA GLU C 168 41.80 0.78 -61.26
C GLU C 168 42.31 -0.60 -60.83
N ALA C 169 42.34 -1.54 -61.79
CA ALA C 169 42.75 -2.92 -61.49
C ALA C 169 44.26 -2.98 -61.22
N ALA C 170 45.03 -2.32 -62.08
CA ALA C 170 46.47 -2.27 -61.94
C ALA C 170 46.83 -1.58 -60.61
N ARG C 171 46.20 -0.43 -60.33
CA ARG C 171 46.45 0.26 -59.08
C ARG C 171 46.03 -0.59 -57.85
N ALA C 172 44.87 -1.23 -57.90
CA ALA C 172 44.44 -2.09 -56.80
C ALA C 172 45.46 -3.16 -56.45
N MET C 173 46.05 -3.78 -57.49
CA MET C 173 47.01 -4.83 -57.26
C MET C 173 48.33 -4.23 -56.72
N ALA C 174 48.78 -3.11 -57.29
CA ALA C 174 49.99 -2.45 -56.80
C ALA C 174 49.87 -1.97 -55.37
N LEU C 175 48.70 -1.45 -55.00
CA LEU C 175 48.52 -0.97 -53.61
C LEU C 175 48.63 -2.08 -52.60
N GLN C 176 48.30 -3.28 -53.04
CA GLN C 176 48.40 -4.48 -52.20
C GLN C 176 49.78 -5.22 -52.28
N GLY C 177 50.79 -4.60 -52.91
CA GLY C 177 52.17 -5.13 -52.93
C GLY C 177 52.56 -5.97 -54.17
N ALA C 178 51.73 -5.95 -55.22
CA ALA C 178 52.08 -6.66 -56.45
C ALA C 178 53.39 -6.05 -56.98
N GLU C 179 54.33 -6.93 -57.32
CA GLU C 179 55.63 -6.52 -57.80
C GLU C 179 55.75 -6.60 -59.30
N ILE C 180 54.89 -7.39 -59.90
CA ILE C 180 54.80 -7.58 -61.36
C ILE C 180 53.33 -7.88 -61.64
N LEU C 181 52.84 -7.35 -62.75
CA LEU C 181 51.47 -7.53 -63.18
C LEU C 181 51.44 -8.44 -64.42
N PHE C 182 50.46 -9.33 -64.48
CA PHE C 182 50.30 -10.28 -65.56
C PHE C 182 48.90 -10.23 -66.11
N TYR C 183 48.79 -10.18 -67.44
CA TYR C 183 47.50 -10.20 -68.13
C TYR C 183 47.41 -11.18 -69.33
N PRO C 184 46.90 -12.39 -69.11
CA PRO C 184 46.58 -13.30 -70.22
C PRO C 184 45.42 -12.71 -71.04
N THR C 185 45.56 -12.75 -72.35
CA THR C 185 44.73 -11.98 -73.24
C THR C 185 44.28 -12.80 -74.45
N ALA C 186 43.15 -12.41 -75.03
CA ALA C 186 42.71 -12.88 -76.34
C ALA C 186 42.08 -11.68 -77.05
N ILE C 187 42.88 -10.96 -77.85
CA ILE C 187 42.36 -9.80 -78.54
C ILE C 187 42.83 -9.78 -79.99
N GLY C 188 41.92 -9.42 -80.89
CA GLY C 188 42.28 -9.32 -82.30
C GLY C 188 41.36 -8.37 -83.06
N SER C 189 41.15 -8.71 -84.29
CA SER C 189 40.18 -8.02 -85.11
C SER C 189 38.75 -8.21 -84.55
N GLU C 190 37.83 -7.42 -85.09
CA GLU C 190 36.43 -7.44 -84.70
C GLU C 190 35.65 -7.77 -85.94
N PRO C 191 34.82 -8.81 -85.89
CA PRO C 191 34.17 -9.33 -87.09
C PRO C 191 33.14 -8.43 -87.73
N HIS C 192 32.61 -7.49 -87.00
CA HIS C 192 31.58 -6.65 -87.59
C HIS C 192 32.16 -5.43 -88.28
N ASP C 193 33.46 -5.14 -88.08
CA ASP C 193 34.08 -3.94 -88.67
C ASP C 193 35.60 -4.10 -88.84
N GLN C 194 36.02 -4.30 -90.08
CA GLN C 194 37.42 -4.60 -90.36
C GLN C 194 38.37 -3.37 -90.18
N SER C 195 37.83 -2.15 -90.11
CA SER C 195 38.64 -0.93 -89.88
C SER C 195 39.14 -0.84 -88.41
N ILE C 196 38.59 -1.63 -87.48
CA ILE C 196 39.05 -1.55 -86.10
C ILE C 196 40.35 -2.32 -85.90
N ASP C 197 41.40 -1.59 -85.50
CA ASP C 197 42.70 -2.19 -85.21
C ASP C 197 43.13 -1.57 -83.90
N SER C 198 42.93 -2.33 -82.82
CA SER C 198 43.11 -1.81 -81.48
C SER C 198 44.51 -1.97 -80.87
N ARG C 199 45.46 -2.56 -81.62
CA ARG C 199 46.70 -3.08 -80.99
C ARG C 199 47.61 -2.00 -80.39
N ASP C 200 47.70 -0.84 -81.03
CA ASP C 200 48.51 0.25 -80.51
C ASP C 200 47.86 0.87 -79.26
N HIS C 201 46.52 1.04 -79.29
CA HIS C 201 45.74 1.51 -78.19
C HIS C 201 45.91 0.59 -76.98
N TRP C 202 45.77 -0.71 -77.25
CA TRP C 202 45.90 -1.77 -76.27
C TRP C 202 47.24 -1.71 -75.52
N LYS C 203 48.33 -1.62 -76.27
CA LYS C 203 49.66 -1.50 -75.67
C LYS C 203 49.82 -0.24 -74.85
N ARG C 204 49.42 0.90 -75.40
CA ARG C 204 49.59 2.19 -74.69
C ARG C 204 48.87 2.22 -73.32
N VAL C 205 47.71 1.63 -73.23
CA VAL C 205 46.98 1.66 -71.98
C VAL C 205 47.72 0.87 -70.91
N MET C 206 48.22 -0.32 -71.30
CA MET C 206 48.97 -1.13 -70.35
C MET C 206 50.33 -0.53 -70.02
N GLN C 207 50.98 0.08 -71.00
CA GLN C 207 52.24 0.79 -70.73
C GLN C 207 52.02 1.88 -69.71
N GLY C 208 50.86 2.52 -69.75
CA GLY C 208 50.53 3.54 -68.77
C GLY C 208 50.39 2.97 -67.37
N HIS C 209 49.83 1.77 -67.24
CA HIS C 209 49.70 1.11 -65.90
C HIS C 209 51.07 0.82 -65.30
N ALA C 210 51.93 0.27 -66.13
CA ALA C 210 53.30 -0.11 -65.70
C ALA C 210 54.02 1.16 -65.21
N GLY C 211 53.90 2.25 -65.99
CA GLY C 211 54.57 3.51 -65.65
C GLY C 211 54.01 4.24 -64.44
N ALA C 212 52.68 4.15 -64.25
CA ALA C 212 52.01 4.85 -63.19
C ALA C 212 52.17 4.18 -61.85
N ASN C 213 52.34 2.87 -61.88
CA ASN C 213 52.59 2.08 -60.66
C ASN C 213 54.04 1.68 -60.44
N LEU C 214 54.89 1.97 -61.44
CA LEU C 214 56.28 1.60 -61.41
C LEU C 214 56.49 0.11 -61.08
N VAL C 215 55.79 -0.72 -61.83
CA VAL C 215 55.96 -2.18 -61.77
C VAL C 215 56.01 -2.74 -63.21
N PRO C 216 56.81 -3.81 -63.42
CA PRO C 216 56.81 -4.50 -64.73
C PRO C 216 55.46 -5.12 -65.02
N LEU C 217 55.19 -5.34 -66.31
CA LEU C 217 53.93 -5.84 -66.76
C LEU C 217 54.17 -6.83 -67.90
N VAL C 218 53.43 -7.92 -67.87
CA VAL C 218 53.54 -9.00 -68.85
C VAL C 218 52.16 -9.23 -69.50
N ALA C 219 52.10 -9.23 -70.81
CA ALA C 219 50.85 -9.47 -71.55
C ALA C 219 51.08 -10.58 -72.58
N SER C 220 50.30 -11.65 -72.47
CA SER C 220 50.38 -12.80 -73.37
C SER C 220 49.07 -12.89 -74.17
N ASN C 221 49.19 -12.82 -75.47
CA ASN C 221 48.05 -12.79 -76.35
C ASN C 221 48.17 -13.86 -77.41
N ARG C 222 47.00 -14.28 -77.86
CA ARG C 222 46.78 -15.28 -78.90
C ARG C 222 47.21 -14.82 -80.29
N ILE C 223 47.57 -15.76 -81.14
CA ILE C 223 47.77 -15.54 -82.58
C ILE C 223 46.82 -16.47 -83.36
N GLY C 224 46.75 -16.24 -84.67
CA GLY C 224 46.01 -17.10 -85.57
C GLY C 224 44.59 -16.63 -85.84
N ASN C 225 44.02 -17.14 -86.93
CA ASN C 225 42.64 -16.91 -87.30
C ASN C 225 41.76 -18.02 -86.71
N GLU C 226 40.61 -17.66 -86.17
CA GLU C 226 39.66 -18.61 -85.64
C GLU C 226 38.28 -18.28 -86.17
N ILE C 227 37.59 -19.31 -86.63
CA ILE C 227 36.25 -19.20 -87.14
C ILE C 227 35.34 -20.04 -86.24
N ILE C 228 34.32 -19.40 -85.70
CA ILE C 228 33.36 -19.97 -84.81
C ILE C 228 32.01 -19.98 -85.48
N GLU C 229 31.25 -21.06 -85.27
CA GLU C 229 29.87 -21.17 -85.78
C GLU C 229 28.98 -20.49 -84.77
N THR C 230 28.39 -19.36 -85.16
CA THR C 230 27.52 -18.65 -84.28
C THR C 230 26.10 -18.90 -84.66
N GLU C 231 25.24 -18.57 -83.72
CA GLU C 231 23.83 -18.54 -83.90
C GLU C 231 23.41 -17.87 -85.21
N HIS C 232 24.24 -17.00 -85.80
CA HIS C 232 23.89 -16.29 -87.07
C HIS C 232 24.91 -16.50 -88.19
N GLY C 233 25.63 -17.62 -88.16
CA GLY C 233 26.58 -17.93 -89.20
C GLY C 233 28.01 -17.84 -88.70
N LYS C 234 28.95 -18.19 -89.56
CA LYS C 234 30.34 -18.23 -89.17
C LYS C 234 30.90 -16.79 -88.87
N SER C 235 31.76 -16.70 -87.89
CA SER C 235 32.38 -15.43 -87.50
C SER C 235 33.89 -15.69 -87.33
N GLU C 236 34.72 -14.78 -87.85
CA GLU C 236 36.17 -14.93 -87.85
C GLU C 236 36.83 -13.81 -87.13
N ILE C 237 37.81 -14.15 -86.30
CA ILE C 237 38.74 -13.18 -85.72
C ILE C 237 40.16 -13.57 -86.08
N LYS C 238 40.95 -12.56 -86.47
CA LYS C 238 42.41 -12.73 -86.57
C LYS C 238 43.01 -12.17 -85.29
N PHE C 239 43.53 -13.04 -84.46
CA PHE C 239 44.19 -12.63 -83.21
C PHE C 239 45.53 -12.00 -83.54
N TYR C 240 45.85 -10.88 -82.88
CA TYR C 240 47.00 -10.11 -83.34
C TYR C 240 48.32 -10.20 -82.57
N GLY C 241 48.47 -11.21 -81.73
CA GLY C 241 49.73 -11.40 -81.04
C GLY C 241 50.16 -10.12 -80.31
N ASN C 242 51.35 -9.62 -80.62
CA ASN C 242 51.92 -8.46 -79.95
C ASN C 242 52.06 -8.65 -78.42
N SER C 243 52.24 -9.90 -77.99
CA SER C 243 52.55 -10.18 -76.62
C SER C 243 53.79 -9.35 -76.29
N PHE C 244 53.92 -8.91 -75.05
CA PHE C 244 55.04 -8.06 -74.72
C PHE C 244 55.31 -8.05 -73.23
N ILE C 245 56.47 -7.55 -72.87
CA ILE C 245 56.87 -7.35 -71.49
C ILE C 245 57.33 -5.90 -71.39
N ALA C 246 56.77 -5.14 -70.43
CA ALA C 246 57.11 -3.73 -70.21
C ALA C 246 57.80 -3.59 -68.90
N GLY C 247 58.77 -2.67 -68.79
CA GLY C 247 59.41 -2.37 -67.52
C GLY C 247 58.65 -1.32 -66.69
N PRO C 248 59.19 -0.95 -65.52
CA PRO C 248 58.47 -0.09 -64.60
C PRO C 248 58.36 1.41 -65.00
N THR C 249 58.88 1.79 -66.19
CA THR C 249 58.58 3.14 -66.72
C THR C 249 57.66 3.02 -67.92
N GLY C 250 57.12 1.83 -68.12
CA GLY C 250 56.31 1.54 -69.28
C GLY C 250 57.04 1.23 -70.57
N GLU C 251 58.37 1.19 -70.55
CA GLU C 251 59.16 0.82 -71.72
C GLU C 251 58.94 -0.67 -72.11
N ILE C 252 58.74 -0.95 -73.40
CA ILE C 252 58.63 -2.30 -73.89
C ILE C 252 60.02 -2.91 -73.89
N VAL C 253 60.26 -3.94 -73.11
CA VAL C 253 61.60 -4.56 -73.06
C VAL C 253 61.64 -5.75 -74.05
N SER C 254 60.49 -6.30 -74.37
CA SER C 254 60.42 -7.40 -75.29
C SER C 254 59.03 -7.46 -75.94
N ILE C 255 58.97 -7.75 -77.23
CA ILE C 255 57.70 -7.77 -77.90
C ILE C 255 57.70 -8.76 -79.05
N ALA C 256 56.58 -9.43 -79.26
CA ALA C 256 56.41 -10.34 -80.37
C ALA C 256 55.62 -9.65 -81.54
N ASP C 257 55.67 -10.19 -82.75
CA ASP C 257 54.87 -9.65 -83.83
C ASP C 257 53.43 -10.24 -83.81
N ASP C 258 52.68 -10.02 -84.89
CA ASP C 258 51.28 -10.44 -84.90
C ASP C 258 51.01 -11.81 -85.43
N LYS C 259 52.04 -12.61 -85.72
CA LYS C 259 51.79 -13.91 -86.31
C LYS C 259 52.70 -15.05 -85.82
N GLU C 260 53.85 -14.74 -85.27
CA GLU C 260 54.79 -15.77 -84.84
C GLU C 260 54.39 -16.35 -83.54
N GLU C 261 54.71 -17.63 -83.37
CA GLU C 261 54.75 -18.26 -82.06
C GLU C 261 55.93 -17.67 -81.31
N ALA C 262 55.79 -17.35 -80.04
CA ALA C 262 56.88 -16.68 -79.35
C ALA C 262 57.01 -17.04 -77.87
N VAL C 263 58.24 -16.92 -77.40
CA VAL C 263 58.57 -17.09 -76.02
C VAL C 263 59.38 -15.85 -75.66
N LEU C 264 58.80 -14.92 -74.94
CA LEU C 264 59.48 -13.72 -74.56
C LEU C 264 60.04 -13.89 -73.16
N ILE C 265 61.20 -13.30 -72.93
CA ILE C 265 61.92 -13.47 -71.69
C ILE C 265 62.49 -12.13 -71.23
N ALA C 266 62.35 -11.79 -69.96
CA ALA C 266 63.03 -10.59 -69.37
C ALA C 266 63.32 -10.79 -67.90
N GLU C 267 64.43 -10.24 -67.44
CA GLU C 267 64.81 -10.31 -66.06
C GLU C 267 64.62 -8.95 -65.38
N PHE C 268 64.08 -8.98 -64.18
CA PHE C 268 63.87 -7.76 -63.37
C PHE C 268 64.49 -7.92 -61.99
N ASN C 269 65.18 -6.87 -61.54
CA ASN C 269 65.69 -6.78 -60.17
C ASN C 269 64.58 -6.13 -59.33
N LEU C 270 63.84 -6.95 -58.57
CA LEU C 270 62.68 -6.43 -57.84
C LEU C 270 63.00 -5.53 -56.68
N ASP C 271 64.16 -5.68 -56.07
CA ASP C 271 64.60 -4.78 -55.02
C ASP C 271 65.00 -3.37 -55.57
N LYS C 272 65.73 -3.31 -56.69
CA LYS C 272 66.01 -2.02 -57.33
C LYS C 272 64.73 -1.35 -57.80
N ILE C 273 63.82 -2.12 -58.38
CA ILE C 273 62.59 -1.55 -58.83
C ILE C 273 61.75 -1.01 -57.62
N LYS C 274 61.70 -1.77 -56.54
CA LYS C 274 60.93 -1.32 -55.37
C LYS C 274 61.48 0.04 -54.91
N SER C 275 62.79 0.14 -54.93
CA SER C 275 63.45 1.36 -54.47
C SER C 275 63.10 2.58 -55.38
N MET C 276 63.06 2.34 -56.68
CA MET C 276 62.72 3.32 -57.69
C MET C 276 61.25 3.72 -57.54
N ARG C 277 60.39 2.73 -57.33
CA ARG C 277 58.97 2.92 -57.17
C ARG C 277 58.70 3.86 -56.00
N HIS C 278 59.32 3.59 -54.87
CA HIS C 278 59.13 4.42 -53.68
C HIS C 278 59.75 5.81 -53.82
N CYS C 279 60.92 5.93 -54.39
CA CYS C 279 61.57 7.22 -54.58
CA CYS C 279 61.50 7.26 -54.47
C CYS C 279 60.82 8.17 -55.53
N TRP C 280 60.13 7.60 -56.54
CA TRP C 280 59.39 8.42 -57.49
C TRP C 280 58.24 9.13 -56.77
N GLY C 281 57.68 8.46 -55.76
CA GLY C 281 56.86 9.12 -54.81
C GLY C 281 55.36 9.10 -55.05
N VAL C 282 54.92 8.53 -56.16
CA VAL C 282 53.49 8.56 -56.44
C VAL C 282 52.66 7.95 -55.28
N PHE C 283 53.12 6.83 -54.68
CA PHE C 283 52.33 6.18 -53.64
C PHE C 283 52.33 7.00 -52.33
N ARG C 284 53.36 7.82 -52.14
CA ARG C 284 53.43 8.73 -51.03
C ARG C 284 52.44 9.93 -51.19
N ASP C 285 52.08 10.25 -52.42
CA ASP C 285 51.37 11.46 -52.75
C ASP C 285 49.91 11.27 -53.15
N ARG C 286 49.46 10.03 -53.21
CA ARG C 286 48.10 9.71 -53.56
C ARG C 286 47.13 10.37 -52.58
N ARG C 287 45.92 10.63 -53.07
CA ARG C 287 44.88 11.39 -52.36
C ARG C 287 43.57 10.64 -52.30
N PRO C 288 43.55 9.52 -51.58
CA PRO C 288 42.27 8.73 -51.48
C PRO C 288 41.09 9.48 -50.89
N ASP C 289 41.34 10.48 -50.05
CA ASP C 289 40.30 11.41 -49.61
C ASP C 289 39.59 12.13 -50.78
N LEU C 290 40.23 12.23 -51.95
CA LEU C 290 39.62 12.86 -53.12
C LEU C 290 39.14 11.86 -54.19
N TYR C 291 39.18 10.58 -53.90
CA TYR C 291 38.88 9.58 -54.93
C TYR C 291 37.52 8.92 -54.80
N LYS C 292 36.64 9.46 -53.95
CA LYS C 292 35.33 8.84 -53.79
C LYS C 292 34.54 8.75 -55.12
N VAL C 293 34.76 9.71 -56.00
CA VAL C 293 34.09 9.70 -57.29
C VAL C 293 34.40 8.40 -58.10
N LEU C 294 35.54 7.78 -57.87
CA LEU C 294 35.86 6.51 -58.51
C LEU C 294 34.91 5.36 -58.14
N LEU C 295 34.19 5.54 -57.04
CA LEU C 295 33.20 4.61 -56.57
C LEU C 295 31.80 4.88 -57.17
N THR C 296 31.75 5.79 -58.16
CA THR C 296 30.56 6.02 -58.92
C THR C 296 30.77 5.43 -60.32
N LEU C 297 29.66 5.25 -61.04
CA LEU C 297 29.73 4.97 -62.46
C LEU C 297 29.47 6.29 -63.26
N ASP C 298 28.63 7.14 -62.73
CA ASP C 298 28.09 8.29 -63.49
C ASP C 298 28.70 9.66 -63.09
N GLY C 299 29.73 9.60 -62.27
CA GLY C 299 30.41 10.78 -61.75
C GLY C 299 29.74 11.50 -60.60
N LYS C 300 28.59 11.00 -60.12
CA LYS C 300 27.83 11.63 -59.05
C LYS C 300 27.34 10.65 -57.94
N ASN C 301 26.74 9.51 -58.32
CA ASN C 301 26.07 8.66 -57.37
C ASN C 301 26.92 7.47 -56.98
N PRO C 302 27.33 7.39 -55.68
CA PRO C 302 28.14 6.23 -55.24
C PRO C 302 27.35 4.93 -55.39
N VAL C 303 27.99 3.87 -55.87
CA VAL C 303 27.23 2.60 -55.98
C VAL C 303 26.97 2.03 -54.59
N LEU C 304 26.00 1.15 -54.49
CA LEU C 304 25.65 0.54 -53.21
C LEU C 304 26.68 -0.54 -52.80
N ASP D 7 32.38 15.46 -92.30
CA ASP D 7 32.44 14.84 -90.93
C ASP D 7 31.74 15.71 -89.90
N LYS D 8 30.48 15.38 -89.60
CA LYS D 8 29.65 16.21 -88.72
C LYS D 8 30.05 16.01 -87.26
N GLY D 9 29.84 17.05 -86.47
CA GLY D 9 30.06 17.00 -85.06
C GLY D 9 30.66 18.30 -84.56
N ARG D 10 30.47 18.55 -83.29
CA ARG D 10 31.02 19.66 -82.63
C ARG D 10 32.55 19.46 -82.63
N LYS D 11 33.26 20.43 -83.21
CA LYS D 11 34.71 20.37 -83.32
C LYS D 11 35.32 21.38 -82.43
N VAL D 12 36.46 21.05 -81.81
CA VAL D 12 37.18 22.00 -80.99
CA VAL D 12 37.19 21.99 -80.97
C VAL D 12 38.68 21.92 -81.31
N VAL D 13 39.32 23.08 -81.37
CA VAL D 13 40.75 23.15 -81.65
C VAL D 13 41.45 23.54 -80.36
N VAL D 14 42.40 22.72 -79.95
CA VAL D 14 43.15 22.98 -78.71
C VAL D 14 44.60 23.20 -79.01
N SER D 15 45.30 23.84 -78.06
CA SER D 15 46.67 24.23 -78.23
C SER D 15 47.47 24.07 -77.00
N ALA D 16 48.68 23.54 -77.18
CA ALA D 16 49.72 23.51 -76.16
C ALA D 16 50.76 24.56 -76.53
N LEU D 17 51.10 25.42 -75.57
CA LEU D 17 52.18 26.38 -75.71
C LEU D 17 53.39 25.91 -74.91
N GLN D 18 54.57 26.30 -75.34
CA GLN D 18 55.82 25.90 -74.72
C GLN D 18 56.79 27.06 -74.85
N PHE D 19 57.30 27.56 -73.70
CA PHE D 19 58.20 28.70 -73.73
C PHE D 19 59.11 28.77 -72.52
N ALA D 20 60.11 29.63 -72.62
CA ALA D 20 61.07 29.91 -71.55
C ALA D 20 60.61 31.09 -70.72
N CYS D 21 60.83 31.00 -69.43
CA CYS D 21 60.46 32.06 -68.49
C CYS D 21 61.67 32.83 -67.95
N THR D 22 61.51 34.14 -67.69
CA THR D 22 62.47 34.89 -66.87
C THR D 22 61.88 34.92 -65.47
N ASP D 23 62.50 35.65 -64.55
CA ASP D 23 61.89 35.81 -63.21
C ASP D 23 61.14 37.15 -63.02
N ASP D 24 60.73 37.76 -64.10
CA ASP D 24 59.95 38.98 -64.08
C ASP D 24 58.51 38.67 -64.60
N VAL D 25 57.50 38.91 -63.77
CA VAL D 25 56.10 38.62 -64.15
CA VAL D 25 56.10 38.62 -64.15
C VAL D 25 55.69 39.30 -65.46
N SER D 26 55.95 40.60 -65.56
CA SER D 26 55.56 41.36 -66.78
C SER D 26 56.07 40.74 -68.10
N THR D 27 57.33 40.33 -68.13
CA THR D 27 57.93 39.71 -69.30
C THR D 27 57.23 38.39 -69.61
N ASN D 28 56.99 37.57 -68.62
CA ASN D 28 56.37 36.26 -68.87
C ASN D 28 54.93 36.38 -69.27
N VAL D 29 54.21 37.34 -68.71
CA VAL D 29 52.83 37.54 -69.12
C VAL D 29 52.80 38.07 -70.58
N THR D 30 53.70 38.96 -70.94
CA THR D 30 53.81 39.40 -72.35
C THR D 30 54.10 38.19 -73.28
N THR D 31 55.01 37.30 -72.88
CA THR D 31 55.31 36.13 -73.66
C THR D 31 54.04 35.25 -73.89
N ALA D 32 53.33 34.96 -72.80
CA ALA D 32 52.12 34.18 -72.84
C ALA D 32 51.09 34.81 -73.74
N GLU D 33 50.88 36.13 -73.62
CA GLU D 33 49.93 36.83 -74.50
C GLU D 33 50.31 36.69 -75.99
N ARG D 34 51.59 36.89 -76.29
CA ARG D 34 52.10 36.74 -77.66
C ARG D 34 51.73 35.35 -78.22
N LEU D 35 51.96 34.30 -77.42
CA LEU D 35 51.76 32.94 -77.91
C LEU D 35 50.26 32.53 -77.90
N VAL D 36 49.50 33.05 -76.95
CA VAL D 36 48.05 32.87 -77.02
C VAL D 36 47.52 33.48 -78.34
N ARG D 37 47.98 34.68 -78.70
CA ARG D 37 47.54 35.30 -79.93
C ARG D 37 47.98 34.47 -81.17
N ALA D 38 49.18 33.90 -81.11
CA ALA D 38 49.66 33.04 -82.21
C ALA D 38 48.79 31.81 -82.35
N ALA D 39 48.40 31.20 -81.23
CA ALA D 39 47.50 30.05 -81.24
C ALA D 39 46.13 30.36 -81.85
N HIS D 40 45.53 31.43 -81.38
CA HIS D 40 44.27 31.91 -81.89
C HIS D 40 44.33 32.19 -83.42
N LYS D 41 45.42 32.82 -83.87
CA LYS D 41 45.66 33.02 -85.31
C LYS D 41 45.60 31.69 -86.07
N GLN D 42 46.07 30.59 -85.45
CA GLN D 42 46.05 29.26 -86.07
C GLN D 42 44.71 28.51 -85.87
N GLY D 43 43.73 29.15 -85.25
CA GLY D 43 42.39 28.62 -85.10
C GLY D 43 42.04 28.05 -83.72
N ALA D 44 42.95 28.12 -82.76
CA ALA D 44 42.70 27.54 -81.44
C ALA D 44 41.51 28.16 -80.70
N ASN D 45 40.77 27.29 -80.04
CA ASN D 45 39.62 27.65 -79.21
C ASN D 45 39.97 27.62 -77.73
N ILE D 46 40.86 26.72 -77.37
CA ILE D 46 41.29 26.56 -75.96
C ILE D 46 42.80 26.51 -75.97
N VAL D 47 43.45 27.36 -75.20
CA VAL D 47 44.91 27.46 -75.21
C VAL D 47 45.48 27.26 -73.83
N LEU D 48 46.42 26.32 -73.74
CA LEU D 48 47.05 25.94 -72.48
C LEU D 48 48.49 26.46 -72.27
N ILE D 49 48.62 27.32 -71.25
CA ILE D 49 49.88 27.86 -70.78
C ILE D 49 50.44 26.97 -69.63
N GLN D 50 51.75 26.76 -69.67
CA GLN D 50 52.51 25.94 -68.70
C GLN D 50 52.43 26.42 -67.24
N GLU D 51 52.79 25.51 -66.34
CA GLU D 51 52.60 25.74 -64.90
C GLU D 51 53.48 26.87 -64.35
N LEU D 52 52.89 27.70 -63.48
CA LEU D 52 53.60 28.72 -62.73
C LEU D 52 54.45 29.62 -63.67
N PHE D 53 53.87 29.91 -64.84
CA PHE D 53 54.53 30.64 -65.92
C PHE D 53 54.90 32.09 -65.58
N GLU D 54 54.35 32.62 -64.51
CA GLU D 54 54.66 33.99 -64.08
C GLU D 54 56.12 34.23 -63.65
N GLY D 55 56.88 33.18 -63.36
CA GLY D 55 58.26 33.34 -62.94
C GLY D 55 59.05 32.10 -63.16
N TYR D 56 60.26 32.11 -62.65
CA TYR D 56 61.07 30.92 -62.61
C TYR D 56 60.34 29.86 -61.75
N TYR D 57 60.63 28.59 -62.00
CA TYR D 57 60.13 27.50 -61.16
C TYR D 57 60.94 27.59 -59.84
N PHE D 58 60.36 28.32 -58.89
CA PHE D 58 61.06 28.71 -57.65
C PHE D 58 61.20 27.57 -56.63
N CYS D 59 60.45 26.49 -56.86
CA CYS D 59 60.42 25.33 -55.94
C CYS D 59 61.71 24.49 -55.83
N GLN D 60 62.78 24.87 -56.53
CA GLN D 60 64.07 24.25 -56.28
C GLN D 60 64.55 24.64 -54.90
N ALA D 61 64.11 25.83 -54.42
CA ALA D 61 64.47 26.31 -53.13
C ALA D 61 63.33 26.06 -52.13
N GLN D 62 63.68 26.00 -50.86
CA GLN D 62 62.74 26.02 -49.73
C GLN D 62 63.04 27.29 -48.95
N ARG D 63 62.47 28.42 -49.40
CA ARG D 63 62.75 29.73 -48.83
C ARG D 63 61.49 30.46 -48.36
N GLU D 64 61.59 30.98 -47.14
CA GLU D 64 60.57 31.78 -46.52
C GLU D 64 60.02 32.90 -47.48
N ASP D 65 60.92 33.68 -48.03
CA ASP D 65 60.51 34.79 -48.86
C ASP D 65 59.79 34.31 -50.14
N PHE D 66 60.13 33.14 -50.67
CA PHE D 66 59.40 32.66 -51.86
C PHE D 66 57.89 32.36 -51.58
N ILE D 67 57.54 32.00 -50.35
CA ILE D 67 56.14 31.70 -50.03
C ILE D 67 55.29 32.97 -50.30
N GLN D 68 55.88 34.12 -50.03
CA GLN D 68 55.22 35.42 -50.21
C GLN D 68 55.09 35.88 -51.68
N ARG D 69 55.50 35.04 -52.65
CA ARG D 69 55.10 35.25 -54.03
C ARG D 69 53.61 34.98 -54.25
N ALA D 70 52.96 34.25 -53.34
CA ALA D 70 51.57 33.91 -53.48
C ALA D 70 50.69 35.15 -53.49
N LYS D 71 49.54 35.07 -54.18
CA LYS D 71 48.59 36.14 -54.20
C LYS D 71 47.17 35.58 -54.11
N PRO D 72 46.22 36.36 -53.56
CA PRO D 72 44.85 35.89 -53.54
C PRO D 72 44.26 35.62 -54.93
N TYR D 73 43.32 34.71 -54.99
CA TYR D 73 42.55 34.46 -56.18
C TYR D 73 41.74 35.69 -56.54
N LYS D 74 41.19 36.35 -55.53
CA LYS D 74 40.41 37.57 -55.76
C LYS D 74 41.26 38.73 -56.34
N ASP D 75 40.82 39.28 -57.47
CA ASP D 75 41.47 40.44 -58.13
C ASP D 75 42.93 40.21 -58.43
N HIS D 76 43.26 39.02 -58.86
CA HIS D 76 44.62 38.66 -59.19
C HIS D 76 45.03 39.38 -60.48
N PRO D 77 46.14 40.13 -60.46
CA PRO D 77 46.49 40.96 -61.63
C PRO D 77 46.73 40.13 -62.92
N THR D 78 47.32 38.94 -62.81
CA THR D 78 47.54 38.15 -64.01
C THR D 78 46.25 37.50 -64.54
N ILE D 79 45.41 36.97 -63.66
CA ILE D 79 44.14 36.43 -64.09
C ILE D 79 43.33 37.55 -64.79
N MET D 80 43.25 38.75 -64.19
CA MET D 80 42.43 39.84 -64.74
C MET D 80 42.89 40.27 -66.13
N ARG D 81 44.20 40.32 -66.31
CA ARG D 81 44.78 40.70 -67.57
C ARG D 81 44.46 39.63 -68.64
N LEU D 82 44.57 38.35 -68.28
CA LEU D 82 44.25 37.29 -69.24
C LEU D 82 42.73 37.14 -69.52
N GLN D 83 41.89 37.57 -68.59
CA GLN D 83 40.47 37.60 -68.85
C GLN D 83 40.19 38.54 -70.01
N LYS D 84 40.94 39.64 -70.08
CA LYS D 84 40.74 40.62 -71.15
C LYS D 84 41.07 40.00 -72.50
N LEU D 85 42.17 39.26 -72.54
CA LEU D 85 42.58 38.58 -73.75
C LEU D 85 41.59 37.47 -74.16
N ALA D 86 41.16 36.65 -73.18
CA ALA D 86 40.18 35.58 -73.43
C ALA D 86 38.96 36.15 -74.12
N LYS D 87 38.45 37.26 -73.57
CA LYS D 87 37.30 37.92 -74.10
C LYS D 87 37.57 38.53 -75.49
N GLU D 88 38.72 39.17 -75.67
CA GLU D 88 39.02 39.79 -76.95
C GLU D 88 39.00 38.75 -78.08
N LEU D 89 39.65 37.62 -77.83
CA LEU D 89 39.87 36.61 -78.85
C LEU D 89 38.83 35.49 -78.92
N GLY D 90 37.98 35.35 -77.89
CA GLY D 90 37.04 34.25 -77.82
C GLY D 90 37.74 32.93 -77.60
N VAL D 91 38.71 32.92 -76.70
CA VAL D 91 39.43 31.69 -76.39
CA VAL D 91 39.52 31.76 -76.39
C VAL D 91 39.38 31.38 -74.89
N VAL D 92 39.35 30.07 -74.58
CA VAL D 92 39.33 29.59 -73.19
C VAL D 92 40.79 29.53 -72.71
N ILE D 93 41.08 30.10 -71.53
CA ILE D 93 42.48 30.19 -71.03
C ILE D 93 42.52 29.81 -69.52
N PRO D 94 43.04 28.61 -69.20
CA PRO D 94 43.33 28.24 -67.84
C PRO D 94 44.58 28.95 -67.39
N VAL D 95 44.52 29.63 -66.24
CA VAL D 95 45.63 30.44 -65.73
C VAL D 95 46.17 29.84 -64.43
N SER D 96 47.37 29.26 -64.51
CA SER D 96 48.11 28.72 -63.38
C SER D 96 48.66 29.85 -62.50
N PHE D 97 48.48 29.77 -61.17
CA PHE D 97 49.02 30.78 -60.26
C PHE D 97 49.26 30.21 -58.86
N PHE D 98 50.05 30.94 -58.10
CA PHE D 98 50.39 30.60 -56.73
C PHE D 98 49.38 31.34 -55.83
N GLU D 99 48.45 30.59 -55.25
CA GLU D 99 47.37 31.14 -54.47
C GLU D 99 47.65 31.26 -52.95
N GLU D 100 47.38 32.44 -52.41
CA GLU D 100 47.24 32.66 -51.00
C GLU D 100 45.75 32.70 -50.65
N ALA D 101 45.37 32.01 -49.59
CA ALA D 101 44.00 31.99 -49.12
C ALA D 101 44.08 31.95 -47.58
N ASN D 102 44.08 33.15 -46.99
CA ASN D 102 44.35 33.38 -45.58
C ASN D 102 45.70 32.75 -45.29
N ASN D 103 45.81 31.75 -44.38
CA ASN D 103 47.11 31.12 -44.10
C ASN D 103 47.40 29.87 -44.92
N ALA D 104 46.46 29.46 -45.78
CA ALA D 104 46.69 28.37 -46.68
C ALA D 104 47.27 28.90 -47.97
N HIS D 105 47.99 28.02 -48.64
CA HIS D 105 48.58 28.26 -49.94
C HIS D 105 48.42 27.08 -50.86
N TYR D 106 48.20 27.38 -52.14
CA TYR D 106 47.95 26.35 -53.09
C TYR D 106 48.55 26.63 -54.42
N ASN D 107 48.80 25.56 -55.15
CA ASN D 107 49.20 25.62 -56.56
C ASN D 107 47.88 25.50 -57.32
N SER D 108 47.44 26.60 -57.92
CA SER D 108 46.07 26.71 -58.40
C SER D 108 45.95 27.08 -59.89
N ILE D 109 44.74 26.92 -60.42
CA ILE D 109 44.50 27.27 -61.80
C ILE D 109 43.06 27.79 -61.92
N ALA D 110 42.91 28.98 -62.50
CA ALA D 110 41.63 29.63 -62.75
C ALA D 110 41.24 29.42 -64.21
N ILE D 111 40.03 28.98 -64.45
CA ILE D 111 39.58 28.66 -65.79
C ILE D 111 38.78 29.82 -66.35
N ILE D 112 39.35 30.48 -67.35
CA ILE D 112 38.70 31.60 -68.00
C ILE D 112 38.01 31.14 -69.29
N ASP D 113 36.70 31.39 -69.38
CA ASP D 113 35.91 31.01 -70.51
C ASP D 113 36.10 31.99 -71.65
N ALA D 114 35.65 31.58 -72.85
CA ALA D 114 35.81 32.38 -74.08
C ALA D 114 35.11 33.74 -74.08
N ASP D 115 34.20 33.98 -73.14
CA ASP D 115 33.58 35.32 -72.99
C ASP D 115 34.29 36.17 -71.88
N GLY D 116 35.38 35.65 -71.35
CA GLY D 116 36.11 36.36 -70.26
C GLY D 116 35.69 35.95 -68.84
N THR D 117 34.65 35.17 -68.69
CA THR D 117 34.15 34.79 -67.38
C THR D 117 35.10 33.85 -66.60
N ASP D 118 35.32 34.19 -65.36
CA ASP D 118 36.13 33.34 -64.48
C ASP D 118 35.23 32.25 -63.98
N LEU D 119 35.41 31.03 -64.47
CA LEU D 119 34.52 29.94 -64.14
C LEU D 119 34.81 29.26 -62.77
N GLY D 120 35.96 29.57 -62.15
CA GLY D 120 36.34 28.98 -60.87
C GLY D 120 37.75 28.41 -60.89
N ILE D 121 38.13 27.76 -59.78
CA ILE D 121 39.48 27.21 -59.65
C ILE D 121 39.56 25.75 -59.31
N TYR D 122 40.69 25.18 -59.64
CA TYR D 122 41.08 23.86 -59.24
C TYR D 122 42.37 24.07 -58.46
N ARG D 123 42.51 23.38 -57.34
CA ARG D 123 43.73 23.43 -56.52
C ARG D 123 44.46 22.12 -56.62
N LYS D 124 45.75 22.19 -56.96
CA LYS D 124 46.56 21.03 -57.21
C LYS D 124 46.46 20.03 -56.05
N SER D 125 46.12 18.79 -56.38
CA SER D 125 45.86 17.75 -55.38
C SER D 125 47.07 16.94 -54.96
N HIS D 126 47.89 16.52 -55.92
CA HIS D 126 49.03 15.68 -55.64
C HIS D 126 50.26 16.61 -55.72
N ILE D 127 50.99 16.72 -54.63
CA ILE D 127 52.09 17.66 -54.50
C ILE D 127 53.45 16.93 -54.50
N PRO D 128 54.30 17.22 -55.49
CA PRO D 128 55.58 16.51 -55.55
C PRO D 128 56.57 17.00 -54.52
N ASP D 129 57.66 16.24 -54.36
CA ASP D 129 58.69 16.60 -53.44
C ASP D 129 60.05 16.03 -53.91
N GLY D 130 61.12 16.51 -53.32
CA GLY D 130 62.46 16.04 -53.61
C GLY D 130 63.31 17.12 -54.27
N PRO D 131 64.60 16.84 -54.43
CA PRO D 131 65.51 17.86 -54.94
C PRO D 131 65.06 18.43 -56.27
N GLY D 132 65.02 19.75 -56.34
CA GLY D 132 64.53 20.46 -57.52
C GLY D 132 63.06 20.79 -57.58
N TYR D 133 62.24 20.03 -56.84
CA TYR D 133 60.80 20.07 -56.96
C TYR D 133 60.16 20.04 -55.52
N GLU D 134 60.60 20.99 -54.69
CA GLU D 134 60.22 21.01 -53.28
C GLU D 134 58.83 21.67 -53.09
N GLU D 135 57.85 21.16 -53.81
CA GLU D 135 56.55 21.78 -53.79
C GLU D 135 55.82 21.57 -52.45
N LYS D 136 56.15 20.49 -51.74
CA LYS D 136 55.43 20.19 -50.51
C LYS D 136 55.71 21.21 -49.44
N PHE D 137 56.78 21.98 -49.61
CA PHE D 137 57.16 23.03 -48.67
C PHE D 137 56.27 24.25 -48.85
N TYR D 138 55.78 24.46 -50.08
CA TYR D 138 54.98 25.62 -50.43
C TYR D 138 53.46 25.44 -50.38
N PHE D 139 52.96 24.28 -50.78
CA PHE D 139 51.54 24.17 -51.04
C PHE D 139 50.83 23.18 -50.14
N ASN D 140 49.71 23.63 -49.55
CA ASN D 140 48.77 22.71 -48.94
C ASN D 140 48.31 21.78 -50.05
N PRO D 141 48.13 20.49 -49.76
CA PRO D 141 47.51 19.65 -50.77
C PRO D 141 46.10 20.19 -51.06
N GLY D 142 45.72 20.16 -52.32
CA GLY D 142 44.51 20.85 -52.74
C GLY D 142 43.27 20.26 -52.14
N ASP D 143 42.28 21.11 -51.95
CA ASP D 143 41.04 20.68 -51.32
C ASP D 143 39.78 20.98 -52.17
N THR D 144 39.93 21.33 -53.45
CA THR D 144 38.79 21.41 -54.33
C THR D 144 38.29 20.03 -54.82
N GLY D 145 39.16 19.04 -54.85
CA GLY D 145 38.90 17.79 -55.51
C GLY D 145 39.02 17.97 -57.04
N PHE D 146 38.87 16.90 -57.80
CA PHE D 146 39.00 16.97 -59.25
C PHE D 146 37.75 17.58 -59.82
N LYS D 147 37.95 18.51 -60.73
CA LYS D 147 36.84 19.30 -61.29
C LYS D 147 36.75 19.27 -62.81
N VAL D 148 35.54 19.53 -63.28
CA VAL D 148 35.27 19.76 -64.68
CA VAL D 148 35.27 19.72 -64.66
C VAL D 148 34.60 21.10 -64.83
N PHE D 149 34.86 21.75 -65.96
CA PHE D 149 34.35 23.06 -66.25
C PHE D 149 33.66 23.06 -67.60
N GLN D 150 32.42 23.55 -67.61
CA GLN D 150 31.66 23.73 -68.82
C GLN D 150 32.09 25.07 -69.48
N THR D 151 32.79 24.98 -70.58
CA THR D 151 33.20 26.19 -71.34
C THR D 151 32.31 26.31 -72.56
N LYS D 152 32.48 27.40 -73.30
CA LYS D 152 31.71 27.61 -74.52
C LYS D 152 31.93 26.49 -75.56
N TYR D 153 33.08 25.87 -75.55
CA TYR D 153 33.45 24.88 -76.57
C TYR D 153 33.38 23.43 -76.11
N ALA D 154 33.52 23.16 -74.81
CA ALA D 154 33.58 21.80 -74.31
C ALA D 154 33.57 21.79 -72.83
N LYS D 155 33.23 20.64 -72.29
CA LYS D 155 33.40 20.37 -70.91
C LYS D 155 34.83 19.88 -70.78
N ILE D 156 35.63 20.51 -69.94
CA ILE D 156 37.06 20.17 -69.85
C ILE D 156 37.48 19.86 -68.43
N GLY D 157 38.49 19.03 -68.31
CA GLY D 157 39.09 18.68 -67.06
C GLY D 157 40.53 19.23 -67.03
N VAL D 158 40.83 20.06 -66.03
CA VAL D 158 42.16 20.68 -65.89
C VAL D 158 42.76 20.24 -64.54
N ALA D 159 43.95 19.68 -64.60
CA ALA D 159 44.72 19.40 -63.39
C ALA D 159 46.10 19.97 -63.62
N ILE D 160 47.00 19.78 -62.67
CA ILE D 160 48.25 20.52 -62.67
C ILE D 160 49.44 19.60 -62.41
N CYS D 161 50.41 19.73 -63.31
CA CYS D 161 51.70 19.07 -63.32
C CYS D 161 51.68 17.66 -62.68
N TRP D 162 52.19 17.51 -61.46
CA TRP D 162 52.32 16.21 -60.80
C TRP D 162 51.03 15.40 -60.82
N ASP D 163 49.89 16.09 -60.83
CA ASP D 163 48.60 15.39 -60.99
C ASP D 163 48.53 14.45 -62.22
N GLN D 164 49.31 14.78 -63.27
CA GLN D 164 49.31 14.05 -64.51
C GLN D 164 49.88 12.60 -64.38
N TRP D 165 50.57 12.30 -63.29
CA TRP D 165 51.07 10.96 -63.03
C TRP D 165 50.00 10.00 -62.48
N PHE D 166 48.81 10.52 -62.08
CA PHE D 166 47.81 9.79 -61.31
C PHE D 166 46.63 9.41 -62.12
N PRO D 167 46.50 8.10 -62.47
CA PRO D 167 45.33 7.69 -63.26
C PRO D 167 44.01 8.05 -62.57
N GLU D 168 44.03 8.11 -61.23
CA GLU D 168 42.84 8.51 -60.50
C GLU D 168 42.32 9.88 -60.89
N ALA D 169 43.22 10.84 -61.15
CA ALA D 169 42.81 12.18 -61.46
C ALA D 169 42.13 12.24 -62.82
N ALA D 170 42.72 11.54 -63.77
CA ALA D 170 42.17 11.51 -65.15
C ALA D 170 40.80 10.82 -65.18
N ARG D 171 40.71 9.69 -64.50
CA ARG D 171 39.44 8.97 -64.39
C ARG D 171 38.37 9.82 -63.69
N ALA D 172 38.74 10.50 -62.62
CA ALA D 172 37.81 11.31 -61.87
C ALA D 172 37.21 12.40 -62.74
N MET D 173 38.03 13.02 -63.57
CA MET D 173 37.57 14.06 -64.47
C MET D 173 36.72 13.49 -65.59
N ALA D 174 37.17 12.39 -66.19
CA ALA D 174 36.37 11.73 -67.23
C ALA D 174 35.00 11.27 -66.72
N LEU D 175 34.92 10.76 -65.48
CA LEU D 175 33.64 10.24 -64.94
C LEU D 175 32.65 11.36 -64.79
N GLN D 176 33.17 12.58 -64.56
CA GLN D 176 32.33 13.75 -64.44
C GLN D 176 32.05 14.43 -65.79
N GLY D 177 32.41 13.79 -66.89
CA GLY D 177 32.08 14.32 -68.22
C GLY D 177 33.13 15.15 -68.92
N ALA D 178 34.37 15.15 -68.44
CA ALA D 178 35.46 15.86 -69.15
C ALA D 178 35.62 15.28 -70.57
N GLU D 179 35.66 16.17 -71.55
CA GLU D 179 35.79 15.79 -72.96
C GLU D 179 37.25 15.91 -73.46
N ILE D 180 38.06 16.66 -72.74
CA ILE D 180 39.46 16.86 -73.03
C ILE D 180 40.14 17.14 -71.71
N LEU D 181 41.32 16.58 -71.52
CA LEU D 181 42.14 16.79 -70.33
C LEU D 181 43.31 17.72 -70.61
N PHE D 182 43.63 18.61 -69.66
CA PHE D 182 44.71 19.57 -69.79
C PHE D 182 45.62 19.51 -68.58
N TYR D 183 46.92 19.48 -68.81
CA TYR D 183 47.90 19.50 -67.74
C TYR D 183 49.09 20.49 -67.96
N PRO D 184 49.00 21.70 -67.38
CA PRO D 184 50.18 22.63 -67.37
C PRO D 184 51.25 22.01 -66.50
N THR D 185 52.50 22.08 -66.94
CA THR D 185 53.60 21.29 -66.41
C THR D 185 54.88 22.11 -66.26
N ALA D 186 55.73 21.70 -65.33
CA ALA D 186 57.10 22.19 -65.26
C ALA D 186 57.95 20.99 -64.86
N ILE D 187 58.55 20.32 -65.80
CA ILE D 187 59.38 19.15 -65.50
C ILE D 187 60.60 19.12 -66.40
N GLY D 188 61.72 18.70 -65.81
CA GLY D 188 62.98 18.66 -66.47
C GLY D 188 63.92 17.69 -65.80
N SER D 189 65.19 18.02 -65.86
CA SER D 189 66.24 17.30 -65.15
C SER D 189 66.03 17.47 -63.64
N GLU D 190 66.75 16.65 -62.88
CA GLU D 190 66.73 16.71 -61.42
C GLU D 190 68.16 17.00 -60.96
N PRO D 191 68.32 18.03 -60.11
CA PRO D 191 69.65 18.57 -59.81
C PRO D 191 70.54 17.70 -58.99
N HIS D 192 70.00 16.70 -58.33
CA HIS D 192 70.82 15.81 -57.50
C HIS D 192 71.28 14.55 -58.25
N ASP D 193 70.77 14.33 -59.47
CA ASP D 193 71.14 13.12 -60.24
C ASP D 193 70.95 13.37 -61.73
N GLN D 194 72.06 13.63 -62.41
CA GLN D 194 72.03 13.97 -63.82
C GLN D 194 71.58 12.80 -64.72
N SER D 195 71.56 11.57 -64.20
CA SER D 195 71.13 10.40 -64.96
C SER D 195 69.61 10.21 -65.05
N ILE D 196 68.83 11.02 -64.36
CA ILE D 196 67.40 10.85 -64.44
C ILE D 196 66.92 11.60 -65.67
N ASP D 197 66.25 10.89 -66.58
CA ASP D 197 65.63 11.49 -67.74
C ASP D 197 64.23 10.91 -67.79
N SER D 198 63.27 11.67 -67.27
CA SER D 198 61.91 11.19 -67.13
C SER D 198 61.01 11.42 -68.33
N ARG D 199 61.50 12.03 -69.42
CA ARG D 199 60.57 12.48 -70.47
C ARG D 199 59.69 11.38 -71.13
N ASP D 200 60.26 10.21 -71.39
CA ASP D 200 59.51 9.12 -72.05
C ASP D 200 58.51 8.47 -71.09
N HIS D 201 58.92 8.31 -69.81
CA HIS D 201 58.05 7.82 -68.72
C HIS D 201 56.84 8.74 -68.55
N TRP D 202 57.10 10.04 -68.44
CA TRP D 202 56.09 11.11 -68.33
C TRP D 202 55.05 11.03 -69.47
N LYS D 203 55.52 10.96 -70.70
CA LYS D 203 54.59 10.82 -71.83
C LYS D 203 53.78 9.55 -71.76
N ARG D 204 54.45 8.41 -71.52
CA ARG D 204 53.77 7.11 -71.51
C ARG D 204 52.59 7.09 -70.50
N VAL D 205 52.81 7.66 -69.34
CA VAL D 205 51.78 7.66 -68.30
C VAL D 205 50.57 8.48 -68.74
N MET D 206 50.81 9.65 -69.34
CA MET D 206 49.68 10.46 -69.82
C MET D 206 48.97 9.82 -71.05
N GLN D 207 49.73 9.23 -71.94
CA GLN D 207 49.14 8.53 -73.09
C GLN D 207 48.22 7.43 -72.59
N GLY D 208 48.62 6.79 -71.49
CA GLY D 208 47.78 5.81 -70.78
C GLY D 208 46.44 6.35 -70.33
N HIS D 209 46.42 7.54 -69.74
CA HIS D 209 45.21 8.16 -69.32
C HIS D 209 44.29 8.49 -70.49
N ALA D 210 44.85 9.02 -71.57
CA ALA D 210 44.07 9.37 -72.74
C ALA D 210 43.42 8.09 -73.32
N GLY D 211 44.19 7.01 -73.39
CA GLY D 211 43.69 5.78 -73.94
C GLY D 211 42.69 5.06 -73.06
N ALA D 212 42.85 5.17 -71.75
CA ALA D 212 42.02 4.45 -70.81
C ALA D 212 40.68 5.12 -70.65
N ASN D 213 40.62 6.41 -70.85
CA ASN D 213 39.38 7.18 -70.74
C ASN D 213 38.78 7.57 -72.08
N LEU D 214 39.54 7.34 -73.15
CA LEU D 214 39.17 7.72 -74.53
C LEU D 214 38.79 9.19 -74.60
N VAL D 215 39.72 10.00 -74.14
CA VAL D 215 39.60 11.47 -74.26
C VAL D 215 40.97 12.04 -74.69
N PRO D 216 40.95 13.11 -75.51
CA PRO D 216 42.19 13.78 -75.84
C PRO D 216 42.83 14.43 -74.62
N LEU D 217 44.14 14.66 -74.73
CA LEU D 217 44.93 15.18 -73.62
C LEU D 217 45.99 16.14 -74.13
N VAL D 218 46.14 17.26 -73.41
CA VAL D 218 47.05 18.33 -73.75
C VAL D 218 47.96 18.58 -72.57
N ALA D 219 49.27 18.56 -72.80
CA ALA D 219 50.30 18.85 -71.82
C ALA D 219 51.22 19.97 -72.36
N SER D 220 51.34 21.05 -71.59
CA SER D 220 52.19 22.19 -71.90
C SER D 220 53.28 22.26 -70.85
N ASN D 221 54.53 22.19 -71.29
CA ASN D 221 55.69 22.14 -70.40
C ASN D 221 56.70 23.22 -70.78
N ARG D 222 57.43 23.64 -69.77
CA ARG D 222 58.47 24.64 -69.85
C ARG D 222 59.72 24.17 -70.63
N ILE D 223 60.49 25.13 -71.18
CA ILE D 223 61.82 24.91 -71.74
C ILE D 223 62.79 25.85 -71.06
N GLY D 224 64.09 25.57 -71.28
CA GLY D 224 65.20 26.42 -70.85
C GLY D 224 65.84 25.98 -69.57
N ASN D 225 67.05 26.48 -69.33
CA ASN D 225 67.75 26.29 -68.09
C ASN D 225 67.40 27.36 -67.09
N GLU D 226 67.20 26.97 -65.84
CA GLU D 226 66.88 27.93 -64.75
C GLU D 226 67.78 27.65 -63.55
N ILE D 227 68.43 28.69 -63.04
CA ILE D 227 69.30 28.58 -61.86
C ILE D 227 68.60 29.30 -60.75
N ILE D 228 68.40 28.62 -59.63
CA ILE D 228 67.76 29.22 -58.45
C ILE D 228 68.77 29.28 -57.33
N GLU D 229 68.81 30.43 -56.62
CA GLU D 229 69.66 30.58 -55.44
C GLU D 229 68.88 29.97 -54.27
N THR D 230 69.26 28.77 -53.83
CA THR D 230 68.59 28.09 -52.73
C THR D 230 69.33 28.41 -51.45
N GLU D 231 68.67 28.02 -50.35
CA GLU D 231 69.22 28.09 -48.99
C GLU D 231 70.53 27.28 -48.86
N HIS D 232 70.84 26.39 -49.81
CA HIS D 232 72.13 25.66 -49.80
C HIS D 232 73.01 25.96 -51.03
N GLY D 233 72.70 27.03 -51.79
CA GLY D 233 73.54 27.39 -52.97
C GLY D 233 72.76 27.26 -54.27
N LYS D 234 73.43 27.45 -55.39
CA LYS D 234 72.78 27.37 -56.68
C LYS D 234 72.25 25.96 -56.99
N SER D 235 71.10 25.89 -57.63
CA SER D 235 70.52 24.67 -58.09
C SER D 235 70.01 24.94 -59.49
N GLU D 236 70.24 24.01 -60.41
CA GLU D 236 69.88 24.22 -61.79
C GLU D 236 69.00 23.12 -62.35
N ILE D 237 67.94 23.49 -63.06
CA ILE D 237 67.15 22.53 -63.84
C ILE D 237 67.18 22.91 -65.33
N LYS D 238 67.32 21.93 -66.20
CA LYS D 238 67.06 22.11 -67.62
C LYS D 238 65.67 21.52 -67.90
N PHE D 239 64.70 22.37 -68.19
CA PHE D 239 63.32 21.93 -68.49
C PHE D 239 63.29 21.33 -69.88
N TYR D 240 62.56 20.22 -70.05
CA TYR D 240 62.75 19.46 -71.30
C TYR D 240 61.64 19.56 -72.33
N GLY D 241 60.75 20.52 -72.18
CA GLY D 241 59.79 20.71 -73.22
C GLY D 241 59.00 19.44 -73.46
N ASN D 242 58.96 19.01 -74.70
CA ASN D 242 58.15 17.82 -75.04
C ASN D 242 56.65 18.01 -74.80
N SER D 243 56.19 19.27 -74.87
CA SER D 243 54.76 19.58 -74.85
C SER D 243 54.11 18.75 -75.95
N PHE D 244 52.89 18.26 -75.71
CA PHE D 244 52.25 17.44 -76.72
C PHE D 244 50.74 17.42 -76.60
N ILE D 245 50.10 16.89 -77.64
CA ILE D 245 48.67 16.68 -77.68
C ILE D 245 48.46 15.22 -78.09
N ALA D 246 47.72 14.46 -77.26
CA ALA D 246 47.39 13.04 -77.53
C ALA D 246 45.89 12.89 -77.84
N GLY D 247 45.60 11.95 -78.73
CA GLY D 247 44.24 11.64 -79.14
C GLY D 247 43.64 10.60 -78.19
N PRO D 248 42.40 10.20 -78.45
CA PRO D 248 41.68 9.37 -77.49
C PRO D 248 42.13 7.91 -77.43
N THR D 249 43.08 7.50 -78.28
CA THR D 249 43.69 6.18 -78.12
C THR D 249 45.10 6.30 -77.52
N GLY D 250 45.48 7.51 -77.10
CA GLY D 250 46.79 7.76 -76.57
C GLY D 250 47.87 8.10 -77.61
N GLU D 251 47.51 8.13 -78.89
CA GLU D 251 48.46 8.46 -79.97
C GLU D 251 48.85 9.95 -79.89
N ILE D 252 50.15 10.23 -80.00
CA ILE D 252 50.61 11.59 -80.02
C ILE D 252 50.24 12.19 -81.35
N VAL D 253 49.45 13.24 -81.37
CA VAL D 253 49.11 13.87 -82.66
C VAL D 253 49.99 15.07 -82.95
N SER D 254 50.54 15.68 -81.91
CA SER D 254 51.44 16.78 -82.15
C SER D 254 52.39 16.84 -80.98
N ILE D 255 53.67 17.07 -81.25
CA ILE D 255 54.65 17.15 -80.17
C ILE D 255 55.76 18.17 -80.44
N ALA D 256 56.25 18.82 -79.38
CA ALA D 256 57.37 19.77 -79.46
C ALA D 256 58.69 19.07 -79.05
N ASP D 257 59.81 19.66 -79.38
CA ASP D 257 61.09 19.09 -78.99
C ASP D 257 61.45 19.67 -77.63
N ASP D 258 62.69 19.46 -77.20
CA ASP D 258 63.10 19.85 -75.83
C ASP D 258 63.73 21.21 -75.66
N LYS D 259 63.74 22.05 -76.70
CA LYS D 259 64.39 23.37 -76.61
C LYS D 259 63.70 24.53 -77.37
N GLU D 260 62.78 24.21 -78.30
CA GLU D 260 62.08 25.19 -79.12
C GLU D 260 60.86 25.78 -78.41
N GLU D 261 60.65 27.06 -78.61
CA GLU D 261 59.36 27.67 -78.33
C GLU D 261 58.37 27.04 -79.32
N ALA D 262 57.15 26.71 -78.89
CA ALA D 262 56.21 26.04 -79.78
C ALA D 262 54.77 26.41 -79.52
N VAL D 263 53.99 26.36 -80.58
CA VAL D 263 52.56 26.50 -80.52
C VAL D 263 52.02 25.25 -81.21
N LEU D 264 51.47 24.32 -80.46
CA LEU D 264 50.93 23.09 -81.04
C LEU D 264 49.43 23.23 -81.20
N ILE D 265 48.88 22.57 -82.22
CA ILE D 265 47.48 22.74 -82.61
C ILE D 265 46.89 21.43 -83.03
N ALA D 266 45.67 21.12 -82.57
CA ALA D 266 44.97 19.91 -83.03
C ALA D 266 43.47 20.11 -82.93
N GLU D 267 42.76 19.63 -83.92
CA GLU D 267 41.34 19.68 -83.93
C GLU D 267 40.77 18.30 -83.54
N PHE D 268 39.73 18.30 -82.69
CA PHE D 268 39.05 17.06 -82.25
C PHE D 268 37.54 17.19 -82.48
N ASN D 269 36.94 16.12 -83.00
CA ASN D 269 35.50 16.03 -83.18
C ASN D 269 34.93 15.39 -81.91
N LEU D 270 34.43 16.20 -81.01
CA LEU D 270 33.96 15.72 -79.73
C LEU D 270 32.75 14.84 -79.79
N ASP D 271 31.89 15.00 -80.79
CA ASP D 271 30.76 14.08 -80.94
C ASP D 271 31.24 12.68 -81.36
N LYS D 272 32.15 12.62 -82.31
CA LYS D 272 32.66 11.33 -82.72
C LYS D 272 33.47 10.65 -81.63
N ILE D 273 34.26 11.42 -80.91
CA ILE D 273 35.04 10.83 -79.85
C ILE D 273 34.14 10.30 -78.72
N LYS D 274 33.10 11.05 -78.36
CA LYS D 274 32.11 10.60 -77.38
C LYS D 274 31.51 9.24 -77.81
N SER D 275 31.12 9.12 -79.08
CA SER D 275 30.53 7.92 -79.59
C SER D 275 31.54 6.74 -79.51
N MET D 276 32.81 7.00 -79.84
CA MET D 276 33.87 5.99 -79.73
C MET D 276 34.09 5.55 -78.26
N ARG D 277 34.15 6.54 -77.36
CA ARG D 277 34.37 6.28 -75.96
C ARG D 277 33.28 5.35 -75.39
N HIS D 278 32.03 5.66 -75.71
CA HIS D 278 30.92 4.88 -75.22
C HIS D 278 30.92 3.47 -75.84
N CYS D 279 31.18 3.33 -77.14
CA CYS D 279 31.13 2.03 -77.78
CA CYS D 279 31.07 1.99 -77.72
C CYS D 279 32.24 1.09 -77.31
N TRP D 280 33.41 1.67 -76.96
CA TRP D 280 34.54 0.82 -76.53
C TRP D 280 34.14 0.10 -75.22
N GLY D 281 33.36 0.77 -74.39
CA GLY D 281 32.63 0.13 -73.31
C GLY D 281 33.26 0.16 -71.95
N VAL D 282 34.46 0.74 -71.82
CA VAL D 282 35.12 0.74 -70.52
C VAL D 282 34.25 1.34 -69.42
N PHE D 283 33.56 2.45 -69.69
CA PHE D 283 32.71 3.06 -68.67
C PHE D 283 31.44 2.27 -68.33
N ARG D 284 31.01 1.43 -69.27
CA ARG D 284 29.92 0.52 -69.06
C ARG D 284 30.35 -0.65 -68.11
N ASP D 285 31.64 -0.95 -68.09
CA ASP D 285 32.13 -2.20 -67.54
C ASP D 285 32.87 -2.03 -66.22
N ARG D 286 33.03 -0.76 -65.76
CA ARG D 286 33.73 -0.46 -64.53
C ARG D 286 33.01 -1.11 -63.32
N ARG D 287 33.82 -1.42 -62.31
CA ARG D 287 33.40 -2.14 -61.15
C ARG D 287 33.69 -1.37 -59.88
N PRO D 288 32.99 -0.26 -59.66
CA PRO D 288 33.25 0.49 -58.46
C PRO D 288 33.02 -0.31 -57.16
N ASP D 289 32.15 -1.32 -57.19
CA ASP D 289 32.00 -2.20 -56.02
C ASP D 289 33.31 -2.92 -55.58
N LEU D 290 34.29 -3.01 -56.49
CA LEU D 290 35.57 -3.67 -56.23
C LEU D 290 36.72 -2.67 -56.07
N TYR D 291 36.40 -1.36 -56.07
CA TYR D 291 37.48 -0.32 -56.08
C TYR D 291 37.71 0.30 -54.69
N LYS D 292 37.12 -0.23 -53.64
CA LYS D 292 37.28 0.39 -52.34
C LYS D 292 38.76 0.42 -51.90
N VAL D 293 39.59 -0.53 -52.36
CA VAL D 293 41.04 -0.50 -52.01
C VAL D 293 41.74 0.80 -52.53
N LEU D 294 41.16 1.45 -53.55
CA LEU D 294 41.69 2.71 -54.03
C LEU D 294 41.56 3.85 -53.01
N LEU D 295 40.69 3.68 -52.00
CA LEU D 295 40.54 4.67 -50.94
C LEU D 295 41.47 4.36 -49.76
N THR D 296 42.42 3.47 -49.98
CA THR D 296 43.47 3.23 -49.01
C THR D 296 44.79 3.80 -49.60
N LEU D 297 45.76 4.02 -48.73
CA LEU D 297 47.19 4.26 -49.14
C LEU D 297 48.02 2.96 -49.12
N ASP D 298 47.73 2.11 -48.14
CA ASP D 298 48.55 0.94 -47.83
C ASP D 298 47.97 -0.37 -48.31
N GLY D 299 46.90 -0.30 -49.07
CA GLY D 299 46.29 -1.52 -49.61
C GLY D 299 45.38 -2.27 -48.66
N LYS D 300 45.19 -1.74 -47.45
CA LYS D 300 44.44 -2.38 -46.41
C LYS D 300 43.48 -1.40 -45.62
N ASN D 301 43.93 -0.22 -45.19
CA ASN D 301 43.14 0.60 -44.28
C ASN D 301 42.49 1.74 -44.98
N PRO D 302 41.16 1.78 -45.01
CA PRO D 302 40.52 2.92 -45.69
C PRO D 302 40.91 4.24 -45.01
N VAL D 303 41.21 5.28 -45.77
CA VAL D 303 41.57 6.54 -45.06
C VAL D 303 40.30 7.16 -44.49
N LEU D 304 40.48 8.00 -43.46
CA LEU D 304 39.37 8.70 -42.81
C LEU D 304 38.87 9.81 -43.73
N LYS E 8 44.93 9.82 -2.04
CA LYS E 8 43.83 8.86 -2.39
C LYS E 8 43.54 8.99 -3.88
N GLY E 9 43.50 7.84 -4.60
CA GLY E 9 43.26 7.81 -6.06
C GLY E 9 44.36 7.11 -6.88
N ARG E 10 44.01 6.67 -8.07
CA ARG E 10 44.97 6.05 -9.00
C ARG E 10 46.15 6.94 -9.30
N LYS E 11 47.35 6.46 -8.97
CA LYS E 11 48.59 7.17 -9.24
C LYS E 11 49.33 6.52 -10.39
N VAL E 12 49.99 7.31 -11.20
CA VAL E 12 50.82 6.77 -12.26
C VAL E 12 52.09 7.58 -12.33
N VAL E 13 53.19 6.89 -12.44
CA VAL E 13 54.48 7.54 -12.54
C VAL E 13 54.85 7.46 -14.01
N VAL E 14 55.14 8.62 -14.61
CA VAL E 14 55.57 8.68 -16.00
C VAL E 14 57.01 9.15 -16.13
N SER E 15 57.62 8.88 -17.29
CA SER E 15 59.01 9.21 -17.49
C SER E 15 59.31 9.62 -18.89
N ALA E 16 60.15 10.65 -19.02
CA ALA E 16 60.72 11.08 -20.28
C ALA E 16 62.20 10.74 -20.26
N LEU E 17 62.68 10.17 -21.37
CA LEU E 17 64.04 9.85 -21.59
C LEU E 17 64.64 10.80 -22.64
N GLN E 18 65.94 11.04 -22.52
CA GLN E 18 66.66 11.97 -23.37
C GLN E 18 68.05 11.41 -23.58
N PHE E 19 68.42 11.11 -24.84
CA PHE E 19 69.74 10.51 -25.14
C PHE E 19 70.20 10.78 -26.56
N ALA E 20 71.47 10.45 -26.79
CA ALA E 20 72.10 10.63 -28.07
C ALA E 20 72.07 9.33 -28.84
N CYS E 21 72.05 9.44 -30.16
CA CYS E 21 71.94 8.27 -31.06
C CYS E 21 73.13 8.20 -31.99
N THR E 22 73.55 6.97 -32.30
CA THR E 22 74.45 6.71 -33.41
C THR E 22 73.55 6.27 -34.58
N ASP E 23 74.12 5.75 -35.64
CA ASP E 23 73.28 5.25 -36.71
C ASP E 23 73.26 3.73 -36.75
N ASP E 24 73.57 3.12 -35.60
CA ASP E 24 73.56 1.65 -35.44
CA ASP E 24 73.58 1.67 -35.44
C ASP E 24 72.38 1.26 -34.53
N VAL E 25 71.44 0.53 -35.09
CA VAL E 25 70.23 0.17 -34.37
C VAL E 25 70.51 -0.54 -33.06
N SER E 26 71.43 -1.50 -33.07
CA SER E 26 71.69 -2.30 -31.90
C SER E 26 72.20 -1.44 -30.76
N THR E 27 73.09 -0.52 -31.08
CA THR E 27 73.58 0.42 -30.07
C THR E 27 72.43 1.25 -29.45
N ASN E 28 71.56 1.77 -30.31
CA ASN E 28 70.51 2.64 -29.86
C ASN E 28 69.43 1.94 -29.07
N VAL E 29 69.06 0.73 -29.49
CA VAL E 29 68.10 -0.05 -28.73
C VAL E 29 68.73 -0.40 -27.35
N THR E 30 70.02 -0.69 -27.31
CA THR E 30 70.72 -0.95 -26.05
C THR E 30 70.66 0.29 -25.15
N THR E 31 70.87 1.48 -25.72
CA THR E 31 70.79 2.71 -24.97
C THR E 31 69.36 2.89 -24.41
N ALA E 32 68.36 2.66 -25.24
CA ALA E 32 66.97 2.83 -24.81
C ALA E 32 66.66 1.85 -23.65
N GLU E 33 67.11 0.61 -23.75
CA GLU E 33 66.86 -0.38 -22.71
C GLU E 33 67.48 0.00 -21.37
N ARG E 34 68.71 0.50 -21.41
CA ARG E 34 69.42 0.91 -20.22
C ARG E 34 68.64 2.00 -19.49
N LEU E 35 68.12 2.95 -20.24
CA LEU E 35 67.43 4.08 -19.68
C LEU E 35 66.01 3.72 -19.25
N VAL E 36 65.33 2.82 -19.98
CA VAL E 36 64.00 2.32 -19.51
C VAL E 36 64.18 1.60 -18.17
N ARG E 37 65.25 0.82 -18.06
CA ARG E 37 65.50 0.11 -16.80
C ARG E 37 65.74 1.11 -15.68
N ALA E 38 66.46 2.19 -16.00
CA ALA E 38 66.77 3.19 -15.00
C ALA E 38 65.49 3.93 -14.57
N ALA E 39 64.58 4.18 -15.51
CA ALA E 39 63.32 4.83 -15.18
C ALA E 39 62.48 3.93 -14.29
N HIS E 40 62.43 2.64 -14.66
CA HIS E 40 61.69 1.65 -13.88
C HIS E 40 62.22 1.55 -12.47
N LYS E 41 63.54 1.60 -12.33
CA LYS E 41 64.13 1.54 -11.01
C LYS E 41 63.70 2.73 -10.13
N GLN E 42 63.52 3.88 -10.74
CA GLN E 42 62.99 5.04 -10.04
C GLN E 42 61.43 5.07 -9.94
N GLY E 43 60.77 3.97 -10.28
CA GLY E 43 59.31 3.83 -10.09
C GLY E 43 58.45 4.06 -11.33
N ALA E 44 59.05 4.25 -12.50
CA ALA E 44 58.23 4.57 -13.70
C ALA E 44 57.30 3.44 -14.10
N ASN E 45 56.06 3.80 -14.45
CA ASN E 45 55.08 2.86 -14.99
C ASN E 45 54.93 2.98 -16.53
N ILE E 46 55.16 4.17 -17.08
CA ILE E 46 55.08 4.41 -18.48
C ILE E 46 56.33 5.21 -18.84
N VAL E 47 57.06 4.74 -19.84
CA VAL E 47 58.33 5.33 -20.19
C VAL E 47 58.32 5.74 -21.63
N LEU E 48 58.73 6.98 -21.90
CA LEU E 48 58.70 7.52 -23.24
C LEU E 48 60.10 7.74 -23.89
N ILE E 49 60.30 7.05 -25.02
CA ILE E 49 61.51 7.12 -25.82
C ILE E 49 61.26 8.07 -27.01
N GLN E 50 62.26 8.90 -27.28
CA GLN E 50 62.28 9.91 -28.35
C GLN E 50 62.04 9.35 -29.77
N GLU E 51 61.65 10.22 -30.67
CA GLU E 51 61.32 9.89 -32.06
C GLU E 51 62.46 9.28 -32.88
N LEU E 52 62.12 8.23 -33.63
CA LEU E 52 63.03 7.57 -34.60
C LEU E 52 64.41 7.23 -33.99
N PHE E 53 64.37 6.77 -32.75
CA PHE E 53 65.53 6.56 -31.92
C PHE E 53 66.42 5.46 -32.43
N GLU E 54 65.93 4.63 -33.33
CA GLU E 54 66.74 3.53 -33.87
C GLU E 54 67.97 3.95 -34.66
N GLY E 55 67.99 5.17 -35.15
CA GLY E 55 69.16 5.71 -35.82
C GLY E 55 69.26 7.23 -35.77
N TYR E 56 70.13 7.77 -36.62
CA TYR E 56 70.20 9.21 -36.83
C TYR E 56 68.87 9.73 -37.35
N TYR E 57 68.61 11.00 -37.08
CA TYR E 57 67.50 11.67 -37.67
C TYR E 57 67.87 11.92 -39.14
N PHE E 58 67.51 10.93 -39.96
CA PHE E 58 67.99 10.87 -41.34
C PHE E 58 67.27 11.84 -42.28
N CYS E 59 66.18 12.46 -41.81
CA CYS E 59 65.34 13.35 -42.62
C CYS E 59 65.99 14.65 -42.95
N GLN E 60 67.23 14.88 -42.50
CA GLN E 60 68.01 16.01 -43.07
C GLN E 60 68.22 15.85 -44.57
N ALA E 61 68.30 14.61 -45.06
CA ALA E 61 68.52 14.32 -46.46
C ALA E 61 67.21 13.91 -47.09
N GLN E 62 67.12 14.05 -48.42
CA GLN E 62 66.01 13.47 -49.16
C GLN E 62 66.62 12.43 -50.08
N ARG E 63 66.83 11.22 -49.56
CA ARG E 63 67.53 10.17 -50.27
C ARG E 63 66.73 8.91 -50.52
N GLU E 64 66.76 8.44 -51.77
CA GLU E 64 66.16 7.13 -52.18
C GLU E 64 66.51 5.99 -51.19
N ASP E 65 67.79 5.84 -50.89
CA ASP E 65 68.22 4.72 -50.05
C ASP E 65 67.69 4.84 -48.62
N PHE E 66 67.50 6.06 -48.11
CA PHE E 66 66.98 6.21 -46.74
C PHE E 66 65.49 5.79 -46.62
N ILE E 67 64.71 5.84 -47.69
CA ILE E 67 63.34 5.38 -47.62
C ILE E 67 63.34 3.86 -47.26
N GLN E 68 64.34 3.13 -47.72
CA GLN E 68 64.41 1.70 -47.46
C GLN E 68 64.86 1.37 -46.03
N ARG E 69 64.98 2.36 -45.15
CA ARG E 69 65.15 2.07 -43.71
C ARG E 69 63.82 1.59 -43.10
N ALA E 70 62.70 1.85 -43.77
CA ALA E 70 61.40 1.47 -43.23
C ALA E 70 61.26 -0.07 -43.12
N LYS E 71 60.42 -0.54 -42.21
CA LYS E 71 60.15 -1.97 -42.03
C LYS E 71 58.70 -2.18 -41.71
N PRO E 72 58.17 -3.34 -42.02
CA PRO E 72 56.77 -3.51 -41.69
C PRO E 72 56.52 -3.44 -40.18
N TYR E 73 55.31 -3.05 -39.82
CA TYR E 73 54.82 -3.12 -38.42
C TYR E 73 54.86 -4.60 -37.94
N LYS E 74 54.43 -5.51 -38.78
CA LYS E 74 54.41 -6.93 -38.43
C LYS E 74 55.81 -7.52 -38.22
N ASP E 75 56.00 -8.13 -37.06
CA ASP E 75 57.23 -8.84 -36.66
C ASP E 75 58.43 -7.92 -36.73
N HIS E 76 58.29 -6.73 -36.17
CA HIS E 76 59.33 -5.75 -36.23
C HIS E 76 60.34 -6.07 -35.15
N PRO E 77 61.63 -6.20 -35.51
CA PRO E 77 62.56 -6.70 -34.49
C PRO E 77 62.74 -5.75 -33.30
N THR E 78 62.64 -4.45 -33.50
CA THR E 78 62.75 -3.51 -32.37
C THR E 78 61.48 -3.54 -31.46
N ILE E 79 60.29 -3.58 -32.05
CA ILE E 79 59.07 -3.67 -31.25
C ILE E 79 59.10 -4.97 -30.44
N MET E 80 59.46 -6.08 -31.10
CA MET E 80 59.48 -7.40 -30.47
C MET E 80 60.44 -7.43 -29.30
N ARG E 81 61.60 -6.84 -29.51
CA ARG E 81 62.60 -6.81 -28.43
C ARG E 81 62.07 -5.98 -27.24
N LEU E 82 61.46 -4.83 -27.52
CA LEU E 82 60.94 -3.99 -26.43
C LEU E 82 59.67 -4.52 -25.78
N GLN E 83 58.93 -5.37 -26.47
CA GLN E 83 57.80 -6.08 -25.85
C GLN E 83 58.28 -6.98 -24.71
N LYS E 84 59.44 -7.62 -24.87
CA LYS E 84 60.01 -8.47 -23.81
C LYS E 84 60.36 -7.65 -22.58
N LEU E 85 61.00 -6.51 -22.80
CA LEU E 85 61.35 -5.59 -21.74
C LEU E 85 60.09 -5.04 -21.03
N ALA E 86 59.08 -4.66 -21.81
CA ALA E 86 57.83 -4.18 -21.23
C ALA E 86 57.26 -5.22 -20.26
N LYS E 87 57.21 -6.46 -20.73
CA LYS E 87 56.65 -7.57 -19.97
C LYS E 87 57.50 -7.88 -18.74
N GLU E 88 58.81 -7.93 -18.91
CA GLU E 88 59.74 -8.17 -17.78
C GLU E 88 59.54 -7.14 -16.65
N LEU E 89 59.50 -5.88 -17.01
CA LEU E 89 59.43 -4.80 -16.04
C LEU E 89 58.02 -4.35 -15.62
N GLY E 90 56.98 -4.69 -16.38
CA GLY E 90 55.63 -4.18 -16.06
C GLY E 90 55.51 -2.68 -16.39
N VAL E 91 56.10 -2.27 -17.52
CA VAL E 91 56.02 -0.86 -17.94
CA VAL E 91 56.11 -0.88 -17.96
C VAL E 91 55.47 -0.74 -19.36
N VAL E 92 54.74 0.37 -19.58
CA VAL E 92 54.18 0.70 -20.88
C VAL E 92 55.26 1.44 -21.67
N ILE E 93 55.49 0.99 -22.90
CA ILE E 93 56.55 1.53 -23.76
C ILE E 93 56.01 1.81 -25.19
N PRO E 94 55.76 3.08 -25.53
CA PRO E 94 55.48 3.46 -26.91
C PRO E 94 56.75 3.39 -27.76
N VAL E 95 56.72 2.70 -28.89
CA VAL E 95 57.92 2.47 -29.70
C VAL E 95 57.80 3.19 -31.04
N SER E 96 58.54 4.28 -31.21
CA SER E 96 58.59 5.02 -32.47
C SER E 96 59.39 4.23 -33.55
N PHE E 97 58.87 4.14 -34.78
CA PHE E 97 59.59 3.43 -35.87
C PHE E 97 59.14 3.92 -37.25
N PHE E 98 59.96 3.67 -38.27
CA PHE E 98 59.68 4.00 -39.64
C PHE E 98 59.01 2.79 -40.26
N GLU E 99 57.73 2.97 -40.59
CA GLU E 99 56.86 1.92 -41.05
C GLU E 99 56.75 1.85 -42.58
N GLU E 100 56.95 0.64 -43.12
CA GLU E 100 56.61 0.28 -44.49
C GLU E 100 55.29 -0.49 -44.48
N ALA E 101 54.35 -0.12 -45.35
CA ALA E 101 53.06 -0.79 -45.48
C ALA E 101 52.70 -0.85 -46.97
N ASN E 102 53.19 -1.91 -47.61
CA ASN E 102 53.17 -2.09 -49.05
C ASN E 102 53.89 -0.90 -49.62
N ASN E 103 53.26 -0.04 -50.41
CA ASN E 103 53.96 1.11 -51.01
C ASN E 103 53.79 2.38 -50.19
N ALA E 104 52.98 2.32 -49.14
CA ALA E 104 52.88 3.45 -48.20
C ALA E 104 54.01 3.40 -47.15
N HIS E 105 54.38 4.57 -46.61
CA HIS E 105 55.36 4.67 -45.58
C HIS E 105 54.85 5.68 -44.56
N TYR E 106 55.12 5.42 -43.29
CA TYR E 106 54.64 6.29 -42.24
C TYR E 106 55.66 6.42 -41.13
N ASN E 107 55.56 7.52 -40.40
CA ASN E 107 56.27 7.73 -39.17
C ASN E 107 55.27 7.26 -38.06
N SER E 108 55.56 6.11 -37.46
CA SER E 108 54.57 5.42 -36.63
C SER E 108 55.04 5.09 -35.22
N ILE E 109 54.10 4.66 -34.39
CA ILE E 109 54.42 4.33 -33.01
C ILE E 109 53.50 3.23 -32.56
N ALA E 110 54.09 2.15 -32.01
CA ALA E 110 53.35 1.03 -31.52
C ALA E 110 53.30 1.12 -29.99
N ILE E 111 52.13 0.94 -29.42
CA ILE E 111 51.97 1.13 -27.96
C ILE E 111 52.03 -0.25 -27.30
N ILE E 112 53.12 -0.49 -26.58
CA ILE E 112 53.29 -1.74 -25.86
C ILE E 112 52.81 -1.61 -24.44
N ASP E 113 51.87 -2.47 -24.05
CA ASP E 113 51.28 -2.43 -22.72
C ASP E 113 52.24 -3.12 -21.72
N ALA E 114 51.95 -2.94 -20.42
CA ALA E 114 52.79 -3.45 -19.35
C ALA E 114 52.84 -4.97 -19.24
N ASP E 115 51.97 -5.68 -19.96
CA ASP E 115 52.02 -7.16 -20.03
C ASP E 115 52.74 -7.63 -21.29
N GLY E 116 53.28 -6.69 -22.05
CA GLY E 116 53.95 -6.99 -23.31
C GLY E 116 53.06 -6.95 -24.55
N THR E 117 51.76 -6.75 -24.38
CA THR E 117 50.81 -6.74 -25.48
C THR E 117 50.96 -5.50 -26.40
N ASP E 118 51.07 -5.77 -27.69
CA ASP E 118 51.08 -4.74 -28.72
C ASP E 118 49.65 -4.25 -28.85
N LEU E 119 49.35 -3.09 -28.33
CA LEU E 119 47.97 -2.58 -28.36
C LEU E 119 47.57 -1.93 -29.71
N GLY E 120 48.52 -1.67 -30.59
CA GLY E 120 48.22 -1.09 -31.92
C GLY E 120 49.11 0.08 -32.23
N ILE E 121 48.81 0.77 -33.35
CA ILE E 121 49.65 1.86 -33.81
C ILE E 121 48.95 3.15 -34.07
N TYR E 122 49.72 4.22 -33.99
CA TYR E 122 49.30 5.54 -34.43
C TYR E 122 50.31 5.96 -35.51
N ARG E 123 49.79 6.57 -36.57
CA ARG E 123 50.62 7.03 -37.70
C ARG E 123 50.63 8.55 -37.68
N LYS E 124 51.79 9.15 -37.61
CA LYS E 124 51.94 10.60 -37.52
C LYS E 124 51.10 11.33 -38.58
N SER E 125 50.33 12.32 -38.12
CA SER E 125 49.33 12.96 -38.92
C SER E 125 49.85 14.21 -39.61
N HIS E 126 50.61 15.01 -38.87
CA HIS E 126 51.12 16.25 -39.35
C HIS E 126 52.61 16.08 -39.66
N ILE E 127 53.00 16.26 -40.92
CA ILE E 127 54.35 15.98 -41.37
C ILE E 127 55.13 17.28 -41.65
N PRO E 128 56.21 17.49 -40.93
CA PRO E 128 57.00 18.72 -41.12
C PRO E 128 57.84 18.71 -42.43
N ASP E 129 58.36 19.87 -42.79
CA ASP E 129 59.14 20.02 -43.98
C ASP E 129 60.08 21.22 -43.83
N GLY E 130 61.09 21.29 -44.67
CA GLY E 130 62.05 22.36 -44.65
C GLY E 130 63.43 21.84 -44.36
N PRO E 131 64.47 22.70 -44.55
CA PRO E 131 65.86 22.26 -44.33
C PRO E 131 66.07 21.64 -42.96
N GLY E 132 66.66 20.46 -42.93
CA GLY E 132 66.92 19.71 -41.68
C GLY E 132 65.83 18.71 -41.33
N TYR E 133 64.60 18.98 -41.77
CA TYR E 133 63.43 18.21 -41.34
C TYR E 133 62.52 17.89 -42.54
N GLU E 134 63.09 17.21 -43.51
CA GLU E 134 62.41 16.92 -44.78
C GLU E 134 61.52 15.69 -44.70
N GLU E 135 60.66 15.65 -43.68
CA GLU E 135 59.84 14.48 -43.44
C GLU E 135 58.81 14.24 -44.51
N LYS E 136 58.38 15.30 -45.18
CA LYS E 136 57.34 15.15 -46.16
C LYS E 136 57.80 14.28 -47.36
N PHE E 137 59.12 14.16 -47.55
CA PHE E 137 59.71 13.30 -48.59
C PHE E 137 59.57 11.82 -48.30
N TYR E 138 59.53 11.49 -47.04
CA TYR E 138 59.50 10.11 -46.53
C TYR E 138 58.15 9.54 -46.14
N PHE E 139 57.27 10.35 -45.56
CA PHE E 139 56.11 9.79 -44.93
C PHE E 139 54.79 10.22 -45.54
N ASN E 140 53.96 9.26 -45.91
CA ASN E 140 52.57 9.56 -46.22
C ASN E 140 52.00 10.23 -44.95
N PRO E 141 51.16 11.24 -45.12
CA PRO E 141 50.44 11.76 -43.95
C PRO E 141 49.62 10.62 -43.31
N GLY E 142 49.69 10.52 -42.00
CA GLY E 142 49.05 9.44 -41.28
C GLY E 142 47.56 9.30 -41.53
N ASP E 143 47.11 8.06 -41.53
CA ASP E 143 45.71 7.75 -41.77
C ASP E 143 45.00 6.96 -40.68
N THR E 144 45.62 6.82 -39.50
CA THR E 144 44.93 6.23 -38.35
C THR E 144 43.98 7.25 -37.71
N GLY E 145 44.25 8.55 -37.86
CA GLY E 145 43.60 9.54 -37.06
C GLY E 145 44.21 9.49 -35.64
N PHE E 146 43.78 10.41 -34.79
CA PHE E 146 44.27 10.49 -33.38
C PHE E 146 43.64 9.40 -32.54
N LYS E 147 44.45 8.72 -31.74
CA LYS E 147 44.01 7.58 -30.98
C LYS E 147 44.32 7.69 -29.52
N VAL E 148 43.56 6.95 -28.73
CA VAL E 148 43.85 6.80 -27.29
CA VAL E 148 43.81 6.81 -27.29
C VAL E 148 43.98 5.31 -27.01
N PHE E 149 44.85 4.96 -26.10
CA PHE E 149 45.12 3.54 -25.82
C PHE E 149 44.87 3.25 -24.38
N GLN E 150 44.07 2.22 -24.09
CA GLN E 150 43.83 1.77 -22.73
C GLN E 150 44.97 0.84 -22.29
N THR E 151 45.82 1.33 -21.39
CA THR E 151 46.97 0.56 -20.89
C THR E 151 46.60 0.08 -19.51
N LYS E 152 47.45 -0.74 -18.91
CA LYS E 152 47.15 -1.21 -17.54
C LYS E 152 47.09 -0.10 -16.52
N TYR E 153 47.70 1.05 -16.79
CA TYR E 153 47.80 2.11 -15.79
C TYR E 153 46.96 3.33 -16.10
N ALA E 154 46.54 3.49 -17.36
CA ALA E 154 45.87 4.73 -17.78
C ALA E 154 45.46 4.65 -19.20
N LYS E 155 44.48 5.46 -19.58
CA LYS E 155 44.18 5.70 -20.99
C LYS E 155 45.12 6.78 -21.42
N ILE E 156 45.91 6.53 -22.46
CA ILE E 156 46.89 7.53 -22.90
C ILE E 156 46.70 7.94 -24.38
N GLY E 157 47.11 9.15 -24.68
CA GLY E 157 47.15 9.70 -26.00
C GLY E 157 48.60 9.89 -26.40
N VAL E 158 48.97 9.24 -27.49
CA VAL E 158 50.33 9.32 -28.00
C VAL E 158 50.30 9.86 -29.42
N ALA E 159 51.07 10.91 -29.65
CA ALA E 159 51.27 11.44 -30.99
C ALA E 159 52.78 11.66 -31.17
N ILE E 160 53.18 12.13 -32.34
CA ILE E 160 54.61 12.13 -32.69
C ILE E 160 55.07 13.49 -33.13
N CYS E 161 56.18 13.92 -32.52
CA CYS E 161 56.91 15.14 -32.81
C CYS E 161 56.06 16.28 -33.34
N TRP E 162 56.11 16.57 -34.65
CA TRP E 162 55.41 17.74 -35.20
C TRP E 162 53.94 17.83 -34.79
N ASP E 163 53.31 16.68 -34.56
CA ASP E 163 51.91 16.68 -34.07
C ASP E 163 51.76 17.57 -32.82
N GLN E 164 52.84 17.72 -32.07
CA GLN E 164 52.81 18.44 -30.80
C GLN E 164 52.52 19.95 -30.94
N TRP E 165 52.63 20.48 -32.15
CA TRP E 165 52.37 21.90 -32.38
C TRP E 165 50.88 22.19 -32.59
N PHE E 166 50.07 21.14 -32.71
CA PHE E 166 48.68 21.29 -33.14
C PHE E 166 47.69 21.09 -32.00
N PRO E 167 47.03 22.19 -31.61
CA PRO E 167 46.05 22.04 -30.54
C PRO E 167 44.95 21.02 -30.85
N GLU E 168 44.64 20.86 -32.14
CA GLU E 168 43.63 19.91 -32.54
C GLU E 168 43.96 18.47 -32.16
N ALA E 169 45.24 18.07 -32.21
CA ALA E 169 45.61 16.67 -31.89
C ALA E 169 45.43 16.41 -30.41
N ALA E 170 45.86 17.35 -29.61
CA ALA E 170 45.75 17.24 -28.14
C ALA E 170 44.29 17.20 -27.72
N ARG E 171 43.47 18.09 -28.30
CA ARG E 171 42.08 18.11 -27.97
C ARG E 171 41.37 16.81 -28.44
N ALA E 172 41.71 16.35 -29.64
CA ALA E 172 41.16 15.11 -30.17
C ALA E 172 41.41 13.92 -29.20
N MET E 173 42.62 13.79 -28.69
CA MET E 173 42.94 12.75 -27.75
C MET E 173 42.20 12.91 -26.41
N ALA E 174 42.18 14.15 -25.90
CA ALA E 174 41.49 14.43 -24.62
C ALA E 174 39.98 14.12 -24.73
N LEU E 175 39.36 14.47 -25.85
CA LEU E 175 37.92 14.24 -26.03
C LEU E 175 37.59 12.78 -26.01
N GLN E 176 38.57 11.97 -26.39
CA GLN E 176 38.41 10.50 -26.40
C GLN E 176 38.88 9.84 -25.09
N GLY E 177 39.13 10.63 -24.05
CA GLY E 177 39.45 10.13 -22.72
C GLY E 177 40.91 9.96 -22.38
N ALA E 178 41.82 10.50 -23.19
CA ALA E 178 43.26 10.46 -22.83
C ALA E 178 43.48 11.17 -21.50
N GLU E 179 44.23 10.51 -20.63
CA GLU E 179 44.51 11.04 -19.27
C GLU E 179 45.90 11.64 -19.19
N ILE E 180 46.78 11.25 -20.11
CA ILE E 180 48.15 11.74 -20.21
C ILE E 180 48.47 11.77 -21.71
N LEU E 181 49.18 12.81 -22.14
CA LEU E 181 49.62 12.99 -23.53
C LEU E 181 51.12 12.79 -23.62
N PHE E 182 51.58 12.14 -24.69
CA PHE E 182 52.96 11.76 -24.88
C PHE E 182 53.40 12.12 -26.28
N TYR E 183 54.56 12.76 -26.40
CA TYR E 183 55.11 13.17 -27.66
C TYR E 183 56.61 12.90 -27.78
N PRO E 184 56.98 11.78 -28.39
CA PRO E 184 58.40 11.59 -28.76
C PRO E 184 58.80 12.56 -29.88
N THR E 185 59.98 13.14 -29.73
CA THR E 185 60.38 14.31 -30.49
C THR E 185 61.80 14.22 -31.03
N ALA E 186 62.05 14.86 -32.17
CA ALA E 186 63.42 15.13 -32.63
C ALA E 186 63.44 16.56 -33.15
N ILE E 187 63.90 17.49 -32.33
CA ILE E 187 63.94 18.88 -32.70
C ILE E 187 65.18 19.56 -32.18
N GLY E 188 65.76 20.39 -33.04
CA GLY E 188 67.00 21.11 -32.70
C GLY E 188 67.17 22.36 -33.53
N SER E 189 68.43 22.72 -33.77
CA SER E 189 68.77 23.80 -34.67
C SER E 189 68.30 23.47 -36.10
N GLU E 190 68.38 24.46 -36.96
CA GLU E 190 68.02 24.30 -38.36
C GLU E 190 69.23 24.66 -39.22
N PRO E 191 69.65 23.76 -40.13
CA PRO E 191 70.94 23.85 -40.80
C PRO E 191 71.10 25.03 -41.75
N HIS E 192 70.00 25.60 -42.20
CA HIS E 192 70.05 26.75 -43.10
C HIS E 192 70.12 28.12 -42.45
N ASP E 193 69.93 28.20 -41.12
CA ASP E 193 69.83 29.47 -40.43
C ASP E 193 70.07 29.27 -38.95
N GLN E 194 71.30 29.60 -38.54
CA GLN E 194 71.75 29.45 -37.17
C GLN E 194 71.01 30.34 -36.15
N SER E 195 70.28 31.35 -36.62
CA SER E 195 69.54 32.26 -35.75
C SER E 195 68.24 31.66 -35.22
N ILE E 196 67.78 30.55 -35.77
CA ILE E 196 66.53 29.99 -35.35
C ILE E 196 66.76 29.19 -34.08
N ASP E 197 66.06 29.56 -33.01
CA ASP E 197 66.13 28.82 -31.76
C ASP E 197 64.71 28.61 -31.30
N SER E 198 64.16 27.44 -31.57
CA SER E 198 62.74 27.21 -31.32
C SER E 198 62.38 26.64 -29.93
N ARG E 199 63.35 26.38 -29.05
CA ARG E 199 63.05 25.61 -27.81
C ARG E 199 61.94 26.22 -26.88
N ASP E 200 61.93 27.55 -26.72
CA ASP E 200 60.96 28.21 -25.83
C ASP E 200 59.59 28.18 -26.44
N HIS E 201 59.52 28.44 -27.75
CA HIS E 201 58.26 28.39 -28.51
C HIS E 201 57.64 26.98 -28.44
N TRP E 202 58.50 25.97 -28.63
CA TRP E 202 58.15 24.53 -28.61
C TRP E 202 57.53 24.15 -27.27
N LYS E 203 58.15 24.58 -26.18
CA LYS E 203 57.64 24.27 -24.88
C LYS E 203 56.30 24.97 -24.61
N ARG E 204 56.22 26.25 -24.96
CA ARG E 204 55.01 27.03 -24.66
C ARG E 204 53.76 26.46 -25.35
N VAL E 205 53.91 25.96 -26.55
CA VAL E 205 52.78 25.44 -27.29
C VAL E 205 52.23 24.16 -26.64
N MET E 206 53.14 23.27 -26.20
CA MET E 206 52.75 22.04 -25.48
C MET E 206 52.17 22.36 -24.09
N GLN E 207 52.75 23.30 -23.40
CA GLN E 207 52.23 23.71 -22.09
C GLN E 207 50.80 24.18 -22.28
N GLY E 208 50.57 24.86 -23.40
CA GLY E 208 49.25 25.28 -23.73
C GLY E 208 48.25 24.15 -23.89
N HIS E 209 48.65 23.05 -24.54
CA HIS E 209 47.78 21.91 -24.68
C HIS E 209 47.47 21.28 -23.34
N ALA E 210 48.49 21.18 -22.46
CA ALA E 210 48.29 20.51 -21.18
C ALA E 210 47.29 21.34 -20.33
N GLY E 211 47.48 22.65 -20.33
CA GLY E 211 46.60 23.54 -19.61
C GLY E 211 45.19 23.68 -20.18
N ALA E 212 45.05 23.60 -21.51
CA ALA E 212 43.74 23.74 -22.13
C ALA E 212 42.88 22.47 -21.97
N ASN E 213 43.53 21.33 -21.86
CA ASN E 213 42.80 20.06 -21.71
C ASN E 213 42.83 19.56 -20.28
N LEU E 214 43.61 20.23 -19.43
CA LEU E 214 43.82 19.76 -18.05
C LEU E 214 44.24 18.26 -17.99
N VAL E 215 45.29 17.96 -18.72
CA VAL E 215 45.92 16.63 -18.67
C VAL E 215 47.44 16.83 -18.61
N PRO E 216 48.14 15.96 -17.89
CA PRO E 216 49.60 16.04 -17.98
C PRO E 216 50.16 15.64 -19.38
N LEU E 217 51.39 16.07 -19.65
CA LEU E 217 52.00 15.92 -20.96
C LEU E 217 53.49 15.60 -20.79
N VAL E 218 53.95 14.64 -21.59
CA VAL E 218 55.33 14.18 -21.56
C VAL E 218 55.96 14.37 -22.94
N ALA E 219 57.15 14.95 -22.97
CA ALA E 219 57.86 15.19 -24.23
C ALA E 219 59.29 14.74 -24.07
N SER E 220 59.71 13.85 -24.97
CA SER E 220 61.06 13.23 -24.93
C SER E 220 61.76 13.67 -26.18
N ASN E 221 62.87 14.39 -26.03
CA ASN E 221 63.61 14.92 -27.18
C ASN E 221 65.04 14.46 -27.18
N ARG E 222 65.56 14.33 -28.38
CA ARG E 222 66.95 13.97 -28.67
C ARG E 222 67.97 15.04 -28.19
N ILE E 223 69.20 14.59 -27.94
CA ILE E 223 70.37 15.43 -27.78
C ILE E 223 71.50 14.98 -28.75
N GLY E 224 72.56 15.77 -28.79
CA GLY E 224 73.74 15.54 -29.62
C GLY E 224 73.71 16.25 -30.96
N ASN E 225 74.87 16.40 -31.55
CA ASN E 225 75.05 16.87 -32.90
C ASN E 225 75.04 15.71 -33.86
N GLU E 226 74.37 15.86 -34.99
CA GLU E 226 74.33 14.82 -36.02
C GLU E 226 74.60 15.45 -37.36
N ILE E 227 75.52 14.83 -38.08
CA ILE E 227 75.95 15.26 -39.39
C ILE E 227 75.53 14.22 -40.41
N ILE E 228 74.71 14.61 -41.39
CA ILE E 228 74.20 13.74 -42.41
C ILE E 228 74.68 14.19 -43.81
N GLU E 229 75.07 13.22 -44.64
CA GLU E 229 75.34 13.50 -46.04
C GLU E 229 74.02 13.61 -46.80
N THR E 230 73.77 14.78 -47.39
CA THR E 230 72.64 14.99 -48.23
C THR E 230 73.08 15.14 -49.66
N GLU E 231 72.09 15.26 -50.53
CA GLU E 231 72.28 15.59 -51.95
C GLU E 231 73.07 16.87 -52.20
N HIS E 232 73.11 17.81 -51.23
CA HIS E 232 73.88 19.05 -51.41
C HIS E 232 75.09 19.09 -50.47
N GLY E 233 75.50 17.92 -49.95
CA GLY E 233 76.66 17.86 -49.02
C GLY E 233 76.23 17.73 -47.57
N LYS E 234 77.12 18.06 -46.66
CA LYS E 234 76.83 17.83 -45.23
C LYS E 234 75.77 18.77 -44.67
N SER E 235 74.94 18.25 -43.79
CA SER E 235 73.97 19.04 -43.09
C SER E 235 74.06 18.63 -41.63
N GLU E 236 74.04 19.61 -40.75
CA GLU E 236 74.21 19.37 -39.32
C GLU E 236 73.08 19.97 -38.49
N ILE E 237 72.60 19.19 -37.53
CA ILE E 237 71.64 19.63 -36.51
C ILE E 237 72.26 19.38 -35.12
N LYS E 238 72.17 20.36 -34.25
CA LYS E 238 72.40 20.15 -32.82
C LYS E 238 71.02 20.01 -32.19
N PHE E 239 70.70 18.80 -31.73
CA PHE E 239 69.41 18.55 -31.05
C PHE E 239 69.45 19.18 -29.65
N TYR E 240 68.38 19.89 -29.26
CA TYR E 240 68.45 20.70 -28.02
C TYR E 240 67.80 20.13 -26.71
N GLY E 241 67.50 18.84 -26.68
CA GLY E 241 66.99 18.23 -25.47
C GLY E 241 65.83 19.01 -24.96
N ASN E 242 65.92 19.47 -23.71
CA ASN E 242 64.80 20.16 -23.05
C ASN E 242 63.56 19.24 -22.92
N SER E 243 63.79 17.93 -22.85
CA SER E 243 62.73 16.99 -22.51
C SER E 243 62.08 17.46 -21.23
N PHE E 244 60.78 17.25 -21.11
CA PHE E 244 60.07 17.74 -19.94
C PHE E 244 58.77 17.01 -19.68
N ILE E 245 58.25 17.17 -18.47
CA ILE E 245 56.97 16.68 -18.08
C ILE E 245 56.22 17.90 -17.52
N ALA E 246 54.98 18.12 -18.02
CA ALA E 246 54.14 19.22 -17.57
C ALA E 246 52.89 18.63 -16.92
N GLY E 247 52.43 19.32 -15.89
CA GLY E 247 51.20 18.96 -15.22
C GLY E 247 50.00 19.56 -15.91
N PRO E 248 48.81 19.34 -15.32
CA PRO E 248 47.56 19.69 -15.95
C PRO E 248 47.20 21.20 -16.00
N THR E 249 48.01 22.07 -15.39
CA THR E 249 47.85 23.51 -15.64
C THR E 249 48.95 24.01 -16.57
N GLY E 250 49.72 23.07 -17.13
CA GLY E 250 50.85 23.42 -17.98
C GLY E 250 52.15 23.78 -17.30
N GLU E 251 52.17 23.71 -15.99
CA GLU E 251 53.40 23.93 -15.22
C GLU E 251 54.42 22.79 -15.51
N ILE E 252 55.67 23.17 -15.76
CA ILE E 252 56.73 22.19 -15.92
C ILE E 252 57.07 21.62 -14.58
N VAL E 253 57.01 20.30 -14.41
CA VAL E 253 57.36 19.71 -13.14
C VAL E 253 58.74 19.07 -13.17
N SER E 254 59.25 18.83 -14.36
CA SER E 254 60.53 18.21 -14.54
C SER E 254 61.02 18.56 -15.95
N ILE E 255 62.28 18.95 -16.04
CA ILE E 255 62.86 19.35 -17.30
C ILE E 255 64.37 19.09 -17.33
N ALA E 256 64.86 18.66 -18.49
CA ALA E 256 66.28 18.39 -18.70
C ALA E 256 66.90 19.55 -19.45
N ASP E 257 68.22 19.63 -19.42
CA ASP E 257 68.90 20.72 -20.13
C ASP E 257 69.10 20.30 -21.60
N ASP E 258 69.95 21.03 -22.33
CA ASP E 258 70.09 20.80 -23.77
C ASP E 258 71.23 19.85 -24.21
N LYS E 259 71.87 19.18 -23.24
CA LYS E 259 73.00 18.33 -23.56
C LYS E 259 73.17 17.06 -22.74
N GLU E 260 72.59 16.99 -21.55
CA GLU E 260 72.71 15.83 -20.65
C GLU E 260 71.81 14.69 -21.09
N GLU E 261 72.29 13.47 -20.87
CA GLU E 261 71.45 12.29 -20.95
C GLU E 261 70.53 12.41 -19.73
N ALA E 262 69.24 12.05 -19.82
CA ALA E 262 68.34 12.24 -18.66
C ALA E 262 67.22 11.23 -18.55
N VAL E 263 66.85 10.96 -17.30
CA VAL E 263 65.69 10.16 -16.98
C VAL E 263 64.83 11.07 -16.12
N LEU E 264 63.73 11.58 -16.66
CA LEU E 264 62.81 12.45 -15.88
C LEU E 264 61.65 11.58 -15.36
N ILE E 265 61.25 11.83 -14.10
CA ILE E 265 60.21 11.07 -13.37
C ILE E 265 59.13 12.01 -12.79
N ALA E 266 57.85 11.69 -12.95
CA ALA E 266 56.79 12.43 -12.23
C ALA E 266 55.60 11.55 -11.98
N GLU E 267 55.04 11.72 -10.80
CA GLU E 267 53.83 11.00 -10.39
C GLU E 267 52.60 11.91 -10.51
N PHE E 268 51.52 11.37 -11.02
CA PHE E 268 50.25 12.09 -11.17
C PHE E 268 49.11 11.26 -10.56
N ASN E 269 48.22 11.95 -9.84
CA ASN E 269 47.03 11.32 -9.32
C ASN E 269 45.91 11.53 -10.33
N LEU E 270 45.67 10.49 -11.13
CA LEU E 270 44.73 10.56 -12.25
C LEU E 270 43.27 10.77 -11.81
N ASP E 271 42.87 10.31 -10.65
CA ASP E 271 41.49 10.61 -10.16
C ASP E 271 41.34 12.08 -9.73
N LYS E 272 42.33 12.64 -9.06
CA LYS E 272 42.25 14.04 -8.69
C LYS E 272 42.27 14.95 -9.91
N ILE E 273 43.09 14.62 -10.89
CA ILE E 273 43.19 15.46 -12.05
C ILE E 273 41.88 15.38 -12.84
N LYS E 274 41.31 14.19 -12.93
CA LYS E 274 40.02 14.01 -13.60
C LYS E 274 39.01 14.94 -12.99
N SER E 275 38.94 14.89 -11.67
CA SER E 275 38.03 15.70 -10.90
C SER E 275 38.29 17.19 -11.16
N MET E 276 39.56 17.62 -11.14
CA MET E 276 39.96 19.00 -11.47
C MET E 276 39.58 19.43 -12.93
N ARG E 277 39.86 18.55 -13.89
CA ARG E 277 39.50 18.78 -15.30
C ARG E 277 38.01 19.03 -15.46
N HIS E 278 37.20 18.17 -14.86
CA HIS E 278 35.76 18.32 -14.96
C HIS E 278 35.23 19.60 -14.28
N CYS E 279 35.70 19.84 -13.06
CA CYS E 279 35.36 21.00 -12.31
C CYS E 279 35.65 22.35 -13.03
N TRP E 280 36.78 22.43 -13.74
CA TRP E 280 37.19 23.68 -14.42
C TRP E 280 36.19 24.02 -15.52
N GLY E 281 35.60 22.97 -16.08
CA GLY E 281 34.43 23.12 -16.93
C GLY E 281 34.61 23.28 -18.45
N VAL E 282 35.84 23.31 -18.94
CA VAL E 282 36.01 23.54 -20.34
C VAL E 282 35.26 22.51 -21.24
N PHE E 283 35.28 21.22 -20.86
CA PHE E 283 34.61 20.21 -21.70
C PHE E 283 33.10 20.33 -21.70
N ARG E 284 32.57 20.86 -20.61
CA ARG E 284 31.17 21.19 -20.45
C ARG E 284 30.76 22.33 -21.36
N ASP E 285 31.70 23.22 -21.61
CA ASP E 285 31.35 24.52 -22.21
C ASP E 285 31.75 24.62 -23.69
N ARG E 286 32.33 23.57 -24.26
CA ARG E 286 32.73 23.57 -25.67
C ARG E 286 31.53 23.77 -26.59
N ARG E 287 31.80 24.38 -27.75
CA ARG E 287 30.82 24.77 -28.72
C ARG E 287 31.10 24.14 -30.11
N PRO E 288 31.01 22.79 -30.19
CA PRO E 288 31.25 22.12 -31.46
C PRO E 288 30.33 22.65 -32.59
N ASP E 289 29.16 23.15 -32.26
CA ASP E 289 28.30 23.77 -33.29
C ASP E 289 28.96 25.00 -34.01
N LEU E 290 29.98 25.59 -33.39
CA LEU E 290 30.67 26.75 -33.94
C LEU E 290 32.04 26.42 -34.43
N TYR E 291 32.43 25.14 -34.41
CA TYR E 291 33.80 24.79 -34.79
C TYR E 291 33.97 24.29 -36.23
N LYS E 292 32.96 24.44 -37.06
CA LYS E 292 33.05 23.91 -38.45
C LYS E 292 34.21 24.50 -39.28
N VAL E 293 34.59 25.75 -39.00
CA VAL E 293 35.72 26.35 -39.70
C VAL E 293 37.03 25.57 -39.50
N LEU E 294 37.14 24.82 -38.41
CA LEU E 294 38.35 23.99 -38.17
C LEU E 294 38.48 22.86 -39.18
N LEU E 295 37.40 22.54 -39.88
CA LEU E 295 37.44 21.53 -40.90
C LEU E 295 37.80 22.15 -42.28
N THR E 296 38.25 23.40 -42.30
CA THR E 296 38.78 24.04 -43.50
C THR E 296 40.28 24.26 -43.31
N LEU E 297 41.00 24.43 -44.41
CA LEU E 297 42.39 24.92 -44.37
C LEU E 297 42.48 26.43 -44.52
N ASP E 298 41.56 27.00 -45.30
CA ASP E 298 41.66 28.40 -45.74
C ASP E 298 40.70 29.31 -45.02
N GLY E 299 40.01 28.79 -44.01
CA GLY E 299 39.03 29.61 -43.27
C GLY E 299 37.67 29.77 -43.92
N LYS E 300 37.45 29.13 -45.07
CA LYS E 300 36.16 29.20 -45.78
C LYS E 300 35.64 27.87 -46.36
N ASN E 301 36.49 27.11 -47.04
CA ASN E 301 36.06 25.93 -47.82
C ASN E 301 36.27 24.65 -47.06
N PRO E 302 35.18 23.95 -46.70
CA PRO E 302 35.41 22.69 -45.95
C PRO E 302 36.10 21.65 -46.84
N VAL E 303 37.03 20.90 -46.27
CA VAL E 303 37.72 19.88 -47.06
C VAL E 303 36.74 18.73 -47.34
N LEU E 304 37.05 17.97 -48.39
CA LEU E 304 36.25 16.79 -48.79
C LEU E 304 36.52 15.66 -47.80
N ASP F 7 61.86 45.87 -39.30
CA ASP F 7 62.33 47.03 -40.09
C ASP F 7 61.21 47.39 -41.11
N LYS F 8 61.31 46.92 -42.35
CA LYS F 8 60.27 47.24 -43.36
C LYS F 8 58.99 46.40 -43.11
N GLY F 9 57.82 46.98 -43.39
CA GLY F 9 56.53 46.29 -43.29
C GLY F 9 55.52 47.02 -42.40
N ARG F 10 54.25 46.69 -42.58
CA ARG F 10 53.15 47.23 -41.77
C ARG F 10 53.36 47.01 -40.27
N LYS F 11 53.34 48.08 -39.51
CA LYS F 11 53.52 48.04 -38.07
C LYS F 11 52.26 48.47 -37.38
N VAL F 12 51.91 47.81 -36.30
CA VAL F 12 50.76 48.18 -35.53
C VAL F 12 51.17 48.21 -34.09
N VAL F 13 50.69 49.21 -33.35
CA VAL F 13 50.98 49.29 -31.95
C VAL F 13 49.69 48.94 -31.23
N VAL F 14 49.75 47.93 -30.35
CA VAL F 14 48.57 47.51 -29.57
C VAL F 14 48.75 47.83 -28.10
N SER F 15 47.64 47.85 -27.38
CA SER F 15 47.62 48.18 -25.98
C SER F 15 46.62 47.39 -25.18
N ALA F 16 47.04 46.96 -24.00
CA ALA F 16 46.11 46.38 -23.02
C ALA F 16 45.96 47.38 -21.89
N LEU F 17 44.73 47.61 -21.44
CA LEU F 17 44.46 48.50 -20.29
C LEU F 17 44.03 47.64 -19.08
N GLN F 18 44.30 48.14 -17.87
CA GLN F 18 44.00 47.40 -16.67
C GLN F 18 43.56 48.37 -15.62
N PHE F 19 42.33 48.26 -15.14
CA PHE F 19 41.86 49.21 -14.14
C PHE F 19 40.77 48.70 -13.23
N ALA F 20 40.45 49.48 -12.22
CA ALA F 20 39.46 49.12 -11.23
C ALA F 20 38.11 49.74 -11.54
N CYS F 21 37.03 49.02 -11.25
CA CYS F 21 35.70 49.52 -11.52
C CYS F 21 34.87 49.80 -10.29
N THR F 22 34.06 50.85 -10.35
CA THR F 22 32.99 51.04 -9.39
C THR F 22 31.74 50.45 -10.04
N ASP F 23 30.58 50.60 -9.42
CA ASP F 23 29.37 50.12 -10.08
C ASP F 23 28.59 51.28 -10.73
N ASP F 24 29.27 52.40 -11.00
CA ASP F 24 28.70 53.56 -11.71
CA ASP F 24 28.65 53.51 -11.68
C ASP F 24 29.21 53.62 -13.15
N VAL F 25 28.33 53.47 -14.12
CA VAL F 25 28.75 53.48 -15.54
C VAL F 25 29.55 54.72 -15.91
N SER F 26 29.05 55.90 -15.55
CA SER F 26 29.71 57.15 -15.95
C SER F 26 31.15 57.27 -15.43
N THR F 27 31.40 56.78 -14.22
CA THR F 27 32.73 56.76 -13.61
C THR F 27 33.66 55.83 -14.42
N ASN F 28 33.15 54.64 -14.70
CA ASN F 28 33.92 53.62 -15.39
C ASN F 28 34.24 54.00 -16.83
N VAL F 29 33.30 54.63 -17.55
CA VAL F 29 33.56 55.04 -18.91
C VAL F 29 34.58 56.21 -18.88
N THR F 30 34.53 57.04 -17.85
CA THR F 30 35.52 58.13 -17.72
C THR F 30 36.91 57.52 -17.50
N THR F 31 36.99 56.48 -16.68
CA THR F 31 38.25 55.77 -16.47
C THR F 31 38.76 55.19 -17.79
N ALA F 32 37.87 54.56 -18.54
CA ALA F 32 38.28 53.96 -19.79
C ALA F 32 38.81 55.04 -20.75
N GLU F 33 38.09 56.16 -20.83
CA GLU F 33 38.48 57.21 -21.73
C GLU F 33 39.87 57.75 -21.39
N ARG F 34 40.09 57.99 -20.09
CA ARG F 34 41.38 58.50 -19.60
C ARG F 34 42.51 57.55 -20.08
N LEU F 35 42.33 56.26 -19.87
CA LEU F 35 43.37 55.30 -20.21
C LEU F 35 43.52 55.06 -21.72
N VAL F 36 42.43 55.11 -22.47
CA VAL F 36 42.55 55.04 -23.96
C VAL F 36 43.40 56.25 -24.47
N ARG F 37 43.15 57.45 -23.94
CA ARG F 37 43.92 58.66 -24.33
C ARG F 37 45.38 58.49 -23.95
N ALA F 38 45.64 57.92 -22.76
CA ALA F 38 47.01 57.62 -22.32
C ALA F 38 47.71 56.62 -23.29
N ALA F 39 47.01 55.57 -23.68
CA ALA F 39 47.57 54.59 -24.61
C ALA F 39 47.88 55.25 -25.97
N HIS F 40 46.93 56.08 -26.43
CA HIS F 40 47.07 56.78 -27.68
C HIS F 40 48.30 57.72 -27.66
N LYS F 41 48.51 58.41 -26.56
CA LYS F 41 49.64 59.27 -26.41
C LYS F 41 50.96 58.50 -26.51
N GLN F 42 50.96 57.24 -26.09
CA GLN F 42 52.12 56.37 -26.22
C GLN F 42 52.18 55.67 -27.60
N GLY F 43 51.31 56.03 -28.56
CA GLY F 43 51.39 55.53 -29.93
C GLY F 43 50.48 54.39 -30.30
N ALA F 44 49.59 53.97 -29.39
CA ALA F 44 48.70 52.86 -29.67
C ALA F 44 47.73 53.14 -30.82
N ASN F 45 47.54 52.12 -31.66
CA ASN F 45 46.59 52.11 -32.76
C ASN F 45 45.30 51.34 -32.39
N ILE F 46 45.43 50.30 -31.57
CA ILE F 46 44.31 49.48 -31.16
C ILE F 46 44.42 49.33 -29.67
N VAL F 47 43.35 49.63 -28.94
CA VAL F 47 43.39 49.65 -27.47
C VAL F 47 42.30 48.75 -26.92
N LEU F 48 42.69 47.82 -26.04
CA LEU F 48 41.74 46.88 -25.45
C LEU F 48 41.34 47.17 -23.98
N ILE F 49 40.04 47.44 -23.81
CA ILE F 49 39.39 47.63 -22.51
C ILE F 49 38.82 46.26 -22.01
N GLN F 50 39.06 45.98 -20.73
CA GLN F 50 38.59 44.76 -20.03
C GLN F 50 37.07 44.48 -20.12
N GLU F 51 36.70 43.24 -19.82
CA GLU F 51 35.33 42.76 -19.95
C GLU F 51 34.33 43.42 -18.97
N LEU F 52 33.15 43.79 -19.52
CA LEU F 52 32.03 44.34 -18.76
C LEU F 52 32.46 45.49 -17.82
N PHE F 53 33.32 46.34 -18.37
CA PHE F 53 33.94 47.44 -17.65
C PHE F 53 32.98 48.54 -17.17
N GLU F 54 31.74 48.53 -17.65
CA GLU F 54 30.75 49.54 -17.24
C GLU F 54 30.29 49.44 -15.78
N GLY F 55 30.57 48.33 -15.13
CA GLY F 55 30.16 48.14 -13.76
C GLY F 55 30.96 47.07 -13.09
N TYR F 56 30.52 46.71 -11.92
CA TYR F 56 31.07 45.58 -11.21
C TYR F 56 30.85 44.30 -11.99
N TYR F 57 31.71 43.30 -11.75
CA TYR F 57 31.49 41.98 -12.33
C TYR F 57 30.30 41.35 -11.53
N PHE F 58 29.10 41.60 -12.04
CA PHE F 58 27.89 41.29 -11.30
C PHE F 58 27.52 39.79 -11.31
N CYS F 59 28.23 39.02 -12.12
CA CYS F 59 27.94 37.59 -12.24
C CYS F 59 28.30 36.75 -10.99
N GLN F 60 28.82 37.38 -9.92
CA GLN F 60 28.92 36.68 -8.59
C GLN F 60 27.55 36.28 -8.04
N ALA F 61 26.53 37.06 -8.42
CA ALA F 61 25.16 36.81 -8.06
C ALA F 61 24.38 36.21 -9.25
N GLN F 62 23.30 35.51 -8.93
CA GLN F 62 22.27 35.09 -9.86
C GLN F 62 20.99 35.87 -9.46
N ARG F 63 20.89 37.13 -9.92
CA ARG F 63 19.82 38.03 -9.52
C ARG F 63 18.92 38.50 -10.67
N GLU F 64 17.63 38.38 -10.45
CA GLU F 64 16.63 38.83 -11.42
C GLU F 64 16.91 40.27 -11.82
N ASP F 65 17.12 41.15 -10.84
CA ASP F 65 17.28 42.57 -11.16
C ASP F 65 18.53 42.85 -12.02
N PHE F 66 19.62 42.08 -11.84
CA PHE F 66 20.85 42.34 -12.58
C PHE F 66 20.72 42.03 -14.09
N ILE F 67 19.77 41.16 -14.43
CA ILE F 67 19.55 40.80 -15.84
C ILE F 67 19.17 42.07 -16.60
N GLN F 68 18.43 42.94 -15.94
CA GLN F 68 17.95 44.18 -16.57
C GLN F 68 19.05 45.29 -16.71
N ARG F 69 20.31 44.95 -16.40
CA ARG F 69 21.44 45.82 -16.73
C ARG F 69 21.72 45.78 -18.25
N ALA F 70 21.23 44.73 -18.90
CA ALA F 70 21.43 44.59 -20.35
C ALA F 70 20.76 45.73 -21.10
N LYS F 71 21.33 46.05 -22.27
CA LYS F 71 20.81 47.08 -23.17
C LYS F 71 20.93 46.64 -24.63
N PRO F 72 20.07 47.15 -25.52
CA PRO F 72 20.27 46.79 -26.92
C PRO F 72 21.61 47.27 -27.51
N TYR F 73 22.08 46.55 -28.51
CA TYR F 73 23.23 46.94 -29.30
C TYR F 73 22.95 48.26 -30.05
N LYS F 74 21.71 48.44 -30.50
CA LYS F 74 21.34 49.64 -31.20
C LYS F 74 21.31 50.85 -30.26
N ASP F 75 21.97 51.93 -30.70
CA ASP F 75 22.02 53.21 -29.97
C ASP F 75 22.41 53.01 -28.51
N HIS F 76 23.43 52.23 -28.30
CA HIS F 76 23.96 51.97 -26.99
C HIS F 76 24.79 53.21 -26.54
N PRO F 77 24.44 53.81 -25.39
CA PRO F 77 25.08 55.07 -25.01
C PRO F 77 26.62 54.95 -24.82
N THR F 78 27.10 53.83 -24.28
CA THR F 78 28.55 53.63 -24.12
C THR F 78 29.27 53.43 -25.47
N ILE F 79 28.71 52.58 -26.33
CA ILE F 79 29.29 52.34 -27.65
C ILE F 79 29.36 53.66 -28.44
N MET F 80 28.27 54.41 -28.44
CA MET F 80 28.22 55.71 -29.13
C MET F 80 29.25 56.68 -28.57
N ARG F 81 29.38 56.73 -27.26
CA ARG F 81 30.36 57.61 -26.65
C ARG F 81 31.77 57.20 -27.07
N LEU F 82 32.08 55.91 -26.96
CA LEU F 82 33.39 55.44 -27.38
C LEU F 82 33.67 55.53 -28.89
N GLN F 83 32.62 55.59 -29.74
CA GLN F 83 32.83 55.83 -31.20
C GLN F 83 33.39 57.22 -31.48
N LYS F 84 32.95 58.21 -30.73
CA LYS F 84 33.48 59.56 -30.86
C LYS F 84 34.96 59.62 -30.49
N LEU F 85 35.32 58.95 -29.42
CA LEU F 85 36.73 58.89 -28.99
C LEU F 85 37.59 58.17 -30.04
N ALA F 86 37.10 57.03 -30.53
CA ALA F 86 37.79 56.29 -31.57
C ALA F 86 38.05 57.18 -32.77
N LYS F 87 37.06 57.97 -33.16
CA LYS F 87 37.19 58.82 -34.30
C LYS F 87 38.13 59.99 -33.98
N GLU F 88 38.00 60.57 -32.79
CA GLU F 88 38.86 61.67 -32.42
C GLU F 88 40.35 61.27 -32.48
N LEU F 89 40.68 60.11 -31.93
CA LEU F 89 42.06 59.71 -31.81
C LEU F 89 42.60 58.86 -32.96
N GLY F 90 41.72 58.29 -33.81
CA GLY F 90 42.16 57.42 -34.86
C GLY F 90 42.60 56.08 -34.30
N VAL F 91 41.82 55.56 -33.33
CA VAL F 91 42.16 54.30 -32.66
CA VAL F 91 42.15 54.33 -32.61
C VAL F 91 41.03 53.31 -32.73
N VAL F 92 41.38 52.03 -32.84
CA VAL F 92 40.39 50.96 -32.86
C VAL F 92 40.07 50.61 -31.44
N ILE F 93 38.78 50.55 -31.10
CA ILE F 93 38.32 50.28 -29.72
C ILE F 93 37.21 49.21 -29.69
N PRO F 94 37.54 47.98 -29.27
CA PRO F 94 36.51 46.97 -28.98
C PRO F 94 35.77 47.31 -27.70
N VAL F 95 34.44 47.31 -27.72
CA VAL F 95 33.65 47.72 -26.56
C VAL F 95 32.80 46.59 -26.02
N SER F 96 33.16 46.08 -24.84
CA SER F 96 32.43 45.01 -24.14
C SER F 96 31.15 45.58 -23.53
N PHE F 97 30.02 44.87 -23.68
CA PHE F 97 28.74 45.29 -23.10
C PHE F 97 27.77 44.12 -22.96
N PHE F 98 26.83 44.27 -22.04
CA PHE F 98 25.77 43.32 -21.76
C PHE F 98 24.63 43.62 -22.72
N GLU F 99 24.42 42.72 -23.69
CA GLU F 99 23.45 42.93 -24.75
C GLU F 99 22.05 42.31 -24.45
N GLU F 100 21.03 43.11 -24.67
CA GLU F 100 19.62 42.67 -24.71
C GLU F 100 19.21 42.59 -26.20
N ALA F 101 18.68 41.45 -26.64
CA ALA F 101 18.22 41.27 -28.03
C ALA F 101 16.89 40.53 -27.97
N ASN F 102 15.85 41.31 -27.81
CA ASN F 102 14.50 40.83 -27.52
C ASN F 102 14.55 40.02 -26.19
N ASN F 103 14.24 38.72 -26.20
CA ASN F 103 14.33 37.94 -24.98
C ASN F 103 15.68 37.21 -24.83
N ALA F 104 16.55 37.30 -25.85
CA ALA F 104 17.88 36.78 -25.71
C ALA F 104 18.77 37.83 -25.05
N HIS F 105 19.83 37.36 -24.38
CA HIS F 105 20.84 38.21 -23.75
C HIS F 105 22.17 37.61 -24.00
N TYR F 106 23.15 38.47 -24.21
CA TYR F 106 24.49 38.03 -24.55
C TYR F 106 25.55 38.89 -23.90
N ASN F 107 26.75 38.33 -23.82
CA ASN F 107 27.92 39.05 -23.32
C ASN F 107 28.62 39.32 -24.65
N SER F 108 28.61 40.57 -25.07
CA SER F 108 28.94 40.93 -26.45
C SER F 108 30.05 41.95 -26.54
N ILE F 109 30.51 42.17 -27.75
CA ILE F 109 31.53 43.17 -27.98
C ILE F 109 31.41 43.79 -29.36
N ALA F 110 31.36 45.12 -29.42
CA ALA F 110 31.24 45.88 -30.65
C ALA F 110 32.60 46.40 -31.03
N ILE F 111 32.99 46.23 -32.29
CA ILE F 111 34.31 46.59 -32.72
C ILE F 111 34.26 47.93 -33.46
N ILE F 112 34.82 48.95 -32.84
CA ILE F 112 34.82 50.29 -33.40
C ILE F 112 36.15 50.53 -34.15
N ASP F 113 36.04 50.95 -35.41
CA ASP F 113 37.22 51.20 -36.26
C ASP F 113 37.79 52.58 -35.95
N ALA F 114 38.98 52.83 -36.45
CA ALA F 114 39.72 54.09 -36.21
C ALA F 114 39.08 55.34 -36.80
N ASP F 115 38.09 55.15 -37.68
CA ASP F 115 37.29 56.25 -38.20
C ASP F 115 35.93 56.41 -37.46
N GLY F 116 35.72 55.66 -36.37
CA GLY F 116 34.44 55.68 -35.63
C GLY F 116 33.37 54.67 -36.10
N THR F 117 33.61 53.96 -37.19
CA THR F 117 32.65 52.99 -37.73
C THR F 117 32.44 51.79 -36.83
N ASP F 118 31.19 51.46 -36.58
CA ASP F 118 30.81 50.26 -35.84
C ASP F 118 30.89 49.13 -36.85
N LEU F 119 31.91 48.30 -36.75
CA LEU F 119 32.12 47.21 -37.69
C LEU F 119 31.25 45.97 -37.43
N GLY F 120 30.57 45.90 -36.30
CA GLY F 120 29.75 44.73 -35.99
C GLY F 120 30.06 44.17 -34.62
N ILE F 121 29.36 43.09 -34.29
CA ILE F 121 29.57 42.47 -33.00
C ILE F 121 29.95 41.00 -32.99
N TYR F 122 30.57 40.63 -31.89
CA TYR F 122 30.84 39.25 -31.53
C TYR F 122 30.10 39.02 -30.20
N ARG F 123 29.40 37.87 -30.13
CA ARG F 123 28.70 37.40 -28.95
C ARG F 123 29.46 36.20 -28.33
N LYS F 124 29.81 36.33 -27.04
CA LYS F 124 30.63 35.34 -26.30
C LYS F 124 30.05 33.96 -26.50
N SER F 125 30.89 33.00 -26.90
CA SER F 125 30.42 31.68 -27.26
C SER F 125 30.45 30.65 -26.12
N HIS F 126 31.53 30.71 -25.34
CA HIS F 126 31.78 29.81 -24.22
C HIS F 126 31.43 30.56 -22.91
N ILE F 127 30.45 30.06 -22.19
CA ILE F 127 29.91 30.76 -21.02
C ILE F 127 30.32 30.02 -19.72
N PRO F 128 31.09 30.70 -18.85
CA PRO F 128 31.59 30.02 -17.67
C PRO F 128 30.53 29.94 -16.60
N ASP F 129 30.83 29.15 -15.58
CA ASP F 129 29.85 28.92 -14.50
C ASP F 129 30.59 28.52 -13.25
N GLY F 130 29.90 28.65 -12.12
CA GLY F 130 30.42 28.22 -10.85
C GLY F 130 30.47 29.41 -9.92
N PRO F 131 30.75 29.14 -8.63
CA PRO F 131 30.75 30.22 -7.65
C PRO F 131 31.67 31.41 -8.07
N GLY F 132 31.09 32.63 -7.99
CA GLY F 132 31.77 33.86 -8.42
C GLY F 132 31.64 34.22 -9.90
N TYR F 133 31.35 33.23 -10.76
CA TYR F 133 31.35 33.46 -12.20
C TYR F 133 30.14 32.79 -12.87
N GLU F 134 28.95 33.11 -12.35
CA GLU F 134 27.70 32.47 -12.74
C GLU F 134 27.13 33.04 -14.06
N GLU F 135 27.95 33.08 -15.10
CA GLU F 135 27.60 33.74 -16.35
C GLU F 135 26.48 33.02 -17.08
N LYS F 136 26.39 31.70 -16.86
CA LYS F 136 25.41 30.86 -17.53
C LYS F 136 23.98 31.26 -17.20
N PHE F 137 23.79 31.94 -16.08
CA PHE F 137 22.48 32.44 -15.66
C PHE F 137 22.03 33.71 -16.43
N TYR F 138 22.99 34.47 -16.97
CA TYR F 138 22.71 35.75 -17.64
C TYR F 138 22.73 35.71 -19.18
N PHE F 139 23.58 34.85 -19.76
CA PHE F 139 23.89 34.93 -21.17
C PHE F 139 23.55 33.69 -21.92
N ASN F 140 22.71 33.85 -22.94
CA ASN F 140 22.60 32.81 -23.97
C ASN F 140 23.98 32.55 -24.54
N PRO F 141 24.29 31.28 -24.80
CA PRO F 141 25.54 31.08 -25.53
C PRO F 141 25.50 31.79 -26.88
N GLY F 142 26.61 32.45 -27.24
CA GLY F 142 26.71 33.26 -28.45
C GLY F 142 26.39 32.54 -29.75
N ASP F 143 25.75 33.26 -30.64
CA ASP F 143 25.36 32.69 -31.92
C ASP F 143 25.96 33.42 -33.13
N THR F 144 26.96 34.27 -32.93
CA THR F 144 27.61 34.90 -34.07
C THR F 144 28.64 33.95 -34.69
N GLY F 145 29.20 33.05 -33.88
CA GLY F 145 30.37 32.30 -34.26
C GLY F 145 31.60 33.19 -34.07
N PHE F 146 32.76 32.59 -34.29
CA PHE F 146 34.01 33.34 -34.15
C PHE F 146 34.21 34.22 -35.38
N LYS F 147 34.61 35.45 -35.13
CA LYS F 147 34.68 36.41 -36.22
C LYS F 147 35.97 37.11 -36.29
N VAL F 148 36.23 37.67 -37.45
CA VAL F 148 37.40 38.53 -37.68
CA VAL F 148 37.39 38.49 -37.68
C VAL F 148 36.93 39.83 -38.28
N PHE F 149 37.61 40.91 -37.95
CA PHE F 149 37.22 42.23 -38.38
C PHE F 149 38.35 42.95 -39.05
N GLN F 150 38.09 43.48 -40.24
CA GLN F 150 39.06 44.24 -40.99
C GLN F 150 39.05 45.68 -40.50
N THR F 151 40.10 46.08 -39.80
CA THR F 151 40.19 47.45 -39.29
C THR F 151 41.17 48.22 -40.17
N LYS F 152 41.31 49.50 -39.91
CA LYS F 152 42.23 50.31 -40.68
C LYS F 152 43.67 49.86 -40.53
N TYR F 153 44.03 49.21 -39.45
CA TYR F 153 45.44 48.83 -39.18
C TYR F 153 45.77 47.33 -39.33
N ALA F 154 44.75 46.48 -39.29
CA ALA F 154 44.92 45.06 -39.23
C ALA F 154 43.62 44.35 -39.21
N LYS F 155 43.68 43.09 -39.65
CA LYS F 155 42.58 42.21 -39.49
C LYS F 155 42.73 41.57 -38.08
N ILE F 156 41.71 41.71 -37.24
CA ILE F 156 41.82 41.31 -35.85
C ILE F 156 40.75 40.29 -35.47
N GLY F 157 41.07 39.46 -34.48
CA GLY F 157 40.15 38.49 -33.91
C GLY F 157 39.93 38.92 -32.46
N VAL F 158 38.68 39.13 -32.09
CA VAL F 158 38.31 39.54 -30.74
C VAL F 158 37.35 38.44 -30.20
N ALA F 159 37.67 37.91 -29.03
CA ALA F 159 36.77 37.01 -28.31
C ALA F 159 36.75 37.51 -26.85
N ILE F 160 35.96 36.90 -26.00
CA ILE F 160 35.68 37.47 -24.68
C ILE F 160 35.95 36.49 -23.57
N CYS F 161 36.72 36.95 -22.60
CA CYS F 161 37.07 36.24 -21.36
C CYS F 161 37.19 34.71 -21.46
N TRP F 162 36.23 33.95 -20.95
CA TRP F 162 36.29 32.49 -20.93
C TRP F 162 36.64 31.85 -22.30
N ASP F 163 36.22 32.50 -23.41
CA ASP F 163 36.61 32.05 -24.76
C ASP F 163 38.13 31.86 -24.85
N GLN F 164 38.88 32.60 -24.03
CA GLN F 164 40.34 32.56 -24.06
C GLN F 164 40.95 31.20 -23.64
N TRP F 165 40.16 30.32 -23.04
CA TRP F 165 40.65 29.02 -22.64
C TRP F 165 40.54 27.97 -23.75
N PHE F 166 39.92 28.34 -24.88
CA PHE F 166 39.57 27.38 -25.93
C PHE F 166 40.47 27.54 -27.17
N PRO F 167 41.40 26.60 -27.37
CA PRO F 167 42.22 26.64 -28.59
C PRO F 167 41.41 26.76 -29.88
N GLU F 168 40.20 26.20 -29.87
CA GLU F 168 39.31 26.26 -31.02
C GLU F 168 38.96 27.68 -31.44
N ALA F 169 38.81 28.57 -30.49
CA ALA F 169 38.37 29.92 -30.83
C ALA F 169 39.53 30.64 -31.48
N ALA F 170 40.71 30.46 -30.91
CA ALA F 170 41.90 31.13 -31.40
C ALA F 170 42.19 30.63 -32.83
N ARG F 171 42.13 29.31 -33.04
CA ARG F 171 42.37 28.73 -34.36
C ARG F 171 41.33 29.20 -35.38
N ALA F 172 40.06 29.22 -34.98
CA ALA F 172 39.00 29.67 -35.85
C ALA F 172 39.25 31.09 -36.35
N MET F 173 39.76 31.95 -35.47
CA MET F 173 39.99 33.31 -35.88
C MET F 173 41.23 33.40 -36.79
N ALA F 174 42.29 32.71 -36.41
CA ALA F 174 43.52 32.73 -37.22
C ALA F 174 43.29 32.16 -38.63
N LEU F 175 42.44 31.13 -38.74
CA LEU F 175 42.18 30.51 -40.02
C LEU F 175 41.46 31.44 -40.96
N GLN F 176 40.70 32.38 -40.37
CA GLN F 176 40.01 33.43 -41.12
C GLN F 176 40.85 34.69 -41.35
N GLY F 177 42.13 34.63 -41.05
CA GLY F 177 43.03 35.73 -41.32
C GLY F 177 43.31 36.72 -40.20
N ALA F 178 42.88 36.43 -38.96
CA ALA F 178 43.22 37.30 -37.85
C ALA F 178 44.73 37.40 -37.70
N GLU F 179 45.19 38.64 -37.53
CA GLU F 179 46.63 38.96 -37.44
C GLU F 179 47.06 39.23 -35.99
N ILE F 180 46.07 39.53 -35.13
CA ILE F 180 46.27 39.75 -33.71
C ILE F 180 45.00 39.28 -33.03
N LEU F 181 45.14 38.63 -31.88
CA LEU F 181 43.99 38.19 -31.10
C LEU F 181 43.81 39.08 -29.88
N PHE F 182 42.56 39.36 -29.51
CA PHE F 182 42.26 40.22 -28.35
C PHE F 182 41.23 39.53 -27.43
N TYR F 183 41.53 39.51 -26.13
CA TYR F 183 40.64 38.93 -25.15
C TYR F 183 40.39 39.82 -23.89
N PRO F 184 39.32 40.65 -23.89
CA PRO F 184 38.92 41.35 -22.65
C PRO F 184 38.46 40.35 -21.57
N THR F 185 38.90 40.55 -20.34
CA THR F 185 38.83 39.52 -19.30
C THR F 185 38.32 40.09 -17.97
N ALA F 186 37.76 39.19 -17.14
CA ALA F 186 37.47 39.46 -15.75
C ALA F 186 37.75 38.16 -15.02
N ILE F 187 38.96 38.05 -14.47
CA ILE F 187 39.28 36.85 -13.71
C ILE F 187 40.10 37.14 -12.46
N GLY F 188 39.76 36.45 -11.39
CA GLY F 188 40.42 36.64 -10.11
C GLY F 188 40.30 35.42 -9.23
N SER F 189 40.40 35.65 -7.94
CA SER F 189 40.13 34.60 -6.95
C SER F 189 38.72 34.04 -7.14
N GLU F 190 38.43 32.95 -6.44
CA GLU F 190 37.11 32.27 -6.50
C GLU F 190 36.57 32.20 -5.06
N PRO F 191 35.33 32.74 -4.85
CA PRO F 191 34.82 32.99 -3.47
C PRO F 191 34.63 31.77 -2.58
N HIS F 192 34.40 30.62 -3.17
CA HIS F 192 34.17 29.38 -2.41
C HIS F 192 35.45 28.64 -1.96
N ASP F 193 36.60 28.99 -2.54
CA ASP F 193 37.85 28.29 -2.29
C ASP F 193 39.07 29.22 -2.48
N GLN F 194 39.54 29.79 -1.39
CA GLN F 194 40.69 30.72 -1.45
C GLN F 194 42.02 30.07 -1.91
N SER F 195 42.09 28.73 -1.96
CA SER F 195 43.29 28.03 -2.44
C SER F 195 43.44 28.05 -3.97
N ILE F 196 42.39 28.43 -4.71
CA ILE F 196 42.45 28.47 -6.17
C ILE F 196 43.15 29.76 -6.62
N ASP F 197 44.25 29.63 -7.38
CA ASP F 197 44.95 30.75 -7.97
C ASP F 197 45.29 30.40 -9.43
N SER F 198 44.45 30.87 -10.36
CA SER F 198 44.50 30.46 -11.72
C SER F 198 45.42 31.26 -12.65
N ARG F 199 46.07 32.32 -12.15
CA ARG F 199 46.78 33.28 -13.03
C ARG F 199 47.85 32.65 -13.97
N ASP F 200 48.64 31.69 -13.46
CA ASP F 200 49.70 31.09 -14.28
C ASP F 200 49.13 30.18 -15.33
N HIS F 201 48.10 29.42 -14.93
CA HIS F 201 47.39 28.54 -15.82
C HIS F 201 46.75 29.33 -16.98
N TRP F 202 46.11 30.41 -16.61
CA TRP F 202 45.47 31.35 -17.50
C TRP F 202 46.44 31.90 -18.55
N LYS F 203 47.62 32.34 -18.10
CA LYS F 203 48.63 32.88 -19.02
C LYS F 203 49.15 31.78 -19.98
N ARG F 204 49.42 30.60 -19.43
CA ARG F 204 50.01 29.51 -20.21
C ARG F 204 49.10 29.10 -21.36
N VAL F 205 47.79 29.04 -21.10
CA VAL F 205 46.84 28.63 -22.10
C VAL F 205 46.83 29.65 -23.24
N MET F 206 46.78 30.94 -22.93
CA MET F 206 46.81 31.95 -23.98
C MET F 206 48.17 32.03 -24.71
N GLN F 207 49.28 31.90 -24.00
CA GLN F 207 50.57 31.88 -24.69
C GLN F 207 50.59 30.73 -25.70
N GLY F 208 49.94 29.63 -25.32
CA GLY F 208 49.81 28.49 -26.19
C GLY F 208 49.07 28.83 -27.48
N HIS F 209 48.02 29.64 -27.39
CA HIS F 209 47.28 30.04 -28.60
C HIS F 209 48.17 30.91 -29.53
N ALA F 210 48.88 31.83 -28.91
CA ALA F 210 49.75 32.75 -29.64
C ALA F 210 50.82 31.95 -30.41
N GLY F 211 51.48 31.01 -29.72
CA GLY F 211 52.53 30.22 -30.27
C GLY F 211 52.04 29.22 -31.31
N ALA F 212 50.85 28.64 -31.10
CA ALA F 212 50.30 27.68 -32.04
C ALA F 212 49.81 28.29 -33.34
N ASN F 213 49.32 29.52 -33.29
CA ASN F 213 48.83 30.20 -34.46
C ASN F 213 49.82 31.22 -35.05
N LEU F 214 50.93 31.47 -34.35
CA LEU F 214 51.93 32.47 -34.70
C LEU F 214 51.29 33.85 -35.00
N VAL F 215 50.50 34.29 -34.04
CA VAL F 215 49.90 35.63 -34.04
C VAL F 215 50.10 36.23 -32.63
N PRO F 216 50.28 37.55 -32.55
CA PRO F 216 50.33 38.19 -31.24
C PRO F 216 48.94 38.17 -30.59
N LEU F 217 48.95 38.38 -29.28
CA LEU F 217 47.75 38.24 -28.47
C LEU F 217 47.78 39.28 -27.33
N VAL F 218 46.64 39.93 -27.11
CA VAL F 218 46.46 40.96 -26.09
C VAL F 218 45.34 40.53 -25.12
N ALA F 219 45.64 40.54 -23.82
CA ALA F 219 44.66 40.23 -22.79
C ALA F 219 44.60 41.35 -21.76
N SER F 220 43.41 41.89 -21.56
CA SER F 220 43.14 42.97 -20.63
C SER F 220 42.24 42.49 -19.52
N ASN F 221 42.75 42.47 -18.30
CA ASN F 221 42.04 41.98 -17.12
C ASN F 221 41.87 43.08 -16.04
N ARG F 222 40.80 42.92 -15.28
CA ARG F 222 40.46 43.76 -14.14
C ARG F 222 41.39 43.59 -12.93
N ILE F 223 41.44 44.63 -12.10
CA ILE F 223 42.09 44.63 -10.81
C ILE F 223 41.07 45.06 -9.78
N GLY F 224 41.39 44.86 -8.50
CA GLY F 224 40.56 45.31 -7.38
C GLY F 224 39.68 44.25 -6.76
N ASN F 225 39.34 44.44 -5.47
CA ASN F 225 38.36 43.59 -4.78
C ASN F 225 36.98 44.11 -5.03
N GLU F 226 36.04 43.22 -5.34
CA GLU F 226 34.64 43.59 -5.54
C GLU F 226 33.79 42.70 -4.65
N ILE F 227 32.87 43.33 -3.93
CA ILE F 227 31.96 42.65 -3.02
C ILE F 227 30.54 42.87 -3.52
N ILE F 228 29.84 41.78 -3.76
CA ILE F 228 28.49 41.77 -4.35
C ILE F 228 27.57 41.10 -3.35
N GLU F 229 26.36 41.65 -3.20
CA GLU F 229 25.30 41.00 -2.42
C GLU F 229 24.59 40.01 -3.35
N THR F 230 24.62 38.73 -2.97
CA THR F 230 23.98 37.67 -3.72
C THR F 230 22.81 37.10 -2.92
N GLU F 231 22.04 36.25 -3.59
CA GLU F 231 20.94 35.46 -2.99
C GLU F 231 21.36 34.74 -1.71
N HIS F 232 22.65 34.48 -1.52
CA HIS F 232 23.13 33.82 -0.28
C HIS F 232 24.03 34.70 0.59
N GLY F 233 24.04 36.01 0.33
CA GLY F 233 24.85 36.95 1.15
C GLY F 233 26.02 37.48 0.32
N LYS F 234 27.01 38.08 1.00
CA LYS F 234 28.17 38.67 0.35
C LYS F 234 29.06 37.67 -0.33
N SER F 235 29.53 38.03 -1.53
CA SER F 235 30.50 37.22 -2.28
C SER F 235 31.61 38.18 -2.69
N GLU F 236 32.86 37.75 -2.57
CA GLU F 236 33.99 38.63 -2.88
C GLU F 236 34.92 37.97 -3.90
N ILE F 237 35.42 38.77 -4.84
CA ILE F 237 36.47 38.37 -5.76
C ILE F 237 37.56 39.44 -5.73
N LYS F 238 38.82 39.00 -5.60
CA LYS F 238 39.92 39.86 -5.84
C LYS F 238 40.40 39.57 -7.28
N PHE F 239 40.15 40.51 -8.17
CA PHE F 239 40.64 40.39 -9.55
C PHE F 239 42.14 40.52 -9.58
N TYR F 240 42.80 39.68 -10.39
CA TYR F 240 44.25 39.59 -10.28
C TYR F 240 45.11 40.28 -11.37
N GLY F 241 44.50 41.15 -12.16
CA GLY F 241 45.25 41.88 -13.19
C GLY F 241 46.07 40.94 -14.05
N ASN F 242 47.37 41.16 -14.10
CA ASN F 242 48.27 40.38 -14.97
C ASN F 242 47.86 40.52 -16.45
N SER F 243 47.29 41.67 -16.81
CA SER F 243 47.07 41.98 -18.22
C SER F 243 48.40 41.82 -18.95
N PHE F 244 48.37 41.33 -20.17
CA PHE F 244 49.62 41.09 -20.86
C PHE F 244 49.47 41.14 -22.37
N ILE F 245 50.60 41.25 -23.05
CA ILE F 245 50.70 41.20 -24.50
C ILE F 245 51.74 40.16 -24.83
N ALA F 246 51.38 39.22 -25.68
CA ALA F 246 52.26 38.11 -26.07
C ALA F 246 52.58 38.19 -27.53
N GLY F 247 53.82 37.82 -27.88
CA GLY F 247 54.29 37.75 -29.27
C GLY F 247 53.88 36.46 -29.96
N PRO F 248 54.21 36.34 -31.28
CA PRO F 248 53.79 35.21 -32.07
C PRO F 248 54.48 33.88 -31.74
N THR F 249 55.41 33.87 -30.79
CA THR F 249 55.92 32.57 -30.28
C THR F 249 55.42 32.27 -28.87
N GLY F 250 54.48 33.09 -28.39
CA GLY F 250 53.97 32.96 -27.05
C GLY F 250 54.74 33.70 -25.98
N GLU F 251 55.86 34.29 -26.34
CA GLU F 251 56.66 35.12 -25.39
C GLU F 251 55.87 36.35 -24.87
N ILE F 252 55.88 36.58 -23.55
CA ILE F 252 55.27 37.76 -22.98
C ILE F 252 56.18 38.95 -23.28
N VAL F 253 55.69 39.96 -23.98
CA VAL F 253 56.50 41.15 -24.24
C VAL F 253 56.18 42.28 -23.25
N SER F 254 55.03 42.23 -22.62
CA SER F 254 54.67 43.28 -21.68
C SER F 254 53.66 42.68 -20.73
N ILE F 255 53.77 43.01 -19.45
CA ILE F 255 52.86 42.45 -18.47
C ILE F 255 52.68 43.32 -17.26
N ALA F 256 51.45 43.40 -16.77
CA ALA F 256 51.14 44.20 -15.58
C ALA F 256 51.13 43.30 -14.35
N ASP F 257 51.17 43.90 -13.16
CA ASP F 257 51.14 43.10 -11.93
C ASP F 257 49.68 42.84 -11.48
N ASP F 258 49.47 42.38 -10.24
CA ASP F 258 48.10 42.05 -9.83
C ASP F 258 47.31 43.15 -9.12
N LYS F 259 47.82 44.39 -9.14
CA LYS F 259 47.13 45.47 -8.41
C LYS F 259 47.25 46.89 -8.98
N GLU F 260 48.27 47.17 -9.77
CA GLU F 260 48.45 48.47 -10.37
C GLU F 260 47.49 48.68 -11.53
N GLU F 261 47.11 49.94 -11.75
CA GLU F 261 46.42 50.35 -12.96
C GLU F 261 47.53 50.36 -14.01
N ALA F 262 47.24 49.90 -15.24
CA ALA F 262 48.28 49.79 -16.28
C ALA F 262 47.83 50.11 -17.69
N VAL F 263 48.79 50.66 -18.44
CA VAL F 263 48.69 50.87 -19.86
C VAL F 263 49.88 50.11 -20.48
N LEU F 264 49.62 49.02 -21.20
CA LEU F 264 50.69 48.24 -21.79
C LEU F 264 50.75 48.54 -23.29
N ILE F 265 51.95 48.60 -23.83
CA ILE F 265 52.19 49.00 -25.22
C ILE F 265 53.16 48.04 -25.90
N ALA F 266 52.83 47.57 -27.10
CA ALA F 266 53.76 46.76 -27.89
C ALA F 266 53.53 46.98 -29.40
N GLU F 267 54.62 47.06 -30.15
CA GLU F 267 54.58 47.22 -31.58
C GLU F 267 54.92 45.88 -32.26
N PHE F 268 54.15 45.53 -33.29
CA PHE F 268 54.36 44.30 -34.08
C PHE F 268 54.45 44.62 -35.55
N ASN F 269 55.37 43.94 -36.25
CA ASN F 269 55.52 44.09 -37.68
C ASN F 269 54.72 42.98 -38.33
N LEU F 270 53.52 43.32 -38.80
CA LEU F 270 52.56 42.32 -39.27
C LEU F 270 53.00 41.62 -40.53
N ASP F 271 53.79 42.29 -41.37
CA ASP F 271 54.33 41.65 -42.58
C ASP F 271 55.40 40.61 -42.23
N LYS F 272 56.29 40.94 -41.27
CA LYS F 272 57.31 39.98 -40.85
C LYS F 272 56.69 38.77 -40.10
N ILE F 273 55.69 39.02 -39.26
CA ILE F 273 55.03 37.95 -38.55
C ILE F 273 54.26 37.03 -39.52
N LYS F 274 53.57 37.63 -40.50
CA LYS F 274 52.89 36.84 -41.53
C LYS F 274 53.89 35.87 -42.19
N SER F 275 55.05 36.40 -42.55
CA SER F 275 56.05 35.62 -43.24
C SER F 275 56.58 34.48 -42.36
N MET F 276 56.78 34.77 -41.09
CA MET F 276 57.22 33.80 -40.10
C MET F 276 56.13 32.73 -39.88
N ARG F 277 54.89 33.16 -39.76
CA ARG F 277 53.78 32.26 -39.54
C ARG F 277 53.67 31.25 -40.68
N HIS F 278 53.74 31.72 -41.91
CA HIS F 278 53.71 30.86 -43.08
C HIS F 278 54.90 29.93 -43.19
N CYS F 279 56.11 30.41 -42.93
CA CYS F 279 57.30 29.59 -43.06
CA CYS F 279 57.26 29.54 -43.13
C CYS F 279 57.38 28.48 -41.99
N TRP F 280 56.84 28.74 -40.82
CA TRP F 280 56.85 27.72 -39.74
C TRP F 280 56.00 26.52 -40.16
N GLY F 281 54.95 26.78 -40.91
CA GLY F 281 54.31 25.76 -41.69
C GLY F 281 53.11 25.05 -41.09
N VAL F 282 52.72 25.45 -39.89
CA VAL F 282 51.59 24.77 -39.24
C VAL F 282 50.33 24.84 -40.07
N PHE F 283 50.00 25.97 -40.67
CA PHE F 283 48.78 26.05 -41.48
C PHE F 283 48.82 25.24 -42.78
N ARG F 284 50.02 25.04 -43.30
CA ARG F 284 50.28 24.16 -44.45
C ARG F 284 50.03 22.68 -44.11
N ASP F 285 50.27 22.32 -42.85
CA ASP F 285 50.34 20.92 -42.41
C ASP F 285 49.11 20.43 -41.68
N ARG F 286 48.13 21.30 -41.50
CA ARG F 286 46.92 20.96 -40.75
C ARG F 286 46.17 19.86 -41.45
N ARG F 287 45.45 19.05 -40.64
CA ARG F 287 44.74 17.91 -41.11
C ARG F 287 43.23 17.91 -40.82
N PRO F 288 42.49 18.83 -41.45
CA PRO F 288 41.03 18.90 -41.18
C PRO F 288 40.28 17.61 -41.44
N ASP F 289 40.78 16.77 -42.33
CA ASP F 289 40.18 15.45 -42.58
C ASP F 289 40.21 14.53 -41.34
N LEU F 290 41.07 14.84 -40.39
CA LEU F 290 41.18 14.07 -39.15
C LEU F 290 40.60 14.81 -37.93
N TYR F 291 39.94 15.94 -38.15
CA TYR F 291 39.49 16.75 -37.03
C TYR F 291 37.95 16.67 -36.69
N LYS F 292 37.23 15.73 -37.30
CA LYS F 292 35.79 15.60 -37.05
C LYS F 292 35.42 15.36 -35.59
N VAL F 293 36.29 14.66 -34.86
CA VAL F 293 36.06 14.44 -33.41
C VAL F 293 35.88 15.79 -32.66
N LEU F 294 36.46 16.87 -33.20
CA LEU F 294 36.31 18.17 -32.56
C LEU F 294 34.86 18.71 -32.61
N LEU F 295 34.03 18.13 -33.47
CA LEU F 295 32.65 18.53 -33.57
C LEU F 295 31.74 17.62 -32.68
N THR F 296 32.36 16.85 -31.78
CA THR F 296 31.66 16.07 -30.78
C THR F 296 31.95 16.76 -29.42
N LEU F 297 31.14 16.45 -28.40
CA LEU F 297 31.46 16.83 -27.00
C LEU F 297 32.05 15.65 -26.22
N ASP F 298 31.60 14.44 -26.54
CA ASP F 298 31.96 13.22 -25.81
C ASP F 298 32.98 12.36 -26.50
N GLY F 299 33.54 12.86 -27.62
CA GLY F 299 34.55 12.12 -28.35
C GLY F 299 34.07 11.07 -29.30
N LYS F 300 32.74 10.96 -29.46
CA LYS F 300 32.12 9.95 -30.32
C LYS F 300 30.97 10.47 -31.20
N ASN F 301 30.00 11.21 -30.63
CA ASN F 301 28.76 11.59 -31.36
C ASN F 301 28.80 13.00 -31.87
N PRO F 302 28.75 13.21 -33.22
CA PRO F 302 28.81 14.59 -33.73
C PRO F 302 27.56 15.32 -33.24
N VAL F 303 27.70 16.59 -32.92
CA VAL F 303 26.51 17.34 -32.46
C VAL F 303 25.67 17.73 -33.68
N LEU F 304 24.39 18.01 -33.42
CA LEU F 304 23.44 18.36 -34.49
C LEU F 304 23.69 19.78 -35.02
N ARG G 10 -6.34 -0.60 -29.68
CA ARG G 10 -5.01 -0.62 -28.96
C ARG G 10 -4.99 0.30 -27.72
N LYS G 11 -4.98 -0.31 -26.53
CA LYS G 11 -4.98 0.43 -25.27
C LYS G 11 -3.73 0.17 -24.45
N VAL G 12 -3.07 1.24 -24.04
CA VAL G 12 -1.90 1.20 -23.19
C VAL G 12 -2.26 1.81 -21.82
N VAL G 13 -1.74 1.22 -20.74
CA VAL G 13 -1.93 1.81 -19.39
C VAL G 13 -0.59 2.50 -18.97
N VAL G 14 -0.68 3.75 -18.55
CA VAL G 14 0.48 4.53 -18.11
C VAL G 14 0.41 4.92 -16.64
N SER G 15 1.61 5.10 -16.05
CA SER G 15 1.76 5.40 -14.62
C SER G 15 2.77 6.46 -14.35
N ALA G 16 2.38 7.44 -13.50
CA ALA G 16 3.31 8.40 -12.90
C ALA G 16 3.51 7.90 -11.47
N LEU G 17 4.78 7.85 -11.05
CA LEU G 17 5.16 7.58 -9.67
C LEU G 17 5.68 8.87 -9.00
N GLN G 18 5.55 8.92 -7.69
CA GLN G 18 5.90 10.09 -6.87
C GLN G 18 6.37 9.63 -5.49
N PHE G 19 7.65 9.88 -5.18
CA PHE G 19 8.21 9.43 -3.92
C PHE G 19 9.34 10.34 -3.51
N ALA G 20 9.70 10.21 -2.24
CA ALA G 20 10.76 10.95 -1.62
C ALA G 20 12.03 10.10 -1.73
N CYS G 21 13.18 10.79 -1.81
CA CYS G 21 14.48 10.13 -1.92
C CYS G 21 15.34 10.37 -0.68
N THR G 22 16.20 9.40 -0.36
CA THR G 22 17.30 9.57 0.60
C THR G 22 18.51 9.85 -0.27
N ASP G 23 19.72 9.98 0.32
CA ASP G 23 20.92 10.18 -0.53
C ASP G 23 21.73 8.88 -0.71
N ASP G 24 21.04 7.76 -0.57
CA ASP G 24 21.61 6.45 -0.75
C ASP G 24 20.98 5.80 -2.01
N VAL G 25 21.83 5.42 -2.99
CA VAL G 25 21.36 4.83 -4.29
C VAL G 25 20.52 3.56 -4.11
N SER G 26 21.04 2.62 -3.31
CA SER G 26 20.38 1.34 -3.09
C SER G 26 18.97 1.46 -2.44
N THR G 27 18.80 2.39 -1.51
CA THR G 27 17.45 2.64 -0.90
C THR G 27 16.46 3.15 -1.98
N ASN G 28 16.91 4.11 -2.77
CA ASN G 28 16.05 4.76 -3.75
C ASN G 28 15.67 3.83 -4.87
N VAL G 29 16.63 3.01 -5.28
CA VAL G 29 16.34 1.99 -6.29
C VAL G 29 15.32 0.96 -5.74
N THR G 30 15.51 0.49 -4.48
CA THR G 30 14.50 -0.36 -3.81
C THR G 30 13.12 0.31 -3.83
N THR G 31 13.07 1.61 -3.54
CA THR G 31 11.81 2.36 -3.54
C THR G 31 11.17 2.37 -4.91
N ALA G 32 11.98 2.67 -5.95
CA ALA G 32 11.48 2.66 -7.35
C ALA G 32 10.92 1.28 -7.76
N GLU G 33 11.61 0.19 -7.36
CA GLU G 33 11.21 -1.18 -7.69
C GLU G 33 9.84 -1.50 -7.10
N ARG G 34 9.64 -1.11 -5.83
CA ARG G 34 8.38 -1.34 -5.07
C ARG G 34 7.17 -0.65 -5.75
N LEU G 35 7.35 0.62 -6.12
CA LEU G 35 6.31 1.39 -6.81
C LEU G 35 6.13 0.93 -8.29
N VAL G 36 7.19 0.49 -8.96
CA VAL G 36 7.02 -0.08 -10.29
C VAL G 36 6.14 -1.38 -10.21
N ARG G 37 6.43 -2.28 -9.26
CA ARG G 37 5.60 -3.49 -9.04
C ARG G 37 4.14 -3.16 -8.70
N ALA G 38 3.95 -2.11 -7.90
CA ALA G 38 2.58 -1.64 -7.53
C ALA G 38 1.87 -1.16 -8.81
N ALA G 39 2.58 -0.35 -9.62
CA ALA G 39 2.01 0.14 -10.90
C ALA G 39 1.59 -1.05 -11.74
N HIS G 40 2.54 -1.98 -11.93
CA HIS G 40 2.30 -3.21 -12.72
C HIS G 40 1.11 -4.00 -12.20
N LYS G 41 0.97 -4.05 -10.86
CA LYS G 41 -0.13 -4.75 -10.20
C LYS G 41 -1.48 -4.08 -10.53
N GLN G 42 -1.47 -2.75 -10.72
CA GLN G 42 -2.66 -1.99 -11.14
C GLN G 42 -2.88 -1.92 -12.68
N GLY G 43 -2.12 -2.71 -13.45
CA GLY G 43 -2.28 -2.77 -14.91
C GLY G 43 -1.29 -1.98 -15.79
N ALA G 44 -0.30 -1.34 -15.19
CA ALA G 44 0.63 -0.49 -15.96
C ALA G 44 1.49 -1.25 -17.00
N ASN G 45 1.54 -0.70 -18.22
CA ASN G 45 2.43 -1.18 -19.28
C ASN G 45 3.70 -0.30 -19.33
N ILE G 46 3.56 0.98 -18.98
CA ILE G 46 4.70 1.90 -19.03
C ILE G 46 4.69 2.68 -17.75
N VAL G 47 5.80 2.62 -17.02
CA VAL G 47 5.91 3.23 -15.68
C VAL G 47 7.03 4.27 -15.60
N LEU G 48 6.67 5.52 -15.26
CA LEU G 48 7.61 6.65 -15.26
C LEU G 48 8.12 6.99 -13.87
N ILE G 49 9.43 6.85 -13.72
CA ILE G 49 10.13 7.20 -12.49
C ILE G 49 10.72 8.65 -12.59
N GLN G 50 10.53 9.42 -11.52
CA GLN G 50 11.01 10.83 -11.42
C GLN G 50 12.53 11.05 -11.72
N GLU G 51 12.90 12.31 -11.96
CA GLU G 51 14.26 12.69 -12.38
C GLU G 51 15.36 12.45 -11.33
N LEU G 52 16.49 11.90 -11.77
CA LEU G 52 17.65 11.73 -10.86
C LEU G 52 17.27 11.09 -9.49
N PHE G 53 16.33 10.13 -9.57
CA PHE G 53 15.81 9.45 -8.39
C PHE G 53 16.87 8.64 -7.60
N GLU G 54 18.05 8.34 -8.20
CA GLU G 54 19.15 7.63 -7.47
C GLU G 54 19.65 8.32 -6.18
N GLY G 55 19.41 9.62 -6.06
CA GLY G 55 19.84 10.34 -4.88
C GLY G 55 19.06 11.61 -4.64
N TYR G 56 19.54 12.37 -3.66
CA TYR G 56 19.08 13.73 -3.43
C TYR G 56 19.33 14.54 -4.71
N TYR G 57 18.45 15.55 -4.94
CA TYR G 57 18.62 16.51 -6.03
C TYR G 57 19.81 17.42 -5.65
N PHE G 58 20.98 16.96 -6.08
CA PHE G 58 22.28 17.57 -5.66
C PHE G 58 22.58 18.92 -6.33
N CYS G 59 21.80 19.26 -7.36
CA CYS G 59 22.05 20.51 -8.14
C CYS G 59 21.76 21.83 -7.38
N GLN G 60 21.37 21.75 -6.09
CA GLN G 60 21.34 22.97 -5.21
C GLN G 60 22.76 23.50 -5.02
N ALA G 61 23.73 22.58 -5.02
CA ALA G 61 25.16 22.95 -4.90
C ALA G 61 25.87 22.94 -6.27
N GLN G 62 26.97 23.69 -6.31
CA GLN G 62 27.93 23.73 -7.41
C GLN G 62 29.23 23.24 -6.77
N ARG G 63 29.39 21.90 -6.78
CA ARG G 63 30.51 21.23 -6.11
C ARG G 63 31.23 20.31 -7.04
N GLU G 64 32.55 20.43 -7.02
CA GLU G 64 33.44 19.57 -7.75
C GLU G 64 33.16 18.07 -7.50
N ASP G 65 33.09 17.67 -6.23
CA ASP G 65 32.88 16.24 -5.93
C ASP G 65 31.53 15.68 -6.47
N PHE G 66 30.48 16.50 -6.49
CA PHE G 66 29.19 16.06 -7.00
C PHE G 66 29.22 15.71 -8.51
N ILE G 67 30.05 16.40 -9.28
CA ILE G 67 30.21 16.06 -10.72
C ILE G 67 30.62 14.57 -10.86
N GLN G 68 31.46 14.11 -9.93
CA GLN G 68 31.93 12.72 -9.92
C GLN G 68 30.89 11.71 -9.46
N ARG G 69 29.65 12.16 -9.21
CA ARG G 69 28.54 11.23 -9.06
C ARG G 69 28.13 10.58 -10.43
N ALA G 70 28.53 11.18 -11.55
CA ALA G 70 28.13 10.68 -12.88
C ALA G 70 28.74 9.30 -13.17
N LYS G 71 28.08 8.53 -14.03
CA LYS G 71 28.54 7.20 -14.40
C LYS G 71 28.36 6.97 -15.91
N PRO G 72 29.23 6.14 -16.52
CA PRO G 72 28.95 5.87 -17.93
C PRO G 72 27.58 5.21 -18.14
N TYR G 73 27.03 5.46 -19.32
CA TYR G 73 25.83 4.83 -19.81
C TYR G 73 26.08 3.31 -19.88
N LYS G 74 27.27 2.96 -20.33
CA LYS G 74 27.67 1.55 -20.53
C LYS G 74 27.80 0.81 -19.18
N ASP G 75 27.10 -0.33 -19.08
CA ASP G 75 27.11 -1.17 -17.90
C ASP G 75 26.74 -0.38 -16.63
N HIS G 76 25.70 0.44 -16.73
CA HIS G 76 25.25 1.23 -15.60
C HIS G 76 24.47 0.31 -14.61
N PRO G 77 24.87 0.29 -13.32
CA PRO G 77 24.28 -0.65 -12.32
C PRO G 77 22.75 -0.49 -12.14
N THR G 78 22.30 0.75 -12.09
CA THR G 78 20.89 1.03 -11.93
C THR G 78 20.10 0.65 -13.20
N ILE G 79 20.63 0.99 -14.39
CA ILE G 79 19.95 0.63 -15.65
C ILE G 79 19.84 -0.90 -15.69
N MET G 80 20.97 -1.54 -15.43
CA MET G 80 21.07 -2.99 -15.49
C MET G 80 20.05 -3.69 -14.57
N ARG G 81 19.92 -3.16 -13.34
CA ARG G 81 19.00 -3.67 -12.33
C ARG G 81 17.54 -3.49 -12.78
N LEU G 82 17.22 -2.33 -13.33
CA LEU G 82 15.85 -2.08 -13.80
C LEU G 82 15.52 -2.80 -15.12
N GLN G 83 16.56 -3.14 -15.88
CA GLN G 83 16.34 -3.98 -17.06
C GLN G 83 15.78 -5.38 -16.63
N LYS G 84 16.32 -5.95 -15.55
CA LYS G 84 15.78 -7.22 -15.01
C LYS G 84 14.27 -7.04 -14.65
N LEU G 85 13.96 -5.95 -13.92
CA LEU G 85 12.58 -5.65 -13.48
C LEU G 85 11.62 -5.45 -14.69
N ALA G 86 12.04 -4.63 -15.67
CA ALA G 86 11.28 -4.40 -16.89
C ALA G 86 10.87 -5.72 -17.49
N LYS G 87 11.86 -6.61 -17.58
CA LYS G 87 11.81 -7.92 -18.24
C LYS G 87 10.85 -8.89 -17.54
N GLU G 88 11.06 -9.06 -16.25
CA GLU G 88 10.17 -9.88 -15.44
C GLU G 88 8.70 -9.47 -15.64
N LEU G 89 8.40 -8.17 -15.51
CA LEU G 89 7.00 -7.67 -15.48
C LEU G 89 6.39 -7.43 -16.86
N GLY G 90 7.24 -7.21 -17.85
CA GLY G 90 6.79 -6.83 -19.16
C GLY G 90 6.35 -5.39 -19.13
N VAL G 91 7.11 -4.53 -18.44
CA VAL G 91 6.78 -3.12 -18.50
C VAL G 91 7.97 -2.33 -19.06
N VAL G 92 7.61 -1.19 -19.67
CA VAL G 92 8.56 -0.20 -20.18
C VAL G 92 8.94 0.73 -19.02
N ILE G 93 10.26 0.89 -18.80
CA ILE G 93 10.79 1.73 -17.73
C ILE G 93 11.89 2.70 -18.24
N PRO G 94 11.55 4.01 -18.44
CA PRO G 94 12.60 5.06 -18.64
C PRO G 94 13.42 5.29 -17.34
N VAL G 95 14.76 5.27 -17.47
CA VAL G 95 15.70 5.37 -16.32
C VAL G 95 16.54 6.66 -16.39
N SER G 96 16.14 7.63 -15.56
CA SER G 96 16.88 8.89 -15.36
C SER G 96 18.25 8.64 -14.66
N PHE G 97 19.33 9.25 -15.21
CA PHE G 97 20.64 9.05 -14.60
C PHE G 97 21.58 10.17 -15.02
N PHE G 98 22.65 10.33 -14.22
CA PHE G 98 23.70 11.32 -14.44
C PHE G 98 24.80 10.62 -15.23
N GLU G 99 24.90 10.98 -16.52
CA GLU G 99 25.80 10.32 -17.44
C GLU G 99 27.20 10.97 -17.56
N GLU G 100 28.24 10.16 -17.51
CA GLU G 100 29.61 10.62 -17.87
C GLU G 100 29.93 10.01 -19.23
N ALA G 101 30.44 10.83 -20.14
CA ALA G 101 30.81 10.34 -21.48
C ALA G 101 32.15 10.99 -21.84
N ASN G 102 33.26 10.30 -21.49
CA ASN G 102 34.62 10.87 -21.50
C ASN G 102 34.58 12.17 -20.66
N ASN G 103 34.93 13.32 -21.20
CA ASN G 103 34.86 14.55 -20.40
C ASN G 103 33.49 15.31 -20.44
N ALA G 104 32.56 14.83 -21.27
CA ALA G 104 31.21 15.37 -21.30
C ALA G 104 30.40 14.75 -20.16
N HIS G 105 29.39 15.48 -19.71
CA HIS G 105 28.45 15.02 -18.71
C HIS G 105 27.07 15.43 -19.15
N TYR G 106 26.09 14.58 -18.90
CA TYR G 106 24.73 14.84 -19.29
C TYR G 106 23.72 14.40 -18.22
N ASN G 107 22.56 15.08 -18.26
CA ASN G 107 21.36 14.67 -17.53
C ASN G 107 20.61 13.76 -18.56
N SER G 108 20.68 12.44 -18.37
CA SER G 108 20.23 11.52 -19.43
C SER G 108 19.17 10.54 -18.98
N ILE G 109 18.54 9.87 -19.96
CA ILE G 109 17.52 8.89 -19.65
C ILE G 109 17.62 7.69 -20.62
N ALA G 110 17.68 6.47 -20.06
CA ALA G 110 17.69 5.22 -20.87
C ALA G 110 16.29 4.59 -20.88
N ILE G 111 15.75 4.31 -22.10
CA ILE G 111 14.44 3.69 -22.31
C ILE G 111 14.56 2.15 -22.38
N ILE G 112 14.10 1.46 -21.32
CA ILE G 112 14.12 0.00 -21.30
C ILE G 112 12.75 -0.50 -21.77
N ASP G 113 12.75 -1.35 -22.79
CA ASP G 113 11.50 -1.91 -23.35
C ASP G 113 11.00 -3.05 -22.43
N ALA G 114 9.78 -3.53 -22.73
CA ALA G 114 9.10 -4.56 -21.94
C ALA G 114 9.71 -5.97 -22.07
N ASP G 115 10.67 -6.12 -22.96
CA ASP G 115 11.47 -7.32 -22.98
C ASP G 115 12.81 -7.06 -22.27
N GLY G 116 12.96 -5.88 -21.64
CA GLY G 116 14.20 -5.54 -20.95
C GLY G 116 15.32 -4.99 -21.83
N THR G 117 15.02 -4.73 -23.10
CA THR G 117 16.00 -4.27 -24.10
C THR G 117 16.30 -2.80 -23.80
N ASP G 118 17.58 -2.44 -23.80
CA ASP G 118 17.98 -1.03 -23.68
C ASP G 118 17.81 -0.41 -25.09
N LEU G 119 16.77 0.42 -25.27
CA LEU G 119 16.44 0.98 -26.59
C LEU G 119 17.27 2.24 -26.96
N GLY G 120 18.10 2.71 -26.05
CA GLY G 120 18.94 3.91 -26.33
C GLY G 120 18.67 5.04 -25.36
N ILE G 121 19.37 6.17 -25.55
CA ILE G 121 19.26 7.31 -24.63
C ILE G 121 18.82 8.63 -25.26
N TYR G 122 18.25 9.47 -24.40
CA TYR G 122 17.98 10.85 -24.67
C TYR G 122 18.80 11.68 -23.62
N ARG G 123 19.46 12.72 -24.10
CA ARG G 123 20.21 13.62 -23.23
C ARG G 123 19.45 14.94 -23.13
N LYS G 124 19.18 15.37 -21.88
CA LYS G 124 18.43 16.60 -21.58
C LYS G 124 18.97 17.74 -22.41
N SER G 125 18.05 18.43 -23.15
CA SER G 125 18.40 19.48 -24.12
C SER G 125 18.46 20.91 -23.53
N HIS G 126 17.45 21.25 -22.72
CA HIS G 126 17.31 22.57 -22.10
C HIS G 126 17.73 22.40 -20.63
N ILE G 127 18.76 23.14 -20.24
CA ILE G 127 19.39 22.97 -18.93
C ILE G 127 19.04 24.17 -18.06
N PRO G 128 18.33 23.95 -16.94
CA PRO G 128 17.92 25.07 -16.08
C PRO G 128 19.08 25.62 -15.26
N ASP G 129 18.87 26.80 -14.70
CA ASP G 129 19.88 27.43 -13.89
C ASP G 129 19.27 28.36 -12.80
N GLY G 130 20.05 28.63 -11.77
CA GLY G 130 19.66 29.58 -10.74
C GLY G 130 19.61 28.90 -9.39
N PRO G 131 19.44 29.69 -8.34
CA PRO G 131 19.50 29.14 -6.96
C PRO G 131 18.56 27.94 -6.78
N GLY G 132 19.07 26.83 -6.26
CA GLY G 132 18.30 25.61 -6.10
C GLY G 132 18.46 24.61 -7.25
N TYR G 133 18.75 25.11 -8.45
CA TYR G 133 18.68 24.30 -9.67
C TYR G 133 19.86 24.64 -10.57
N GLU G 134 21.06 24.46 -10.03
CA GLU G 134 22.32 24.88 -10.72
C GLU G 134 22.75 23.82 -11.73
N GLU G 135 21.80 23.40 -12.58
CA GLU G 135 22.06 22.28 -13.48
C GLU G 135 23.10 22.65 -14.55
N LYS G 136 23.13 23.93 -14.95
CA LYS G 136 24.11 24.38 -15.99
C LYS G 136 25.58 24.15 -15.58
N PHE G 137 25.81 24.03 -14.27
CA PHE G 137 27.17 23.73 -13.74
C PHE G 137 27.57 22.26 -13.99
N TYR G 138 26.58 21.35 -14.07
CA TYR G 138 26.85 19.90 -14.18
C TYR G 138 26.77 19.31 -15.56
N PHE G 139 25.83 19.81 -16.36
CA PHE G 139 25.44 19.16 -17.61
C PHE G 139 25.76 19.95 -18.88
N ASN G 140 26.45 19.28 -19.84
CA ASN G 140 26.53 19.82 -21.19
C ASN G 140 25.10 19.84 -21.71
N PRO G 141 24.72 20.90 -22.44
CA PRO G 141 23.41 20.82 -23.12
C PRO G 141 23.39 19.57 -24.01
N GLY G 142 22.30 18.82 -23.99
CA GLY G 142 22.24 17.52 -24.67
C GLY G 142 22.43 17.62 -26.16
N ASP G 143 22.94 16.56 -26.73
CA ASP G 143 23.30 16.51 -28.14
C ASP G 143 22.67 15.33 -28.95
N THR G 144 21.71 14.63 -28.34
CA THR G 144 20.96 13.61 -29.04
C THR G 144 19.87 14.24 -29.91
N GLY G 145 19.42 15.43 -29.52
CA GLY G 145 18.23 15.98 -30.13
C GLY G 145 17.02 15.25 -29.50
N PHE G 146 15.82 15.66 -29.85
CA PHE G 146 14.60 15.02 -29.32
C PHE G 146 14.39 13.68 -30.05
N LYS G 147 13.91 12.69 -29.31
CA LYS G 147 13.79 11.34 -29.83
C LYS G 147 12.49 10.69 -29.41
N VAL G 148 12.11 9.74 -30.24
CA VAL G 148 10.94 8.90 -29.97
CA VAL G 148 10.93 8.91 -29.99
C VAL G 148 11.41 7.47 -29.99
N PHE G 149 10.89 6.69 -29.05
CA PHE G 149 11.24 5.29 -28.95
C PHE G 149 10.06 4.39 -29.29
N GLN G 150 10.25 3.46 -30.25
CA GLN G 150 9.28 2.40 -30.51
C GLN G 150 9.38 1.32 -29.41
N THR G 151 8.37 1.26 -28.52
CA THR G 151 8.36 0.23 -27.44
C THR G 151 7.31 -0.81 -27.80
N LYS G 152 7.28 -1.90 -27.07
CA LYS G 152 6.26 -2.92 -27.35
C LYS G 152 4.80 -2.40 -27.36
N TYR G 153 4.52 -1.30 -26.65
CA TYR G 153 3.15 -0.79 -26.51
C TYR G 153 2.82 0.42 -27.34
N ALA G 154 3.84 1.20 -27.68
CA ALA G 154 3.65 2.52 -28.25
C ALA G 154 4.97 3.18 -28.64
N LYS G 155 4.89 4.15 -29.56
CA LYS G 155 5.96 5.12 -29.79
C LYS G 155 5.77 6.19 -28.69
N ILE G 156 6.81 6.41 -27.93
CA ILE G 156 6.77 7.36 -26.81
C ILE G 156 7.84 8.44 -26.98
N GLY G 157 7.49 9.66 -26.55
CA GLY G 157 8.42 10.78 -26.50
C GLY G 157 8.80 10.97 -25.03
N VAL G 158 10.08 10.78 -24.71
CA VAL G 158 10.61 10.93 -23.36
C VAL G 158 11.57 12.14 -23.37
N ALA G 159 11.27 13.18 -22.59
CA ALA G 159 12.22 14.30 -22.40
C ALA G 159 12.39 14.42 -20.89
N ILE G 160 13.16 15.40 -20.43
CA ILE G 160 13.54 15.44 -19.01
C ILE G 160 13.31 16.83 -18.38
N CYS G 161 12.66 16.80 -17.24
CA CYS G 161 12.35 17.99 -16.41
C CYS G 161 12.18 19.33 -17.16
N TRP G 162 13.17 20.22 -17.09
CA TRP G 162 13.09 21.55 -17.73
C TRP G 162 12.62 21.49 -19.23
N ASP G 163 12.95 20.40 -19.96
CA ASP G 163 12.43 20.21 -21.35
C ASP G 163 10.89 20.38 -21.45
N GLN G 164 10.19 20.03 -20.35
CA GLN G 164 8.72 20.13 -20.30
C GLN G 164 8.17 21.58 -20.41
N TRP G 165 9.01 22.60 -20.26
CA TRP G 165 8.54 23.99 -20.44
C TRP G 165 8.54 24.47 -21.92
N PHE G 166 9.08 23.65 -22.83
CA PHE G 166 9.36 24.07 -24.21
C PHE G 166 8.43 23.44 -25.21
N PRO G 167 7.50 24.26 -25.77
CA PRO G 167 6.55 23.72 -26.81
C PRO G 167 7.28 23.06 -27.99
N GLU G 168 8.48 23.55 -28.28
CA GLU G 168 9.34 23.00 -29.36
C GLU G 168 9.66 21.52 -29.11
N ALA G 169 10.00 21.16 -27.85
CA ALA G 169 10.32 19.76 -27.52
C ALA G 169 9.12 18.81 -27.76
N ALA G 170 7.96 19.23 -27.25
CA ALA G 170 6.74 18.43 -27.35
C ALA G 170 6.32 18.28 -28.82
N ARG G 171 6.40 19.40 -29.56
CA ARG G 171 6.05 19.42 -30.98
C ARG G 171 7.02 18.53 -31.81
N ALA G 172 8.33 18.62 -31.50
CA ALA G 172 9.30 17.81 -32.21
C ALA G 172 9.01 16.31 -31.99
N MET G 173 8.70 15.92 -30.74
CA MET G 173 8.40 14.50 -30.45
C MET G 173 7.12 14.08 -31.16
N ALA G 174 6.08 14.92 -31.11
CA ALA G 174 4.80 14.62 -31.82
C ALA G 174 5.04 14.43 -33.32
N LEU G 175 5.79 15.34 -33.95
CA LEU G 175 6.14 15.26 -35.38
C LEU G 175 6.90 13.97 -35.77
N GLN G 176 7.66 13.43 -34.80
CA GLN G 176 8.45 12.18 -35.02
C GLN G 176 7.68 10.90 -34.62
N GLY G 177 6.33 11.00 -34.47
CA GLY G 177 5.45 9.83 -34.19
C GLY G 177 5.11 9.54 -32.70
N ALA G 178 5.51 10.41 -31.74
CA ALA G 178 5.16 10.21 -30.29
C ALA G 178 3.65 10.09 -30.04
N GLU G 179 3.23 8.98 -29.44
CA GLU G 179 1.79 8.74 -29.12
C GLU G 179 1.53 9.14 -27.69
N ILE G 180 2.59 9.14 -26.86
CA ILE G 180 2.51 9.60 -25.48
C ILE G 180 3.82 10.32 -25.18
N LEU G 181 3.71 11.34 -24.32
CA LEU G 181 4.85 12.12 -23.89
C LEU G 181 5.12 11.87 -22.42
N PHE G 182 6.39 11.77 -22.05
CA PHE G 182 6.79 11.51 -20.68
C PHE G 182 7.88 12.48 -20.18
N TYR G 183 7.67 13.09 -19.00
CA TYR G 183 8.65 14.01 -18.43
C TYR G 183 8.97 13.71 -16.96
N PRO G 184 10.07 12.99 -16.69
CA PRO G 184 10.54 12.85 -15.29
C PRO G 184 11.01 14.22 -14.75
N THR G 185 10.58 14.58 -13.54
CA THR G 185 10.72 15.93 -13.05
C THR G 185 11.29 15.98 -11.62
N ALA G 186 11.98 17.09 -11.31
CA ALA G 186 12.35 17.44 -9.93
C ALA G 186 12.19 18.97 -9.79
N ILE G 187 11.02 19.39 -9.30
CA ILE G 187 10.71 20.81 -9.16
C ILE G 187 10.00 21.03 -7.84
N GLY G 188 10.33 22.14 -7.19
CA GLY G 188 9.78 22.46 -5.89
C GLY G 188 9.91 23.92 -5.59
N SER G 189 10.09 24.24 -4.31
CA SER G 189 10.33 25.59 -3.91
C SER G 189 11.71 26.01 -4.39
N GLU G 190 11.98 27.31 -4.30
CA GLU G 190 13.26 27.89 -4.71
C GLU G 190 13.88 28.51 -3.45
N PRO G 191 15.16 28.16 -3.15
CA PRO G 191 15.72 28.50 -1.83
C PRO G 191 15.99 29.99 -1.60
N HIS G 192 16.08 30.76 -2.66
CA HIS G 192 16.34 32.23 -2.52
C HIS G 192 15.10 33.08 -2.32
N ASP G 193 13.93 32.49 -2.55
CA ASP G 193 12.68 33.25 -2.55
C ASP G 193 11.49 32.34 -2.27
N GLN G 194 11.06 32.34 -1.00
CA GLN G 194 9.91 31.51 -0.58
C GLN G 194 8.57 31.94 -1.21
N SER G 195 8.52 33.15 -1.79
CA SER G 195 7.28 33.63 -2.50
C SER G 195 7.07 32.99 -3.91
N ILE G 196 8.04 32.26 -4.43
CA ILE G 196 7.89 31.58 -5.73
C ILE G 196 7.21 30.20 -5.57
N ASP G 197 5.97 30.09 -6.06
CA ASP G 197 5.23 28.82 -6.09
C ASP G 197 4.87 28.53 -7.55
N SER G 198 5.64 27.63 -8.18
CA SER G 198 5.53 27.43 -9.62
C SER G 198 4.57 26.30 -10.07
N ARG G 199 3.90 25.64 -9.11
CA ARG G 199 3.16 24.41 -9.45
C ARG G 199 2.04 24.58 -10.50
N ASP G 200 1.27 25.66 -10.42
CA ASP G 200 0.11 25.85 -11.33
C ASP G 200 0.60 26.18 -12.76
N HIS G 201 1.55 27.11 -12.80
CA HIS G 201 2.25 27.52 -14.03
C HIS G 201 2.86 26.30 -14.73
N TRP G 202 3.57 25.49 -13.93
CA TRP G 202 4.21 24.22 -14.38
C TRP G 202 3.21 23.26 -15.09
N LYS G 203 2.10 22.98 -14.38
CA LYS G 203 0.98 22.18 -14.94
C LYS G 203 0.41 22.81 -16.23
N ARG G 204 0.12 24.12 -16.19
CA ARG G 204 -0.53 24.79 -17.34
C ARG G 204 0.31 24.67 -18.62
N VAL G 205 1.62 24.82 -18.53
CA VAL G 205 2.47 24.82 -19.72
C VAL G 205 2.39 23.43 -20.40
N MET G 206 2.43 22.37 -19.57
CA MET G 206 2.40 20.99 -20.07
C MET G 206 1.04 20.62 -20.61
N GLN G 207 -0.01 21.10 -19.93
CA GLN G 207 -1.41 20.92 -20.38
C GLN G 207 -1.56 21.50 -21.77
N GLY G 208 -0.92 22.65 -21.97
CA GLY G 208 -0.84 23.27 -23.28
C GLY G 208 -0.24 22.37 -24.35
N HIS G 209 0.86 21.68 -24.03
CA HIS G 209 1.53 20.79 -25.00
C HIS G 209 0.63 19.60 -25.40
N ALA G 210 -0.01 18.97 -24.40
CA ALA G 210 -0.91 17.86 -24.66
C ALA G 210 -2.04 18.32 -25.61
N GLY G 211 -2.63 19.47 -25.30
CA GLY G 211 -3.74 20.01 -26.10
C GLY G 211 -3.36 20.45 -27.51
N ALA G 212 -2.19 21.09 -27.63
CA ALA G 212 -1.71 21.56 -28.94
C ALA G 212 -1.33 20.40 -29.87
N ASN G 213 -0.82 19.30 -29.31
CA ASN G 213 -0.41 18.15 -30.15
C ASN G 213 -1.45 17.02 -30.21
N LEU G 214 -2.43 17.08 -29.31
CA LEU G 214 -3.44 16.05 -29.15
C LEU G 214 -2.80 14.70 -28.75
N VAL G 215 -1.93 14.74 -27.73
CA VAL G 215 -1.27 13.53 -27.18
C VAL G 215 -1.35 13.55 -25.67
N PRO G 216 -1.57 12.37 -25.02
CA PRO G 216 -1.55 12.37 -23.57
C PRO G 216 -0.14 12.62 -23.05
N LEU G 217 -0.06 12.98 -21.79
CA LEU G 217 1.20 13.39 -21.20
C LEU G 217 1.31 12.96 -19.73
N VAL G 218 2.49 12.45 -19.37
CA VAL G 218 2.76 11.96 -18.02
C VAL G 218 3.92 12.76 -17.43
N ALA G 219 3.72 13.28 -16.21
CA ALA G 219 4.77 14.05 -15.46
C ALA G 219 4.93 13.45 -14.07
N SER G 220 6.15 13.00 -13.76
CA SER G 220 6.45 12.36 -12.46
C SER G 220 7.37 13.27 -11.70
N ASN G 221 6.92 13.77 -10.58
CA ASN G 221 7.73 14.67 -9.82
C ASN G 221 7.93 14.13 -8.38
N ARG G 222 9.08 14.53 -7.83
CA ARG G 222 9.53 14.24 -6.48
C ARG G 222 8.74 14.99 -5.36
N ILE G 223 8.71 14.36 -4.19
CA ILE G 223 8.19 14.96 -2.96
C ILE G 223 9.30 14.94 -1.88
N GLY G 224 8.99 15.56 -0.75
CA GLY G 224 9.88 15.60 0.39
C GLY G 224 10.74 16.86 0.42
N ASN G 225 11.20 17.19 1.62
CA ASN G 225 12.20 18.21 1.85
C ASN G 225 13.60 17.61 1.74
N GLU G 226 14.50 18.34 1.08
CA GLU G 226 15.91 17.96 0.97
C GLU G 226 16.82 19.14 1.29
N ILE G 227 17.78 18.88 2.20
CA ILE G 227 18.75 19.88 2.61
C ILE G 227 20.08 19.42 2.02
N ILE G 228 20.73 20.31 1.25
CA ILE G 228 22.04 20.04 0.62
C ILE G 228 23.07 20.93 1.27
N GLU G 229 24.28 20.38 1.53
CA GLU G 229 25.45 21.16 1.98
C GLU G 229 26.08 21.76 0.72
N THR G 230 25.81 23.05 0.46
CA THR G 230 26.40 23.69 -0.70
C THR G 230 27.72 24.32 -0.31
N GLU G 231 28.46 24.73 -1.34
CA GLU G 231 29.68 25.52 -1.17
C GLU G 231 29.46 26.80 -0.32
N HIS G 232 28.21 27.27 -0.15
CA HIS G 232 27.89 28.47 0.68
C HIS G 232 26.96 28.15 1.87
N GLY G 233 26.95 26.90 2.35
CA GLY G 233 26.10 26.48 3.49
C GLY G 233 24.86 25.70 3.07
N LYS G 234 24.02 25.38 4.05
CA LYS G 234 22.79 24.60 3.80
C LYS G 234 21.81 25.31 2.85
N SER G 235 21.19 24.53 1.97
CA SER G 235 20.15 25.01 1.06
C SER G 235 19.04 23.94 1.07
N GLU G 236 17.80 24.40 1.16
CA GLU G 236 16.67 23.52 1.29
C GLU G 236 15.66 23.76 0.18
N ILE G 237 15.19 22.65 -0.41
CA ILE G 237 14.04 22.67 -1.30
C ILE G 237 12.96 21.74 -0.74
N LYS G 238 11.70 22.21 -0.80
CA LYS G 238 10.52 21.34 -0.64
C LYS G 238 9.95 21.03 -2.04
N PHE G 239 10.11 19.80 -2.49
CA PHE G 239 9.55 19.37 -3.78
C PHE G 239 8.04 19.23 -3.62
N TYR G 240 7.28 19.68 -4.62
CA TYR G 240 5.81 19.82 -4.44
C TYR G 240 4.95 18.76 -5.15
N GLY G 241 5.57 17.66 -5.57
CA GLY G 241 4.86 16.55 -6.20
C GLY G 241 3.96 17.03 -7.33
N ASN G 242 2.66 16.82 -7.17
CA ASN G 242 1.71 17.18 -8.23
C ASN G 242 1.97 16.44 -9.54
N SER G 243 2.60 15.24 -9.44
CA SER G 243 2.66 14.29 -10.54
C SER G 243 1.24 14.17 -11.12
N PHE G 244 1.15 14.01 -12.45
CA PHE G 244 -0.13 13.95 -13.12
C PHE G 244 -0.05 13.32 -14.49
N ILE G 245 -1.23 12.96 -14.96
CA ILE G 245 -1.40 12.39 -16.27
C ILE G 245 -2.52 13.19 -16.92
N ALA G 246 -2.21 13.81 -18.07
CA ALA G 246 -3.18 14.56 -18.83
C ALA G 246 -3.57 13.82 -20.10
N GLY G 247 -4.84 13.99 -20.49
CA GLY G 247 -5.39 13.42 -21.72
C GLY G 247 -4.97 14.28 -22.91
N PRO G 248 -5.38 13.86 -24.15
CA PRO G 248 -4.97 14.53 -25.39
C PRO G 248 -5.57 15.94 -25.62
N THR G 249 -6.53 16.38 -24.81
CA THR G 249 -6.99 17.78 -24.90
C THR G 249 -6.43 18.60 -23.72
N GLY G 250 -5.48 18.02 -22.97
CA GLY G 250 -4.88 18.67 -21.80
C GLY G 250 -5.63 18.50 -20.46
N GLU G 251 -6.73 17.74 -20.42
CA GLU G 251 -7.49 17.52 -19.16
C GLU G 251 -6.66 16.64 -18.22
N ILE G 252 -6.61 17.02 -16.94
CA ILE G 252 -5.96 16.20 -15.93
C ILE G 252 -6.91 15.06 -15.60
N VAL G 253 -6.48 13.83 -15.87
CA VAL G 253 -7.30 12.64 -15.56
C VAL G 253 -6.84 12.02 -14.25
N SER G 254 -5.57 12.21 -13.88
CA SER G 254 -5.03 11.70 -12.61
C SER G 254 -4.03 12.72 -12.04
N ILE G 255 -4.08 12.96 -10.73
CA ILE G 255 -3.18 13.92 -10.09
C ILE G 255 -2.86 13.58 -8.62
N ALA G 256 -1.58 13.69 -8.25
CA ALA G 256 -1.14 13.51 -6.85
C ALA G 256 -1.11 14.86 -6.11
N ASP G 257 -0.99 14.82 -4.79
CA ASP G 257 -0.86 16.04 -3.99
C ASP G 257 0.64 16.40 -3.86
N ASP G 258 0.93 17.33 -2.96
CA ASP G 258 2.32 17.81 -2.76
C ASP G 258 3.13 17.14 -1.62
N LYS G 259 2.54 16.12 -0.99
CA LYS G 259 3.15 15.54 0.19
C LYS G 259 3.21 13.99 0.22
N GLU G 260 2.25 13.31 -0.40
CA GLU G 260 2.17 11.85 -0.24
C GLU G 260 2.73 11.09 -1.43
N GLU G 261 3.30 9.94 -1.11
CA GLU G 261 3.76 8.99 -2.12
C GLU G 261 2.53 8.57 -2.93
N ALA G 262 2.72 8.31 -4.23
CA ALA G 262 1.57 8.00 -5.11
C ALA G 262 1.94 7.22 -6.36
N VAL G 263 0.96 6.46 -6.85
CA VAL G 263 1.04 5.68 -8.07
C VAL G 263 -0.19 6.08 -8.89
N LEU G 264 0.02 6.82 -10.01
CA LEU G 264 -1.12 7.28 -10.85
C LEU G 264 -1.24 6.33 -12.02
N ILE G 265 -2.47 6.10 -12.43
CA ILE G 265 -2.80 5.15 -13.50
C ILE G 265 -3.83 5.76 -14.44
N ALA G 266 -3.59 5.67 -15.74
CA ALA G 266 -4.57 6.06 -16.74
C ALA G 266 -4.44 5.17 -18.02
N GLU G 267 -5.58 4.82 -18.61
CA GLU G 267 -5.60 4.04 -19.86
C GLU G 267 -5.92 5.00 -20.98
N PHE G 268 -5.24 4.83 -22.11
CA PHE G 268 -5.56 5.60 -23.33
C PHE G 268 -5.78 4.68 -24.52
N ASN G 269 -6.79 4.99 -25.32
CA ASN G 269 -7.01 4.24 -26.54
C ASN G 269 -6.19 4.95 -27.61
N LEU G 270 -5.02 4.42 -27.92
CA LEU G 270 -4.08 5.10 -28.85
C LEU G 270 -4.61 5.19 -30.30
N ASP G 271 -5.32 4.17 -30.78
CA ASP G 271 -5.84 4.18 -32.16
C ASP G 271 -7.00 5.18 -32.29
N LYS G 272 -7.80 5.32 -31.24
CA LYS G 272 -8.85 6.37 -31.18
C LYS G 272 -8.20 7.75 -31.15
N ILE G 273 -7.22 7.95 -30.27
CA ILE G 273 -6.62 9.28 -30.12
C ILE G 273 -5.92 9.68 -31.44
N LYS G 274 -5.20 8.72 -32.07
CA LYS G 274 -4.56 8.93 -33.39
C LYS G 274 -5.57 9.34 -34.47
N SER G 275 -6.78 8.79 -34.42
CA SER G 275 -7.87 9.19 -35.35
C SER G 275 -8.34 10.63 -35.08
N MET G 276 -8.58 10.97 -33.81
CA MET G 276 -8.94 12.35 -33.42
C MET G 276 -7.87 13.34 -33.91
N ARG G 277 -6.60 13.00 -33.66
CA ARG G 277 -5.47 13.85 -34.06
C ARG G 277 -5.49 14.09 -35.58
N HIS G 278 -5.52 13.00 -36.35
CA HIS G 278 -5.54 13.09 -37.81
C HIS G 278 -6.71 13.97 -38.26
N CYS G 279 -7.90 13.64 -37.74
CA CYS G 279 -9.19 14.29 -38.05
C CYS G 279 -9.27 15.78 -37.68
N TRP G 280 -8.65 16.14 -36.57
CA TRP G 280 -8.56 17.55 -36.15
C TRP G 280 -7.75 18.35 -37.19
N GLY G 281 -6.75 17.68 -37.75
CA GLY G 281 -5.99 18.17 -38.88
C GLY G 281 -4.89 19.21 -38.62
N VAL G 282 -4.58 19.52 -37.36
CA VAL G 282 -3.58 20.61 -37.11
C VAL G 282 -2.20 20.36 -37.74
N PHE G 283 -1.76 19.10 -37.78
CA PHE G 283 -0.42 18.75 -38.36
C PHE G 283 -0.38 19.06 -39.86
N ARG G 284 -1.45 18.80 -40.59
CA ARG G 284 -1.54 19.17 -42.02
C ARG G 284 -1.67 20.71 -42.22
N ASP G 285 -2.25 21.42 -41.26
CA ASP G 285 -2.41 22.90 -41.32
C ASP G 285 -1.16 23.71 -40.89
N ARG G 286 -0.10 23.04 -40.41
CA ARG G 286 1.10 23.76 -39.94
C ARG G 286 1.74 24.49 -41.11
N ARG G 287 2.41 25.61 -40.79
CA ARG G 287 3.08 26.41 -41.80
C ARG G 287 4.59 26.47 -41.48
N PRO G 288 5.32 25.35 -41.72
CA PRO G 288 6.79 25.35 -41.48
C PRO G 288 7.52 26.40 -42.30
N ASP G 289 6.92 26.82 -43.43
CA ASP G 289 7.51 27.91 -44.24
C ASP G 289 7.56 29.26 -43.49
N LEU G 290 6.73 29.41 -42.43
CA LEU G 290 6.62 30.67 -41.66
C LEU G 290 7.28 30.58 -40.28
N TYR G 291 7.91 29.43 -39.97
CA TYR G 291 8.48 29.16 -38.65
C TYR G 291 10.02 29.32 -38.56
N LYS G 292 10.66 29.95 -39.55
CA LYS G 292 12.13 30.14 -39.54
C LYS G 292 12.66 30.86 -38.29
N VAL G 293 11.87 31.80 -37.75
CA VAL G 293 12.25 32.58 -36.59
C VAL G 293 12.47 31.69 -35.35
N LEU G 294 11.84 30.51 -35.31
CA LEU G 294 12.08 29.55 -34.18
C LEU G 294 13.55 29.04 -34.13
N LEU G 295 14.30 29.20 -35.23
CA LEU G 295 15.70 28.78 -35.29
C LEU G 295 16.63 29.94 -34.91
N THR G 296 16.06 31.01 -34.37
CA THR G 296 16.83 32.13 -33.79
C THR G 296 16.61 32.11 -32.26
N LEU G 297 17.49 32.79 -31.55
CA LEU G 297 17.31 33.06 -30.12
C LEU G 297 16.75 34.48 -29.93
N ASP G 298 17.21 35.43 -30.77
CA ASP G 298 16.90 36.87 -30.58
C ASP G 298 15.77 37.43 -31.46
N GLY G 299 15.06 36.54 -32.16
CA GLY G 299 13.98 36.92 -33.07
C GLY G 299 14.42 37.42 -34.42
N LYS G 300 15.74 37.34 -34.75
CA LYS G 300 16.26 37.83 -36.05
C LYS G 300 17.39 36.98 -36.65
N ASN G 301 18.38 36.62 -35.84
CA ASN G 301 19.57 35.91 -36.33
C ASN G 301 19.48 34.40 -36.22
N PRO G 302 19.47 33.69 -37.37
CA PRO G 302 19.44 32.23 -37.29
C PRO G 302 20.72 31.74 -36.65
N VAL G 303 20.67 30.73 -35.79
CA VAL G 303 21.89 30.22 -35.17
C VAL G 303 22.65 29.41 -36.22
N LEU G 304 23.98 29.34 -36.06
CA LEU G 304 24.78 28.51 -36.94
C LEU G 304 24.41 27.00 -36.71
N LYS H 8 5.85 50.67 -9.69
CA LYS H 8 7.04 51.08 -10.50
C LYS H 8 7.01 50.30 -11.82
N GLY H 9 7.12 50.99 -12.96
CA GLY H 9 7.14 50.34 -14.28
C GLY H 9 5.86 50.53 -15.07
N ARG H 10 5.97 50.38 -16.40
CA ARG H 10 4.87 50.58 -17.35
C ARG H 10 3.66 49.72 -17.06
N LYS H 11 2.57 50.40 -16.71
CA LYS H 11 1.28 49.79 -16.47
C LYS H 11 0.48 49.86 -17.76
N VAL H 12 -0.01 48.73 -18.26
CA VAL H 12 -0.89 48.74 -19.44
C VAL H 12 -2.20 48.01 -19.10
N VAL H 13 -3.34 48.65 -19.40
CA VAL H 13 -4.65 48.03 -19.22
C VAL H 13 -5.16 47.46 -20.58
N VAL H 14 -5.43 46.15 -20.62
CA VAL H 14 -5.95 45.49 -21.84
C VAL H 14 -7.43 45.05 -21.66
N SER H 15 -8.10 44.78 -22.77
CA SER H 15 -9.54 44.49 -22.72
C SER H 15 -9.94 43.52 -23.81
N ALA H 16 -10.79 42.58 -23.42
CA ALA H 16 -11.45 41.65 -24.33
C ALA H 16 -12.92 42.00 -24.32
N LEU H 17 -13.48 42.22 -25.51
CA LEU H 17 -14.92 42.46 -25.70
C LEU H 17 -15.58 41.16 -26.25
N GLN H 18 -16.86 40.98 -25.92
CA GLN H 18 -17.61 39.81 -26.34
C GLN H 18 -19.02 40.24 -26.66
N PHE H 19 -19.48 39.98 -27.88
CA PHE H 19 -20.85 40.36 -28.26
C PHE H 19 -21.43 39.56 -29.45
N ALA H 20 -22.72 39.76 -29.71
CA ALA H 20 -23.41 39.06 -30.81
C ALA H 20 -23.41 39.96 -32.04
N CYS H 21 -23.36 39.34 -33.23
CA CYS H 21 -23.38 40.07 -34.53
C CYS H 21 -24.71 39.89 -35.34
N THR H 22 -25.32 41.00 -35.75
CA THR H 22 -26.63 40.96 -36.48
C THR H 22 -26.56 40.54 -37.96
N ASP H 23 -25.40 40.70 -38.60
CA ASP H 23 -25.15 40.49 -40.08
C ASP H 23 -25.26 41.79 -40.99
N ASP H 24 -25.49 42.98 -40.39
CA ASP H 24 -25.30 44.28 -41.11
C ASP H 24 -24.06 44.97 -40.52
N VAL H 25 -23.22 45.56 -41.39
CA VAL H 25 -21.98 46.22 -40.94
C VAL H 25 -22.20 47.37 -39.93
N SER H 26 -23.11 48.31 -40.23
CA SER H 26 -23.24 49.51 -39.37
C SER H 26 -23.72 49.18 -37.92
N THR H 27 -24.65 48.21 -37.77
CA THR H 27 -25.16 47.81 -36.43
C THR H 27 -23.98 47.29 -35.62
N ASN H 28 -23.39 46.21 -36.10
CA ASN H 28 -22.24 45.61 -35.43
C ASN H 28 -21.10 46.59 -35.12
N VAL H 29 -20.82 47.54 -36.03
CA VAL H 29 -19.73 48.54 -35.76
C VAL H 29 -20.18 49.54 -34.70
N THR H 30 -21.49 49.86 -34.68
CA THR H 30 -22.04 50.74 -33.64
C THR H 30 -21.93 50.03 -32.28
N THR H 31 -22.23 48.73 -32.29
CA THR H 31 -22.07 47.86 -31.13
C THR H 31 -20.58 47.81 -30.71
N ALA H 32 -19.67 47.54 -31.67
CA ALA H 32 -18.22 47.49 -31.38
C ALA H 32 -17.71 48.83 -30.80
N GLU H 33 -18.21 49.94 -31.35
CA GLU H 33 -17.85 51.27 -30.88
C GLU H 33 -18.34 51.50 -29.42
N ARG H 34 -19.60 51.15 -29.14
CA ARG H 34 -20.16 51.27 -27.77
C ARG H 34 -19.32 50.51 -26.72
N LEU H 35 -18.95 49.28 -27.04
CA LEU H 35 -18.18 48.45 -26.11
C LEU H 35 -16.73 48.97 -25.91
N VAL H 36 -16.12 49.48 -26.99
CA VAL H 36 -14.77 50.07 -26.90
C VAL H 36 -14.82 51.31 -25.96
N ARG H 37 -15.84 52.17 -26.13
CA ARG H 37 -16.04 53.35 -25.26
C ARG H 37 -16.20 52.92 -23.80
N ALA H 38 -16.98 51.86 -23.59
CA ALA H 38 -17.15 51.27 -22.25
C ALA H 38 -15.79 50.75 -21.71
N ALA H 39 -15.01 50.03 -22.54
CA ALA H 39 -13.68 49.53 -22.12
C ALA H 39 -12.74 50.69 -21.72
N HIS H 40 -12.73 51.75 -22.55
CA HIS H 40 -11.93 52.97 -22.28
C HIS H 40 -12.36 53.63 -20.95
N LYS H 41 -13.67 53.77 -20.73
CA LYS H 41 -14.18 54.33 -19.46
C LYS H 41 -13.63 53.55 -18.24
N GLN H 42 -13.46 52.23 -18.37
CA GLN H 42 -12.85 51.40 -17.31
C GLN H 42 -11.31 51.37 -17.34
N GLY H 43 -10.68 52.34 -18.02
CA GLY H 43 -9.20 52.49 -18.01
C GLY H 43 -8.41 51.75 -19.08
N ALA H 44 -9.10 51.11 -20.04
CA ALA H 44 -8.40 50.32 -21.08
C ALA H 44 -7.56 51.16 -22.08
N ASN H 45 -6.34 50.66 -22.35
CA ASN H 45 -5.39 51.26 -23.30
C ASN H 45 -5.41 50.54 -24.65
N ILE H 46 -5.72 49.25 -24.63
CA ILE H 46 -5.76 48.43 -25.84
C ILE H 46 -7.00 47.56 -25.76
N VAL H 47 -7.80 47.55 -26.81
CA VAL H 47 -9.08 46.82 -26.81
C VAL H 47 -9.19 45.84 -27.96
N LEU H 48 -9.51 44.60 -27.64
CA LEU H 48 -9.64 43.56 -28.67
C LEU H 48 -11.12 43.25 -29.03
N ILE H 49 -11.47 43.54 -30.31
CA ILE H 49 -12.77 43.20 -30.88
C ILE H 49 -12.62 41.86 -31.60
N GLN H 50 -13.63 41.00 -31.35
CA GLN H 50 -13.71 39.61 -31.87
C GLN H 50 -13.55 39.49 -33.37
N GLU H 51 -13.18 38.29 -33.80
CA GLU H 51 -12.95 38.01 -35.21
C GLU H 51 -14.20 38.31 -36.10
N LEU H 52 -13.95 38.94 -37.24
CA LEU H 52 -14.94 39.27 -38.28
C LEU H 52 -16.26 39.79 -37.67
N PHE H 53 -16.12 40.78 -36.79
CA PHE H 53 -17.27 41.38 -36.10
C PHE H 53 -18.26 42.16 -36.99
N GLU H 54 -17.93 42.36 -38.28
CA GLU H 54 -18.79 43.14 -39.24
C GLU H 54 -20.12 42.49 -39.67
N GLY H 55 -20.15 41.17 -39.79
CA GLY H 55 -21.38 40.43 -40.16
C GLY H 55 -21.43 39.09 -39.42
N TYR H 56 -22.29 38.16 -39.87
CA TYR H 56 -22.30 36.80 -39.31
C TYR H 56 -20.96 36.10 -39.63
N TYR H 57 -20.72 34.99 -38.93
CA TYR H 57 -19.57 34.14 -39.19
C TYR H 57 -19.92 33.12 -40.30
N PHE H 58 -19.49 33.46 -41.52
CA PHE H 58 -19.86 32.78 -42.78
C PHE H 58 -18.80 31.85 -43.35
N CYS H 59 -17.61 31.89 -42.77
CA CYS H 59 -16.41 31.27 -43.36
C CYS H 59 -16.54 29.77 -43.67
N GLN H 60 -17.42 29.08 -42.95
CA GLN H 60 -17.67 27.64 -43.16
C GLN H 60 -18.75 27.39 -44.24
N ALA H 61 -19.77 28.26 -44.30
CA ALA H 61 -20.84 28.16 -45.29
C ALA H 61 -20.34 28.64 -46.66
N GLN H 62 -20.04 27.69 -47.56
CA GLN H 62 -19.47 27.98 -48.91
C GLN H 62 -20.45 28.71 -49.84
N ARG H 63 -20.92 29.89 -49.42
CA ARG H 63 -21.85 30.66 -50.24
C ARG H 63 -21.08 31.77 -50.96
N GLU H 64 -20.96 31.59 -52.28
CA GLU H 64 -20.19 32.46 -53.20
C GLU H 64 -20.46 33.97 -53.04
N ASP H 65 -21.71 34.33 -52.77
CA ASP H 65 -22.11 35.75 -52.66
C ASP H 65 -21.45 36.54 -51.51
N PHE H 66 -20.84 35.86 -50.52
CA PHE H 66 -20.14 36.58 -49.42
C PHE H 66 -18.71 37.05 -49.77
N ILE H 67 -18.12 36.51 -50.84
CA ILE H 67 -16.79 36.95 -51.35
C ILE H 67 -16.76 38.47 -51.61
N GLN H 68 -17.89 38.99 -52.09
CA GLN H 68 -18.08 40.42 -52.38
C GLN H 68 -17.95 41.28 -51.12
N ARG H 69 -18.23 40.66 -49.95
CA ARG H 69 -18.09 41.35 -48.66
C ARG H 69 -16.64 41.78 -48.42
N ALA H 70 -15.70 41.12 -49.11
CA ALA H 70 -14.30 41.50 -49.02
C ALA H 70 -14.10 42.88 -49.62
N LYS H 71 -13.19 43.65 -49.01
CA LYS H 71 -12.86 45.03 -49.41
C LYS H 71 -11.36 45.27 -49.21
N PRO H 72 -10.76 46.20 -49.98
CA PRO H 72 -9.29 46.35 -49.85
C PRO H 72 -8.83 46.85 -48.46
N TYR H 73 -7.56 46.57 -48.14
CA TYR H 73 -6.88 47.12 -46.96
C TYR H 73 -6.79 48.67 -47.09
N LYS H 74 -6.51 49.10 -48.33
CA LYS H 74 -6.53 50.50 -48.75
C LYS H 74 -7.93 51.15 -48.56
N ASP H 75 -7.99 52.21 -47.76
CA ASP H 75 -9.23 52.99 -47.49
C ASP H 75 -10.43 52.11 -47.15
N HIS H 76 -10.31 51.28 -46.13
CA HIS H 76 -11.42 50.45 -45.71
C HIS H 76 -12.33 51.33 -44.79
N PRO H 77 -13.66 51.40 -45.07
CA PRO H 77 -14.53 52.29 -44.25
C PRO H 77 -14.52 51.99 -42.74
N THR H 78 -14.65 50.70 -42.39
CA THR H 78 -14.63 50.21 -41.00
C THR H 78 -13.28 50.47 -40.27
N ILE H 79 -12.15 50.12 -40.90
CA ILE H 79 -10.80 50.49 -40.39
C ILE H 79 -10.72 52.02 -40.22
N MET H 80 -11.17 52.76 -41.23
CA MET H 80 -11.14 54.23 -41.20
C MET H 80 -11.99 54.83 -40.06
N ARG H 81 -13.12 54.19 -39.76
CA ARG H 81 -13.99 54.65 -38.68
C ARG H 81 -13.40 54.37 -37.31
N LEU H 82 -12.83 53.18 -37.10
CA LEU H 82 -12.23 52.88 -35.79
C LEU H 82 -10.92 53.60 -35.61
N GLN H 83 -10.27 53.94 -36.75
CA GLN H 83 -9.07 54.80 -36.74
C GLN H 83 -9.38 56.13 -36.07
N LYS H 84 -10.57 56.67 -36.38
CA LYS H 84 -11.02 57.92 -35.78
C LYS H 84 -11.30 57.74 -34.30
N LEU H 85 -11.88 56.59 -33.94
CA LEU H 85 -12.24 56.29 -32.53
C LEU H 85 -11.00 56.05 -31.66
N ALA H 86 -10.02 55.34 -32.24
CA ALA H 86 -8.73 55.07 -31.58
C ALA H 86 -8.02 56.40 -31.25
N LYS H 87 -7.99 57.30 -32.24
CA LYS H 87 -7.38 58.62 -32.12
C LYS H 87 -8.15 59.48 -31.11
N GLU H 88 -9.47 59.35 -31.09
CA GLU H 88 -10.31 60.11 -30.18
C GLU H 88 -10.05 59.69 -28.75
N LEU H 89 -10.00 58.39 -28.50
CA LEU H 89 -9.88 57.86 -27.11
C LEU H 89 -8.46 57.59 -26.62
N GLY H 90 -7.48 57.58 -27.54
CA GLY H 90 -6.11 57.24 -27.15
C GLY H 90 -5.95 55.75 -26.85
N VAL H 91 -6.66 54.88 -27.59
CA VAL H 91 -6.56 53.42 -27.40
C VAL H 91 -6.11 52.66 -28.68
N VAL H 92 -5.37 51.58 -28.47
CA VAL H 92 -4.94 50.73 -29.56
C VAL H 92 -6.10 49.78 -29.89
N ILE H 93 -6.41 49.63 -31.18
CA ILE H 93 -7.50 48.78 -31.65
C ILE H 93 -7.06 47.90 -32.81
N PRO H 94 -6.85 46.60 -32.58
CA PRO H 94 -6.64 45.73 -33.72
C PRO H 94 -7.97 45.47 -34.43
N VAL H 95 -8.04 45.73 -35.74
CA VAL H 95 -9.31 45.64 -36.53
C VAL H 95 -9.39 44.40 -37.48
N SER H 96 -10.12 43.38 -37.05
CA SER H 96 -10.32 42.18 -37.85
C SER H 96 -11.24 42.49 -39.07
N PHE H 97 -10.77 42.09 -40.27
CA PHE H 97 -11.56 42.26 -41.50
C PHE H 97 -11.25 41.20 -42.56
N PHE H 98 -12.11 41.18 -43.57
CA PHE H 98 -12.06 40.29 -44.71
C PHE H 98 -11.46 41.10 -45.86
N GLU H 99 -10.21 40.76 -46.22
CA GLU H 99 -9.37 41.55 -47.14
C GLU H 99 -9.36 41.11 -48.57
N GLU H 100 -9.54 42.08 -49.48
CA GLU H 100 -9.37 41.89 -50.93
C GLU H 100 -8.02 42.46 -51.40
N ALA H 101 -7.19 41.59 -51.97
CA ALA H 101 -5.85 41.95 -52.46
C ALA H 101 -5.54 41.23 -53.80
N ASN H 102 -5.61 41.95 -54.92
CA ASN H 102 -5.29 41.42 -56.27
C ASN H 102 -6.45 40.54 -56.82
N ASN H 103 -6.28 39.21 -56.76
CA ASN H 103 -7.41 38.25 -56.93
C ASN H 103 -7.50 37.30 -55.73
N ALA H 104 -6.37 37.16 -54.99
CA ALA H 104 -6.32 36.40 -53.73
C ALA H 104 -7.03 37.17 -52.59
N HIS H 105 -7.66 36.45 -51.65
CA HIS H 105 -8.41 37.04 -50.51
C HIS H 105 -7.75 36.60 -49.17
N TYR H 106 -7.94 37.39 -48.10
CA TYR H 106 -7.38 37.03 -46.77
C TYR H 106 -8.28 37.33 -45.55
N ASN H 107 -8.03 36.58 -44.48
CA ASN H 107 -8.62 36.83 -43.19
C ASN H 107 -7.57 37.67 -42.49
N SER H 108 -7.80 38.97 -42.40
CA SER H 108 -6.76 39.90 -41.97
C SER H 108 -7.09 40.73 -40.71
N ILE H 109 -6.07 41.40 -40.16
CA ILE H 109 -6.24 42.33 -39.02
C ILE H 109 -5.28 43.55 -39.12
N ALA H 110 -5.87 44.75 -39.07
CA ALA H 110 -5.13 46.00 -39.14
C ALA H 110 -4.97 46.52 -37.72
N ILE H 111 -3.73 46.87 -37.36
CA ILE H 111 -3.40 47.32 -36.00
C ILE H 111 -3.34 48.86 -35.93
N ILE H 112 -4.34 49.43 -35.27
CA ILE H 112 -4.49 50.89 -35.12
C ILE H 112 -3.90 51.39 -33.80
N ASP H 113 -2.97 52.32 -33.90
CA ASP H 113 -2.27 52.81 -32.74
C ASP H 113 -3.11 53.83 -31.98
N ALA H 114 -2.70 54.14 -30.74
CA ALA H 114 -3.43 55.10 -29.89
C ALA H 114 -3.56 56.53 -30.48
N ASP H 115 -2.70 56.87 -31.44
CA ASP H 115 -2.81 58.14 -32.19
C ASP H 115 -3.59 57.97 -33.52
N GLY H 116 -4.26 56.82 -33.69
CA GLY H 116 -5.00 56.53 -34.93
C GLY H 116 -4.16 56.02 -36.11
N THR H 117 -2.83 55.98 -35.95
CA THR H 117 -1.97 55.51 -37.04
C THR H 117 -2.22 54.03 -37.39
N ASP H 118 -2.32 53.75 -38.69
CA ASP H 118 -2.36 52.39 -39.19
C ASP H 118 -0.91 51.89 -39.18
N LEU H 119 -0.60 50.92 -38.32
CA LEU H 119 0.77 50.35 -38.19
C LEU H 119 1.07 49.15 -39.10
N GLY H 120 0.07 48.64 -39.82
CA GLY H 120 0.26 47.48 -40.74
C GLY H 120 -0.79 46.35 -40.63
N ILE H 121 -0.58 45.27 -41.39
CA ILE H 121 -1.51 44.10 -41.40
C ILE H 121 -0.88 42.76 -41.01
N TYR H 122 -1.69 41.92 -40.37
CA TYR H 122 -1.37 40.49 -40.23
C TYR H 122 -2.46 39.71 -40.98
N ARG H 123 -2.02 38.78 -41.82
CA ARG H 123 -2.91 37.87 -42.53
C ARG H 123 -2.91 36.49 -41.88
N LYS H 124 -4.12 36.02 -41.50
CA LYS H 124 -4.31 34.67 -40.90
C LYS H 124 -3.48 33.58 -41.63
N SER H 125 -2.63 32.89 -40.87
CA SER H 125 -1.63 31.99 -41.44
C SER H 125 -2.12 30.56 -41.59
N HIS H 126 -2.71 30.00 -40.53
CA HIS H 126 -3.19 28.59 -40.58
C HIS H 126 -4.69 28.52 -40.99
N ILE H 127 -4.93 27.89 -42.15
CA ILE H 127 -6.27 27.77 -42.76
C ILE H 127 -6.75 26.32 -42.61
N PRO H 128 -7.84 26.08 -41.83
CA PRO H 128 -8.43 24.72 -41.78
C PRO H 128 -9.39 24.51 -42.94
N TYR H 133 -14.49 21.40 -42.05
CA TYR H 133 -14.05 22.76 -42.35
C TYR H 133 -13.94 22.98 -43.84
N GLU H 134 -14.29 24.19 -44.29
CA GLU H 134 -14.26 24.57 -45.73
C GLU H 134 -13.91 26.07 -45.91
N GLU H 135 -12.99 26.54 -45.07
CA GLU H 135 -12.56 27.95 -45.04
C GLU H 135 -11.72 28.39 -46.26
N LYS H 136 -11.06 27.43 -46.92
CA LYS H 136 -10.24 27.66 -48.15
C LYS H 136 -11.01 28.36 -49.28
N PHE H 137 -12.34 28.25 -49.27
CA PHE H 137 -13.22 28.91 -50.26
C PHE H 137 -13.12 30.45 -50.20
N TYR H 138 -12.85 30.99 -49.00
CA TYR H 138 -12.74 32.46 -48.80
C TYR H 138 -11.33 33.00 -48.57
N PHE H 139 -10.48 32.22 -47.90
CA PHE H 139 -9.15 32.72 -47.52
C PHE H 139 -7.98 31.92 -48.09
N ASN H 140 -7.05 32.66 -48.72
CA ASN H 140 -5.74 32.10 -49.08
C ASN H 140 -4.88 32.04 -47.80
N PRO H 141 -3.83 31.18 -47.79
CA PRO H 141 -2.93 31.20 -46.63
C PRO H 141 -2.25 32.57 -46.48
N GLY H 142 -2.24 33.12 -45.26
CA GLY H 142 -1.54 34.39 -44.99
C GLY H 142 -0.06 34.31 -45.41
N ASP H 143 0.41 35.37 -46.06
CA ASP H 143 1.83 35.42 -46.48
C ASP H 143 2.62 36.52 -45.74
N THR H 144 2.03 37.19 -44.74
CA THR H 144 2.76 38.16 -43.93
C THR H 144 3.82 37.46 -43.03
N GLY H 145 3.55 36.23 -42.60
CA GLY H 145 4.30 35.64 -41.53
C GLY H 145 3.84 36.28 -40.23
N PHE H 146 4.32 35.76 -39.10
CA PHE H 146 3.89 36.29 -37.78
C PHE H 146 4.63 37.60 -37.49
N LYS H 147 3.87 38.59 -37.05
CA LYS H 147 4.38 39.94 -36.87
C LYS H 147 4.17 40.50 -35.45
N VAL H 148 4.96 41.53 -35.15
CA VAL H 148 4.84 42.29 -33.90
C VAL H 148 4.73 43.76 -34.27
N PHE H 149 3.99 44.50 -33.45
CA PHE H 149 3.67 45.89 -33.70
C PHE H 149 4.01 46.73 -32.49
N GLN H 150 4.71 47.83 -32.74
CA GLN H 150 5.10 48.74 -31.69
C GLN H 150 4.04 49.81 -31.58
N THR H 151 3.23 49.70 -30.52
CA THR H 151 2.15 50.68 -30.25
C THR H 151 2.66 51.65 -29.19
N LYS H 152 1.87 52.68 -28.86
CA LYS H 152 2.27 53.68 -27.85
C LYS H 152 2.45 53.06 -26.46
N TYR H 153 1.77 51.95 -26.18
CA TYR H 153 1.78 51.35 -24.84
C TYR H 153 2.58 50.05 -24.72
N ALA H 154 2.90 49.41 -25.85
CA ALA H 154 3.49 48.08 -25.81
C ALA H 154 3.78 47.54 -27.19
N LYS H 155 4.78 46.69 -27.26
CA LYS H 155 4.97 45.88 -28.44
C LYS H 155 3.96 44.71 -28.33
N ILE H 156 3.14 44.50 -29.37
CA ILE H 156 2.11 43.45 -29.32
C ILE H 156 2.13 42.45 -30.48
N GLY H 157 1.66 41.24 -30.20
CA GLY H 157 1.52 40.16 -31.17
C GLY H 157 0.03 39.85 -31.40
N VAL H 158 -0.37 39.80 -32.67
CA VAL H 158 -1.76 39.47 -33.02
C VAL H 158 -1.80 38.36 -34.10
N ALA H 159 -2.55 37.29 -33.78
CA ALA H 159 -2.84 36.24 -34.74
C ALA H 159 -4.37 35.98 -34.65
N ILE H 160 -4.92 35.22 -35.59
CA ILE H 160 -6.39 35.17 -35.76
C ILE H 160 -6.98 33.77 -35.68
N CYS H 161 -8.09 33.64 -34.96
CA CYS H 161 -8.89 32.39 -34.89
C CYS H 161 -8.02 31.09 -34.89
N TRP H 162 -8.06 30.30 -35.99
CA TRP H 162 -7.38 29.00 -36.06
C TRP H 162 -5.85 29.01 -35.70
N ASP H 163 -5.16 30.13 -35.96
CA ASP H 163 -3.78 30.39 -35.49
C ASP H 163 -3.59 30.05 -34.00
N GLN H 164 -4.67 30.18 -33.22
CA GLN H 164 -4.72 29.97 -31.77
C GLN H 164 -4.24 28.61 -31.30
N TRP H 165 -4.35 27.60 -32.17
CA TRP H 165 -3.94 26.25 -31.80
C TRP H 165 -2.43 25.94 -31.95
N PHE H 166 -1.65 26.89 -32.51
CA PHE H 166 -0.27 26.65 -32.92
C PHE H 166 0.73 27.34 -31.99
N PRO H 167 1.40 26.60 -31.08
CA PRO H 167 2.46 27.20 -30.21
C PRO H 167 3.52 27.94 -31.01
N GLU H 168 3.84 27.42 -32.21
CA GLU H 168 4.82 28.07 -33.10
C GLU H 168 4.53 29.57 -33.32
N ALA H 169 3.24 29.91 -33.44
CA ALA H 169 2.84 31.29 -33.70
C ALA H 169 3.05 32.17 -32.46
N ALA H 170 2.65 31.67 -31.29
CA ALA H 170 2.84 32.47 -30.05
C ALA H 170 4.38 32.68 -29.84
N ARG H 171 5.15 31.60 -30.02
CA ARG H 171 6.60 31.67 -29.80
C ARG H 171 7.25 32.65 -30.79
N ALA H 172 6.84 32.56 -32.06
CA ALA H 172 7.39 33.47 -33.11
C ALA H 172 7.17 34.94 -32.72
N MET H 173 5.99 35.26 -32.23
CA MET H 173 5.74 36.63 -31.84
C MET H 173 6.58 37.02 -30.58
N ALA H 174 6.65 36.10 -29.60
CA ALA H 174 7.35 36.38 -28.35
C ALA H 174 8.85 36.59 -28.66
N LEU H 175 9.37 35.77 -29.58
CA LEU H 175 10.81 35.88 -29.97
C LEU H 175 11.14 37.23 -30.57
N GLN H 176 10.15 37.89 -31.18
CA GLN H 176 10.36 39.22 -31.78
C GLN H 176 10.01 40.36 -30.82
N GLY H 177 9.80 40.04 -29.55
CA GLY H 177 9.55 41.07 -28.53
C GLY H 177 8.08 41.36 -28.16
N ALA H 178 7.13 40.54 -28.67
CA ALA H 178 5.71 40.65 -28.27
C ALA H 178 5.61 40.60 -26.75
N GLU H 179 4.97 41.61 -26.15
CA GLU H 179 4.81 41.70 -24.68
C GLU H 179 3.45 41.23 -24.24
N ILE H 180 2.52 41.20 -25.21
CA ILE H 180 1.13 40.80 -25.01
C ILE H 180 0.69 40.17 -26.32
N LEU H 181 0.03 39.02 -26.25
CA LEU H 181 -0.56 38.36 -27.42
C LEU H 181 -2.09 38.53 -27.44
N PHE H 182 -2.61 38.74 -28.66
CA PHE H 182 -4.03 38.94 -28.88
C PHE H 182 -4.51 37.88 -29.88
N TYR H 183 -5.65 37.27 -29.56
CA TYR H 183 -6.27 36.23 -30.40
C TYR H 183 -7.80 36.47 -30.51
N PRO H 184 -8.24 37.42 -31.42
CA PRO H 184 -9.68 37.58 -31.69
C PRO H 184 -10.10 36.34 -32.47
N THR H 185 -11.23 35.75 -32.09
CA THR H 185 -11.59 34.44 -32.61
C THR H 185 -13.10 34.30 -32.80
N ALA H 186 -13.51 33.14 -33.31
CA ALA H 186 -14.93 32.82 -33.52
C ALA H 186 -15.05 31.33 -33.36
N ILE H 187 -15.55 30.88 -32.21
CA ILE H 187 -15.62 29.43 -31.89
C ILE H 187 -16.97 29.10 -31.23
N GLY H 188 -17.54 27.98 -31.65
CA GLY H 188 -18.85 27.52 -31.16
C GLY H 188 -19.09 26.04 -31.46
N SER H 189 -20.37 25.68 -31.56
CA SER H 189 -20.78 24.33 -31.92
C SER H 189 -22.24 24.39 -32.42
N GLU H 190 -22.64 23.40 -33.22
CA GLU H 190 -23.93 23.42 -33.95
C GLU H 190 -25.12 22.86 -33.19
N ASP H 197 -18.31 20.61 -26.14
CA ASP H 197 -17.61 21.35 -27.19
C ASP H 197 -16.08 21.61 -26.87
N SER H 198 -15.43 22.45 -27.65
CA SER H 198 -13.99 22.63 -27.55
C SER H 198 -13.50 23.69 -26.54
N ARG H 199 -14.38 24.21 -25.67
CA ARG H 199 -13.99 25.41 -24.87
C ARG H 199 -12.80 25.19 -23.89
N ASP H 200 -12.81 24.07 -23.20
CA ASP H 200 -11.79 23.78 -22.20
C ASP H 200 -10.46 23.41 -22.87
N HIS H 201 -10.54 22.71 -24.02
CA HIS H 201 -9.37 22.39 -24.87
C HIS H 201 -8.74 23.69 -25.40
N TRP H 202 -9.60 24.56 -25.93
CA TRP H 202 -9.18 25.90 -26.39
C TRP H 202 -8.54 26.72 -25.27
N LYS H 203 -9.18 26.85 -24.12
CA LYS H 203 -8.57 27.62 -23.04
C LYS H 203 -7.18 27.05 -22.63
N ARG H 204 -7.08 25.72 -22.49
CA ARG H 204 -5.85 25.07 -22.04
C ARG H 204 -4.70 25.28 -23.03
N VAL H 205 -4.99 25.24 -24.34
CA VAL H 205 -3.95 25.53 -25.39
C VAL H 205 -3.46 26.99 -25.30
N MET H 206 -4.38 27.93 -25.08
CA MET H 206 -4.07 29.36 -24.99
C MET H 206 -3.33 29.71 -23.71
N GLN H 207 -3.79 29.15 -22.59
CA GLN H 207 -3.09 29.35 -21.30
C GLN H 207 -1.65 28.82 -21.39
N GLY H 208 -1.48 27.72 -22.14
CA GLY H 208 -0.19 27.14 -22.41
C GLY H 208 0.75 28.05 -23.18
N HIS H 209 0.19 28.81 -24.15
CA HIS H 209 0.97 29.86 -24.86
C HIS H 209 1.47 30.96 -23.88
N ALA H 210 0.55 31.50 -23.10
CA ALA H 210 0.83 32.55 -22.12
C ALA H 210 1.95 32.10 -21.14
N GLY H 211 1.81 30.88 -20.63
CA GLY H 211 2.75 30.32 -19.66
C GLY H 211 4.09 29.96 -20.23
N ALA H 212 4.09 29.39 -21.43
CA ALA H 212 5.36 28.99 -22.10
C ALA H 212 6.24 30.19 -22.47
N ASN H 213 5.58 31.29 -22.83
CA ASN H 213 6.24 32.51 -23.29
C ASN H 213 6.33 33.61 -22.21
N LEU H 214 5.66 33.40 -21.07
CA LEU H 214 5.61 34.38 -19.99
C LEU H 214 5.19 35.81 -20.49
N VAL H 215 4.05 35.82 -21.17
CA VAL H 215 3.42 37.04 -21.68
C VAL H 215 1.89 36.97 -21.44
N PRO H 216 1.25 38.12 -21.11
CA PRO H 216 -0.23 38.07 -21.04
C PRO H 216 -0.85 37.73 -22.41
N LEU H 217 -2.07 37.19 -22.37
CA LEU H 217 -2.76 36.81 -23.59
C LEU H 217 -4.23 37.21 -23.50
N VAL H 218 -4.73 37.90 -24.52
CA VAL H 218 -6.13 38.38 -24.60
C VAL H 218 -6.87 37.64 -25.70
N ALA H 219 -8.02 37.07 -25.38
CA ALA H 219 -8.83 36.36 -26.41
C ALA H 219 -10.30 36.79 -26.42
N SER H 220 -10.77 37.38 -27.53
CA SER H 220 -12.16 37.84 -27.68
C SER H 220 -12.90 36.93 -28.66
N ASN H 221 -13.99 36.32 -28.19
CA ASN H 221 -14.80 35.39 -28.98
C ASN H 221 -16.25 35.85 -28.98
N ARG H 222 -16.96 35.62 -30.06
CA ARG H 222 -18.37 36.10 -30.13
C ARG H 222 -19.35 35.30 -29.23
N ILE H 223 -20.61 35.78 -29.24
CA ILE H 223 -21.67 35.21 -28.44
C ILE H 223 -22.88 34.99 -29.38
N GLY H 224 -23.84 34.16 -28.98
CA GLY H 224 -25.10 33.95 -29.74
C GLY H 224 -25.10 32.80 -30.74
N ASN H 225 -26.28 32.58 -31.38
CA ASN H 225 -26.44 31.57 -32.49
C ASN H 225 -26.81 32.22 -33.85
N GLU H 226 -26.24 31.66 -34.92
CA GLU H 226 -26.29 32.29 -36.25
C GLU H 226 -26.70 31.35 -37.39
N ILE H 227 -27.85 31.68 -38.01
CA ILE H 227 -28.44 30.92 -39.11
C ILE H 227 -27.95 31.48 -40.47
N ILE H 228 -27.29 30.62 -41.24
CA ILE H 228 -26.86 30.92 -42.61
C ILE H 228 -27.45 29.82 -43.53
N GLU H 229 -27.92 30.21 -44.73
CA GLU H 229 -28.70 29.32 -45.68
C GLU H 229 -27.96 28.20 -46.50
N THR H 230 -28.79 27.41 -47.23
CA THR H 230 -28.41 26.26 -48.16
C THR H 230 -28.74 24.91 -47.51
N SER H 235 -27.62 25.44 -41.82
CA SER H 235 -26.40 25.56 -41.03
C SER H 235 -26.54 26.58 -39.87
N GLU H 236 -26.48 26.07 -38.63
CA GLU H 236 -26.66 26.86 -37.42
C GLU H 236 -25.47 26.63 -36.51
N ILE H 237 -24.94 27.71 -35.93
CA ILE H 237 -23.81 27.63 -34.98
C ILE H 237 -24.15 28.46 -33.78
N LYS H 238 -23.97 27.88 -32.58
CA LYS H 238 -24.08 28.62 -31.31
C LYS H 238 -22.63 28.88 -30.82
N PHE H 239 -22.29 30.15 -30.70
CA PHE H 239 -20.97 30.56 -30.28
C PHE H 239 -20.91 30.55 -28.75
N TYR H 240 -19.79 30.07 -28.21
CA TYR H 240 -19.75 29.80 -26.79
C TYR H 240 -19.04 30.86 -25.92
N GLY H 241 -18.77 32.03 -26.48
CA GLY H 241 -18.13 33.12 -25.73
C GLY H 241 -16.87 32.66 -25.01
N ASN H 242 -16.91 32.72 -23.67
CA ASN H 242 -15.75 32.39 -22.83
C ASN H 242 -14.49 33.18 -23.22
N SER H 243 -14.67 34.46 -23.58
CA SER H 243 -13.55 35.38 -23.80
C SER H 243 -12.81 35.55 -22.46
N PHE H 244 -11.49 35.72 -22.53
CA PHE H 244 -10.71 35.78 -21.30
C PHE H 244 -9.40 36.53 -21.52
N ILE H 245 -8.82 36.93 -20.39
CA ILE H 245 -7.49 37.51 -20.34
C ILE H 245 -6.70 36.58 -19.40
N ALA H 246 -5.54 36.16 -19.89
CA ALA H 246 -4.61 35.31 -19.13
C ALA H 246 -3.31 36.08 -18.80
N GLY H 247 -2.78 35.91 -17.59
CA GLY H 247 -1.51 36.51 -17.19
C GLY H 247 -0.34 35.68 -17.75
N PRO H 248 0.92 36.11 -17.44
CA PRO H 248 2.13 35.48 -18.01
C PRO H 248 2.49 34.07 -17.43
N THR H 249 1.78 33.64 -16.37
CA THR H 249 1.91 32.21 -15.92
C THR H 249 0.77 31.33 -16.45
N GLY H 250 -0.08 31.90 -17.33
CA GLY H 250 -1.23 31.20 -17.89
C GLY H 250 -2.49 31.31 -17.06
N GLU H 251 -2.41 31.91 -15.86
CA GLU H 251 -3.60 32.05 -15.00
C GLU H 251 -4.65 32.98 -15.63
N ILE H 252 -5.89 32.53 -15.69
CA ILE H 252 -7.01 33.36 -16.19
C ILE H 252 -7.41 34.43 -15.13
N VAL H 253 -7.28 35.71 -15.50
CA VAL H 253 -7.56 36.82 -14.57
C VAL H 253 -8.89 37.53 -14.83
N SER H 254 -9.46 37.32 -16.01
CA SER H 254 -10.80 37.81 -16.29
C SER H 254 -11.39 36.83 -17.30
N ILE H 255 -12.66 36.49 -17.13
CA ILE H 255 -13.31 35.45 -17.93
C ILE H 255 -14.79 35.79 -18.11
N ALA H 256 -15.30 35.73 -19.34
CA ALA H 256 -16.76 35.92 -19.61
C ALA H 256 -17.47 34.56 -19.70
N ASP H 257 -18.80 34.53 -19.60
CA ASP H 257 -19.52 33.27 -19.77
C ASP H 257 -19.90 33.05 -21.26
N ASP H 258 -20.71 32.01 -21.52
CA ASP H 258 -21.09 31.62 -22.92
C ASP H 258 -22.34 32.31 -23.50
N LYS H 259 -22.87 33.31 -22.80
CA LYS H 259 -24.11 34.00 -23.22
C LYS H 259 -24.14 35.52 -23.02
N GLU H 260 -23.39 36.05 -22.04
CA GLU H 260 -23.40 37.50 -21.75
C GLU H 260 -22.53 38.32 -22.67
N GLU H 261 -22.98 39.56 -22.91
CA GLU H 261 -22.14 40.58 -23.49
C GLU H 261 -21.18 40.97 -22.36
N ALA H 262 -19.91 41.19 -22.70
CA ALA H 262 -18.91 41.44 -21.68
C ALA H 262 -17.80 42.36 -22.12
N VAL H 263 -17.32 43.12 -21.15
CA VAL H 263 -16.16 43.98 -21.28
C VAL H 263 -15.19 43.57 -20.16
N LEU H 264 -14.12 42.87 -20.55
CA LEU H 264 -13.13 42.36 -19.60
C LEU H 264 -11.99 43.35 -19.52
N ILE H 265 -11.48 43.56 -18.29
CA ILE H 265 -10.40 44.51 -18.02
C ILE H 265 -9.35 43.87 -17.13
N ALA H 266 -8.07 44.02 -17.53
CA ALA H 266 -6.95 43.57 -16.74
C ALA H 266 -5.76 44.54 -16.92
N GLU H 267 -5.11 44.89 -15.79
CA GLU H 267 -3.90 45.73 -15.80
C GLU H 267 -2.65 44.83 -15.65
N PHE H 268 -1.58 45.17 -16.37
CA PHE H 268 -0.32 44.42 -16.33
C PHE H 268 0.89 45.37 -16.24
N ASN H 269 1.83 45.03 -15.37
CA ASN H 269 3.06 45.79 -15.25
C ASN H 269 4.07 45.13 -16.18
N LEU H 270 4.22 45.72 -17.38
CA LEU H 270 5.04 45.11 -18.46
C LEU H 270 6.52 45.06 -18.13
N ASP H 271 6.99 46.02 -17.30
CA ASP H 271 8.38 45.96 -16.80
C ASP H 271 8.61 44.80 -15.78
N LYS H 272 7.74 44.63 -14.74
CA LYS H 272 7.89 43.47 -13.82
C LYS H 272 7.78 42.15 -14.61
N ILE H 273 6.82 42.08 -15.54
CA ILE H 273 6.59 40.85 -16.28
C ILE H 273 7.81 40.50 -17.16
N LYS H 274 8.39 41.54 -17.78
CA LYS H 274 9.63 41.39 -18.56
C LYS H 274 10.75 40.85 -17.65
N SER H 275 10.84 41.44 -16.46
CA SER H 275 11.83 41.01 -15.47
C SER H 275 11.64 39.51 -15.12
N MET H 276 10.38 39.13 -14.87
CA MET H 276 9.95 37.74 -14.55
CA MET H 276 10.09 37.74 -14.49
C MET H 276 10.29 36.77 -15.68
N ARG H 277 9.97 37.20 -16.91
CA ARG H 277 10.14 36.38 -18.12
C ARG H 277 11.63 36.04 -18.30
N HIS H 278 12.47 37.04 -18.10
CA HIS H 278 13.89 36.83 -18.33
C HIS H 278 14.54 35.98 -17.22
N CYS H 279 14.18 36.20 -15.94
CA CYS H 279 14.73 35.43 -14.81
CA CYS H 279 14.79 35.43 -14.86
C CYS H 279 14.28 33.97 -14.85
N TRP H 280 13.05 33.73 -15.35
CA TRP H 280 12.54 32.32 -15.47
C TRP H 280 13.48 31.48 -16.41
N GLY H 281 14.04 32.11 -17.45
CA GLY H 281 15.16 31.54 -18.18
C GLY H 281 14.86 30.79 -19.47
N VAL H 282 13.58 30.57 -19.81
CA VAL H 282 13.26 29.72 -21.00
C VAL H 282 13.89 30.27 -22.27
N PHE H 283 13.83 31.60 -22.49
CA PHE H 283 14.47 32.20 -23.69
C PHE H 283 16.02 32.09 -23.70
N ARG H 284 16.60 32.05 -22.50
CA ARG H 284 18.05 31.84 -22.32
C ARG H 284 18.47 30.39 -22.68
N ASP H 285 17.53 29.45 -22.49
CA ASP H 285 17.80 28.02 -22.53
C ASP H 285 17.31 27.31 -23.81
N ARG H 286 16.64 28.07 -24.68
CA ARG H 286 16.14 27.51 -25.96
C ARG H 286 17.26 26.91 -26.80
N ARG H 287 16.92 25.87 -27.56
CA ARG H 287 17.89 25.11 -28.37
C ARG H 287 17.50 25.06 -29.90
N PRO H 288 17.53 26.23 -30.57
CA PRO H 288 17.21 26.28 -32.00
C PRO H 288 18.07 25.36 -32.89
N ASP H 289 19.27 25.02 -32.42
CA ASP H 289 20.11 24.05 -33.11
C ASP H 289 19.42 22.65 -33.10
N LEU H 290 18.47 22.45 -32.19
CA LEU H 290 17.74 21.17 -32.15
C LEU H 290 16.31 21.23 -32.75
N TYR H 291 15.92 22.41 -33.29
CA TYR H 291 14.54 22.64 -33.72
C TYR H 291 14.25 22.54 -35.25
N LYS H 292 15.20 22.01 -36.01
CA LYS H 292 15.05 21.93 -37.46
C LYS H 292 13.79 21.12 -37.87
N VAL H 293 13.45 20.09 -37.08
CA VAL H 293 12.31 19.24 -37.39
C VAL H 293 11.00 20.09 -37.44
N LEU H 294 10.98 21.22 -36.72
CA LEU H 294 9.81 22.11 -36.75
C LEU H 294 9.56 22.73 -38.15
N LEU H 295 10.60 22.82 -39.00
CA LEU H 295 10.45 23.33 -40.39
C LEU H 295 10.11 22.23 -41.41
N THR H 296 9.62 21.09 -40.90
CA THR H 296 9.05 20.02 -41.72
C THR H 296 7.56 19.89 -41.36
N LEU H 297 6.82 19.21 -42.24
CA LEU H 297 5.43 18.79 -41.98
C LEU H 297 5.39 17.34 -41.46
N ASP H 298 6.24 16.48 -42.04
CA ASP H 298 6.19 15.03 -41.77
C ASP H 298 7.21 14.53 -40.74
N GLY H 299 7.97 15.44 -40.14
CA GLY H 299 9.03 15.08 -39.18
C GLY H 299 10.33 14.62 -39.80
N LYS H 300 10.49 14.80 -41.12
CA LYS H 300 11.70 14.35 -41.86
C LYS H 300 12.21 15.32 -42.96
N ASN H 301 11.33 15.72 -43.88
CA ASN H 301 11.72 16.54 -45.06
C ASN H 301 11.51 18.04 -44.88
N PRO H 302 12.61 18.84 -45.04
CA PRO H 302 12.50 20.32 -44.85
C PRO H 302 11.50 21.02 -45.81
N VAL H 303 10.99 22.17 -45.37
CA VAL H 303 10.04 23.01 -46.13
C VAL H 303 10.53 24.47 -46.17
N ASP I 7 -37.42 -56.93 13.33
CA ASP I 7 -36.26 -56.97 12.41
C ASP I 7 -34.98 -57.35 13.18
N LYS I 8 -33.90 -56.56 13.11
CA LYS I 8 -32.64 -56.92 13.79
C LYS I 8 -32.49 -56.10 15.09
N GLY I 9 -31.91 -56.73 16.12
CA GLY I 9 -31.68 -56.08 17.43
C GLY I 9 -32.30 -56.87 18.58
N ARG I 10 -31.89 -56.55 19.81
CA ARG I 10 -32.41 -57.22 20.99
C ARG I 10 -33.90 -56.97 21.11
N LYS I 11 -34.68 -58.03 21.21
CA LYS I 11 -36.10 -57.89 21.40
C LYS I 11 -36.44 -58.31 22.80
N VAL I 12 -37.43 -57.67 23.39
CA VAL I 12 -37.87 -58.04 24.75
C VAL I 12 -39.37 -58.02 24.75
N VAL I 13 -39.98 -59.07 25.33
CA VAL I 13 -41.41 -59.13 25.44
C VAL I 13 -41.78 -58.80 26.89
N VAL I 14 -42.63 -57.79 27.08
CA VAL I 14 -43.03 -57.36 28.40
C VAL I 14 -44.52 -57.64 28.62
N SER I 15 -44.90 -57.75 29.90
CA SER I 15 -46.27 -58.06 30.26
C SER I 15 -46.74 -57.33 31.46
N ALA I 16 -48.00 -56.87 31.38
CA ALA I 16 -48.72 -56.30 32.51
C ALA I 16 -49.79 -57.28 32.90
N LEU I 17 -49.89 -57.60 34.18
CA LEU I 17 -50.94 -58.45 34.71
C LEU I 17 -51.96 -57.60 35.45
N GLN I 18 -53.19 -58.05 35.45
CA GLN I 18 -54.27 -57.36 36.09
C GLN I 18 -55.20 -58.39 36.73
N PHE I 19 -55.47 -58.25 38.03
CA PHE I 19 -56.42 -59.14 38.70
C PHE I 19 -57.05 -58.47 39.94
N ALA I 20 -58.10 -59.07 40.47
CA ALA I 20 -58.75 -58.58 41.66
C ALA I 20 -58.10 -59.29 42.85
N CYS I 21 -57.94 -58.57 43.95
CA CYS I 21 -57.33 -59.13 45.15
C CYS I 21 -58.40 -59.63 46.12
N THR I 22 -58.18 -60.80 46.72
CA THR I 22 -58.94 -61.21 47.90
C THR I 22 -58.15 -60.63 49.09
N ASP I 23 -58.64 -60.80 50.31
CA ASP I 23 -57.78 -60.38 51.44
C ASP I 23 -57.12 -61.58 52.09
N ASP I 24 -56.84 -62.61 51.26
CA ASP I 24 -56.16 -63.81 51.70
C ASP I 24 -54.86 -63.87 50.94
N VAL I 25 -53.77 -63.79 51.68
CA VAL I 25 -52.43 -63.82 51.09
C VAL I 25 -52.10 -65.04 50.18
N SER I 26 -52.37 -66.27 50.64
CA SER I 26 -52.06 -67.47 49.83
C SER I 26 -52.79 -67.45 48.50
N THR I 27 -54.07 -67.07 48.57
CA THR I 27 -54.90 -67.01 47.38
C THR I 27 -54.29 -66.04 46.39
N ASN I 28 -53.93 -64.84 46.87
CA ASN I 28 -53.40 -63.81 45.98
C ASN I 28 -52.09 -64.20 45.38
N VAL I 29 -51.21 -64.88 46.12
CA VAL I 29 -49.92 -65.33 45.54
C VAL I 29 -50.17 -66.42 44.49
N THR I 30 -51.15 -67.26 44.73
CA THR I 30 -51.50 -68.29 43.77
C THR I 30 -51.99 -67.63 42.45
N THR I 31 -52.79 -66.56 42.58
CA THR I 31 -53.32 -65.84 41.43
C THR I 31 -52.17 -65.27 40.62
N ALA I 32 -51.23 -64.62 41.32
CA ALA I 32 -50.05 -64.03 40.66
C ALA I 32 -49.25 -65.08 39.93
N GLU I 33 -49.01 -66.20 40.57
CA GLU I 33 -48.25 -67.27 39.92
C GLU I 33 -48.96 -67.76 38.64
N ARG I 34 -50.26 -68.00 38.73
CA ARG I 34 -51.04 -68.45 37.56
C ARG I 34 -50.88 -67.44 36.38
N LEU I 35 -50.99 -66.16 36.68
CA LEU I 35 -50.93 -65.15 35.65
C LEU I 35 -49.50 -64.95 35.09
N VAL I 36 -48.47 -65.10 35.93
CA VAL I 36 -47.08 -65.05 35.46
C VAL I 36 -46.81 -66.21 34.49
N ARG I 37 -47.26 -67.41 34.88
CA ARG I 37 -47.15 -68.57 34.01
C ARG I 37 -47.93 -68.35 32.69
N ALA I 38 -49.12 -67.75 32.75
CA ALA I 38 -49.85 -67.43 31.51
C ALA I 38 -49.06 -66.42 30.63
N ALA I 39 -48.45 -65.42 31.24
CA ALA I 39 -47.62 -64.46 30.51
C ALA I 39 -46.41 -65.13 29.83
N HIS I 40 -45.72 -65.96 30.60
CA HIS I 40 -44.59 -66.72 30.13
C HIS I 40 -44.95 -67.60 28.92
N LYS I 41 -46.08 -68.28 29.00
CA LYS I 41 -46.56 -69.10 27.91
C LYS I 41 -46.76 -68.30 26.63
N GLN I 42 -47.17 -67.05 26.78
CA GLN I 42 -47.36 -66.16 25.64
C GLN I 42 -46.03 -65.44 25.23
N GLY I 43 -44.90 -65.83 25.84
CA GLY I 43 -43.59 -65.33 25.43
C GLY I 43 -42.97 -64.24 26.27
N ALA I 44 -43.63 -63.85 27.35
CA ALA I 44 -43.12 -62.75 28.16
C ALA I 44 -41.72 -63.07 28.78
N ASN I 45 -40.84 -62.07 28.76
CA ASN I 45 -39.53 -62.11 29.39
C ASN I 45 -39.49 -61.32 30.72
N ILE I 46 -40.34 -60.28 30.80
CA ILE I 46 -40.47 -59.45 31.98
C ILE I 46 -41.95 -59.27 32.26
N VAL I 47 -42.36 -59.58 33.49
CA VAL I 47 -43.74 -59.61 33.85
C VAL I 47 -43.98 -58.76 35.09
N LEU I 48 -44.93 -57.84 34.99
CA LEU I 48 -45.26 -56.95 36.09
C LEU I 48 -46.59 -57.22 36.84
N ILE I 49 -46.48 -57.54 38.12
CA ILE I 49 -47.62 -57.72 39.01
C ILE I 49 -47.99 -56.36 39.69
N GLN I 50 -49.27 -56.10 39.82
CA GLN I 50 -49.80 -54.91 40.47
C GLN I 50 -49.30 -54.71 41.90
N GLU I 51 -49.40 -53.47 42.36
CA GLU I 51 -48.95 -53.06 43.66
C GLU I 51 -49.65 -53.77 44.88
N LEU I 52 -48.85 -54.15 45.88
CA LEU I 52 -49.35 -54.71 47.17
C LEU I 52 -50.46 -55.80 46.97
N PHE I 53 -50.17 -56.66 46.01
CA PHE I 53 -51.06 -57.65 45.51
C PHE I 53 -51.35 -58.77 46.51
N GLU I 54 -50.64 -58.82 47.64
CA GLU I 54 -50.92 -59.86 48.65
C GLU I 54 -52.23 -59.65 49.41
N GLY I 55 -52.86 -58.48 49.27
CA GLY I 55 -54.15 -58.25 49.91
C GLY I 55 -54.89 -57.00 49.46
N TYR I 56 -56.01 -56.71 50.12
CA TYR I 56 -56.72 -55.46 49.95
C TYR I 56 -55.77 -54.25 50.12
N TYR I 57 -56.08 -53.20 49.38
CA TYR I 57 -55.29 -51.98 49.41
C TYR I 57 -55.71 -51.28 50.70
N PHE I 58 -54.91 -51.45 51.73
CA PHE I 58 -55.25 -50.99 53.11
C PHE I 58 -54.73 -49.57 53.45
N CYS I 59 -54.04 -48.94 52.51
CA CYS I 59 -53.13 -47.81 52.83
C CYS I 59 -53.76 -46.52 53.28
N GLN I 60 -55.06 -46.37 53.09
CA GLN I 60 -55.76 -45.18 53.55
C GLN I 60 -56.65 -45.48 54.78
N ALA I 61 -56.52 -46.68 55.36
CA ALA I 61 -57.38 -47.10 56.46
C ALA I 61 -57.00 -46.57 57.86
N GLN I 62 -55.75 -46.13 58.02
CA GLN I 62 -55.20 -45.74 59.33
C GLN I 62 -55.52 -46.80 60.41
N ARG I 63 -55.27 -48.04 60.08
CA ARG I 63 -55.53 -49.12 61.00
C ARG I 63 -54.23 -49.76 61.48
N GLU I 64 -54.02 -49.65 62.80
CA GLU I 64 -52.83 -50.12 63.51
C GLU I 64 -52.56 -51.58 63.26
N ASP I 65 -53.61 -52.38 63.24
CA ASP I 65 -53.44 -53.83 63.06
C ASP I 65 -52.92 -54.22 61.65
N PHE I 66 -52.99 -53.32 60.67
CA PHE I 66 -52.42 -53.62 59.36
C PHE I 66 -50.89 -53.44 59.34
N ILE I 67 -50.33 -52.70 60.28
CA ILE I 67 -48.87 -52.46 60.30
C ILE I 67 -48.13 -53.79 60.38
N GLN I 68 -48.68 -54.74 61.14
CA GLN I 68 -48.05 -56.08 61.29
C GLN I 68 -47.92 -56.89 59.96
N ARG I 69 -48.57 -56.41 58.89
CA ARG I 69 -48.42 -57.06 57.59
C ARG I 69 -47.06 -56.77 56.99
N ALA I 70 -46.38 -55.74 57.46
CA ALA I 70 -45.05 -55.46 56.91
C ALA I 70 -44.09 -56.61 57.30
N LYS I 71 -43.12 -56.88 56.46
CA LYS I 71 -42.12 -57.91 56.71
C LYS I 71 -40.76 -57.43 56.22
N PRO I 72 -39.68 -57.90 56.84
CA PRO I 72 -38.39 -57.52 56.35
C PRO I 72 -38.14 -57.92 54.89
N TYR I 73 -37.34 -57.12 54.19
CA TYR I 73 -36.80 -57.46 52.86
C TYR I 73 -36.04 -58.79 52.89
N LYS I 74 -35.21 -58.99 53.88
CA LYS I 74 -34.44 -60.23 54.00
C LYS I 74 -35.35 -61.45 54.26
N ASP I 75 -35.14 -62.51 53.49
CA ASP I 75 -35.87 -63.78 53.64
C ASP I 75 -37.37 -63.60 53.63
N HIS I 76 -37.86 -62.79 52.72
CA HIS I 76 -39.27 -62.56 52.61
C HIS I 76 -39.90 -63.74 51.88
N PRO I 77 -40.93 -64.39 52.46
CA PRO I 77 -41.47 -65.59 51.84
C PRO I 77 -42.09 -65.39 50.46
N THR I 78 -42.71 -64.23 50.21
CA THR I 78 -43.30 -63.98 48.89
C THR I 78 -42.18 -63.74 47.88
N ILE I 79 -41.17 -62.97 48.28
CA ILE I 79 -40.05 -62.69 47.37
C ILE I 79 -39.36 -64.03 47.07
N MET I 80 -39.10 -64.83 48.11
CA MET I 80 -38.38 -66.09 47.94
C MET I 80 -39.14 -67.06 47.02
N ARG I 81 -40.44 -67.11 47.15
CA ARG I 81 -41.24 -67.94 46.29
C ARG I 81 -41.21 -67.46 44.83
N LEU I 82 -41.35 -66.16 44.59
CA LEU I 82 -41.29 -65.64 43.24
C LEU I 82 -39.87 -65.71 42.64
N GLN I 83 -38.83 -65.75 43.48
CA GLN I 83 -37.49 -66.02 42.97
C GLN I 83 -37.43 -67.39 42.32
N LYS I 84 -38.08 -68.37 42.91
CA LYS I 84 -38.02 -69.74 42.38
C LYS I 84 -38.79 -69.77 41.05
N LEU I 85 -39.91 -69.06 41.01
CA LEU I 85 -40.71 -68.97 39.79
C LEU I 85 -39.91 -68.27 38.65
N ALA I 86 -39.27 -67.17 38.99
CA ALA I 86 -38.44 -66.41 38.03
C ALA I 86 -37.34 -67.29 37.43
N LYS I 87 -36.68 -68.06 38.29
CA LYS I 87 -35.64 -68.93 37.85
C LYS I 87 -36.21 -70.08 37.04
N GLU I 88 -37.36 -70.61 37.47
CA GLU I 88 -37.96 -71.74 36.74
C GLU I 88 -38.29 -71.34 35.30
N LEU I 89 -38.91 -70.17 35.13
CA LEU I 89 -39.39 -69.73 33.84
C LEU I 89 -38.40 -68.88 33.03
N GLY I 90 -37.32 -68.39 33.65
CA GLY I 90 -36.42 -67.45 33.00
C GLY I 90 -37.06 -66.10 32.73
N VAL I 91 -37.82 -65.58 33.72
CA VAL I 91 -38.45 -64.27 33.57
C VAL I 91 -38.08 -63.33 34.73
N VAL I 92 -38.03 -62.05 34.41
CA VAL I 92 -37.76 -61.01 35.36
C VAL I 92 -39.10 -60.68 36.06
N ILE I 93 -39.09 -60.62 37.39
CA ILE I 93 -40.31 -60.34 38.19
C ILE I 93 -40.03 -59.28 39.28
N PRO I 94 -40.47 -58.04 39.07
CA PRO I 94 -40.44 -57.07 40.13
C PRO I 94 -41.51 -57.41 41.20
N VAL I 95 -41.12 -57.59 42.45
CA VAL I 95 -42.06 -57.98 43.49
C VAL I 95 -42.39 -56.87 44.48
N SER I 96 -43.63 -56.36 44.39
CA SER I 96 -44.13 -55.34 45.30
C SER I 96 -44.34 -55.91 46.71
N PHE I 97 -43.87 -55.20 47.77
CA PHE I 97 -44.17 -55.68 49.14
C PHE I 97 -44.10 -54.53 50.15
N PHE I 98 -44.75 -54.77 51.28
CA PHE I 98 -44.78 -53.85 52.41
C PHE I 98 -43.59 -54.18 53.31
N GLU I 99 -42.60 -53.30 53.33
CA GLU I 99 -41.30 -53.55 53.98
C GLU I 99 -41.20 -53.05 55.40
N GLU I 100 -40.80 -53.96 56.30
CA GLU I 100 -40.44 -53.59 57.64
C GLU I 100 -38.94 -53.35 57.64
N ALA I 101 -38.52 -52.15 58.04
CA ALA I 101 -37.12 -51.80 58.19
C ALA I 101 -36.86 -51.37 59.62
N ASN I 102 -35.72 -50.76 59.87
CA ASN I 102 -35.35 -50.38 61.25
C ASN I 102 -35.89 -48.99 61.63
N ASN I 103 -36.92 -48.98 62.48
CA ASN I 103 -37.67 -47.76 62.81
C ASN I 103 -38.20 -47.03 61.56
N ALA I 104 -38.65 -47.82 60.59
CA ALA I 104 -39.26 -47.30 59.37
C ALA I 104 -39.96 -48.43 58.63
N HIS I 105 -40.97 -48.05 57.86
CA HIS I 105 -41.66 -48.97 56.97
C HIS I 105 -41.73 -48.31 55.62
N TYR I 106 -41.67 -49.10 54.57
CA TYR I 106 -41.68 -48.58 53.22
C TYR I 106 -42.61 -49.40 52.34
N ASN I 107 -43.06 -48.78 51.27
CA ASN I 107 -43.75 -49.45 50.17
C ASN I 107 -42.63 -49.72 49.18
N SER I 108 -42.28 -50.98 49.02
CA SER I 108 -41.06 -51.33 48.30
C SER I 108 -41.28 -52.35 47.19
N ILE I 109 -40.22 -52.54 46.40
CA ILE I 109 -40.25 -53.47 45.29
C ILE I 109 -38.85 -54.06 45.07
N ALA I 110 -38.79 -55.38 45.06
CA ALA I 110 -37.54 -56.08 44.80
C ALA I 110 -37.53 -56.59 43.37
N ILE I 111 -36.44 -56.36 42.66
CA ILE I 111 -36.34 -56.75 41.27
C ILE I 111 -35.61 -58.09 41.18
N ILE I 112 -36.33 -59.13 40.78
CA ILE I 112 -35.78 -60.46 40.62
C ILE I 112 -35.47 -60.71 39.17
N ASP I 113 -34.22 -61.07 38.90
CA ASP I 113 -33.72 -61.29 37.54
C ASP I 113 -34.18 -62.68 37.02
N ALA I 114 -33.99 -62.92 35.72
CA ALA I 114 -34.40 -64.15 35.00
C ALA I 114 -33.73 -65.39 35.48
N ASP I 115 -32.62 -65.25 36.20
CA ASP I 115 -31.96 -66.39 36.86
C ASP I 115 -32.37 -66.57 38.33
N GLY I 116 -33.31 -65.77 38.82
CA GLY I 116 -33.71 -65.83 40.23
C GLY I 116 -32.96 -64.88 41.17
N THR I 117 -31.91 -64.19 40.66
CA THR I 117 -31.11 -63.29 41.48
C THR I 117 -31.89 -62.03 41.94
N ASP I 118 -31.82 -61.76 43.24
CA ASP I 118 -32.39 -60.53 43.82
C ASP I 118 -31.46 -59.39 43.48
N LEU I 119 -31.86 -58.50 42.57
CA LEU I 119 -31.04 -57.42 42.15
C LEU I 119 -31.08 -56.19 43.06
N GLY I 120 -32.03 -56.13 43.99
CA GLY I 120 -32.11 -55.00 44.93
C GLY I 120 -33.52 -54.43 45.04
N ILE I 121 -33.64 -53.36 45.83
CA ILE I 121 -34.94 -52.76 46.04
C ILE I 121 -35.02 -51.31 45.68
N TYR I 122 -36.24 -50.90 45.37
CA TYR I 122 -36.63 -49.50 45.22
C TYR I 122 -37.71 -49.25 46.30
N ARG I 123 -37.58 -48.14 47.00
CA ARG I 123 -38.54 -47.73 48.01
C ARG I 123 -39.32 -46.52 47.50
N LYS I 124 -40.64 -46.65 47.50
CA LYS I 124 -41.56 -45.60 47.00
C LYS I 124 -41.20 -44.23 47.58
N SER I 125 -41.05 -43.24 46.70
CA SER I 125 -40.48 -41.95 47.07
C SER I 125 -41.50 -40.89 47.45
N HIS I 126 -42.61 -40.87 46.71
CA HIS I 126 -43.59 -39.80 46.83
C HIS I 126 -44.78 -40.34 47.62
N ILE I 127 -45.02 -39.78 48.79
CA ILE I 127 -46.06 -40.28 49.70
C ILE I 127 -47.13 -39.19 49.84
N PRO I 128 -48.34 -39.48 49.37
CA PRO I 128 -49.36 -38.42 49.43
C PRO I 128 -49.78 -38.09 50.85
N ASP I 129 -49.65 -36.82 51.27
CA ASP I 129 -50.05 -36.38 52.64
C ASP I 129 -51.12 -35.27 52.58
N GLY I 130 -52.35 -35.69 52.33
CA GLY I 130 -53.45 -34.78 52.12
C GLY I 130 -54.77 -35.46 52.51
N PRO I 131 -55.87 -34.69 52.44
CA PRO I 131 -57.17 -35.09 53.02
C PRO I 131 -57.50 -36.58 52.86
N GLY I 132 -57.72 -37.04 51.62
CA GLY I 132 -58.19 -38.40 51.34
C GLY I 132 -57.17 -39.54 51.44
N TYR I 133 -55.91 -39.23 51.74
CA TYR I 133 -54.82 -40.25 51.72
C TYR I 133 -54.42 -40.88 53.08
N GLU I 134 -53.76 -40.12 53.97
CA GLU I 134 -53.29 -40.67 55.30
C GLU I 134 -52.29 -41.87 55.23
N GLU I 135 -51.66 -42.01 54.08
CA GLU I 135 -50.72 -43.08 53.80
C GLU I 135 -49.37 -43.03 54.60
N LYS I 136 -48.97 -41.84 55.06
CA LYS I 136 -47.80 -41.70 55.94
C LYS I 136 -47.97 -42.49 57.23
N PHE I 137 -49.23 -42.79 57.58
CA PHE I 137 -49.50 -43.71 58.67
C PHE I 137 -48.73 -45.06 58.48
N TYR I 138 -48.51 -45.49 57.25
CA TYR I 138 -47.88 -46.77 56.99
C TYR I 138 -46.46 -46.69 56.39
N PHE I 139 -46.21 -45.68 55.57
CA PHE I 139 -44.97 -45.62 54.84
C PHE I 139 -44.14 -44.37 55.12
N ASN I 140 -42.86 -44.57 55.46
CA ASN I 140 -41.89 -43.49 55.42
C ASN I 140 -41.57 -43.15 53.97
N PRO I 141 -41.21 -41.88 53.70
CA PRO I 141 -40.78 -41.55 52.36
C PRO I 141 -39.51 -42.34 51.97
N GLY I 142 -39.50 -42.92 50.77
CA GLY I 142 -38.38 -43.73 50.35
C GLY I 142 -37.06 -42.99 50.35
N ASP I 143 -36.00 -43.74 50.65
CA ASP I 143 -34.64 -43.20 50.69
C ASP I 143 -33.65 -43.93 49.72
N THR I 144 -34.13 -44.75 48.79
CA THR I 144 -33.24 -45.36 47.82
C THR I 144 -32.89 -44.38 46.69
N GLY I 145 -33.84 -43.49 46.37
CA GLY I 145 -33.74 -42.69 45.20
C GLY I 145 -34.21 -43.52 44.00
N PHE I 146 -34.28 -42.91 42.84
CA PHE I 146 -34.73 -43.57 41.65
C PHE I 146 -33.61 -44.44 41.14
N LYS I 147 -33.94 -45.69 40.82
CA LYS I 147 -32.94 -46.67 40.50
C LYS I 147 -33.20 -47.35 39.16
N VAL I 148 -32.13 -47.87 38.57
CA VAL I 148 -32.23 -48.70 37.38
C VAL I 148 -31.55 -50.00 37.69
N PHE I 149 -32.03 -51.08 37.08
CA PHE I 149 -31.53 -52.43 37.33
C PHE I 149 -31.19 -53.07 36.00
N GLN I 150 -29.96 -53.59 35.90
CA GLN I 150 -29.52 -54.35 34.73
C GLN I 150 -30.04 -55.80 34.84
N THR I 151 -31.09 -56.14 34.10
CA THR I 151 -31.58 -57.53 34.05
C THR I 151 -30.97 -58.25 32.86
N LYS I 152 -31.26 -59.54 32.71
CA LYS I 152 -30.74 -60.31 31.58
C LYS I 152 -31.28 -59.84 30.24
N TYR I 153 -32.41 -59.15 30.25
CA TYR I 153 -33.04 -58.73 28.99
C TYR I 153 -32.94 -57.25 28.69
N ALA I 154 -32.70 -56.42 29.72
CA ALA I 154 -32.80 -54.97 29.59
C ALA I 154 -32.44 -54.27 30.87
N LYS I 155 -32.07 -53.00 30.73
CA LYS I 155 -31.91 -52.17 31.88
C LYS I 155 -33.31 -51.59 32.13
N ILE I 156 -33.82 -51.75 33.35
CA ILE I 156 -35.17 -51.29 33.67
C ILE I 156 -35.23 -50.33 34.83
N GLY I 157 -36.25 -49.48 34.77
CA GLY I 157 -36.60 -48.63 35.84
C GLY I 157 -37.97 -48.98 36.37
N VAL I 158 -38.08 -49.03 37.70
CA VAL I 158 -39.33 -49.35 38.39
C VAL I 158 -39.65 -48.29 39.43
N ALA I 159 -40.87 -47.78 39.41
CA ALA I 159 -41.34 -46.91 40.46
C ALA I 159 -42.75 -47.38 40.87
N ILE I 160 -43.34 -46.73 41.88
CA ILE I 160 -44.50 -47.28 42.53
C ILE I 160 -45.63 -46.31 42.79
N CYS I 161 -46.83 -46.74 42.37
CA CYS I 161 -48.08 -46.08 42.70
C CYS I 161 -47.98 -44.56 42.53
N TRP I 162 -48.13 -43.78 43.60
CA TRP I 162 -48.12 -42.30 43.50
C TRP I 162 -46.91 -41.68 42.73
N ASP I 163 -45.77 -42.40 42.71
CA ASP I 163 -44.60 -42.02 41.91
C ASP I 163 -44.97 -41.76 40.47
N GLN I 164 -46.01 -42.47 40.02
CA GLN I 164 -46.50 -42.39 38.64
C GLN I 164 -46.83 -40.97 38.21
N TRP I 165 -47.17 -40.08 39.16
CA TRP I 165 -47.57 -38.73 38.79
C TRP I 165 -46.39 -37.77 38.50
N PHE I 166 -45.15 -38.19 38.78
CA PHE I 166 -43.99 -37.30 38.80
C PHE I 166 -43.06 -37.52 37.59
N PRO I 167 -43.09 -36.62 36.61
CA PRO I 167 -42.15 -36.69 35.47
C PRO I 167 -40.68 -36.78 35.87
N GLU I 168 -40.32 -36.19 37.00
CA GLU I 168 -38.97 -36.27 37.53
C GLU I 168 -38.49 -37.70 37.72
N ALA I 169 -39.39 -38.57 38.19
CA ALA I 169 -39.06 -39.98 38.39
C ALA I 169 -38.73 -40.73 37.12
N ALA I 170 -39.54 -40.54 36.12
CA ALA I 170 -39.36 -41.18 34.82
C ALA I 170 -38.08 -40.64 34.16
N ARG I 171 -37.88 -39.33 34.21
CA ARG I 171 -36.65 -38.75 33.66
C ARG I 171 -35.40 -39.28 34.36
N ALA I 172 -35.45 -39.31 35.70
CA ALA I 172 -34.31 -39.72 36.46
C ALA I 172 -33.89 -41.14 36.08
N MET I 173 -34.86 -42.00 35.86
CA MET I 173 -34.55 -43.38 35.45
C MET I 173 -34.03 -43.42 34.02
N ALA I 174 -34.66 -42.70 33.12
CA ALA I 174 -34.19 -42.67 31.70
C ALA I 174 -32.75 -42.12 31.58
N LEU I 175 -32.43 -41.10 32.37
CA LEU I 175 -31.08 -40.50 32.32
C LEU I 175 -30.01 -41.49 32.73
N GLN I 176 -30.38 -42.43 33.60
CA GLN I 176 -29.49 -43.51 34.06
C GLN I 176 -29.51 -44.74 33.17
N GLY I 177 -30.15 -44.66 32.02
CA GLY I 177 -30.11 -45.75 31.07
C GLY I 177 -31.28 -46.71 31.11
N ALA I 178 -32.36 -46.37 31.82
CA ALA I 178 -33.55 -47.26 31.81
C ALA I 178 -34.07 -47.40 30.41
N GLU I 179 -34.33 -48.62 29.97
CA GLU I 179 -34.85 -48.88 28.60
C GLU I 179 -36.35 -49.14 28.57
N ILE I 180 -36.93 -49.51 29.73
CA ILE I 180 -38.36 -49.78 29.88
C ILE I 180 -38.68 -49.31 31.29
N LEU I 181 -39.81 -48.64 31.45
CA LEU I 181 -40.31 -48.23 32.77
C LEU I 181 -41.49 -49.11 33.21
N PHE I 182 -41.55 -49.39 34.51
CA PHE I 182 -42.60 -50.22 35.12
C PHE I 182 -43.19 -49.48 36.30
N TYR I 183 -44.51 -49.42 36.33
CA TYR I 183 -45.27 -48.72 37.38
C TYR I 183 -46.44 -49.62 37.86
N PRO I 184 -46.15 -50.53 38.80
CA PRO I 184 -47.23 -51.24 39.48
C PRO I 184 -47.99 -50.24 40.33
N THR I 185 -49.31 -50.30 40.30
CA THR I 185 -50.09 -49.32 41.00
C THR I 185 -51.42 -49.89 41.51
N ALA I 186 -52.19 -49.03 42.16
CA ALA I 186 -53.50 -49.35 42.68
C ALA I 186 -54.31 -48.07 42.63
N ILE I 187 -55.22 -47.94 41.67
CA ILE I 187 -56.01 -46.72 41.56
C ILE I 187 -57.46 -47.05 41.27
N GLY I 188 -58.33 -46.36 41.99
CA GLY I 188 -59.76 -46.55 41.86
C GLY I 188 -60.50 -45.34 42.29
N SER I 189 -61.73 -45.56 42.70
CA SER I 189 -62.58 -44.49 43.16
C SER I 189 -63.66 -45.06 44.06
N GLU I 190 -64.26 -44.19 44.89
CA GLU I 190 -65.36 -44.54 45.78
C GLU I 190 -66.63 -44.72 44.88
N PRO I 191 -67.31 -45.90 44.91
CA PRO I 191 -68.57 -46.05 44.14
C PRO I 191 -69.81 -45.56 44.90
N ASP I 197 -63.84 -39.69 38.03
CA ASP I 197 -62.90 -40.83 37.85
C ASP I 197 -61.56 -40.49 37.14
N SER I 198 -60.43 -40.93 37.73
CA SER I 198 -59.10 -40.45 37.31
C SER I 198 -58.38 -41.27 36.22
N ARG I 199 -59.03 -42.29 35.66
CA ARG I 199 -58.33 -43.19 34.75
C ARG I 199 -57.72 -42.52 33.50
N ASP I 200 -58.43 -41.57 32.88
CA ASP I 200 -57.88 -40.95 31.67
C ASP I 200 -56.72 -40.00 32.00
N HIS I 201 -56.86 -39.30 33.12
CA HIS I 201 -55.80 -38.40 33.65
C HIS I 201 -54.55 -39.19 33.90
N TRP I 202 -54.69 -40.30 34.61
CA TRP I 202 -53.60 -41.20 34.90
C TRP I 202 -52.90 -41.67 33.60
N LYS I 203 -53.68 -42.21 32.67
CA LYS I 203 -53.09 -42.69 31.39
C LYS I 203 -52.33 -41.57 30.64
N ARG I 204 -52.90 -40.41 30.56
CA ARG I 204 -52.26 -39.31 29.84
C ARG I 204 -50.94 -38.94 30.46
N VAL I 205 -50.88 -38.91 31.80
CA VAL I 205 -49.64 -38.58 32.48
C VAL I 205 -48.59 -39.62 32.16
N MET I 206 -48.96 -40.87 32.16
CA MET I 206 -48.00 -41.95 31.91
C MET I 206 -47.52 -42.05 30.47
N GLN I 207 -48.45 -41.89 29.54
CA GLN I 207 -48.14 -41.84 28.10
C GLN I 207 -47.16 -40.67 27.86
N GLY I 208 -47.41 -39.58 28.58
CA GLY I 208 -46.46 -38.48 28.68
C GLY I 208 -45.05 -38.85 29.07
N HIS I 209 -44.87 -39.67 30.11
CA HIS I 209 -43.53 -40.08 30.49
C HIS I 209 -42.88 -40.89 29.38
N ALA I 210 -43.65 -41.81 28.78
CA ALA I 210 -43.11 -42.70 27.76
C ALA I 210 -42.66 -41.85 26.55
N GLY I 211 -43.52 -40.92 26.12
CA GLY I 211 -43.27 -40.04 25.00
C GLY I 211 -42.15 -39.07 25.21
N ALA I 212 -42.00 -38.54 26.43
CA ALA I 212 -40.98 -37.51 26.68
C ALA I 212 -39.60 -38.13 26.80
N ASN I 213 -39.54 -39.38 27.23
CA ASN I 213 -38.28 -40.10 27.40
C ASN I 213 -37.97 -41.12 26.29
N LEU I 214 -38.93 -41.31 25.40
CA LEU I 214 -38.79 -42.28 24.30
C LEU I 214 -38.37 -43.70 24.81
N VAL I 215 -39.13 -44.16 25.82
CA VAL I 215 -38.99 -45.52 26.36
C VAL I 215 -40.39 -46.12 26.51
N PRO I 216 -40.51 -47.42 26.29
CA PRO I 216 -41.79 -48.10 26.60
C PRO I 216 -42.09 -48.09 28.10
N LEU I 217 -43.37 -48.22 28.45
CA LEU I 217 -43.82 -48.09 29.81
C LEU I 217 -44.95 -49.13 30.05
N VAL I 218 -44.83 -49.87 31.16
CA VAL I 218 -45.78 -50.93 31.55
C VAL I 218 -46.38 -50.52 32.88
N ALA I 219 -47.70 -50.52 32.95
CA ALA I 219 -48.42 -50.17 34.14
C ALA I 219 -49.45 -51.27 34.47
N SER I 220 -49.41 -51.76 35.72
CA SER I 220 -50.28 -52.82 36.18
C SER I 220 -51.11 -52.30 37.35
N ASN I 221 -52.44 -52.28 37.16
CA ASN I 221 -53.37 -51.83 38.17
C ASN I 221 -54.36 -52.96 38.52
N ARG I 222 -54.81 -53.00 39.77
CA ARG I 222 -55.84 -53.97 40.19
C ARG I 222 -57.25 -53.59 39.74
N ILE I 223 -58.14 -54.58 39.81
CA ILE I 223 -59.57 -54.41 39.60
C ILE I 223 -60.29 -54.86 40.87
N GLY I 224 -61.59 -54.70 40.90
CA GLY I 224 -62.44 -55.24 41.93
C GLY I 224 -62.82 -54.19 42.95
N ASN I 225 -63.91 -54.49 43.62
CA ASN I 225 -64.38 -53.77 44.78
C ASN I 225 -63.76 -54.26 46.08
N GLU I 226 -63.34 -53.33 46.95
CA GLU I 226 -62.80 -53.71 48.26
C GLU I 226 -63.43 -52.89 49.37
N ILE I 227 -63.88 -53.60 50.40
CA ILE I 227 -64.47 -53.01 51.60
C ILE I 227 -63.58 -53.28 52.81
N ILE I 228 -63.22 -52.22 53.52
CA ILE I 228 -62.45 -52.29 54.78
C ILE I 228 -63.13 -51.45 55.85
N GLU I 229 -63.34 -52.01 57.03
CA GLU I 229 -63.89 -51.21 58.16
C GLU I 229 -62.80 -50.22 58.66
N THR I 230 -63.21 -49.04 59.11
CA THR I 230 -62.26 -48.08 59.70
C THR I 230 -62.91 -47.30 60.85
N GLU I 231 -62.15 -46.35 61.40
CA GLU I 231 -62.68 -45.33 62.35
C GLU I 231 -63.67 -44.36 61.65
N HIS I 232 -63.41 -44.11 60.35
CA HIS I 232 -64.20 -43.23 59.46
C HIS I 232 -65.37 -44.01 58.82
N GLY I 233 -65.79 -45.13 59.44
CA GLY I 233 -66.78 -46.05 58.81
C GLY I 233 -66.18 -46.87 57.65
N LYS I 234 -67.04 -47.51 56.85
CA LYS I 234 -66.60 -48.32 55.71
C LYS I 234 -65.88 -47.54 54.65
N SER I 235 -64.67 -47.99 54.34
CA SER I 235 -63.97 -47.56 53.14
C SER I 235 -64.41 -48.56 52.05
N GLU I 236 -64.91 -48.05 50.94
CA GLU I 236 -65.24 -48.88 49.78
C GLU I 236 -64.60 -48.23 48.56
N ILE I 237 -63.74 -48.98 47.87
CA ILE I 237 -63.08 -48.49 46.68
C ILE I 237 -63.32 -49.47 45.54
N LYS I 238 -63.65 -48.93 44.36
CA LYS I 238 -63.74 -49.71 43.15
C LYS I 238 -62.53 -49.45 42.31
N PHE I 239 -61.64 -50.41 42.23
CA PHE I 239 -60.42 -50.22 41.47
C PHE I 239 -60.71 -50.33 39.98
N TYR I 240 -60.08 -49.49 39.15
CA TYR I 240 -60.57 -49.44 37.76
C TYR I 240 -59.75 -50.14 36.63
N GLY I 241 -58.78 -50.98 37.03
CA GLY I 241 -58.01 -51.72 36.07
C GLY I 241 -57.41 -50.78 35.02
N ASN I 242 -57.72 -51.03 33.74
CA ASN I 242 -57.05 -50.25 32.66
C ASN I 242 -55.53 -50.30 32.69
N SER I 243 -54.98 -51.42 33.17
CA SER I 243 -53.57 -51.69 32.99
C SER I 243 -53.24 -51.57 31.48
N PHE I 244 -52.01 -51.17 31.19
CA PHE I 244 -51.62 -50.92 29.79
C PHE I 244 -50.12 -51.03 29.57
N ILE I 245 -49.79 -51.18 28.31
CA ILE I 245 -48.40 -51.08 27.82
C ILE I 245 -48.37 -49.98 26.78
N ALA I 246 -47.48 -48.98 26.95
CA ALA I 246 -47.29 -47.91 25.99
C ALA I 246 -45.92 -48.01 25.35
N GLY I 247 -45.88 -47.67 24.07
CA GLY I 247 -44.63 -47.60 23.34
C GLY I 247 -43.88 -46.31 23.55
N PRO I 248 -42.73 -46.18 22.89
CA PRO I 248 -41.88 -45.04 23.16
C PRO I 248 -42.39 -43.69 22.59
N THR I 249 -43.48 -43.65 21.85
CA THR I 249 -44.08 -42.34 21.50
C THR I 249 -45.32 -42.09 22.35
N GLY I 250 -45.52 -42.93 23.34
CA GLY I 250 -46.65 -42.83 24.22
C GLY I 250 -47.91 -43.51 23.78
N GLU I 251 -47.87 -44.15 22.60
CA GLU I 251 -49.04 -44.86 22.09
C GLU I 251 -49.34 -46.11 22.93
N ILE I 252 -50.61 -46.32 23.26
CA ILE I 252 -51.00 -47.50 24.00
C ILE I 252 -51.00 -48.65 22.99
N VAL I 253 -50.18 -49.68 23.19
CA VAL I 253 -50.18 -50.84 22.28
C VAL I 253 -51.01 -52.00 22.81
N SER I 254 -51.32 -51.99 24.10
CA SER I 254 -52.13 -53.01 24.68
C SER I 254 -52.80 -52.44 25.93
N ILE I 255 -54.11 -52.68 26.08
CA ILE I 255 -54.87 -52.17 27.24
C ILE I 255 -55.91 -53.14 27.78
N ALA I 256 -56.05 -53.18 29.10
CA ALA I 256 -57.07 -53.98 29.78
C ALA I 256 -58.29 -53.13 30.08
N ASP I 257 -59.41 -53.78 30.40
CA ASP I 257 -60.64 -53.08 30.79
C ASP I 257 -60.70 -52.88 32.32
N ASP I 258 -61.86 -52.51 32.83
CA ASP I 258 -61.97 -52.17 34.25
C ASP I 258 -62.62 -53.21 35.14
N LYS I 259 -62.77 -54.44 34.62
CA LYS I 259 -63.44 -55.49 35.37
C LYS I 259 -62.93 -56.91 35.20
N GLU I 260 -62.13 -57.20 34.18
CA GLU I 260 -61.67 -58.56 33.98
C GLU I 260 -60.17 -58.73 34.24
N GLU I 261 -59.79 -59.97 34.51
CA GLU I 261 -58.38 -60.34 34.56
C GLU I 261 -57.75 -60.15 33.21
N ALA I 262 -56.49 -59.77 33.17
CA ALA I 262 -55.78 -59.62 31.90
C ALA I 262 -54.32 -60.02 32.02
N VAL I 263 -53.82 -60.47 30.90
CA VAL I 263 -52.43 -60.75 30.68
C VAL I 263 -52.08 -60.00 29.41
N LEU I 264 -51.51 -58.79 29.54
CA LEU I 264 -51.13 -57.99 28.37
C LEU I 264 -49.71 -58.33 27.96
N ILE I 265 -49.50 -58.35 26.64
CA ILE I 265 -48.23 -58.72 26.02
C ILE I 265 -47.81 -57.72 24.92
N ALA I 266 -46.54 -57.31 24.92
CA ALA I 266 -45.98 -56.51 23.83
C ALA I 266 -44.49 -56.77 23.68
N GLU I 267 -44.03 -56.75 22.44
CA GLU I 267 -42.64 -56.95 22.13
C GLU I 267 -42.05 -55.63 21.66
N PHE I 268 -40.86 -55.30 22.16
CA PHE I 268 -40.15 -54.08 21.78
C PHE I 268 -38.75 -54.41 21.29
N ASN I 269 -38.30 -53.72 20.26
CA ASN I 269 -36.93 -53.84 19.78
C ASN I 269 -36.11 -52.71 20.44
N LEU I 270 -35.36 -53.11 21.45
CA LEU I 270 -34.64 -52.15 22.26
C LEU I 270 -33.50 -51.44 21.53
N ASP I 271 -32.94 -52.05 20.50
CA ASP I 271 -31.90 -51.35 19.71
C ASP I 271 -32.49 -50.31 18.78
N LYS I 272 -33.59 -50.63 18.12
CA LYS I 272 -34.27 -49.67 17.28
C LYS I 272 -34.83 -48.51 18.12
N ILE I 273 -35.37 -48.81 19.30
CA ILE I 273 -35.93 -47.76 20.15
C ILE I 273 -34.80 -46.82 20.65
N LYS I 274 -33.66 -47.40 21.05
CA LYS I 274 -32.49 -46.65 21.43
C LYS I 274 -32.08 -45.66 20.30
N SER I 275 -31.99 -46.18 19.10
CA SER I 275 -31.63 -45.39 17.96
C SER I 275 -32.61 -44.22 17.74
N MET I 276 -33.90 -44.52 17.87
CA MET I 276 -34.97 -43.57 17.71
C MET I 276 -34.88 -42.51 18.79
N ARG I 277 -34.71 -42.95 20.04
CA ARG I 277 -34.58 -42.03 21.19
C ARG I 277 -33.43 -41.00 21.00
N HIS I 278 -32.29 -41.50 20.57
CA HIS I 278 -31.13 -40.67 20.36
C HIS I 278 -31.30 -39.76 19.19
N CYS I 279 -31.88 -40.23 18.10
CA CYS I 279 -32.08 -39.38 16.92
CA CYS I 279 -31.97 -39.31 16.96
C CYS I 279 -33.08 -38.26 17.16
N TRP I 280 -34.12 -38.55 17.95
CA TRP I 280 -35.15 -37.50 18.22
C TRP I 280 -34.51 -36.30 18.93
N GLY I 281 -33.52 -36.57 19.77
CA GLY I 281 -32.62 -35.56 20.24
C GLY I 281 -32.89 -34.90 21.59
N VAL I 282 -33.99 -35.26 22.26
CA VAL I 282 -34.31 -34.60 23.50
C VAL I 282 -33.15 -34.70 24.49
N PHE I 283 -32.46 -35.86 24.59
CA PHE I 283 -31.37 -36.00 25.60
C PHE I 283 -30.12 -35.23 25.20
N ARG I 284 -29.96 -34.94 23.89
CA ARG I 284 -28.88 -34.08 23.39
C ARG I 284 -29.15 -32.62 23.77
N ASP I 285 -30.42 -32.28 23.91
CA ASP I 285 -30.84 -30.89 23.97
C ASP I 285 -31.25 -30.40 25.35
N ARG I 286 -31.24 -31.29 26.34
CA ARG I 286 -31.56 -30.93 27.70
C ARG I 286 -30.67 -29.82 28.24
N ARG I 287 -31.26 -29.01 29.10
CA ARG I 287 -30.63 -27.86 29.69
C ARG I 287 -30.54 -27.90 31.27
N PRO I 288 -29.72 -28.83 31.81
CA PRO I 288 -29.57 -28.93 33.28
C PRO I 288 -29.10 -27.69 33.94
N ASP I 289 -28.39 -26.85 33.20
CA ASP I 289 -28.02 -25.56 33.74
C ASP I 289 -29.21 -24.63 34.06
N LEU I 290 -30.36 -24.91 33.48
CA LEU I 290 -31.59 -24.13 33.70
C LEU I 290 -32.63 -24.84 34.61
N TYR I 291 -32.27 -26.00 35.16
CA TYR I 291 -33.22 -26.81 35.91
C TYR I 291 -33.09 -26.76 37.44
N LYS I 292 -32.30 -25.84 37.98
CA LYS I 292 -32.09 -25.79 39.39
C LYS I 292 -33.38 -25.58 40.23
N VAL I 293 -34.35 -24.90 39.65
CA VAL I 293 -35.66 -24.69 40.29
C VAL I 293 -36.36 -26.00 40.67
N LEU I 294 -36.06 -27.05 39.94
CA LEU I 294 -36.64 -28.35 40.18
C LEU I 294 -36.16 -28.97 41.51
N LEU I 295 -35.07 -28.45 42.05
CA LEU I 295 -34.54 -28.88 43.32
C LEU I 295 -35.09 -28.01 44.45
N THR I 296 -36.13 -27.22 44.16
CA THR I 296 -36.86 -26.50 45.17
C THR I 296 -38.27 -27.11 45.27
N LEU I 297 -38.96 -26.83 46.38
CA LEU I 297 -40.40 -27.11 46.50
C LEU I 297 -41.22 -25.89 46.12
N ASP I 298 -40.77 -24.72 46.53
CA ASP I 298 -41.58 -23.53 46.40
C ASP I 298 -41.22 -22.68 45.17
N GLY I 299 -40.33 -23.18 44.32
CA GLY I 299 -39.91 -22.45 43.11
C GLY I 299 -38.87 -21.36 43.33
N LYS I 300 -38.32 -21.28 44.55
CA LYS I 300 -37.35 -20.26 44.95
C LYS I 300 -36.19 -20.87 45.76
N ASN I 301 -36.51 -21.53 46.89
CA ASN I 301 -35.51 -22.01 47.86
C ASN I 301 -35.05 -23.45 47.68
N PRO I 302 -33.73 -23.64 47.44
CA PRO I 302 -33.20 -25.02 47.23
C PRO I 302 -33.47 -25.87 48.43
N VAL I 303 -33.66 -27.17 48.23
CA VAL I 303 -33.63 -28.10 49.39
C VAL I 303 -32.41 -29.02 49.20
N LEU I 304 -31.60 -29.10 50.27
CA LEU I 304 -30.52 -30.11 50.41
C LEU I 304 -31.03 -31.59 50.32
N ASP J 7 -70.42 -20.84 38.65
CA ASP J 7 -68.93 -21.02 38.71
C ASP J 7 -68.24 -19.77 39.22
N LYS J 8 -68.24 -19.55 40.54
CA LYS J 8 -67.54 -18.39 41.10
C LYS J 8 -66.02 -18.62 40.98
N GLY J 9 -65.30 -17.53 40.73
CA GLY J 9 -63.86 -17.56 40.57
C GLY J 9 -63.43 -16.86 39.30
N ARG J 10 -62.21 -16.39 39.31
CA ARG J 10 -61.54 -15.76 38.18
C ARG J 10 -61.55 -16.67 36.94
N LYS J 11 -62.22 -16.23 35.89
CA LYS J 11 -62.28 -16.96 34.63
C LYS J 11 -61.41 -16.31 33.59
N VAL J 12 -60.73 -17.11 32.77
CA VAL J 12 -59.92 -16.60 31.69
CA VAL J 12 -59.92 -16.60 31.69
C VAL J 12 -60.21 -17.40 30.42
N VAL J 13 -60.38 -16.69 29.31
CA VAL J 13 -60.62 -17.31 28.05
C VAL J 13 -59.35 -17.22 27.28
N VAL J 14 -58.86 -18.38 26.82
CA VAL J 14 -57.62 -18.46 26.05
C VAL J 14 -57.89 -18.95 24.64
N SER J 15 -56.95 -18.64 23.73
CA SER J 15 -57.13 -18.98 22.34
C SER J 15 -55.86 -19.40 21.68
N ALA J 16 -55.96 -20.44 20.86
CA ALA J 16 -54.88 -20.85 19.99
C ALA J 16 -55.26 -20.47 18.54
N LEU J 17 -54.33 -19.85 17.83
CA LEU J 17 -54.53 -19.48 16.43
C LEU J 17 -53.73 -20.42 15.55
N GLN J 18 -54.17 -20.59 14.32
CA GLN J 18 -53.52 -21.51 13.41
C GLN J 18 -53.65 -20.93 11.99
N PHE J 19 -52.51 -20.73 11.32
CA PHE J 19 -52.52 -20.20 9.93
C PHE J 19 -51.30 -20.56 9.14
N ALA J 20 -51.39 -20.35 7.82
CA ALA J 20 -50.30 -20.60 6.93
C ALA J 20 -49.55 -19.27 6.72
N CYS J 21 -48.22 -19.32 6.59
CA CYS J 21 -47.40 -18.12 6.39
C CYS J 21 -47.07 -17.92 4.94
N THR J 22 -46.94 -16.64 4.53
CA THR J 22 -46.40 -16.29 3.23
C THR J 22 -44.95 -15.85 3.48
N ASP J 23 -44.26 -15.49 2.44
CA ASP J 23 -42.87 -15.02 2.51
C ASP J 23 -42.78 -13.48 2.75
N ASP J 24 -43.88 -12.83 3.14
CA ASP J 24 -43.91 -11.39 3.37
C ASP J 24 -44.30 -11.03 4.82
N VAL J 25 -43.40 -10.38 5.52
CA VAL J 25 -43.65 -10.00 6.89
C VAL J 25 -44.97 -9.25 7.15
N SER J 26 -45.23 -8.13 6.44
CA SER J 26 -46.45 -7.33 6.68
C SER J 26 -47.73 -8.16 6.47
N THR J 27 -47.74 -8.96 5.41
CA THR J 27 -48.86 -9.87 5.18
C THR J 27 -49.09 -10.77 6.42
N ASN J 28 -48.04 -11.40 6.88
CA ASN J 28 -48.18 -12.34 8.02
C ASN J 28 -48.60 -11.69 9.30
N VAL J 29 -48.11 -10.49 9.58
CA VAL J 29 -48.56 -9.75 10.74
C VAL J 29 -50.03 -9.36 10.58
N THR J 30 -50.44 -9.00 9.37
CA THR J 30 -51.84 -8.69 9.14
C THR J 30 -52.70 -9.94 9.37
N THR J 31 -52.18 -11.11 9.00
CA THR J 31 -52.92 -12.35 9.21
C THR J 31 -53.10 -12.57 10.73
N ALA J 32 -52.02 -12.42 11.48
CA ALA J 32 -52.08 -12.54 12.94
C ALA J 32 -53.10 -11.58 13.54
N GLU J 33 -53.08 -10.35 13.06
CA GLU J 33 -54.02 -9.35 13.52
C GLU J 33 -55.46 -9.74 13.27
N ARG J 34 -55.75 -10.18 12.03
CA ARG J 34 -57.08 -10.61 11.68
C ARG J 34 -57.58 -11.72 12.66
N LEU J 35 -56.74 -12.70 12.91
CA LEU J 35 -57.15 -13.84 13.70
C LEU J 35 -57.23 -13.50 15.19
N VAL J 36 -56.33 -12.64 15.67
CA VAL J 36 -56.44 -12.08 17.03
C VAL J 36 -57.75 -11.36 17.21
N ARG J 37 -58.16 -10.58 16.21
CA ARG J 37 -59.43 -9.85 16.30
C ARG J 37 -60.61 -10.81 16.35
N ALA J 38 -60.51 -11.90 15.61
CA ALA J 38 -61.57 -12.90 15.60
C ALA J 38 -61.67 -13.63 16.97
N ALA J 39 -60.52 -13.93 17.55
CA ALA J 39 -60.46 -14.56 18.88
C ALA J 39 -61.10 -13.63 19.93
N HIS J 40 -60.72 -12.37 19.89
CA HIS J 40 -61.27 -11.36 20.78
C HIS J 40 -62.80 -11.26 20.62
N LYS J 41 -63.27 -11.32 19.39
CA LYS J 41 -64.70 -11.28 19.14
C LYS J 41 -65.43 -12.44 19.86
N GLN J 42 -64.78 -13.61 19.91
CA GLN J 42 -65.31 -14.80 20.60
C GLN J 42 -65.02 -14.84 22.11
N GLY J 43 -64.44 -13.75 22.64
CA GLY J 43 -64.25 -13.58 24.08
C GLY J 43 -62.84 -13.84 24.61
N ALA J 44 -61.88 -14.13 23.76
CA ALA J 44 -60.52 -14.44 24.23
C ALA J 44 -59.88 -13.25 24.99
N ASN J 45 -59.16 -13.58 26.06
CA ASN J 45 -58.44 -12.62 26.87
C ASN J 45 -56.97 -12.77 26.59
N ILE J 46 -56.54 -13.98 26.23
CA ILE J 46 -55.13 -14.25 25.95
C ILE J 46 -55.10 -15.08 24.67
N VAL J 47 -54.35 -14.60 23.67
CA VAL J 47 -54.33 -15.18 22.33
C VAL J 47 -52.90 -15.55 21.93
N LEU J 48 -52.72 -16.79 21.49
CA LEU J 48 -51.43 -17.34 21.13
C LEU J 48 -51.20 -17.52 19.61
N ILE J 49 -50.22 -16.78 19.07
CA ILE J 49 -49.77 -16.89 17.67
C ILE J 49 -48.57 -17.88 17.56
N GLN J 50 -48.55 -18.64 16.45
CA GLN J 50 -47.52 -19.67 16.22
C GLN J 50 -46.10 -19.11 16.09
N GLU J 51 -45.13 -19.99 16.22
CA GLU J 51 -43.73 -19.64 16.23
C GLU J 51 -43.21 -19.05 14.92
N LEU J 52 -42.33 -18.05 15.02
CA LEU J 52 -41.70 -17.42 13.85
C LEU J 52 -42.67 -17.07 12.73
N PHE J 53 -43.85 -16.62 13.15
CA PHE J 53 -44.97 -16.34 12.25
C PHE J 53 -44.73 -15.24 11.22
N GLU J 54 -43.68 -14.44 11.40
CA GLU J 54 -43.37 -13.36 10.47
C GLU J 54 -42.94 -13.83 9.10
N GLY J 55 -42.58 -15.09 8.95
CA GLY J 55 -42.15 -15.57 7.67
C GLY J 55 -42.22 -17.07 7.52
N TYR J 56 -41.78 -17.57 6.38
CA TYR J 56 -41.58 -19.01 6.23
C TYR J 56 -40.63 -19.49 7.33
N TYR J 57 -40.74 -20.76 7.65
CA TYR J 57 -39.84 -21.42 8.58
C TYR J 57 -38.52 -21.63 7.81
N PHE J 58 -37.64 -20.65 7.97
CA PHE J 58 -36.36 -20.60 7.24
C PHE J 58 -35.30 -21.60 7.70
N CYS J 59 -35.50 -22.22 8.87
CA CYS J 59 -34.52 -23.12 9.46
C CYS J 59 -34.36 -24.45 8.71
N GLN J 60 -35.08 -24.63 7.60
CA GLN J 60 -34.81 -25.74 6.72
C GLN J 60 -33.44 -25.53 6.12
N ALA J 61 -33.04 -24.28 5.94
CA ALA J 61 -31.72 -24.01 5.39
C ALA J 61 -30.75 -23.62 6.49
N GLN J 62 -29.47 -23.75 6.19
CA GLN J 62 -28.37 -23.21 7.05
C GLN J 62 -27.60 -22.17 6.19
N ARG J 63 -28.14 -20.97 6.16
CA ARG J 63 -27.67 -19.91 5.27
C ARG J 63 -27.22 -18.63 6.03
N GLU J 64 -26.05 -18.16 5.66
CA GLU J 64 -25.50 -16.88 6.16
C GLU J 64 -26.55 -15.75 6.12
N ASP J 65 -27.15 -15.52 4.96
CA ASP J 65 -28.06 -14.40 4.82
C ASP J 65 -29.32 -14.52 5.70
N PHE J 66 -29.75 -15.75 5.99
CA PHE J 66 -30.92 -15.94 6.82
C PHE J 66 -30.68 -15.51 8.27
N ILE J 67 -29.45 -15.62 8.76
CA ILE J 67 -29.12 -15.14 10.10
C ILE J 67 -29.46 -13.64 10.23
N GLN J 68 -29.27 -12.89 9.15
CA GLN J 68 -29.51 -11.44 9.16
C GLN J 68 -30.98 -11.11 9.08
N ARG J 69 -31.86 -12.11 9.13
CA ARG J 69 -33.25 -11.81 9.34
C ARG J 69 -33.54 -11.39 10.79
N ALA J 70 -32.60 -11.64 11.73
CA ALA J 70 -32.85 -11.26 13.11
C ALA J 70 -32.94 -9.75 13.28
N LYS J 71 -33.62 -9.33 14.34
CA LYS J 71 -33.71 -7.91 14.70
C LYS J 71 -33.61 -7.76 16.20
N PRO J 72 -33.14 -6.60 16.66
CA PRO J 72 -33.15 -6.45 18.11
C PRO J 72 -34.56 -6.45 18.75
N TYR J 73 -34.59 -6.85 20.01
CA TYR J 73 -35.78 -6.75 20.82
C TYR J 73 -36.22 -5.29 20.93
N LYS J 74 -35.27 -4.42 21.15
CA LYS J 74 -35.58 -3.00 21.25
C LYS J 74 -36.15 -2.41 19.94
N ASP J 75 -37.27 -1.69 20.06
CA ASP J 75 -37.97 -1.08 18.93
C ASP J 75 -38.28 -2.05 17.79
N HIS J 76 -38.67 -3.28 18.10
CA HIS J 76 -38.99 -4.25 17.08
C HIS J 76 -40.32 -3.88 16.42
N PRO J 77 -40.34 -3.73 15.09
CA PRO J 77 -41.57 -3.23 14.50
C PRO J 77 -42.79 -4.15 14.64
N THR J 78 -42.61 -5.44 14.66
CA THR J 78 -43.73 -6.35 14.83
C THR J 78 -44.25 -6.32 16.30
N ILE J 79 -43.35 -6.35 17.25
CA ILE J 79 -43.75 -6.19 18.66
C ILE J 79 -44.50 -4.91 18.83
N MET J 80 -43.95 -3.81 18.32
CA MET J 80 -44.59 -2.49 18.44
C MET J 80 -46.00 -2.45 17.84
N ARG J 81 -46.17 -3.05 16.68
CA ARG J 81 -47.47 -3.07 16.05
C ARG J 81 -48.46 -3.88 16.90
N LEU J 82 -48.05 -5.07 17.34
CA LEU J 82 -48.92 -5.89 18.15
C LEU J 82 -49.20 -5.34 19.56
N GLN J 83 -48.34 -4.48 20.07
CA GLN J 83 -48.62 -3.77 21.32
C GLN J 83 -49.85 -2.88 21.17
N LYS J 84 -49.97 -2.25 20.01
CA LYS J 84 -51.11 -1.37 19.76
C LYS J 84 -52.37 -2.19 19.72
N LEU J 85 -52.29 -3.38 19.13
CA LEU J 85 -53.44 -4.26 19.07
C LEU J 85 -53.85 -4.77 20.47
N ALA J 86 -52.86 -5.22 21.25
CA ALA J 86 -53.09 -5.67 22.63
C ALA J 86 -53.85 -4.61 23.44
N LYS J 87 -53.37 -3.38 23.37
CA LYS J 87 -54.00 -2.28 24.09
C LYS J 87 -55.39 -1.95 23.57
N GLU J 88 -55.59 -1.95 22.26
CA GLU J 88 -56.90 -1.70 21.64
C GLU J 88 -57.98 -2.67 22.12
N LEU J 89 -57.65 -3.95 22.11
CA LEU J 89 -58.58 -5.04 22.41
C LEU J 89 -58.61 -5.50 23.87
N GLY J 90 -57.61 -5.12 24.68
CA GLY J 90 -57.52 -5.59 26.07
C GLY J 90 -57.14 -7.06 26.11
N VAL J 91 -56.22 -7.46 25.24
CA VAL J 91 -55.80 -8.86 25.16
CA VAL J 91 -55.80 -8.85 25.08
C VAL J 91 -54.30 -9.01 25.33
N VAL J 92 -53.91 -10.10 25.98
CA VAL J 92 -52.52 -10.45 26.19
C VAL J 92 -52.07 -11.19 24.92
N ILE J 93 -50.91 -10.79 24.37
CA ILE J 93 -50.37 -11.37 23.11
C ILE J 93 -48.85 -11.65 23.25
N PRO J 94 -48.44 -12.92 23.41
CA PRO J 94 -47.01 -13.33 23.31
C PRO J 94 -46.54 -13.21 21.86
N VAL J 95 -45.43 -12.53 21.60
CA VAL J 95 -44.98 -12.29 20.21
C VAL J 95 -43.64 -12.98 19.94
N SER J 96 -43.69 -14.02 19.11
CA SER J 96 -42.53 -14.80 18.73
C SER J 96 -41.71 -14.05 17.67
N PHE J 97 -40.39 -13.95 17.87
CA PHE J 97 -39.52 -13.23 16.90
C PHE J 97 -38.07 -13.71 16.96
N PHE J 98 -37.30 -13.36 15.95
CA PHE J 98 -35.92 -13.80 15.83
C PHE J 98 -35.09 -12.66 16.33
N GLU J 99 -34.44 -12.82 17.48
CA GLU J 99 -33.75 -11.73 18.15
C GLU J 99 -32.25 -11.67 17.85
N GLU J 100 -31.75 -10.47 17.55
CA GLU J 100 -30.35 -10.18 17.50
C GLU J 100 -30.00 -9.43 18.79
N ALA J 101 -28.96 -9.86 19.48
CA ALA J 101 -28.49 -9.14 20.72
C ALA J 101 -26.98 -9.09 20.69
N ASN J 102 -26.49 -8.01 20.12
CA ASN J 102 -25.09 -7.85 19.74
C ASN J 102 -24.74 -9.05 18.84
N ASN J 103 -23.77 -9.89 19.23
CA ASN J 103 -23.43 -11.05 18.40
C ASN J 103 -24.16 -12.32 18.75
N ALA J 104 -25.01 -12.27 19.79
CA ALA J 104 -25.82 -13.40 20.10
C ALA J 104 -27.13 -13.34 19.30
N HIS J 105 -27.70 -14.49 19.04
CA HIS J 105 -29.00 -14.53 18.41
C HIS J 105 -29.85 -15.54 19.15
N TYR J 106 -31.14 -15.25 19.29
CA TYR J 106 -32.05 -16.15 19.96
C TYR J 106 -33.39 -16.28 19.27
N ASN J 107 -34.07 -17.39 19.58
CA ASN J 107 -35.46 -17.61 19.19
C ASN J 107 -36.25 -17.13 20.42
N SER J 108 -36.92 -15.98 20.30
CA SER J 108 -37.44 -15.30 21.48
C SER J 108 -38.95 -14.99 21.41
N ILE J 109 -39.51 -14.59 22.56
CA ILE J 109 -40.90 -14.26 22.64
C ILE J 109 -41.09 -13.15 23.69
N ALA J 110 -41.78 -12.07 23.27
CA ALA J 110 -42.07 -10.94 24.12
C ALA J 110 -43.50 -11.05 24.54
N ILE J 111 -43.77 -10.91 25.84
CA ILE J 111 -45.13 -11.01 26.37
C ILE J 111 -45.72 -9.62 26.51
N ILE J 112 -46.73 -9.34 25.71
CA ILE J 112 -47.41 -8.08 25.79
C ILE J 112 -48.70 -8.22 26.60
N ASP J 113 -48.83 -7.38 27.64
CA ASP J 113 -49.96 -7.42 28.51
C ASP J 113 -51.19 -6.72 27.87
N ALA J 114 -52.34 -6.87 28.53
CA ALA J 114 -53.62 -6.39 28.00
C ALA J 114 -53.72 -4.89 27.91
N ASP J 115 -52.81 -4.19 28.57
CA ASP J 115 -52.74 -2.74 28.47
C ASP J 115 -51.67 -2.29 27.47
N GLY J 116 -51.07 -3.24 26.76
CA GLY J 116 -50.04 -2.92 25.77
C GLY J 116 -48.60 -2.92 26.28
N THR J 117 -48.44 -3.11 27.60
CA THR J 117 -47.12 -3.09 28.23
C THR J 117 -46.35 -4.35 27.85
N ASP J 118 -45.12 -4.11 27.39
CA ASP J 118 -44.13 -5.16 27.04
C ASP J 118 -43.53 -5.62 28.33
N LEU J 119 -43.92 -6.79 28.80
CA LEU J 119 -43.52 -7.26 30.09
C LEU J 119 -42.13 -7.90 30.14
N GLY J 120 -41.50 -8.17 29.00
CA GLY J 120 -40.23 -8.82 28.98
C GLY J 120 -40.22 -9.99 28.02
N ILE J 121 -39.06 -10.68 27.94
CA ILE J 121 -38.87 -11.78 27.03
C ILE J 121 -38.41 -13.07 27.63
N TYR J 122 -38.70 -14.15 26.90
CA TYR J 122 -38.20 -15.46 27.20
C TYR J 122 -37.40 -15.89 25.96
N ARG J 123 -36.22 -16.48 26.16
CA ARG J 123 -35.38 -16.98 25.05
C ARG J 123 -35.43 -18.50 25.04
N LYS J 124 -35.79 -19.07 23.89
CA LYS J 124 -35.90 -20.51 23.72
C LYS J 124 -34.65 -21.22 24.25
N SER J 125 -34.89 -22.18 25.15
CA SER J 125 -33.88 -22.89 25.90
C SER J 125 -33.34 -24.15 25.21
N HIS J 126 -34.27 -24.94 24.69
CA HIS J 126 -33.97 -26.22 24.01
C HIS J 126 -34.08 -25.98 22.51
N ILE J 127 -32.97 -26.18 21.81
CA ILE J 127 -32.87 -25.86 20.39
C ILE J 127 -32.80 -27.13 19.55
N PRO J 128 -33.79 -27.35 18.65
CA PRO J 128 -33.76 -28.58 17.86
C PRO J 128 -32.74 -28.53 16.72
N ASP J 129 -32.53 -29.70 16.09
CA ASP J 129 -31.58 -29.85 15.02
C ASP J 129 -32.01 -30.98 14.12
N GLY J 130 -31.43 -31.03 12.94
CA GLY J 130 -31.73 -32.09 12.00
C GLY J 130 -32.39 -31.60 10.72
N PRO J 131 -32.42 -32.45 9.71
CA PRO J 131 -32.98 -32.03 8.44
C PRO J 131 -34.36 -31.37 8.60
N GLY J 132 -34.52 -30.20 8.02
CA GLY J 132 -35.76 -29.47 8.09
C GLY J 132 -35.85 -28.51 9.24
N TYR J 133 -35.11 -28.77 10.31
CA TYR J 133 -35.27 -28.03 11.57
C TYR J 133 -33.91 -27.68 12.14
N GLU J 134 -33.10 -26.98 11.31
CA GLU J 134 -31.70 -26.68 11.64
C GLU J 134 -31.58 -25.48 12.59
N GLU J 135 -32.35 -25.48 13.67
CA GLU J 135 -32.36 -24.32 14.55
C GLU J 135 -31.02 -24.09 15.26
N LYS J 136 -30.26 -25.14 15.51
CA LYS J 136 -29.00 -24.96 16.23
C LYS J 136 -27.97 -24.10 15.48
N PHE J 137 -28.18 -23.97 14.18
CA PHE J 137 -27.28 -23.13 13.37
C PHE J 137 -27.54 -21.64 13.59
N TYR J 138 -28.77 -21.29 13.98
CA TYR J 138 -29.23 -19.91 14.08
C TYR J 138 -29.23 -19.36 15.50
N PHE J 139 -29.59 -20.19 16.48
CA PHE J 139 -29.88 -19.66 17.78
C PHE J 139 -28.89 -20.12 18.86
N ASN J 140 -28.38 -19.16 19.62
CA ASN J 140 -27.75 -19.50 20.91
C ASN J 140 -28.80 -20.19 21.78
N PRO J 141 -28.40 -21.24 22.50
CA PRO J 141 -29.33 -21.72 23.51
C PRO J 141 -29.69 -20.58 24.49
N GLY J 142 -30.96 -20.47 24.79
CA GLY J 142 -31.46 -19.36 25.60
C GLY J 142 -30.86 -19.29 26.96
N ASP J 143 -30.73 -18.07 27.43
CA ASP J 143 -30.12 -17.80 28.71
C ASP J 143 -31.02 -17.04 29.68
N THR J 144 -32.32 -16.91 29.38
CA THR J 144 -33.24 -16.29 30.35
C THR J 144 -33.59 -17.25 31.46
N GLY J 145 -33.53 -18.54 31.14
CA GLY J 145 -34.20 -19.53 31.96
C GLY J 145 -35.72 -19.47 31.74
N PHE J 146 -36.44 -20.37 32.42
CA PHE J 146 -37.91 -20.45 32.31
C PHE J 146 -38.48 -19.31 33.08
N LYS J 147 -39.50 -18.69 32.52
CA LYS J 147 -40.11 -17.54 33.16
C LYS J 147 -41.62 -17.63 33.26
N VAL J 148 -42.19 -16.91 34.22
CA VAL J 148 -43.63 -16.75 34.29
CA VAL J 148 -43.63 -16.76 34.37
C VAL J 148 -43.89 -15.24 34.34
N PHE J 149 -44.95 -14.83 33.67
CA PHE J 149 -45.30 -13.44 33.54
C PHE J 149 -46.64 -13.18 34.18
N GLN J 150 -46.70 -12.19 35.04
CA GLN J 150 -47.95 -11.76 35.62
C GLN J 150 -48.65 -10.81 34.66
N THR J 151 -49.73 -11.27 34.05
CA THR J 151 -50.56 -10.46 33.17
C THR J 151 -51.80 -9.98 33.90
N LYS J 152 -52.62 -9.16 33.24
CA LYS J 152 -53.85 -8.68 33.85
C LYS J 152 -54.79 -9.80 34.24
N TYR J 153 -54.77 -10.91 33.47
CA TYR J 153 -55.73 -12.01 33.64
C TYR J 153 -55.18 -13.23 34.38
N ALA J 154 -53.87 -13.45 34.35
CA ALA J 154 -53.27 -14.67 34.87
C ALA J 154 -51.75 -14.60 34.91
N LYS J 155 -51.13 -15.38 35.80
CA LYS J 155 -49.71 -15.65 35.65
C LYS J 155 -49.61 -16.73 34.61
N ILE J 156 -48.82 -16.50 33.59
CA ILE J 156 -48.69 -17.45 32.51
C ILE J 156 -47.24 -17.89 32.28
N GLY J 157 -47.08 -19.13 31.85
CA GLY J 157 -45.82 -19.68 31.42
C GLY J 157 -45.80 -19.83 29.91
N VAL J 158 -44.86 -19.15 29.25
CA VAL J 158 -44.69 -19.20 27.83
C VAL J 158 -43.31 -19.74 27.49
N ALA J 159 -43.28 -20.79 26.70
CA ALA J 159 -42.05 -21.35 26.19
C ALA J 159 -42.27 -21.59 24.69
N ILE J 160 -41.25 -22.09 23.98
CA ILE J 160 -41.27 -22.04 22.51
C ILE J 160 -40.98 -23.40 21.90
N CYS J 161 -41.84 -23.76 20.96
CA CYS J 161 -41.78 -24.98 20.15
C CYS J 161 -41.07 -26.16 20.81
N TRP J 162 -39.85 -26.51 20.39
CA TRP J 162 -39.12 -27.65 20.93
C TRP J 162 -39.13 -27.75 22.50
N ASP J 163 -39.19 -26.61 23.19
CA ASP J 163 -39.31 -26.57 24.66
C ASP J 163 -40.47 -27.45 25.16
N GLN J 164 -41.51 -27.57 24.32
CA GLN J 164 -42.71 -28.32 24.65
C GLN J 164 -42.48 -29.84 24.85
N TRP J 165 -41.34 -30.39 24.46
CA TRP J 165 -41.10 -31.82 24.62
C TRP J 165 -40.51 -32.16 26.01
N PHE J 166 -40.18 -31.12 26.81
CA PHE J 166 -39.39 -31.26 28.03
C PHE J 166 -40.21 -31.07 29.26
N PRO J 167 -40.43 -32.15 30.03
CA PRO J 167 -41.17 -32.03 31.30
C PRO J 167 -40.56 -31.01 32.24
N GLU J 168 -39.23 -30.90 32.20
CA GLU J 168 -38.55 -29.90 33.02
C GLU J 168 -39.02 -28.46 32.82
N ALA J 169 -39.31 -28.07 31.58
CA ALA J 169 -39.68 -26.71 31.31
C ALA J 169 -41.08 -26.45 31.89
N ALA J 170 -42.00 -27.40 31.68
CA ALA J 170 -43.36 -27.26 32.17
C ALA J 170 -43.38 -27.20 33.70
N ARG J 171 -42.60 -28.05 34.33
CA ARG J 171 -42.55 -28.10 35.78
C ARG J 171 -41.92 -26.84 36.33
N ALA J 172 -40.88 -26.37 35.69
CA ALA J 172 -40.23 -25.13 36.13
C ALA J 172 -41.22 -23.95 36.09
N MET J 173 -42.00 -23.86 35.04
CA MET J 173 -42.99 -22.79 34.95
C MET J 173 -44.07 -22.97 36.01
N ALA J 174 -44.58 -24.19 36.17
CA ALA J 174 -45.59 -24.45 37.22
C ALA J 174 -45.07 -24.09 38.64
N LEU J 175 -43.83 -24.46 38.93
CA LEU J 175 -43.28 -24.19 40.28
C LEU J 175 -43.14 -22.73 40.55
N GLN J 176 -42.93 -21.96 39.49
CA GLN J 176 -42.82 -20.53 39.58
C GLN J 176 -44.22 -19.80 39.52
N GLY J 177 -45.30 -20.56 39.51
CA GLY J 177 -46.65 -19.97 39.59
C GLY J 177 -47.45 -19.89 38.29
N ALA J 178 -46.99 -20.47 37.19
CA ALA J 178 -47.79 -20.47 35.96
C ALA J 178 -49.16 -21.14 36.17
N GLU J 179 -50.22 -20.43 35.76
CA GLU J 179 -51.58 -20.94 35.81
C GLU J 179 -52.03 -21.49 34.48
N ILE J 180 -51.35 -21.11 33.41
CA ILE J 180 -51.59 -21.61 32.05
C ILE J 180 -50.21 -21.66 31.36
N LEU J 181 -49.99 -22.71 30.57
CA LEU J 181 -48.80 -22.90 29.75
C LEU J 181 -49.13 -22.63 28.28
N PHE J 182 -48.23 -21.95 27.58
CA PHE J 182 -48.40 -21.64 26.18
C PHE J 182 -47.15 -22.02 25.39
N TYR J 183 -47.36 -22.67 24.24
CA TYR J 183 -46.29 -23.07 23.35
C TYR J 183 -46.57 -22.81 21.83
N PRO J 184 -46.10 -21.67 21.32
CA PRO J 184 -46.13 -21.43 19.86
C PRO J 184 -45.17 -22.37 19.15
N THR J 185 -45.62 -22.95 18.07
CA THR J 185 -44.98 -24.10 17.48
C THR J 185 -44.85 -23.99 15.96
N ALA J 186 -43.85 -24.67 15.38
CA ALA J 186 -43.76 -24.91 13.93
C ALA J 186 -43.28 -26.33 13.75
N ILE J 187 -44.19 -27.27 13.56
CA ILE J 187 -43.81 -28.62 13.40
C ILE J 187 -44.62 -29.28 12.32
N GLY J 188 -43.95 -30.14 11.55
CA GLY J 188 -44.54 -30.80 10.42
C GLY J 188 -43.82 -32.06 10.04
N SER J 189 -43.93 -32.42 8.76
CA SER J 189 -43.17 -33.50 8.22
C SER J 189 -41.68 -33.15 8.22
N GLU J 190 -40.85 -34.15 7.91
CA GLU J 190 -39.42 -33.98 7.89
C GLU J 190 -38.94 -34.36 6.54
N PRO J 191 -38.17 -33.46 5.90
CA PRO J 191 -37.84 -33.55 4.46
C PRO J 191 -37.02 -34.72 4.02
N HIS J 192 -36.26 -35.29 4.94
CA HIS J 192 -35.41 -36.43 4.57
C HIS J 192 -36.05 -37.81 4.74
N ASP J 193 -37.26 -37.87 5.31
CA ASP J 193 -37.94 -39.16 5.61
C ASP J 193 -39.44 -38.95 5.76
N GLN J 194 -40.14 -39.31 4.71
CA GLN J 194 -41.55 -39.08 4.65
C GLN J 194 -42.33 -40.01 5.56
N SER J 195 -41.70 -41.03 6.14
CA SER J 195 -42.42 -41.91 7.07
C SER J 195 -42.59 -41.31 8.48
N ILE J 196 -41.94 -40.20 8.79
CA ILE J 196 -42.03 -39.62 10.11
C ILE J 196 -43.30 -38.79 10.22
N ASP J 197 -44.20 -39.19 11.11
CA ASP J 197 -45.43 -38.43 11.42
C ASP J 197 -45.50 -38.30 12.96
N SER J 198 -45.06 -37.15 13.44
CA SER J 198 -44.89 -36.90 14.83
C SER J 198 -46.13 -36.34 15.55
N ARG J 199 -47.23 -36.09 14.85
CA ARG J 199 -48.33 -35.35 15.46
C ARG J 199 -48.96 -35.95 16.76
N ASP J 200 -49.11 -37.26 16.80
CA ASP J 200 -49.74 -37.92 17.97
C ASP J 200 -48.78 -37.91 19.16
N HIS J 201 -47.50 -38.20 18.88
CA HIS J 201 -46.43 -38.16 19.87
C HIS J 201 -46.35 -36.75 20.50
N TRP J 202 -46.34 -35.73 19.63
CA TRP J 202 -46.28 -34.32 20.00
C TRP J 202 -47.40 -33.92 20.97
N LYS J 203 -48.63 -34.24 20.61
CA LYS J 203 -49.81 -34.03 21.48
C LYS J 203 -49.65 -34.73 22.81
N ARG J 204 -49.30 -36.02 22.78
CA ARG J 204 -49.22 -36.82 23.99
C ARG J 204 -48.26 -36.24 25.02
N VAL J 205 -47.10 -35.79 24.58
CA VAL J 205 -46.10 -35.30 25.49
C VAL J 205 -46.60 -34.04 26.21
N MET J 206 -47.23 -33.12 25.49
CA MET J 206 -47.78 -31.92 26.10
C MET J 206 -49.00 -32.21 27.01
N GLN J 207 -49.87 -33.13 26.60
CA GLN J 207 -50.98 -33.53 27.46
C GLN J 207 -50.44 -34.07 28.80
N GLY J 208 -49.31 -34.77 28.71
CA GLY J 208 -48.60 -35.20 29.87
C GLY J 208 -48.20 -34.08 30.81
N HIS J 209 -47.69 -32.99 30.28
CA HIS J 209 -47.31 -31.85 31.10
C HIS J 209 -48.52 -31.23 31.77
N ALA J 210 -49.61 -31.11 31.01
CA ALA J 210 -50.79 -30.47 31.56
C ALA J 210 -51.27 -31.30 32.74
N GLY J 211 -51.33 -32.61 32.55
CA GLY J 211 -51.82 -33.52 33.56
C GLY J 211 -50.92 -33.63 34.78
N ALA J 212 -49.61 -33.55 34.59
CA ALA J 212 -48.68 -33.70 35.71
C ALA J 212 -48.64 -32.47 36.59
N ASN J 213 -48.88 -31.33 36.00
CA ASN J 213 -48.88 -30.07 36.72
C ASN J 213 -50.28 -29.50 37.06
N LEU J 214 -51.34 -30.16 36.58
CA LEU J 214 -52.72 -29.67 36.77
C LEU J 214 -52.85 -28.20 36.37
N VAL J 215 -52.38 -27.93 35.16
CA VAL J 215 -52.51 -26.60 34.52
C VAL J 215 -52.96 -26.79 33.06
N PRO J 216 -53.84 -25.90 32.59
CA PRO J 216 -54.19 -25.94 31.17
C PRO J 216 -53.00 -25.56 30.27
N LEU J 217 -53.12 -25.94 29.02
CA LEU J 217 -52.05 -25.77 28.05
C LEU J 217 -52.61 -25.45 26.67
N VAL J 218 -51.96 -24.51 26.03
CA VAL J 218 -52.33 -24.02 24.70
C VAL J 218 -51.13 -24.19 23.78
N ALA J 219 -51.36 -24.83 22.63
CA ALA J 219 -50.32 -25.00 21.59
C ALA J 219 -50.82 -24.50 20.26
N SER J 220 -50.10 -23.57 19.67
CA SER J 220 -50.46 -23.00 18.37
C SER J 220 -49.42 -23.40 17.33
N ASN J 221 -49.86 -24.09 16.27
CA ASN J 221 -48.97 -24.58 15.23
C ASN J 221 -49.37 -24.12 13.83
N ARG J 222 -48.35 -24.00 12.99
CA ARG J 222 -48.44 -23.65 11.58
C ARG J 222 -49.12 -24.73 10.75
N ILE J 223 -49.71 -24.29 9.63
CA ILE J 223 -50.17 -25.16 8.57
C ILE J 223 -49.52 -24.74 7.24
N GLY J 224 -49.71 -25.57 6.23
CA GLY J 224 -49.29 -25.28 4.87
C GLY J 224 -48.03 -25.99 4.46
N ASN J 225 -47.84 -26.04 3.15
CA ASN J 225 -46.59 -26.50 2.55
C ASN J 225 -45.64 -25.35 2.34
N GLU J 226 -44.38 -25.53 2.71
CA GLU J 226 -43.36 -24.48 2.49
C GLU J 226 -42.13 -25.06 1.84
N ILE J 227 -41.67 -24.42 0.77
CA ILE J 227 -40.47 -24.82 0.10
C ILE J 227 -39.41 -23.77 0.38
N ILE J 228 -38.24 -24.20 0.86
CA ILE J 228 -37.11 -23.30 1.14
C ILE J 228 -35.97 -23.69 0.23
N GLU J 229 -35.28 -22.69 -0.33
CA GLU J 229 -34.11 -22.93 -1.15
C GLU J 229 -32.96 -23.06 -0.22
N THR J 230 -32.45 -24.26 -0.04
CA THR J 230 -31.36 -24.40 0.93
C THR J 230 -30.07 -24.36 0.16
N GLU J 231 -29.01 -24.31 0.93
CA GLU J 231 -27.66 -24.38 0.40
C GLU J 231 -27.44 -25.67 -0.39
N HIS J 232 -28.36 -26.66 -0.28
CA HIS J 232 -28.25 -27.92 -1.09
C HIS J 232 -29.46 -28.22 -1.97
N GLY J 233 -30.29 -27.21 -2.26
CA GLY J 233 -31.48 -27.39 -3.13
C GLY J 233 -32.77 -27.20 -2.36
N LYS J 234 -33.89 -27.37 -3.05
CA LYS J 234 -35.18 -27.20 -2.42
C LYS J 234 -35.41 -28.23 -1.31
N SER J 235 -36.03 -27.81 -0.23
CA SER J 235 -36.43 -28.67 0.88
C SER J 235 -37.89 -28.28 1.22
N GLU J 236 -38.75 -29.28 1.46
CA GLU J 236 -40.16 -29.05 1.71
C GLU J 236 -40.63 -29.65 3.01
N ILE J 237 -41.42 -28.88 3.76
CA ILE J 237 -42.10 -29.37 4.93
C ILE J 237 -43.59 -29.10 4.73
N LYS J 238 -44.43 -30.10 5.03
CA LYS J 238 -45.86 -29.86 5.22
C LYS J 238 -46.16 -29.73 6.73
N PHE J 239 -46.49 -28.50 7.16
CA PHE J 239 -46.83 -28.26 8.55
C PHE J 239 -48.20 -28.88 8.84
N TYR J 240 -48.33 -29.58 9.98
CA TYR J 240 -49.57 -30.31 10.22
C TYR J 240 -50.61 -29.70 11.20
N GLY J 241 -50.46 -28.44 11.57
CA GLY J 241 -51.53 -27.82 12.32
C GLY J 241 -51.76 -28.62 13.61
N ASN J 242 -52.99 -29.07 13.83
CA ASN J 242 -53.35 -29.73 15.10
C ASN J 242 -53.11 -28.85 16.33
N SER J 243 -53.26 -27.53 16.16
CA SER J 243 -53.25 -26.63 17.28
C SER J 243 -54.33 -27.14 18.24
N PHE J 244 -54.10 -26.99 19.55
CA PHE J 244 -55.08 -27.47 20.51
C PHE J 244 -55.01 -26.73 21.80
N ILE J 245 -56.04 -26.92 22.61
CA ILE J 245 -56.08 -26.43 24.00
C ILE J 245 -56.40 -27.64 24.84
N ALA J 246 -55.59 -27.87 25.87
CA ALA J 246 -55.80 -28.96 26.82
C ALA J 246 -56.17 -28.42 28.19
N GLY J 247 -57.11 -29.10 28.83
CA GLY J 247 -57.50 -28.79 30.21
C GLY J 247 -56.45 -29.31 31.20
N PRO J 248 -56.67 -29.07 32.51
CA PRO J 248 -55.69 -29.38 33.55
C PRO J 248 -55.43 -30.86 33.84
N THR J 249 -56.25 -31.77 33.35
CA THR J 249 -55.92 -33.20 33.44
C THR J 249 -55.40 -33.70 32.11
N GLY J 250 -55.08 -32.80 31.20
CA GLY J 250 -54.58 -33.17 29.87
C GLY J 250 -55.61 -33.47 28.80
N GLU J 251 -56.89 -33.39 29.13
CA GLU J 251 -57.94 -33.62 28.14
C GLU J 251 -57.91 -32.52 27.05
N ILE J 252 -57.96 -32.92 25.78
CA ILE J 252 -58.08 -31.96 24.69
C ILE J 252 -59.50 -31.40 24.67
N VAL J 253 -59.64 -30.11 24.96
CA VAL J 253 -60.96 -29.47 24.97
C VAL J 253 -61.28 -28.80 23.64
N SER J 254 -60.26 -28.48 22.85
CA SER J 254 -60.46 -27.89 21.55
C SER J 254 -59.27 -28.25 20.66
N ILE J 255 -59.54 -28.65 19.42
CA ILE J 255 -58.45 -29.02 18.48
C ILE J 255 -58.74 -28.65 17.01
N ALA J 256 -57.70 -28.23 16.29
CA ALA J 256 -57.82 -27.87 14.88
C ALA J 256 -57.35 -29.04 14.00
N ASP J 257 -57.73 -29.03 12.72
CA ASP J 257 -57.29 -30.05 11.80
C ASP J 257 -55.89 -29.73 11.25
N ASP J 258 -55.46 -30.46 10.23
CA ASP J 258 -54.11 -30.27 9.71
C ASP J 258 -53.95 -29.37 8.48
N LYS J 259 -55.00 -28.61 8.14
CA LYS J 259 -54.96 -27.84 6.92
C LYS J 259 -55.73 -26.52 6.90
N GLU J 260 -56.63 -26.27 7.85
CA GLU J 260 -57.44 -25.05 7.81
C GLU J 260 -56.96 -23.99 8.81
N GLU J 261 -57.22 -22.72 8.51
CA GLU J 261 -57.07 -21.67 9.52
C GLU J 261 -58.00 -21.98 10.68
N ALA J 262 -57.58 -21.71 11.91
CA ALA J 262 -58.42 -21.97 13.09
C ALA J 262 -58.27 -20.90 14.14
N VAL J 263 -59.38 -20.64 14.84
CA VAL J 263 -59.40 -19.84 16.04
C VAL J 263 -60.00 -20.72 17.11
N LEU J 264 -59.20 -21.26 18.02
CA LEU J 264 -59.69 -22.12 19.12
C LEU J 264 -59.90 -21.31 20.39
N ILE J 265 -60.94 -21.65 21.12
CA ILE J 265 -61.36 -20.89 22.28
C ILE J 265 -61.70 -21.82 23.45
N ALA J 266 -61.16 -21.53 24.65
CA ALA J 266 -61.60 -22.23 25.85
C ALA J 266 -61.57 -21.36 27.08
N GLU J 267 -62.57 -21.52 27.93
CA GLU J 267 -62.66 -20.82 29.21
C GLU J 267 -62.22 -21.74 30.37
N PHE J 268 -61.37 -21.21 31.26
CA PHE J 268 -60.91 -21.93 32.46
C PHE J 268 -61.23 -21.11 33.71
N ASN J 269 -61.64 -21.81 34.78
CA ASN J 269 -61.85 -21.15 36.04
C ASN J 269 -60.55 -21.35 36.81
N LEU J 270 -59.71 -20.32 36.83
CA LEU J 270 -58.37 -20.43 37.47
C LEU J 270 -58.39 -20.58 38.99
N ASP J 271 -59.37 -19.98 39.68
CA ASP J 271 -59.50 -20.16 41.11
C ASP J 271 -59.86 -21.62 41.43
N LYS J 272 -60.75 -22.22 40.65
CA LYS J 272 -61.12 -23.64 40.87
C LYS J 272 -59.96 -24.58 40.53
N ILE J 273 -59.27 -24.34 39.44
CA ILE J 273 -58.16 -25.20 39.10
C ILE J 273 -57.05 -25.09 40.18
N LYS J 274 -56.71 -23.88 40.65
CA LYS J 274 -55.71 -23.70 41.72
C LYS J 274 -56.09 -24.48 43.00
N SER J 275 -57.38 -24.48 43.32
CA SER J 275 -57.89 -25.19 44.44
C SER J 275 -57.77 -26.73 44.25
N MET J 276 -58.10 -27.20 43.06
CA MET J 276 -57.91 -28.60 42.66
C MET J 276 -56.41 -28.98 42.80
N ARG J 277 -55.53 -28.11 42.32
CA ARG J 277 -54.09 -28.34 42.33
C ARG J 277 -53.59 -28.45 43.75
N HIS J 278 -53.98 -27.53 44.60
CA HIS J 278 -53.59 -27.56 45.99
C HIS J 278 -54.11 -28.81 46.70
N CYS J 279 -55.38 -29.14 46.50
CA CYS J 279 -56.00 -30.32 47.07
CA CYS J 279 -55.98 -30.32 47.11
C CYS J 279 -55.31 -31.63 46.62
N TRP J 280 -55.00 -31.72 45.33
CA TRP J 280 -54.32 -32.90 44.78
C TRP J 280 -52.98 -33.15 45.55
N GLY J 281 -52.27 -32.05 45.84
CA GLY J 281 -51.09 -32.06 46.70
C GLY J 281 -49.74 -32.48 46.12
N VAL J 282 -49.70 -32.83 44.83
CA VAL J 282 -48.45 -33.32 44.20
C VAL J 282 -47.26 -32.35 44.41
N PHE J 283 -47.51 -31.05 44.31
CA PHE J 283 -46.46 -30.08 44.57
C PHE J 283 -45.85 -30.15 45.98
N ARG J 284 -46.66 -30.37 47.01
CA ARG J 284 -46.11 -30.59 48.33
C ARG J 284 -45.50 -32.01 48.50
N ASP J 285 -45.89 -32.96 47.65
CA ASP J 285 -45.39 -34.34 47.70
C ASP J 285 -44.09 -34.54 46.90
N ARG J 286 -43.64 -33.53 46.19
CA ARG J 286 -42.38 -33.67 45.40
C ARG J 286 -41.18 -33.97 46.27
N ARG J 287 -40.16 -34.53 45.65
CA ARG J 287 -38.96 -34.97 46.35
C ARG J 287 -37.70 -34.37 45.73
N PRO J 288 -37.56 -33.04 45.80
CA PRO J 288 -36.37 -32.40 45.19
C PRO J 288 -35.06 -32.90 45.76
N ASP J 289 -35.10 -33.41 46.97
CA ASP J 289 -33.93 -34.03 47.56
C ASP J 289 -33.45 -35.27 46.74
N LEU J 290 -34.33 -35.88 45.95
CA LEU J 290 -34.00 -37.02 45.09
C LEU J 290 -33.83 -36.69 43.58
N TYR J 291 -33.95 -35.40 43.19
CA TYR J 291 -33.90 -35.04 41.78
C TYR J 291 -32.56 -34.52 41.29
N LYS J 292 -31.48 -34.70 42.06
CA LYS J 292 -30.17 -34.19 41.64
C LYS J 292 -29.72 -34.72 40.25
N VAL J 293 -30.10 -35.93 39.90
CA VAL J 293 -29.71 -36.50 38.62
C VAL J 293 -30.25 -35.68 37.42
N LEU J 294 -31.32 -34.90 37.64
CA LEU J 294 -31.82 -34.05 36.61
C LEU J 294 -30.84 -32.90 36.23
N LEU J 295 -29.85 -32.62 37.08
CA LEU J 295 -28.85 -31.62 36.75
C LEU J 295 -27.65 -32.25 36.00
N THR J 296 -27.79 -33.53 35.58
CA THR J 296 -26.81 -34.20 34.73
C THR J 296 -27.38 -34.33 33.35
N LEU J 297 -26.51 -34.55 32.37
CA LEU J 297 -26.90 -34.95 31.04
C LEU J 297 -26.77 -36.45 30.89
N ASP J 298 -25.74 -37.01 31.50
CA ASP J 298 -25.35 -38.42 31.29
C ASP J 298 -25.79 -39.39 32.42
N GLY J 299 -26.62 -38.87 33.33
CA GLY J 299 -27.08 -39.65 34.46
C GLY J 299 -26.10 -39.86 35.59
N LYS J 300 -24.90 -39.27 35.53
CA LYS J 300 -23.90 -39.36 36.57
C LYS J 300 -23.20 -38.02 36.94
N ASN J 301 -22.78 -37.23 35.94
CA ASN J 301 -21.96 -36.03 36.20
C ASN J 301 -22.77 -34.74 36.21
N PRO J 302 -22.84 -34.06 37.37
CA PRO J 302 -23.59 -32.79 37.39
C PRO J 302 -22.91 -31.80 36.47
N VAL J 303 -23.68 -31.06 35.70
CA VAL J 303 -23.06 -30.05 34.85
C VAL J 303 -22.53 -28.94 35.69
N LEU J 304 -21.53 -28.24 35.17
CA LEU J 304 -20.97 -27.07 35.82
C LEU J 304 -21.95 -25.89 35.71
N MET K 4 31.59 -27.67 29.34
CA MET K 4 30.39 -26.78 29.40
C MET K 4 29.08 -27.54 29.41
N ALA K 5 28.22 -27.21 30.36
CA ALA K 5 26.93 -27.83 30.47
C ALA K 5 25.94 -27.07 29.60
N GLU K 6 25.07 -27.81 28.88
CA GLU K 6 23.99 -27.18 28.11
C GLU K 6 22.96 -26.69 29.12
N ASP K 7 22.05 -25.82 28.68
CA ASP K 7 21.10 -25.18 29.60
C ASP K 7 20.17 -26.12 30.37
N LYS K 8 20.05 -25.88 31.67
CA LYS K 8 19.14 -26.60 32.55
C LYS K 8 17.67 -26.38 32.12
N GLY K 9 16.84 -27.31 32.58
CA GLY K 9 15.44 -27.20 32.43
C GLY K 9 14.88 -28.47 31.90
N ARG K 10 13.67 -28.79 32.32
CA ARG K 10 12.93 -29.91 31.78
C ARG K 10 12.67 -29.67 30.32
N LYS K 11 13.13 -30.59 29.50
CA LYS K 11 12.88 -30.56 28.07
C LYS K 11 11.85 -31.61 27.70
N VAL K 12 10.92 -31.23 26.86
CA VAL K 12 9.88 -32.14 26.37
CA VAL K 12 9.87 -32.13 26.37
C VAL K 12 9.81 -32.04 24.85
N VAL K 13 9.74 -33.19 24.20
CA VAL K 13 9.61 -33.25 22.75
C VAL K 13 8.19 -33.57 22.38
N VAL K 14 7.56 -32.68 21.62
CA VAL K 14 6.20 -32.89 21.18
C VAL K 14 6.11 -33.15 19.67
N SER K 15 5.01 -33.79 19.28
CA SER K 15 4.76 -34.19 17.89
C SER K 15 3.30 -34.02 17.46
N ALA K 16 3.11 -33.45 16.27
CA ALA K 16 1.83 -33.43 15.59
C ALA K 16 1.92 -34.46 14.44
N LEU K 17 0.90 -35.32 14.33
CA LEU K 17 0.76 -36.30 13.24
C LEU K 17 -0.30 -35.80 12.25
N GLN K 18 -0.12 -36.08 10.96
CA GLN K 18 -1.05 -35.66 9.92
C GLN K 18 -1.21 -36.82 8.95
N PHE K 19 -2.43 -37.31 8.77
CA PHE K 19 -2.66 -38.50 7.88
C PHE K 19 -4.09 -38.59 7.35
N ALA K 20 -4.28 -39.44 6.38
CA ALA K 20 -5.59 -39.67 5.76
C ALA K 20 -6.27 -40.86 6.40
N CYS K 21 -7.61 -40.79 6.49
CA CYS K 21 -8.42 -41.86 7.05
C CYS K 21 -9.28 -42.59 6.02
N THR K 22 -9.48 -43.89 6.22
CA THR K 22 -10.50 -44.63 5.49
C THR K 22 -11.70 -44.61 6.43
N ASP K 23 -12.78 -45.32 6.08
CA ASP K 23 -13.88 -45.45 7.05
C ASP K 23 -13.83 -46.79 7.78
N ASP K 24 -12.65 -47.42 7.81
CA ASP K 24 -12.43 -48.66 8.53
C ASP K 24 -11.56 -48.40 9.80
N VAL K 25 -12.12 -48.68 10.97
CA VAL K 25 -11.46 -48.43 12.26
CA VAL K 25 -11.45 -48.39 12.24
C VAL K 25 -10.08 -49.11 12.36
N SER K 26 -10.01 -50.40 12.01
CA SER K 26 -8.75 -51.12 12.17
C SER K 26 -7.65 -50.52 11.29
N THR K 27 -8.00 -50.16 10.06
CA THR K 27 -7.03 -49.54 9.17
C THR K 27 -6.49 -48.19 9.77
N ASN K 28 -7.37 -47.36 10.29
CA ASN K 28 -6.97 -46.06 10.81
C ASN K 28 -6.18 -46.15 12.11
N VAL K 29 -6.51 -47.10 12.98
CA VAL K 29 -5.75 -47.31 14.21
C VAL K 29 -4.35 -47.81 13.86
N THR K 30 -4.25 -48.69 12.86
CA THR K 30 -2.96 -49.18 12.39
C THR K 30 -2.12 -48.03 11.83
N THR K 31 -2.76 -47.13 11.08
CA THR K 31 -2.09 -45.92 10.61
C THR K 31 -1.58 -45.07 11.79
N ALA K 32 -2.44 -44.85 12.80
CA ALA K 32 -2.04 -44.08 13.97
C ALA K 32 -0.83 -44.73 14.70
N GLU K 33 -0.83 -46.03 14.92
CA GLU K 33 0.32 -46.70 15.58
C GLU K 33 1.60 -46.54 14.78
N ARG K 34 1.54 -46.74 13.46
CA ARG K 34 2.72 -46.57 12.61
C ARG K 34 3.36 -45.15 12.83
N LEU K 35 2.51 -44.12 12.75
CA LEU K 35 2.99 -42.76 12.85
C LEU K 35 3.39 -42.39 14.28
N VAL K 36 2.72 -42.96 15.29
CA VAL K 36 3.17 -42.77 16.68
C VAL K 36 4.56 -43.43 16.87
N ARG K 37 4.76 -44.61 16.34
CA ARG K 37 6.08 -45.25 16.47
C ARG K 37 7.20 -44.42 15.76
N ALA K 38 6.86 -43.85 14.61
CA ALA K 38 7.76 -42.98 13.86
C ALA K 38 8.08 -41.67 14.64
N ALA K 39 7.09 -41.06 15.29
CA ALA K 39 7.35 -39.91 16.16
C ALA K 39 8.26 -40.29 17.36
N HIS K 40 7.96 -41.44 17.96
CA HIS K 40 8.75 -41.91 19.08
C HIS K 40 10.22 -42.13 18.64
N LYS K 41 10.40 -42.67 17.44
CA LYS K 41 11.74 -42.89 16.90
C LYS K 41 12.49 -41.55 16.73
N GLN K 42 11.79 -40.49 16.35
CA GLN K 42 12.43 -39.17 16.26
C GLN K 42 12.55 -38.46 17.63
N GLY K 43 12.25 -39.15 18.75
CA GLY K 43 12.39 -38.57 20.10
C GLY K 43 11.15 -38.02 20.81
N ALA K 44 9.96 -38.12 20.20
CA ALA K 44 8.76 -37.58 20.79
C ALA K 44 8.37 -38.24 22.14
N ASN K 45 7.96 -37.40 23.09
CA ASN K 45 7.46 -37.78 24.39
C ASN K 45 5.92 -37.67 24.45
N ILE K 46 5.37 -36.73 23.70
CA ILE K 46 3.91 -36.54 23.64
C ILE K 46 3.54 -36.46 22.16
N VAL K 47 2.56 -37.28 21.74
CA VAL K 47 2.22 -37.43 20.33
C VAL K 47 0.75 -37.19 20.13
N LEU K 48 0.39 -36.23 19.30
CA LEU K 48 -0.98 -35.89 19.08
C LEU K 48 -1.59 -36.38 17.76
N ILE K 49 -2.61 -37.21 17.89
CA ILE K 49 -3.39 -37.75 16.77
C ILE K 49 -4.61 -36.88 16.50
N GLN K 50 -4.93 -36.66 15.22
CA GLN K 50 -6.08 -35.85 14.79
C GLN K 50 -7.48 -36.32 15.30
N GLU K 51 -8.45 -35.37 15.27
CA GLU K 51 -9.83 -35.57 15.72
C GLU K 51 -10.58 -36.73 15.03
N LEU K 52 -11.26 -37.58 15.82
CA LEU K 52 -12.13 -38.61 15.27
C LEU K 52 -11.46 -39.47 14.17
N PHE K 53 -10.18 -39.75 14.40
CA PHE K 53 -9.35 -40.50 13.47
C PHE K 53 -9.79 -41.94 13.21
N GLU K 54 -10.67 -42.49 14.03
CA GLU K 54 -11.08 -43.89 13.85
C GLU K 54 -11.88 -44.10 12.55
N GLY K 55 -12.32 -43.01 11.93
CA GLY K 55 -13.07 -43.13 10.70
C GLY K 55 -13.12 -41.85 9.93
N TYR K 56 -13.91 -41.88 8.87
CA TYR K 56 -14.25 -40.67 8.10
C TYR K 56 -14.88 -39.66 9.04
N TYR K 57 -14.73 -38.36 8.71
CA TYR K 57 -15.41 -37.31 9.43
C TYR K 57 -16.88 -37.38 8.99
N PHE K 58 -17.67 -38.13 9.76
CA PHE K 58 -19.04 -38.49 9.39
C PHE K 58 -20.03 -37.33 9.57
N CYS K 59 -19.59 -36.28 10.27
CA CYS K 59 -20.44 -35.13 10.58
C CYS K 59 -20.88 -34.29 9.37
N GLN K 60 -20.49 -34.67 8.17
CA GLN K 60 -21.04 -34.02 7.02
C GLN K 60 -22.52 -34.37 6.89
N ALA K 61 -22.90 -35.53 7.39
CA ALA K 61 -24.29 -36.00 7.39
C ALA K 61 -24.92 -35.77 8.73
N GLN K 62 -26.24 -35.72 8.76
CA GLN K 62 -26.98 -35.76 10.01
C GLN K 62 -27.86 -37.04 9.96
N ARG K 63 -27.26 -38.17 10.27
CA ARG K 63 -27.89 -39.48 10.17
C ARG K 63 -28.05 -40.21 11.52
N GLU K 64 -29.24 -40.76 11.70
CA GLU K 64 -29.58 -41.60 12.85
C GLU K 64 -28.54 -42.68 13.09
N ASP K 65 -28.19 -43.40 12.03
CA ASP K 65 -27.30 -44.54 12.21
C ASP K 65 -25.90 -44.08 12.66
N PHE K 66 -25.46 -42.91 12.18
CA PHE K 66 -24.13 -42.47 12.54
C PHE K 66 -24.03 -42.14 14.04
N ILE K 67 -25.15 -41.76 14.68
CA ILE K 67 -25.10 -41.48 16.13
C ILE K 67 -24.66 -42.78 16.85
N GLN K 68 -25.09 -43.92 16.34
CA GLN K 68 -24.73 -45.21 16.96
C GLN K 68 -23.29 -45.68 16.72
N ARG K 69 -22.47 -44.84 16.07
CA ARG K 69 -21.02 -45.05 16.09
C ARG K 69 -20.43 -44.78 17.49
N ALA K 70 -21.13 -44.04 18.36
CA ALA K 70 -20.58 -43.75 19.66
C ALA K 70 -20.35 -45.02 20.49
N LYS K 71 -19.39 -44.96 21.40
CA LYS K 71 -19.10 -46.07 22.32
C LYS K 71 -18.81 -45.54 23.71
N PRO K 72 -19.09 -46.35 24.75
CA PRO K 72 -18.74 -45.88 26.09
C PRO K 72 -17.25 -45.61 26.26
N TYR K 73 -16.96 -44.68 27.16
CA TYR K 73 -15.57 -44.44 27.59
C TYR K 73 -14.99 -45.70 28.26
N LYS K 74 -15.81 -46.37 29.03
CA LYS K 74 -15.40 -47.59 29.74
C LYS K 74 -15.07 -48.74 28.76
N ASP K 75 -13.88 -49.30 28.94
CA ASP K 75 -13.39 -50.41 28.08
C ASP K 75 -13.47 -50.14 26.59
N HIS K 76 -13.14 -48.95 26.18
CA HIS K 76 -13.17 -48.61 24.74
C HIS K 76 -12.02 -49.37 24.01
N PRO K 77 -12.33 -50.10 22.94
CA PRO K 77 -11.25 -50.88 22.33
C PRO K 77 -10.11 -50.06 21.73
N THR K 78 -10.37 -48.88 21.21
CA THR K 78 -9.28 -48.08 20.64
C THR K 78 -8.41 -47.47 21.77
N ILE K 79 -9.04 -46.93 22.82
CA ILE K 79 -8.31 -46.40 23.97
C ILE K 79 -7.44 -47.49 24.59
N MET K 80 -8.01 -48.68 24.79
CA MET K 80 -7.26 -49.79 25.39
C MET K 80 -6.06 -50.24 24.55
N ARG K 81 -6.25 -50.27 23.25
CA ARG K 81 -5.17 -50.63 22.36
C ARG K 81 -4.05 -49.57 22.40
N LEU K 82 -4.42 -48.29 22.38
CA LEU K 82 -3.42 -47.23 22.42
C LEU K 82 -2.75 -47.10 23.81
N GLN K 83 -3.43 -47.51 24.87
CA GLN K 83 -2.80 -47.57 26.19
C GLN K 83 -1.60 -48.53 26.17
N LYS K 84 -1.73 -49.69 25.52
CA LYS K 84 -0.61 -50.65 25.40
C LYS K 84 0.60 -50.00 24.66
N LEU K 85 0.31 -49.25 23.60
CA LEU K 85 1.34 -48.56 22.84
C LEU K 85 2.03 -47.45 23.66
N ALA K 86 1.24 -46.62 24.34
CA ALA K 86 1.76 -45.59 25.25
C ALA K 86 2.73 -46.18 26.26
N LYS K 87 2.36 -47.31 26.87
CA LYS K 87 3.17 -47.95 27.88
C LYS K 87 4.45 -48.55 27.28
N GLU K 88 4.33 -49.15 26.11
CA GLU K 88 5.49 -49.79 25.45
C GLU K 88 6.53 -48.74 25.10
N LEU K 89 6.12 -47.62 24.53
CA LEU K 89 7.06 -46.60 24.08
C LEU K 89 7.39 -45.53 25.13
N GLY K 90 6.59 -45.40 26.19
CA GLY K 90 6.80 -44.36 27.17
C GLY K 90 6.41 -43.02 26.58
N VAL K 91 5.28 -42.98 25.86
CA VAL K 91 4.80 -41.74 25.28
CA VAL K 91 4.80 -41.80 25.21
C VAL K 91 3.37 -41.42 25.70
N VAL K 92 3.10 -40.12 25.82
CA VAL K 92 1.79 -39.61 26.16
C VAL K 92 0.92 -39.55 24.89
N ILE K 93 -0.29 -40.09 24.95
CA ILE K 93 -1.17 -40.18 23.77
C ILE K 93 -2.61 -39.76 24.11
N PRO K 94 -2.99 -38.55 23.75
CA PRO K 94 -4.41 -38.19 23.85
C PRO K 94 -5.24 -38.93 22.77
N VAL K 95 -6.36 -39.58 23.15
CA VAL K 95 -7.16 -40.36 22.21
C VAL K 95 -8.58 -39.81 22.01
N SER K 96 -8.81 -39.25 20.82
CA SER K 96 -10.08 -38.68 20.38
C SER K 96 -11.07 -39.81 20.06
N PHE K 97 -12.29 -39.73 20.60
CA PHE K 97 -13.31 -40.74 20.31
C PHE K 97 -14.71 -40.18 20.47
N PHE K 98 -15.67 -40.90 19.90
CA PHE K 98 -17.08 -40.51 19.96
C PHE K 98 -17.67 -41.27 21.15
N GLU K 99 -18.02 -40.53 22.20
CA GLU K 99 -18.47 -41.12 23.46
C GLU K 99 -20.00 -41.23 23.57
N GLU K 100 -20.44 -42.40 23.97
CA GLU K 100 -21.81 -42.63 24.44
C GLU K 100 -21.80 -42.64 25.99
N ALA K 101 -22.68 -41.88 26.62
CA ALA K 101 -22.78 -41.88 28.08
C ALA K 101 -24.29 -41.90 28.49
N ASN K 102 -24.81 -43.12 28.59
CA ASN K 102 -26.24 -43.36 28.69
C ASN K 102 -26.91 -42.69 27.45
N ASN K 103 -27.78 -41.69 27.64
CA ASN K 103 -28.42 -41.03 26.48
C ASN K 103 -27.72 -39.78 26.00
N ALA K 104 -26.66 -39.38 26.71
CA ALA K 104 -25.82 -38.29 26.26
C ALA K 104 -24.73 -38.80 25.33
N HIS K 105 -24.23 -37.91 24.46
CA HIS K 105 -23.12 -38.23 23.53
C HIS K 105 -22.17 -37.06 23.47
N TYR K 106 -20.90 -37.36 23.39
CA TYR K 106 -19.94 -36.30 23.36
C TYR K 106 -18.81 -36.61 22.40
N ASN K 107 -18.13 -35.54 21.99
CA ASN K 107 -16.93 -35.62 21.23
C ASN K 107 -15.84 -35.51 22.31
N SER K 108 -15.11 -36.60 22.54
CA SER K 108 -14.32 -36.70 23.75
C SER K 108 -12.84 -37.04 23.47
N ILE K 109 -12.02 -36.89 24.49
CA ILE K 109 -10.60 -37.28 24.41
C ILE K 109 -10.11 -37.80 25.74
N ALA K 110 -9.50 -38.99 25.70
CA ALA K 110 -8.94 -39.63 26.86
C ALA K 110 -7.43 -39.40 26.86
N ILE K 111 -6.90 -38.92 27.97
CA ILE K 111 -5.47 -38.66 28.03
C ILE K 111 -4.73 -39.82 28.66
N ILE K 112 -3.93 -40.52 27.85
CA ILE K 112 -3.12 -41.65 28.27
C ILE K 112 -1.71 -41.20 28.59
N ASP K 113 -1.27 -41.47 29.81
CA ASP K 113 0.02 -41.07 30.27
C ASP K 113 1.08 -42.07 29.75
N ALA K 114 2.33 -41.72 29.96
CA ALA K 114 3.46 -42.47 29.41
C ALA K 114 3.64 -43.82 30.05
N ASP K 115 2.96 -44.08 31.16
CA ASP K 115 2.99 -45.42 31.76
C ASP K 115 1.77 -46.25 31.37
N GLY K 116 0.95 -45.73 30.45
CA GLY K 116 -0.30 -46.41 30.04
C GLY K 116 -1.54 -46.07 30.85
N THR K 117 -1.40 -45.26 31.89
CA THR K 117 -2.51 -44.87 32.73
C THR K 117 -3.50 -43.93 32.03
N ASP K 118 -4.76 -44.25 32.15
CA ASP K 118 -5.83 -43.40 31.64
C ASP K 118 -6.07 -42.33 32.69
N LEU K 119 -5.60 -41.13 32.44
CA LEU K 119 -5.74 -40.02 33.37
C LEU K 119 -7.13 -39.37 33.36
N GLY K 120 -8.01 -39.73 32.44
CA GLY K 120 -9.33 -39.11 32.38
C GLY K 120 -9.68 -38.52 31.01
N ILE K 121 -10.84 -37.85 30.96
CA ILE K 121 -11.34 -37.31 29.72
C ILE K 121 -11.70 -35.84 29.78
N TYR K 122 -11.69 -35.25 28.60
CA TYR K 122 -12.20 -33.91 28.34
C TYR K 122 -13.28 -34.11 27.29
N ARG K 123 -14.41 -33.41 27.44
CA ARG K 123 -15.55 -33.48 26.50
C ARG K 123 -15.60 -32.13 25.78
N LYS K 124 -15.50 -32.14 24.44
CA LYS K 124 -15.51 -30.92 23.64
C LYS K 124 -16.64 -29.96 24.08
N SER K 125 -16.25 -28.73 24.38
CA SER K 125 -17.11 -27.71 24.93
C SER K 125 -17.85 -26.90 23.84
N HIS K 126 -17.14 -26.55 22.76
CA HIS K 126 -17.67 -25.68 21.73
C HIS K 126 -17.94 -26.56 20.52
N ILE K 127 -19.20 -26.62 20.11
CA ILE K 127 -19.64 -27.57 19.08
C ILE K 127 -19.96 -26.83 17.79
N PRO K 128 -19.24 -27.13 16.71
CA PRO K 128 -19.44 -26.41 15.43
C PRO K 128 -20.71 -26.85 14.70
N ASP K 129 -21.13 -26.06 13.72
CA ASP K 129 -22.33 -26.37 12.97
C ASP K 129 -22.25 -25.82 11.57
N GLY K 130 -23.11 -26.30 10.69
CA GLY K 130 -23.18 -25.79 9.33
C GLY K 130 -22.76 -26.84 8.33
N PRO K 131 -23.00 -26.60 7.02
CA PRO K 131 -22.71 -27.58 5.95
C PRO K 131 -21.29 -28.15 6.06
N GLY K 132 -21.21 -29.49 6.03
CA GLY K 132 -19.96 -30.23 6.21
C GLY K 132 -19.56 -30.56 7.65
N TYR K 133 -20.03 -29.76 8.63
CA TYR K 133 -19.54 -29.85 10.00
C TYR K 133 -20.73 -29.82 10.95
N GLU K 134 -21.69 -30.74 10.71
CA GLU K 134 -22.97 -30.76 11.46
C GLU K 134 -22.83 -31.40 12.85
N GLU K 135 -21.86 -30.91 13.63
CA GLU K 135 -21.49 -31.56 14.87
C GLU K 135 -22.58 -31.40 15.97
N LYS K 136 -23.31 -30.29 15.93
CA LYS K 136 -24.33 -30.00 16.92
C LYS K 136 -25.45 -31.04 16.91
N PHE K 137 -25.58 -31.79 15.79
CA PHE K 137 -26.55 -32.88 15.69
C PHE K 137 -26.17 -34.11 16.54
N TYR K 138 -24.87 -34.30 16.72
CA TYR K 138 -24.30 -35.53 17.32
C TYR K 138 -23.92 -35.39 18.80
N PHE K 139 -23.43 -34.20 19.20
CA PHE K 139 -22.81 -34.04 20.49
C PHE K 139 -23.49 -33.04 21.43
N ASN K 140 -23.75 -33.52 22.65
CA ASN K 140 -24.12 -32.63 23.70
C ASN K 140 -22.91 -31.70 23.88
N PRO K 141 -23.16 -30.42 24.12
CA PRO K 141 -22.03 -29.57 24.51
C PRO K 141 -21.35 -30.14 25.77
N GLY K 142 -20.03 -30.19 25.78
CA GLY K 142 -19.32 -30.85 26.84
C GLY K 142 -19.55 -30.27 28.22
N ASP K 143 -19.43 -31.13 29.23
CA ASP K 143 -19.76 -30.75 30.58
C ASP K 143 -18.60 -31.04 31.56
N THR K 144 -17.42 -31.34 31.04
CA THR K 144 -16.24 -31.46 31.91
C THR K 144 -15.66 -30.13 32.31
N GLY K 145 -15.84 -29.11 31.47
CA GLY K 145 -15.08 -27.89 31.64
C GLY K 145 -13.67 -28.10 31.06
N PHE K 146 -12.91 -27.01 31.01
CA PHE K 146 -11.56 -27.08 30.50
C PHE K 146 -10.68 -27.68 31.58
N LYS K 147 -9.83 -28.63 31.16
CA LYS K 147 -9.02 -29.43 32.07
C LYS K 147 -7.53 -29.37 31.75
N VAL K 148 -6.75 -29.66 32.76
CA VAL K 148 -5.30 -29.85 32.59
CA VAL K 148 -5.32 -29.80 32.60
C VAL K 148 -4.96 -31.19 33.16
N PHE K 149 -4.02 -31.86 32.54
CA PHE K 149 -3.61 -33.20 32.98
C PHE K 149 -2.11 -33.20 33.28
N GLN K 150 -1.77 -33.74 34.44
CA GLN K 150 -0.40 -33.89 34.87
C GLN K 150 0.08 -35.22 34.30
N THR K 151 0.97 -35.15 33.30
CA THR K 151 1.55 -36.35 32.69
C THR K 151 2.97 -36.52 33.26
N LYS K 152 3.64 -37.59 32.88
CA LYS K 152 5.01 -37.79 33.32
C LYS K 152 5.98 -36.71 32.86
N TYR K 153 5.68 -35.99 31.78
CA TYR K 153 6.61 -34.99 31.20
C TYR K 153 6.23 -33.52 31.40
N ALA K 154 4.95 -33.25 31.60
CA ALA K 154 4.44 -31.92 31.60
C ALA K 154 3.01 -31.90 32.05
N LYS K 155 2.59 -30.75 32.54
CA LYS K 155 1.19 -30.49 32.74
C LYS K 155 0.66 -29.98 31.39
N ILE K 156 -0.33 -30.66 30.82
CA ILE K 156 -0.82 -30.30 29.48
C ILE K 156 -2.29 -29.96 29.44
N GLY K 157 -2.66 -29.13 28.47
CA GLY K 157 -4.02 -28.73 28.22
C GLY K 157 -4.43 -29.28 26.86
N VAL K 158 -5.46 -30.13 26.83
CA VAL K 158 -5.96 -30.71 25.59
C VAL K 158 -7.41 -30.29 25.41
N ALA K 159 -7.70 -29.73 24.24
CA ALA K 159 -9.06 -29.43 23.85
C ALA K 159 -9.24 -29.95 22.43
N ILE K 160 -10.40 -29.72 21.81
CA ILE K 160 -10.74 -30.46 20.58
C ILE K 160 -11.25 -29.52 19.48
N CYS K 161 -10.65 -29.66 18.30
CA CYS K 161 -10.95 -28.96 17.07
C CYS K 161 -11.56 -27.55 17.29
N TRP K 162 -12.87 -27.39 17.12
CA TRP K 162 -13.51 -26.06 17.21
C TRP K 162 -13.17 -25.27 18.48
N ASP K 163 -12.87 -25.96 19.56
CA ASP K 163 -12.37 -25.34 20.80
C ASP K 163 -11.19 -24.40 20.52
N GLN K 164 -10.41 -24.71 19.50
CA GLN K 164 -9.20 -23.95 19.16
C GLN K 164 -9.43 -22.51 18.69
N TRP K 165 -10.67 -22.18 18.35
CA TRP K 165 -11.02 -20.84 17.92
C TRP K 165 -11.35 -19.90 19.10
N PHE K 166 -11.37 -20.46 20.33
CA PHE K 166 -11.85 -19.73 21.48
C PHE K 166 -10.72 -19.35 22.42
N PRO K 167 -10.37 -18.07 22.47
CA PRO K 167 -9.29 -17.69 23.41
C PRO K 167 -9.62 -18.10 24.87
N GLU K 168 -10.90 -18.17 25.22
CA GLU K 168 -11.32 -18.54 26.59
C GLU K 168 -10.82 -19.93 27.00
N ALA K 169 -10.86 -20.86 26.05
CA ALA K 169 -10.39 -22.22 26.30
C ALA K 169 -8.89 -22.27 26.56
N ALA K 170 -8.12 -21.56 25.74
CA ALA K 170 -6.65 -21.56 25.92
C ALA K 170 -6.29 -20.90 27.24
N ARG K 171 -6.96 -19.78 27.55
CA ARG K 171 -6.71 -19.10 28.78
C ARG K 171 -7.11 -19.93 29.99
N ALA K 172 -8.25 -20.61 29.90
CA ALA K 172 -8.70 -21.43 30.98
C ALA K 172 -7.68 -22.53 31.32
N MET K 173 -7.08 -23.11 30.29
CA MET K 173 -6.11 -24.15 30.49
C MET K 173 -4.77 -23.57 31.06
N ALA K 174 -4.31 -22.46 30.50
CA ALA K 174 -3.08 -21.83 30.96
C ALA K 174 -3.22 -21.35 32.39
N LEU K 175 -4.39 -20.82 32.75
CA LEU K 175 -4.57 -20.38 34.16
C LEU K 175 -4.46 -21.53 35.16
N GLN K 176 -4.81 -22.72 34.72
CA GLN K 176 -4.70 -23.95 35.54
C GLN K 176 -3.33 -24.63 35.48
N GLY K 177 -2.37 -23.98 34.86
CA GLY K 177 -1.02 -24.52 34.82
C GLY K 177 -0.65 -25.31 33.58
N ALA K 178 -1.47 -25.31 32.52
CA ALA K 178 -1.06 -25.97 31.30
C ALA K 178 0.24 -25.38 30.79
N GLU K 179 1.17 -26.26 30.42
CA GLU K 179 2.48 -25.87 29.90
C GLU K 179 2.58 -25.98 28.38
N ILE K 180 1.71 -26.75 27.78
CA ILE K 180 1.60 -26.93 26.34
C ILE K 180 0.15 -27.18 26.04
N LEU K 181 -0.34 -26.60 24.95
CA LEU K 181 -1.74 -26.81 24.46
C LEU K 181 -1.76 -27.73 23.24
N PHE K 182 -2.76 -28.61 23.19
CA PHE K 182 -2.91 -29.61 22.11
C PHE K 182 -4.33 -29.55 21.56
N TYR K 183 -4.44 -29.49 20.25
CA TYR K 183 -5.72 -29.46 19.57
C TYR K 183 -5.82 -30.41 18.34
N PRO K 184 -6.33 -31.63 18.55
CA PRO K 184 -6.68 -32.50 17.41
C PRO K 184 -7.82 -31.88 16.61
N THR K 185 -7.70 -31.91 15.31
CA THR K 185 -8.53 -31.15 14.40
C THR K 185 -8.98 -31.98 13.20
N ALA K 186 -10.13 -31.61 12.66
CA ALA K 186 -10.58 -32.03 11.34
C ALA K 186 -11.16 -30.79 10.66
N ILE K 187 -10.36 -30.09 9.88
CA ILE K 187 -10.91 -28.90 9.19
C ILE K 187 -10.46 -28.87 7.74
N GLY K 188 -11.38 -28.45 6.86
CA GLY K 188 -11.07 -28.38 5.48
C GLY K 188 -11.91 -27.40 4.71
N SER K 189 -12.15 -27.71 3.43
CA SER K 189 -13.10 -26.97 2.62
C SER K 189 -14.51 -27.18 3.19
N GLU K 190 -15.46 -26.40 2.66
CA GLU K 190 -16.85 -26.47 3.06
C GLU K 190 -17.69 -26.78 1.84
N PRO K 191 -18.52 -27.82 1.93
CA PRO K 191 -19.16 -28.35 0.72
C PRO K 191 -20.18 -27.40 0.06
N HIS K 192 -20.72 -26.45 0.81
CA HIS K 192 -21.69 -25.52 0.19
C HIS K 192 -21.08 -24.36 -0.53
N ASP K 193 -19.81 -24.08 -0.32
CA ASP K 193 -19.19 -22.87 -0.89
C ASP K 193 -17.68 -23.07 -1.03
N GLN K 194 -17.28 -23.33 -2.25
CA GLN K 194 -15.89 -23.66 -2.55
C GLN K 194 -14.94 -22.45 -2.41
N SER K 195 -15.48 -21.25 -2.28
CA SER K 195 -14.67 -20.05 -2.09
C SER K 195 -14.15 -19.88 -0.64
N ILE K 196 -14.66 -20.66 0.32
CA ILE K 196 -14.20 -20.57 1.70
C ILE K 196 -12.89 -21.31 1.87
N ASP K 197 -11.89 -20.61 2.34
CA ASP K 197 -10.58 -21.19 2.62
C ASP K 197 -10.08 -20.61 3.93
N SER K 198 -10.27 -21.37 5.00
CA SER K 198 -10.10 -20.89 6.35
C SER K 198 -8.70 -21.12 6.90
N ARG K 199 -7.78 -21.74 6.13
CA ARG K 199 -6.51 -22.19 6.72
C ARG K 199 -5.64 -21.09 7.35
N ASP K 200 -5.57 -19.93 6.73
CA ASP K 200 -4.73 -18.84 7.29
C ASP K 200 -5.37 -18.26 8.57
N HIS K 201 -6.67 -18.07 8.53
CA HIS K 201 -7.47 -17.59 9.64
C HIS K 201 -7.31 -18.53 10.85
N TRP K 202 -7.46 -19.81 10.58
CA TRP K 202 -7.29 -20.93 11.55
C TRP K 202 -5.97 -20.88 12.28
N LYS K 203 -4.90 -20.79 11.51
CA LYS K 203 -3.54 -20.68 12.11
C LYS K 203 -3.37 -19.43 12.97
N ARG K 204 -3.75 -18.26 12.45
CA ARG K 204 -3.56 -17.01 13.17
C ARG K 204 -4.25 -16.97 14.53
N VAL K 205 -5.44 -17.56 14.61
CA VAL K 205 -6.19 -17.55 15.86
C VAL K 205 -5.45 -18.37 16.88
N MET K 206 -4.96 -19.52 16.46
CA MET K 206 -4.20 -20.37 17.39
C MET K 206 -2.84 -19.78 17.73
N GLN K 207 -2.15 -19.18 16.78
CA GLN K 207 -0.90 -18.50 17.10
C GLN K 207 -1.15 -17.42 18.14
N GLY K 208 -2.28 -16.77 18.06
CA GLY K 208 -2.68 -15.79 19.05
C GLY K 208 -2.76 -16.36 20.47
N HIS K 209 -3.37 -17.53 20.63
CA HIS K 209 -3.44 -18.19 21.98
C HIS K 209 -2.07 -18.48 22.53
N ALA K 210 -1.18 -19.00 21.66
CA ALA K 210 0.17 -19.37 22.06
C ALA K 210 0.90 -18.13 22.56
N GLY K 211 0.79 -17.03 21.82
CA GLY K 211 1.48 -15.79 22.17
C GLY K 211 0.86 -15.05 23.38
N ALA K 212 -0.46 -15.14 23.54
CA ALA K 212 -1.15 -14.45 24.65
C ALA K 212 -0.95 -15.16 25.98
N ASN K 213 -0.77 -16.47 25.93
CA ASN K 213 -0.52 -17.27 27.14
C ASN K 213 0.93 -17.70 27.34
N LEU K 214 1.77 -17.42 26.35
CA LEU K 214 3.18 -17.79 26.33
C LEU K 214 3.37 -19.28 26.68
N VAL K 215 2.63 -20.10 25.95
CA VAL K 215 2.77 -21.58 25.98
C VAL K 215 2.86 -22.11 24.54
N PRO K 216 3.64 -23.15 24.32
CA PRO K 216 3.63 -23.81 23.03
C PRO K 216 2.29 -24.42 22.70
N LEU K 217 2.04 -24.63 21.43
CA LEU K 217 0.78 -25.12 20.97
C LEU K 217 1.00 -26.10 19.81
N VAL K 218 0.22 -27.19 19.83
CA VAL K 218 0.31 -28.24 18.81
C VAL K 218 -1.08 -28.49 18.22
N ALA K 219 -1.16 -28.42 16.89
CA ALA K 219 -2.43 -28.72 16.18
C ALA K 219 -2.19 -29.83 15.12
N SER K 220 -2.95 -30.93 15.22
CA SER K 220 -2.89 -32.06 14.31
C SER K 220 -4.20 -32.11 13.52
N ASN K 221 -4.11 -32.01 12.20
CA ASN K 221 -5.26 -31.95 11.29
C ASN K 221 -5.14 -33.03 10.21
N ARG K 222 -6.31 -33.49 9.80
CA ARG K 222 -6.49 -34.47 8.74
C ARG K 222 -6.10 -33.94 7.35
N ILE K 223 -5.79 -34.89 6.46
CA ILE K 223 -5.61 -34.62 5.04
C ILE K 223 -6.53 -35.57 4.27
N GLY K 224 -6.66 -35.31 2.96
CA GLY K 224 -7.37 -36.15 2.03
C GLY K 224 -8.78 -35.66 1.75
N ASN K 225 -9.34 -36.15 0.66
CA ASN K 225 -10.70 -35.95 0.30
C ASN K 225 -11.56 -37.05 0.88
N GLU K 226 -12.73 -36.64 1.36
CA GLU K 226 -13.68 -37.54 1.93
C GLU K 226 -15.07 -37.24 1.40
N ILE K 227 -15.71 -38.29 0.91
CA ILE K 227 -17.08 -38.20 0.41
C ILE K 227 -18.02 -38.94 1.36
N ILE K 228 -19.08 -38.27 1.83
CA ILE K 228 -20.06 -38.87 2.73
C ILE K 228 -21.42 -38.87 2.06
N GLU K 229 -22.16 -39.97 2.25
CA GLU K 229 -23.54 -40.09 1.74
C GLU K 229 -24.46 -39.48 2.80
N THR K 230 -24.95 -38.28 2.52
CA THR K 230 -25.81 -37.61 3.42
C THR K 230 -27.25 -37.81 3.02
N GLU K 231 -28.10 -37.48 3.98
CA GLU K 231 -29.53 -37.51 3.80
C GLU K 231 -29.98 -36.74 2.55
N HIS K 232 -29.12 -35.84 1.99
CA HIS K 232 -29.46 -35.06 0.75
C HIS K 232 -28.48 -35.31 -0.41
N GLY K 233 -27.77 -36.44 -0.34
CA GLY K 233 -26.82 -36.86 -1.41
C GLY K 233 -25.38 -36.75 -0.96
N LYS K 234 -24.45 -36.91 -1.88
CA LYS K 234 -23.05 -36.84 -1.60
C LYS K 234 -22.58 -35.46 -1.19
N SER K 235 -21.66 -35.43 -0.25
CA SER K 235 -21.04 -34.23 0.23
C SER K 235 -19.56 -34.53 0.36
N GLU K 236 -18.74 -33.62 -0.12
CA GLU K 236 -17.30 -33.83 -0.14
C GLU K 236 -16.58 -32.72 0.60
N ILE K 237 -15.58 -33.09 1.39
CA ILE K 237 -14.63 -32.16 2.01
C ILE K 237 -13.21 -32.56 1.58
N LYS K 238 -12.41 -31.57 1.20
CA LYS K 238 -10.98 -31.77 1.08
C LYS K 238 -10.35 -31.19 2.34
N PHE K 239 -9.80 -32.05 3.17
CA PHE K 239 -9.13 -31.63 4.40
C PHE K 239 -7.78 -31.03 4.09
N TYR K 240 -7.41 -29.94 4.76
CA TYR K 240 -6.26 -29.14 4.32
C TYR K 240 -4.96 -29.24 5.12
N GLY K 241 -4.85 -30.23 6.01
CA GLY K 241 -3.59 -30.48 6.68
C GLY K 241 -3.16 -29.20 7.38
N ASN K 242 -1.94 -28.74 7.08
CA ASN K 242 -1.36 -27.58 7.75
C ASN K 242 -1.21 -27.78 9.25
N SER K 243 -1.03 -29.03 9.68
CA SER K 243 -0.71 -29.32 11.05
C SER K 243 0.55 -28.52 11.39
N PHE K 244 0.67 -28.10 12.64
CA PHE K 244 1.80 -27.29 13.05
C PHE K 244 2.06 -27.28 14.51
N ILE K 245 3.24 -26.77 14.85
CA ILE K 245 3.65 -26.58 16.22
C ILE K 245 4.12 -25.11 16.35
N ALA K 246 3.60 -24.41 17.34
CA ALA K 246 3.96 -23.01 17.58
C ALA K 246 4.58 -22.87 18.92
N GLY K 247 5.54 -21.95 19.00
CA GLY K 247 6.25 -21.65 20.21
C GLY K 247 5.50 -20.62 21.06
N PRO K 248 6.05 -20.27 22.22
CA PRO K 248 5.30 -19.41 23.14
C PRO K 248 5.18 -17.91 22.72
N THR K 249 5.77 -17.50 21.59
CA THR K 249 5.48 -16.16 21.07
C THR K 249 4.55 -16.29 19.87
N GLY K 250 4.02 -17.49 19.65
CA GLY K 250 3.15 -17.73 18.51
C GLY K 250 3.86 -18.04 17.20
N GLU K 251 5.18 -18.02 17.21
CA GLU K 251 5.98 -18.33 16.03
C GLU K 251 5.74 -19.80 15.61
N ILE K 252 5.50 -20.05 14.32
CA ILE K 252 5.38 -21.43 13.86
C ILE K 252 6.78 -22.06 13.84
N VAL K 253 7.00 -23.17 14.55
CA VAL K 253 8.32 -23.80 14.51
C VAL K 253 8.36 -25.00 13.53
N SER K 254 7.21 -25.60 13.29
CA SER K 254 7.15 -26.70 12.36
C SER K 254 5.75 -26.72 11.73
N ILE K 255 5.67 -26.99 10.45
CA ILE K 255 4.42 -26.96 9.74
C ILE K 255 4.40 -27.92 8.57
N ALA K 256 3.26 -28.57 8.31
CA ALA K 256 3.12 -29.50 7.20
C ALA K 256 2.32 -28.82 6.08
N ASP K 257 2.35 -29.37 4.87
CA ASP K 257 1.55 -28.75 3.78
C ASP K 257 0.14 -29.31 3.82
N ASP K 258 -0.64 -29.10 2.75
CA ASP K 258 -2.03 -29.54 2.77
C ASP K 258 -2.35 -30.90 2.25
N LYS K 259 -1.34 -31.74 2.04
CA LYS K 259 -1.60 -33.03 1.38
C LYS K 259 -0.67 -34.18 1.79
N GLU K 260 0.49 -33.84 2.32
CA GLU K 260 1.46 -34.82 2.74
C GLU K 260 1.07 -35.44 4.06
N GLU K 261 1.36 -36.73 4.20
CA GLU K 261 1.37 -37.40 5.48
C GLU K 261 2.57 -36.85 6.20
N ALA K 262 2.45 -36.55 7.49
CA ALA K 262 3.55 -35.85 8.18
C ALA K 262 3.68 -36.24 9.63
N VAL K 263 4.93 -36.19 10.12
CA VAL K 263 5.25 -36.32 11.51
C VAL K 263 6.08 -35.08 11.84
N LEU K 264 5.52 -34.16 12.62
CA LEU K 264 6.22 -32.96 13.04
C LEU K 264 6.80 -33.15 14.43
N ILE K 265 7.98 -32.57 14.68
CA ILE K 265 8.73 -32.73 15.91
C ILE K 265 9.27 -31.37 16.39
N ALA K 266 9.10 -31.05 17.69
CA ALA K 266 9.73 -29.86 18.32
C ALA K 266 10.05 -30.10 19.79
N GLU K 267 11.18 -29.56 20.21
CA GLU K 267 11.61 -29.67 21.58
C GLU K 267 11.40 -28.31 22.24
N PHE K 268 10.91 -28.33 23.47
CA PHE K 268 10.68 -27.15 24.25
C PHE K 268 11.31 -27.29 25.63
N ASN K 269 11.94 -26.22 26.10
CA ASN K 269 12.47 -26.17 27.46
C ASN K 269 11.40 -25.53 28.39
N LEU K 270 10.71 -26.37 29.14
CA LEU K 270 9.55 -25.90 29.89
C LEU K 270 9.91 -24.98 31.06
N ASP K 271 11.13 -25.09 31.57
CA ASP K 271 11.58 -24.24 32.65
C ASP K 271 11.90 -22.86 32.14
N LYS K 272 12.56 -22.77 30.99
CA LYS K 272 12.83 -21.47 30.39
C LYS K 272 11.55 -20.80 29.90
N ILE K 273 10.61 -21.57 29.33
CA ILE K 273 9.40 -20.96 28.86
C ILE K 273 8.59 -20.42 30.07
N LYS K 274 8.54 -21.18 31.16
CA LYS K 274 7.84 -20.77 32.37
C LYS K 274 8.39 -19.41 32.85
N SER K 275 9.70 -19.32 32.89
CA SER K 275 10.36 -18.10 33.30
C SER K 275 10.00 -16.89 32.39
N MET K 276 9.99 -17.14 31.09
CA MET K 276 9.63 -16.15 30.06
C MET K 276 8.18 -15.70 30.22
N ARG K 277 7.31 -16.66 30.43
CA ARG K 277 5.90 -16.44 30.59
C ARG K 277 5.65 -15.52 31.77
N HIS K 278 6.28 -15.81 32.88
CA HIS K 278 6.10 -15.02 34.07
C HIS K 278 6.70 -13.63 33.95
N CYS K 279 7.90 -13.52 33.37
CA CYS K 279 8.56 -12.22 33.23
CA CYS K 279 8.49 -12.20 33.34
C CYS K 279 7.79 -11.25 32.32
N TRP K 280 7.14 -11.81 31.29
CA TRP K 280 6.38 -10.99 30.35
C TRP K 280 5.20 -10.28 31.08
N GLY K 281 4.65 -10.94 32.08
CA GLY K 281 3.81 -10.27 33.08
C GLY K 281 2.31 -10.29 32.87
N VAL K 282 1.85 -10.84 31.75
CA VAL K 282 0.43 -10.85 31.47
C VAL K 282 -0.40 -11.49 32.57
N PHE K 283 0.07 -12.60 33.16
CA PHE K 283 -0.72 -13.21 34.20
C PHE K 283 -0.69 -12.41 35.52
N ARG K 284 0.37 -11.63 35.72
CA ARG K 284 0.46 -10.73 36.86
C ARG K 284 -0.57 -9.55 36.71
N ASP K 285 -0.95 -9.23 35.45
CA ASP K 285 -1.62 -7.98 35.15
C ASP K 285 -3.09 -8.15 34.79
N ARG K 286 -3.54 -9.39 34.76
CA ARG K 286 -4.93 -9.72 34.41
C ARG K 286 -5.91 -9.07 35.36
N ARG K 287 -7.09 -8.78 34.83
CA ARG K 287 -8.14 -8.05 35.56
C ARG K 287 -9.45 -8.81 35.63
N PRO K 288 -9.47 -9.89 36.39
CA PRO K 288 -10.72 -10.66 36.46
C PRO K 288 -11.88 -9.89 37.08
N ASP K 289 -11.60 -8.87 37.88
CA ASP K 289 -12.64 -8.00 38.36
C ASP K 289 -13.39 -7.28 37.19
N LEU K 290 -12.80 -7.23 36.01
CA LEU K 290 -13.39 -6.54 34.88
C LEU K 290 -13.87 -7.52 33.79
N TYR K 291 -13.79 -8.82 34.05
CA TYR K 291 -14.12 -9.82 33.01
C TYR K 291 -15.52 -10.45 33.11
N LYS K 292 -16.41 -9.90 33.94
CA LYS K 292 -17.73 -10.55 34.15
C LYS K 292 -18.55 -10.58 32.84
N VAL K 293 -18.35 -9.59 31.97
CA VAL K 293 -18.99 -9.58 30.64
C VAL K 293 -18.71 -10.86 29.83
N LEU K 294 -17.58 -11.51 30.07
CA LEU K 294 -17.27 -12.78 29.41
C LEU K 294 -18.23 -13.94 29.79
N LEU K 295 -18.97 -13.77 30.91
CA LEU K 295 -19.96 -14.75 31.32
C LEU K 295 -21.36 -14.45 30.73
N THR K 296 -21.42 -13.55 29.73
CA THR K 296 -22.62 -13.26 29.00
C THR K 296 -22.40 -13.80 27.61
N LEU K 297 -23.50 -14.00 26.87
CA LEU K 297 -23.43 -14.26 25.44
C LEU K 297 -23.66 -13.01 24.65
N ASP K 298 -24.51 -12.15 25.21
CA ASP K 298 -25.01 -10.97 24.50
C ASP K 298 -24.36 -9.63 24.91
N GLY K 299 -23.31 -9.69 25.72
CA GLY K 299 -22.63 -8.50 26.21
C GLY K 299 -23.35 -7.76 27.33
N LYS K 300 -24.47 -8.29 27.81
CA LYS K 300 -25.25 -7.66 28.87
C LYS K 300 -25.75 -8.63 29.95
N ASN K 301 -26.33 -9.78 29.57
CA ASN K 301 -27.01 -10.65 30.56
C ASN K 301 -26.17 -11.83 30.94
N PRO K 302 -25.77 -11.95 32.24
CA PRO K 302 -24.95 -13.13 32.60
C PRO K 302 -25.78 -14.37 32.51
N VAL K 303 -25.19 -15.43 32.02
CA VAL K 303 -25.91 -16.69 31.92
C VAL K 303 -26.15 -17.27 33.35
N LEU K 304 -27.17 -18.10 33.44
CA LEU K 304 -27.49 -18.84 34.66
C LEU K 304 -26.46 -19.98 34.95
N ASP L 7 -19.08 -4.59 -2.80
CA ASP L 7 -20.10 -3.60 -3.25
C ASP L 7 -20.94 -3.04 -2.06
N LYS L 8 -22.10 -3.63 -1.74
CA LYS L 8 -23.08 -2.95 -0.85
C LYS L 8 -22.91 -3.12 0.69
N GLY L 9 -23.33 -2.09 1.44
CA GLY L 9 -23.25 -2.08 2.89
C GLY L 9 -22.52 -0.85 3.42
N ARG L 10 -22.71 -0.59 4.70
CA ARG L 10 -22.10 0.52 5.38
C ARG L 10 -20.58 0.32 5.40
N LYS L 11 -19.86 1.32 4.89
CA LYS L 11 -18.43 1.29 4.77
C LYS L 11 -17.84 2.31 5.68
N VAL L 12 -16.67 2.02 6.20
CA VAL L 12 -15.95 2.93 7.08
CA VAL L 12 -15.94 2.95 7.08
C VAL L 12 -14.46 2.87 6.77
N VAL L 13 -13.83 4.03 6.70
CA VAL L 13 -12.39 4.08 6.43
C VAL L 13 -11.71 4.40 7.72
N VAL L 14 -10.75 3.57 8.10
CA VAL L 14 -10.02 3.81 9.34
C VAL L 14 -8.58 4.11 9.04
N SER L 15 -7.89 4.73 9.99
CA SER L 15 -6.51 5.10 9.81
C SER L 15 -5.70 4.93 11.06
N ALA L 16 -4.51 4.37 10.87
CA ALA L 16 -3.45 4.35 11.89
C ALA L 16 -2.41 5.37 11.50
N LEU L 17 -1.98 6.17 12.50
CA LEU L 17 -0.90 7.17 12.36
C LEU L 17 0.32 6.70 13.13
N GLN L 18 1.50 7.10 12.66
CA GLN L 18 2.76 6.70 13.27
C GLN L 18 3.70 7.87 13.14
N PHE L 19 4.19 8.35 14.28
CA PHE L 19 5.10 9.49 14.29
C PHE L 19 6.01 9.54 15.50
N ALA L 20 7.04 10.40 15.38
CA ALA L 20 8.01 10.67 16.46
C ALA L 20 7.53 11.84 17.30
N CYS L 21 7.76 11.75 18.60
CA CYS L 21 7.41 12.81 19.57
C CYS L 21 8.62 13.57 20.09
N THR L 22 8.46 14.88 20.36
CA THR L 22 9.42 15.60 21.18
C THR L 22 8.85 15.62 22.61
N ASP L 23 9.46 16.34 23.53
CA ASP L 23 8.85 16.45 24.86
C ASP L 23 8.14 17.82 25.03
N ASP L 24 7.78 18.44 23.91
CA ASP L 24 7.01 19.66 23.94
C ASP L 24 5.53 19.35 23.47
N VAL L 25 4.56 19.58 24.33
CA VAL L 25 3.15 19.29 24.01
CA VAL L 25 3.16 19.26 24.00
C VAL L 25 2.68 20.02 22.73
N SER L 26 2.96 21.30 22.60
CA SER L 26 2.48 22.01 21.38
C SER L 26 3.04 21.43 20.05
N THR L 27 4.31 21.04 20.03
CA THR L 27 4.90 20.41 18.83
C THR L 27 4.20 19.10 18.50
N ASN L 28 3.92 18.31 19.50
CA ASN L 28 3.31 17.03 19.29
C ASN L 28 1.86 17.11 18.84
N VAL L 29 1.10 18.04 19.40
CA VAL L 29 -0.27 18.20 18.98
C VAL L 29 -0.30 18.77 17.54
N THR L 30 0.66 19.62 17.19
CA THR L 30 0.79 20.10 15.83
C THR L 30 1.05 18.93 14.83
N THR L 31 1.95 18.00 15.22
CA THR L 31 2.25 16.81 14.41
C THR L 31 0.95 15.99 14.23
N ALA L 32 0.26 15.73 15.32
CA ALA L 32 -0.95 14.94 15.28
C ALA L 32 -2.00 15.58 14.39
N GLU L 33 -2.23 16.88 14.50
CA GLU L 33 -3.19 17.58 13.63
C GLU L 33 -2.82 17.45 12.14
N ARG L 34 -1.55 17.66 11.83
CA ARG L 34 -1.07 17.52 10.48
C ARG L 34 -1.41 16.15 9.91
N LEU L 35 -1.15 15.11 10.70
CA LEU L 35 -1.34 13.74 10.20
C LEU L 35 -2.84 13.35 10.19
N VAL L 36 -3.62 13.84 11.16
CA VAL L 36 -5.06 13.68 11.09
C VAL L 36 -5.63 14.31 9.79
N ARG L 37 -5.16 15.50 9.42
CA ARG L 37 -5.60 16.14 8.19
C ARG L 37 -5.19 15.32 6.96
N ALA L 38 -3.99 14.74 7.03
CA ALA L 38 -3.51 13.91 5.93
C ALA L 38 -4.41 12.67 5.77
N ALA L 39 -4.82 12.07 6.89
CA ALA L 39 -5.70 10.91 6.85
C ALA L 39 -7.06 11.25 6.28
N HIS L 40 -7.63 12.35 6.75
CA HIS L 40 -8.91 12.82 6.27
C HIS L 40 -8.87 13.09 4.76
N LYS L 41 -7.76 13.63 4.27
CA LYS L 41 -7.58 13.87 2.83
C LYS L 41 -7.65 12.56 2.03
N GLN L 42 -7.15 11.47 2.62
CA GLN L 42 -7.21 10.15 1.98
C GLN L 42 -8.54 9.43 2.27
N GLY L 43 -9.48 10.11 2.94
CA GLY L 43 -10.82 9.59 3.14
C GLY L 43 -11.14 8.96 4.46
N ALA L 44 -10.22 9.00 5.42
CA ALA L 44 -10.45 8.36 6.69
C ALA L 44 -11.62 9.00 7.46
N ASN L 45 -12.40 8.13 8.10
CA ASN L 45 -13.52 8.52 8.93
C ASN L 45 -13.14 8.46 10.41
N ILE L 46 -12.21 7.56 10.77
CA ILE L 46 -11.80 7.37 12.17
C ILE L 46 -10.29 7.31 12.12
N VAL L 47 -9.62 8.16 12.88
CA VAL L 47 -8.18 8.26 12.86
C VAL L 47 -7.60 8.03 14.26
N LEU L 48 -6.63 7.12 14.35
CA LEU L 48 -6.04 6.70 15.62
C LEU L 48 -4.62 7.24 15.86
N ILE L 49 -4.49 8.07 16.89
CA ILE L 49 -3.20 8.61 17.33
C ILE L 49 -2.62 7.71 18.45
N GLN L 50 -1.32 7.44 18.37
CA GLN L 50 -0.54 6.64 19.35
C GLN L 50 -0.63 7.10 20.83
N GLU L 51 -0.29 6.18 21.72
CA GLU L 51 -0.43 6.38 23.14
C GLU L 51 0.41 7.52 23.70
N LEU L 52 -0.16 8.35 24.59
CA LEU L 52 0.60 9.37 25.34
C LEU L 52 1.42 10.30 24.42
N PHE L 53 0.80 10.66 23.30
CA PHE L 53 1.47 11.38 22.24
C PHE L 53 1.85 12.82 22.58
N GLU L 54 1.34 13.34 23.69
CA GLU L 54 1.65 14.70 24.09
C GLU L 54 3.15 14.92 24.47
N GLY L 55 3.86 13.86 24.79
CA GLY L 55 5.24 13.97 25.15
C GLY L 55 6.03 12.72 24.92
N TYR L 56 7.26 12.76 25.38
CA TYR L 56 8.07 11.56 25.48
C TYR L 56 7.36 10.57 26.36
N TYR L 57 7.65 9.29 26.11
CA TYR L 57 7.12 8.19 26.89
C TYR L 57 7.90 8.24 28.19
N PHE L 58 7.34 8.98 29.15
CA PHE L 58 8.07 9.34 30.40
C PHE L 58 8.21 8.18 31.41
N CYS L 59 7.47 7.10 31.16
CA CYS L 59 7.41 5.96 32.05
C CYS L 59 8.69 5.12 32.11
N GLN L 60 9.75 5.49 31.37
CA GLN L 60 11.06 4.90 31.65
C GLN L 60 11.53 5.28 33.07
N ALA L 61 11.12 6.45 33.56
CA ALA L 61 11.50 6.88 34.87
C ALA L 61 10.39 6.58 35.88
N GLN L 62 10.74 6.54 37.16
CA GLN L 62 9.76 6.56 38.24
C GLN L 62 10.03 7.84 39.05
N ARG L 63 9.49 8.98 38.57
CA ARG L 63 9.78 10.29 39.19
C ARG L 63 8.52 10.98 39.71
N GLU L 64 8.62 11.49 40.94
CA GLU L 64 7.56 12.28 41.58
C GLU L 64 7.05 13.38 40.66
N ASP L 65 7.97 14.14 40.05
CA ASP L 65 7.54 15.26 39.23
C ASP L 65 6.80 14.85 37.94
N PHE L 66 7.14 13.68 37.40
CA PHE L 66 6.43 13.22 36.20
C PHE L 66 4.93 12.89 36.47
N ILE L 67 4.60 12.52 37.70
CA ILE L 67 3.18 12.23 38.06
C ILE L 67 2.35 13.49 37.83
N GLN L 68 2.94 14.65 38.14
CA GLN L 68 2.23 15.95 37.96
C GLN L 68 2.11 16.40 36.50
N ARG L 69 2.52 15.56 35.54
CA ARG L 69 2.13 15.81 34.12
C ARG L 69 0.64 15.51 33.88
N ALA L 70 -0.01 14.81 34.81
CA ALA L 70 -1.40 14.49 34.67
C ALA L 70 -2.29 15.74 34.69
N LYS L 71 -3.41 15.67 33.99
CA LYS L 71 -4.38 16.73 33.97
C LYS L 71 -5.79 16.16 34.09
N PRO L 72 -6.71 16.93 34.67
CA PRO L 72 -8.08 16.41 34.69
C PRO L 72 -8.67 16.19 33.28
N TYR L 73 -9.64 15.30 33.21
CA TYR L 73 -10.38 15.03 32.02
C TYR L 73 -11.17 16.25 31.67
N LYS L 74 -11.62 16.96 32.70
CA LYS L 74 -12.47 18.13 32.50
C LYS L 74 -11.70 19.28 31.92
N ASP L 75 -12.19 19.82 30.80
CA ASP L 75 -11.56 21.00 30.15
C ASP L 75 -10.09 20.77 29.83
N HIS L 76 -9.75 19.58 29.37
CA HIS L 76 -8.39 19.27 29.03
C HIS L 76 -7.97 20.04 27.75
N PRO L 77 -6.85 20.74 27.78
CA PRO L 77 -6.51 21.58 26.62
C PRO L 77 -6.30 20.79 25.31
N THR L 78 -5.73 19.59 25.39
CA THR L 78 -5.49 18.82 24.17
C THR L 78 -6.77 18.23 23.65
N ILE L 79 -7.62 17.69 24.53
CA ILE L 79 -8.87 17.13 24.10
C ILE L 79 -9.71 18.22 23.43
N MET L 80 -9.80 19.39 24.03
CA MET L 80 -10.62 20.51 23.51
C MET L 80 -10.15 20.96 22.14
N ARG L 81 -8.84 21.01 21.95
CA ARG L 81 -8.29 21.40 20.69
C ARG L 81 -8.62 20.37 19.62
N LEU L 82 -8.52 19.10 19.97
CA LEU L 82 -8.83 18.05 18.98
C LEU L 82 -10.30 17.90 18.73
N GLN L 83 -11.14 18.29 19.67
CA GLN L 83 -12.58 18.33 19.39
C GLN L 83 -12.89 19.30 18.24
N LYS L 84 -12.13 20.40 18.15
CA LYS L 84 -12.37 21.36 17.09
C LYS L 84 -11.99 20.77 15.76
N LEU L 85 -10.90 20.00 15.77
CA LEU L 85 -10.49 19.34 14.54
C LEU L 85 -11.47 18.25 14.10
N ALA L 86 -11.94 17.44 15.03
CA ALA L 86 -12.88 16.38 14.75
C ALA L 86 -14.16 16.94 14.08
N LYS L 87 -14.67 18.03 14.66
CA LYS L 87 -15.82 18.72 14.15
C LYS L 87 -15.57 19.33 12.76
N GLU L 88 -14.43 19.98 12.59
CA GLU L 88 -14.11 20.61 11.33
C GLU L 88 -14.12 19.60 10.16
N LEU L 89 -13.48 18.45 10.38
CA LEU L 89 -13.24 17.45 9.36
C LEU L 89 -14.27 16.35 9.30
N GLY L 90 -15.08 16.21 10.36
CA GLY L 90 -16.04 15.08 10.46
C GLY L 90 -15.37 13.75 10.64
N VAL L 91 -14.37 13.72 11.52
CA VAL L 91 -13.64 12.49 11.83
CA VAL L 91 -13.60 12.54 11.82
C VAL L 91 -13.73 12.17 13.30
N VAL L 92 -13.78 10.86 13.62
CA VAL L 92 -13.75 10.39 15.00
C VAL L 92 -12.27 10.37 15.44
N ILE L 93 -11.96 10.92 16.60
CA ILE L 93 -10.57 10.98 17.11
C ILE L 93 -10.51 10.54 18.61
N PRO L 94 -9.99 9.35 18.89
CA PRO L 94 -9.72 8.96 20.26
C PRO L 94 -8.46 9.67 20.76
N VAL L 95 -8.53 10.37 21.91
CA VAL L 95 -7.41 11.13 22.39
C VAL L 95 -6.82 10.51 23.66
N SER L 96 -5.63 9.94 23.52
CA SER L 96 -4.87 9.41 24.67
C SER L 96 -4.29 10.55 25.59
N PHE L 97 -4.47 10.42 26.90
CA PHE L 97 -3.95 11.44 27.85
C PHE L 97 -3.75 10.87 29.26
N PHE L 98 -2.93 11.58 30.04
CA PHE L 98 -2.59 11.18 31.40
C PHE L 98 -3.59 11.93 32.32
N GLU L 99 -4.50 11.16 32.90
CA GLU L 99 -5.62 11.69 33.65
C GLU L 99 -5.32 11.82 35.16
N GLU L 100 -5.61 12.98 35.73
CA GLU L 100 -5.71 13.16 37.16
C GLU L 100 -7.19 13.20 37.54
N ALA L 101 -7.59 12.41 38.53
CA ALA L 101 -8.96 12.43 39.05
C ALA L 101 -8.90 12.43 40.58
N ASN L 102 -8.87 13.63 41.15
CA ASN L 102 -8.55 13.87 42.59
C ASN L 102 -7.19 13.21 42.86
N ASN L 103 -7.12 12.20 43.71
CA ASN L 103 -5.84 11.55 44.02
C ASN L 103 -5.57 10.36 43.21
N ALA L 104 -6.53 9.93 42.38
CA ALA L 104 -6.24 8.84 41.48
C ALA L 104 -5.69 9.37 40.16
N HIS L 105 -4.94 8.52 39.48
CA HIS L 105 -4.38 8.83 38.16
C HIS L 105 -4.55 7.63 37.25
N TYR L 106 -4.80 7.93 35.98
CA TYR L 106 -5.06 6.88 35.03
C TYR L 106 -4.43 7.18 33.70
N ASN L 107 -4.19 6.12 32.95
CA ASN L 107 -3.76 6.23 31.57
C ASN L 107 -5.08 6.13 30.79
N SER L 108 -5.53 7.23 30.21
CA SER L 108 -6.91 7.28 29.73
C SER L 108 -7.07 7.66 28.26
N ILE L 109 -8.29 7.55 27.74
CA ILE L 109 -8.55 7.97 26.36
C ILE L 109 -9.97 8.47 26.24
N ALA L 110 -10.12 9.66 25.65
CA ALA L 110 -11.42 10.27 25.42
C ALA L 110 -11.81 10.08 23.94
N ILE L 111 -13.02 9.61 23.69
CA ILE L 111 -13.46 9.36 22.35
C ILE L 111 -14.26 10.51 21.81
N ILE L 112 -13.68 11.23 20.84
CA ILE L 112 -14.36 12.36 20.24
C ILE L 112 -15.09 11.90 18.94
N ASP L 113 -16.40 12.18 18.86
CA ASP L 113 -17.19 11.81 17.70
C ASP L 113 -16.96 12.81 16.55
N ALA L 114 -17.47 12.45 15.36
CA ALA L 114 -17.29 13.20 14.13
C ALA L 114 -18.00 14.56 14.12
N ASP L 115 -18.92 14.81 15.06
CA ASP L 115 -19.53 16.15 15.24
C ASP L 115 -18.82 16.95 16.37
N GLY L 116 -17.71 16.41 16.91
CA GLY L 116 -16.96 17.06 17.98
C GLY L 116 -17.37 16.70 19.40
N THR L 117 -18.43 15.90 19.55
CA THR L 117 -18.91 15.49 20.85
C THR L 117 -17.95 14.55 21.58
N ASP L 118 -17.70 14.89 22.85
CA ASP L 118 -16.89 14.05 23.74
C ASP L 118 -17.81 12.94 24.22
N LEU L 119 -17.61 11.73 23.72
CA LEU L 119 -18.50 10.63 24.04
C LEU L 119 -18.21 9.98 25.39
N GLY L 120 -17.08 10.30 26.01
CA GLY L 120 -16.69 9.66 27.27
C GLY L 120 -15.28 9.09 27.22
N ILE L 121 -14.93 8.38 28.29
CA ILE L 121 -13.58 7.97 28.54
C ILE L 121 -13.48 6.47 28.83
N TYR L 122 -12.35 5.89 28.44
CA TYR L 122 -11.96 4.56 28.86
C TYR L 122 -10.65 4.74 29.63
N ARG L 123 -10.49 4.02 30.74
CA ARG L 123 -9.29 4.05 31.56
C ARG L 123 -8.55 2.73 31.47
N LYS L 124 -7.29 2.82 31.11
CA LYS L 124 -6.46 1.65 30.84
C LYS L 124 -6.55 0.61 31.97
N SER L 125 -6.83 -0.63 31.64
CA SER L 125 -7.13 -1.69 32.65
C SER L 125 -5.94 -2.51 33.07
N HIS L 126 -5.12 -2.89 32.12
CA HIS L 126 -3.96 -3.70 32.37
C HIS L 126 -2.75 -2.80 32.29
N ILE L 127 -2.00 -2.73 33.38
CA ILE L 127 -0.90 -1.76 33.50
C ILE L 127 0.45 -2.50 33.48
N PRO L 128 1.30 -2.21 32.46
CA PRO L 128 2.58 -2.89 32.35
C PRO L 128 3.59 -2.41 33.40
N ASP L 129 4.63 -3.18 33.58
CA ASP L 129 5.68 -2.83 34.50
C ASP L 129 7.01 -3.40 34.04
N GLY L 130 8.09 -2.93 34.63
CA GLY L 130 9.43 -3.39 34.32
C GLY L 130 10.30 -2.31 33.67
N PRO L 131 11.62 -2.58 33.53
CA PRO L 131 12.51 -1.56 32.97
C PRO L 131 12.03 -0.95 31.65
N GLY L 132 11.98 0.37 31.58
CA GLY L 132 11.49 1.07 30.39
C GLY L 132 10.02 1.42 30.36
N TYR L 133 9.21 0.66 31.09
CA TYR L 133 7.75 0.68 30.99
C TYR L 133 7.14 0.62 32.41
N GLU L 134 7.57 1.53 33.26
CA GLU L 134 7.20 1.53 34.67
C GLU L 134 5.84 2.17 34.89
N GLU L 135 4.83 1.71 34.15
CA GLU L 135 3.53 2.35 34.21
C GLU L 135 2.81 2.12 35.54
N LYS L 136 3.13 1.02 36.23
CA LYS L 136 2.45 0.73 37.47
C LYS L 136 2.75 1.76 38.54
N PHE L 137 3.85 2.48 38.38
CA PHE L 137 4.20 3.54 39.30
C PHE L 137 3.29 4.77 39.13
N TYR L 138 2.75 4.97 37.93
CA TYR L 138 1.98 6.17 37.58
C TYR L 138 0.46 6.02 37.65
N PHE L 139 -0.05 4.86 37.22
CA PHE L 139 -1.45 4.73 36.98
C PHE L 139 -2.18 3.76 37.90
N ASN L 140 -3.24 4.22 38.54
CA ASN L 140 -4.19 3.28 39.11
C ASN L 140 -4.67 2.35 37.98
N PRO L 141 -4.84 1.05 38.26
CA PRO L 141 -5.46 0.19 37.29
C PRO L 141 -6.89 0.73 36.99
N GLY L 142 -7.25 0.76 35.72
CA GLY L 142 -8.50 1.42 35.32
C GLY L 142 -9.73 0.82 35.92
N ASP L 143 -10.74 1.66 36.12
CA ASP L 143 -11.99 1.23 36.74
C ASP L 143 -13.22 1.53 35.91
N THR L 144 -13.04 1.87 34.62
CA THR L 144 -14.20 2.00 33.73
C THR L 144 -14.70 0.66 33.26
N GLY L 145 -13.85 -0.31 33.23
CA GLY L 145 -14.14 -1.54 32.53
C GLY L 145 -14.02 -1.34 30.99
N PHE L 146 -14.18 -2.41 30.24
CA PHE L 146 -14.08 -2.36 28.78
C PHE L 146 -15.34 -1.75 28.22
N LYS L 147 -15.17 -0.81 27.30
CA LYS L 147 -16.29 -0.03 26.77
C LYS L 147 -16.36 -0.08 25.26
N VAL L 148 -17.55 0.19 24.75
CA VAL L 148 -17.75 0.47 23.34
C VAL L 148 -18.43 1.83 23.21
N PHE L 149 -18.18 2.51 22.11
CA PHE L 149 -18.71 3.82 21.86
C PHE L 149 -19.43 3.87 20.53
N GLN L 150 -20.65 4.39 20.51
CA GLN L 150 -21.42 4.51 19.30
C GLN L 150 -20.97 5.84 18.69
N THR L 151 -20.27 5.78 17.58
CA THR L 151 -19.86 6.98 16.83
C THR L 151 -20.79 7.14 15.59
N LYS L 152 -20.62 8.24 14.88
CA LYS L 152 -21.37 8.45 13.66
C LYS L 152 -21.16 7.36 12.59
N TYR L 153 -20.01 6.70 12.59
CA TYR L 153 -19.68 5.72 11.56
C TYR L 153 -19.76 4.25 11.97
N ALA L 154 -19.64 3.96 13.26
CA ALA L 154 -19.55 2.61 13.75
C ALA L 154 -19.56 2.61 15.24
N LYS L 155 -19.91 1.46 15.79
CA LYS L 155 -19.70 1.21 17.18
C LYS L 155 -18.27 0.69 17.30
N ILE L 156 -17.45 1.35 18.11
CA ILE L 156 -16.03 0.98 18.22
C ILE L 156 -15.59 0.61 19.63
N GLY L 157 -14.58 -0.23 19.70
CA GLY L 157 -13.95 -0.57 20.94
C GLY L 157 -12.52 -0.02 20.97
N VAL L 158 -12.22 0.81 21.97
CA VAL L 158 -10.91 1.40 22.13
C VAL L 158 -10.31 0.97 23.46
N ALA L 159 -9.11 0.39 23.40
CA ALA L 159 -8.36 0.11 24.60
C ALA L 159 -6.97 0.65 24.40
N ILE L 160 -6.09 0.47 25.38
CA ILE L 160 -4.81 1.18 25.36
C ILE L 160 -3.64 0.25 25.54
N CYS L 161 -2.67 0.44 24.66
CA CYS L 161 -1.38 -0.24 24.67
C CYS L 161 -1.38 -1.65 25.30
N TRP L 162 -0.81 -1.84 26.52
CA TRP L 162 -0.73 -3.19 27.14
C TRP L 162 -2.05 -4.01 27.11
N ASP L 163 -3.20 -3.32 27.10
CA ASP L 163 -4.50 -3.99 26.98
C ASP L 163 -4.55 -4.91 25.75
N GLN L 164 -3.73 -4.58 24.72
CA GLN L 164 -3.76 -5.30 23.45
C GLN L 164 -3.23 -6.72 23.55
N TRP L 165 -2.56 -7.07 24.64
CA TRP L 165 -2.05 -8.41 24.84
C TRP L 165 -3.11 -9.38 25.42
N PHE L 166 -4.27 -8.85 25.82
CA PHE L 166 -5.30 -9.59 26.58
C PHE L 166 -6.47 -9.95 25.74
N PRO L 167 -6.61 -11.24 25.40
CA PRO L 167 -7.81 -11.67 24.65
C PRO L 167 -9.11 -11.27 25.35
N GLU L 168 -9.10 -11.17 26.67
CA GLU L 168 -10.28 -10.84 27.43
C GLU L 168 -10.81 -9.45 27.08
N ALA L 169 -9.91 -8.48 26.88
CA ALA L 169 -10.30 -7.14 26.52
C ALA L 169 -10.97 -7.07 25.15
N ALA L 170 -10.38 -7.73 24.17
CA ALA L 170 -10.93 -7.76 22.81
C ALA L 170 -12.30 -8.43 22.77
N ARG L 171 -12.42 -9.56 23.45
CA ARG L 171 -13.68 -10.25 23.55
C ARG L 171 -14.72 -9.44 24.27
N ALA L 172 -14.36 -8.80 25.35
CA ALA L 172 -15.31 -7.99 26.11
C ALA L 172 -15.90 -6.87 25.22
N MET L 173 -15.05 -6.26 24.39
CA MET L 173 -15.52 -5.19 23.51
C MET L 173 -16.39 -5.77 22.40
N ALA L 174 -15.96 -6.86 21.79
CA ALA L 174 -16.75 -7.51 20.75
C ALA L 174 -18.11 -7.99 21.25
N LEU L 175 -18.17 -8.54 22.48
CA LEU L 175 -19.45 -9.00 23.03
C LEU L 175 -20.48 -7.87 23.16
N GLN L 176 -19.98 -6.68 23.38
CA GLN L 176 -20.80 -5.49 23.52
C GLN L 176 -21.04 -4.80 22.20
N GLY L 177 -20.69 -5.43 21.08
CA GLY L 177 -21.03 -4.90 19.77
C GLY L 177 -19.97 -4.06 19.08
N ALA L 178 -18.72 -4.07 19.58
CA ALA L 178 -17.64 -3.35 18.88
C ALA L 178 -17.48 -3.92 17.46
N GLU L 179 -17.44 -3.03 16.47
CA GLU L 179 -17.29 -3.42 15.05
C GLU L 179 -15.85 -3.28 14.54
N ILE L 180 -15.03 -2.55 15.26
CA ILE L 180 -13.63 -2.34 14.96
C ILE L 180 -12.93 -2.10 16.30
N LEU L 181 -11.73 -2.63 16.45
CA LEU L 181 -10.93 -2.43 17.70
C LEU L 181 -9.76 -1.50 17.40
N PHE L 182 -9.49 -0.59 18.33
CA PHE L 182 -8.40 0.36 18.25
C PHE L 182 -7.50 0.29 19.48
N TYR L 183 -6.18 0.24 19.24
CA TYR L 183 -5.17 0.24 20.30
C TYR L 183 -3.99 1.23 20.08
N PRO L 184 -4.09 2.43 20.66
CA PRO L 184 -2.91 3.34 20.68
C PRO L 184 -1.81 2.71 21.54
N THR L 185 -0.58 2.77 21.06
CA THR L 185 0.53 2.00 21.61
C THR L 185 1.82 2.82 21.76
N ALA L 186 2.66 2.43 22.71
CA ALA L 186 4.04 2.89 22.85
C ALA L 186 4.86 1.67 23.19
N ILE L 187 5.45 1.04 22.19
CA ILE L 187 6.26 -0.16 22.44
C ILE L 187 7.49 -0.18 21.57
N GLY L 188 8.60 -0.55 22.17
CA GLY L 188 9.87 -0.63 21.51
C GLY L 188 10.80 -1.62 22.16
N SER L 189 12.09 -1.29 22.09
CA SER L 189 13.14 -2.04 22.74
C SER L 189 12.99 -1.89 24.28
N GLU L 190 13.74 -2.71 25.02
CA GLU L 190 13.71 -2.65 26.48
C GLU L 190 15.12 -2.36 26.98
N PRO L 191 15.25 -1.35 27.84
CA PRO L 191 16.59 -0.83 28.13
C PRO L 191 17.46 -1.72 28.95
N HIS L 192 16.90 -2.68 29.65
CA HIS L 192 17.73 -3.60 30.44
C HIS L 192 18.28 -4.81 29.65
N ASP L 193 17.78 -5.03 28.42
CA ASP L 193 18.12 -6.23 27.61
C ASP L 193 17.86 -5.99 26.13
N GLN L 194 18.94 -5.68 25.43
CA GLN L 194 18.88 -5.36 24.00
C GLN L 194 18.49 -6.54 23.11
N SER L 195 18.52 -7.77 23.67
CA SER L 195 18.12 -8.96 22.91
C SER L 195 16.60 -9.13 22.77
N ILE L 196 15.82 -8.40 23.55
CA ILE L 196 14.38 -8.49 23.46
C ILE L 196 13.89 -7.71 22.24
N ASP L 197 13.19 -8.41 21.35
CA ASP L 197 12.55 -7.79 20.18
C ASP L 197 11.13 -8.38 20.10
N SER L 198 10.17 -7.63 20.59
CA SER L 198 8.82 -8.17 20.77
C SER L 198 7.89 -7.94 19.58
N ARG L 199 8.39 -7.38 18.47
CA ARG L 199 7.45 -6.86 17.45
C ARG L 199 6.58 -7.93 16.76
N ASP L 200 7.16 -9.08 16.48
CA ASP L 200 6.43 -10.14 15.82
C ASP L 200 5.39 -10.77 16.78
N HIS L 201 5.76 -10.96 18.05
CA HIS L 201 4.89 -11.47 19.13
C HIS L 201 3.70 -10.53 19.33
N TRP L 202 4.00 -9.25 19.35
CA TRP L 202 3.03 -8.18 19.53
C TRP L 202 1.98 -8.24 18.42
N LYS L 203 2.42 -8.26 17.17
CA LYS L 203 1.48 -8.40 16.03
C LYS L 203 0.68 -9.68 16.08
N ARG L 204 1.34 -10.80 16.38
CA ARG L 204 0.63 -12.07 16.36
C ARG L 204 -0.54 -12.14 17.39
N VAL L 205 -0.32 -11.57 18.56
CA VAL L 205 -1.36 -11.60 19.59
C VAL L 205 -2.59 -10.80 19.14
N MET L 206 -2.35 -9.60 18.61
CA MET L 206 -3.44 -8.78 18.10
C MET L 206 -4.12 -9.39 16.87
N GLN L 207 -3.35 -10.00 15.98
CA GLN L 207 -3.98 -10.65 14.82
C GLN L 207 -4.91 -11.73 15.33
N GLY L 208 -4.48 -12.40 16.41
CA GLY L 208 -5.30 -13.40 17.07
C GLY L 208 -6.68 -12.85 17.53
N HIS L 209 -6.70 -11.64 18.11
CA HIS L 209 -7.94 -11.02 18.58
C HIS L 209 -8.84 -10.72 17.40
N ALA L 210 -8.24 -10.20 16.33
CA ALA L 210 -9.00 -9.83 15.17
C ALA L 210 -9.70 -11.06 14.59
N GLY L 211 -8.94 -12.14 14.46
CA GLY L 211 -9.46 -13.38 13.92
C GLY L 211 -10.45 -14.12 14.80
N ALA L 212 -10.26 -14.04 16.11
CA ALA L 212 -11.14 -14.71 17.08
C ALA L 212 -12.49 -14.05 17.25
N ASN L 213 -12.51 -12.75 17.07
CA ASN L 213 -13.74 -11.98 17.16
C ASN L 213 -14.34 -11.58 15.79
N LEU L 214 -13.62 -11.88 14.71
CA LEU L 214 -13.99 -11.45 13.35
C LEU L 214 -14.36 -9.97 13.34
N VAL L 215 -13.41 -9.16 13.82
CA VAL L 215 -13.51 -7.69 13.72
C VAL L 215 -12.17 -7.13 13.25
N PRO L 216 -12.18 -6.06 12.44
CA PRO L 216 -10.95 -5.39 12.12
C PRO L 216 -10.30 -4.73 13.33
N LEU L 217 -9.00 -4.46 13.21
CA LEU L 217 -8.20 -4.00 14.31
C LEU L 217 -7.12 -3.03 13.82
N VAL L 218 -6.99 -1.95 14.54
CA VAL L 218 -6.09 -0.87 14.23
C VAL L 218 -5.15 -0.65 15.42
N ALA L 219 -3.85 -0.71 15.14
CA ALA L 219 -2.80 -0.42 16.13
C ALA L 219 -1.86 0.71 15.65
N SER L 220 -1.75 1.77 16.44
CA SER L 220 -0.93 2.96 16.13
C SER L 220 0.18 3.04 17.14
N ASN L 221 1.41 2.92 16.68
CA ASN L 221 2.60 2.89 17.55
C ASN L 221 3.60 3.96 17.18
N ARG L 222 4.33 4.41 18.19
CA ARG L 222 5.38 5.41 18.12
C ARG L 222 6.65 4.93 17.38
N ILE L 223 7.41 5.90 16.84
CA ILE L 223 8.73 5.67 16.29
C ILE L 223 9.72 6.62 16.97
N GLY L 224 11.01 6.39 16.74
CA GLY L 224 12.11 7.24 17.22
C GLY L 224 12.79 6.71 18.45
N ASN L 225 13.99 7.20 18.71
CA ASN L 225 14.70 7.00 19.95
C ASN L 225 14.30 8.06 20.95
N GLU L 226 14.08 7.66 22.21
CA GLU L 226 13.84 8.60 23.30
C GLU L 226 14.76 8.27 24.46
N ILE L 227 15.42 9.31 24.98
CA ILE L 227 16.28 9.21 26.15
C ILE L 227 15.57 9.94 27.26
N ILE L 228 15.34 9.24 28.37
CA ILE L 228 14.73 9.83 29.58
C ILE L 228 15.77 9.87 30.70
N GLU L 229 15.82 11.01 31.41
CA GLU L 229 16.64 11.10 32.61
C GLU L 229 15.85 10.47 33.76
N THR L 230 16.24 9.28 34.17
CA THR L 230 15.58 8.61 35.26
C THR L 230 16.31 8.91 36.51
N GLU L 231 15.66 8.52 37.60
CA GLU L 231 16.21 8.60 38.95
C GLU L 231 17.53 7.79 39.11
N HIS L 232 17.88 6.93 38.15
CA HIS L 232 19.19 6.21 38.14
C HIS L 232 20.04 6.48 36.87
N GLY L 233 19.80 7.62 36.19
CA GLY L 233 20.59 7.97 34.98
C GLY L 233 19.77 7.81 33.72
N LYS L 234 20.43 7.97 32.59
CA LYS L 234 19.78 7.91 31.30
C LYS L 234 19.25 6.53 30.99
N SER L 235 18.08 6.47 30.33
CA SER L 235 17.50 5.24 29.86
C SER L 235 16.98 5.53 28.46
N GLU L 236 17.17 4.58 27.55
CA GLU L 236 16.85 4.80 26.16
C GLU L 236 15.98 3.70 25.61
N ILE L 237 14.95 4.06 24.86
CA ILE L 237 14.14 3.13 24.09
C ILE L 237 14.12 3.57 22.61
N LYS L 238 14.25 2.62 21.71
CA LYS L 238 13.94 2.81 20.32
C LYS L 238 12.59 2.22 20.09
N PHE L 239 11.59 3.08 19.83
CA PHE L 239 10.23 2.62 19.51
C PHE L 239 10.23 2.02 18.13
N TYR L 240 9.52 0.89 17.95
CA TYR L 240 9.67 0.14 16.70
C TYR L 240 8.56 0.30 15.66
N GLY L 241 7.71 1.28 15.77
CA GLY L 241 6.68 1.45 14.74
C GLY L 241 5.87 0.20 14.47
N ASN L 242 5.82 -0.21 13.22
CA ASN L 242 5.02 -1.39 12.85
C ASN L 242 3.53 -1.22 13.13
N SER L 243 3.07 0.04 13.04
CA SER L 243 1.65 0.32 13.14
C SER L 243 0.99 -0.48 12.02
N PHE L 244 -0.23 -0.92 12.22
CA PHE L 244 -0.87 -1.73 11.23
C PHE L 244 -2.37 -1.74 11.36
N ILE L 245 -3.02 -2.20 10.31
CA ILE L 245 -4.44 -2.41 10.32
C ILE L 245 -4.66 -3.86 9.90
N ALA L 246 -5.44 -4.61 10.70
CA ALA L 246 -5.77 -6.00 10.41
C ALA L 246 -7.26 -6.16 10.10
N GLY L 247 -7.55 -7.10 9.20
CA GLY L 247 -8.92 -7.45 8.82
C GLY L 247 -9.50 -8.50 9.77
N PRO L 248 -10.76 -8.87 9.53
CA PRO L 248 -11.49 -9.76 10.45
C PRO L 248 -11.05 -11.22 10.47
N THR L 249 -10.09 -11.61 9.63
CA THR L 249 -9.48 -12.96 9.77
C THR L 249 -8.07 -12.85 10.34
N GLY L 250 -7.68 -11.65 10.77
CA GLY L 250 -6.36 -11.42 11.29
C GLY L 250 -5.29 -11.03 10.27
N GLU L 251 -5.64 -11.02 8.97
CA GLU L 251 -4.73 -10.65 7.88
C GLU L 251 -4.32 -9.17 8.00
N ILE L 252 -3.05 -8.89 7.89
CA ILE L 252 -2.60 -7.54 7.91
C ILE L 252 -2.92 -6.91 6.54
N VAL L 253 -3.70 -5.83 6.53
CA VAL L 253 -4.03 -5.19 5.25
C VAL L 253 -3.21 -3.94 5.01
N SER L 254 -2.71 -3.32 6.04
CA SER L 254 -1.77 -2.22 5.80
C SER L 254 -0.79 -2.21 6.96
N ILE L 255 0.48 -1.91 6.70
CA ILE L 255 1.48 -1.90 7.77
C ILE L 255 2.65 -0.97 7.46
N ALA L 256 3.14 -0.31 8.49
CA ALA L 256 4.29 0.59 8.40
C ALA L 256 5.57 -0.09 8.89
N ASP L 257 6.72 0.46 8.52
CA ASP L 257 7.99 -0.13 8.93
C ASP L 257 8.39 0.39 10.32
N ASP L 258 9.62 0.17 10.74
CA ASP L 258 9.98 0.57 12.11
C ASP L 258 10.55 1.97 12.31
N LYS L 259 10.53 2.83 11.28
CA LYS L 259 11.17 4.14 11.40
C LYS L 259 10.50 5.31 10.66
N GLU L 260 9.61 5.01 9.72
CA GLU L 260 8.99 6.03 8.91
C GLU L 260 7.80 6.65 9.63
N GLU L 261 7.57 7.93 9.41
CA GLU L 261 6.29 8.54 9.73
C GLU L 261 5.28 7.97 8.71
N ALA L 262 4.07 7.64 9.14
CA ALA L 262 3.12 6.97 8.26
C ALA L 262 1.69 7.30 8.55
N VAL L 263 0.89 7.25 7.49
CA VAL L 263 -0.56 7.35 7.55
C VAL L 263 -1.08 6.10 6.85
N LEU L 264 -1.68 5.19 7.58
CA LEU L 264 -2.22 3.97 7.00
C LEU L 264 -3.73 4.12 6.87
N ILE L 265 -4.29 3.55 5.81
CA ILE L 265 -5.67 3.70 5.48
C ILE L 265 -6.24 2.35 5.01
N ALA L 266 -7.43 1.98 5.50
CA ALA L 266 -8.13 0.80 5.00
C ALA L 266 -9.64 1.04 5.12
N GLU L 267 -10.36 0.57 4.11
CA GLU L 267 -11.79 0.60 4.12
C GLU L 267 -12.36 -0.78 4.50
N PHE L 268 -13.39 -0.79 5.36
CA PHE L 268 -14.09 -2.01 5.74
C PHE L 268 -15.59 -1.87 5.48
N ASN L 269 -16.19 -2.96 4.98
CA ASN L 269 -17.60 -3.06 4.80
C ASN L 269 -18.18 -3.67 6.11
N LEU L 270 -18.67 -2.83 7.01
CA LEU L 270 -19.15 -3.31 8.29
C LEU L 270 -20.36 -4.23 8.22
N ASP L 271 -21.22 -4.07 7.20
CA ASP L 271 -22.35 -4.99 7.07
C ASP L 271 -21.91 -6.40 6.61
N LYS L 272 -20.95 -6.45 5.65
CA LYS L 272 -20.45 -7.73 5.21
C LYS L 272 -19.66 -8.41 6.30
N ILE L 273 -18.90 -7.65 7.06
CA ILE L 273 -18.11 -8.21 8.11
C ILE L 273 -19.02 -8.77 9.23
N LYS L 274 -20.06 -8.03 9.61
CA LYS L 274 -21.02 -8.50 10.59
C LYS L 274 -21.64 -9.83 10.14
N SER L 275 -22.01 -9.90 8.88
CA SER L 275 -22.60 -11.11 8.33
C SER L 275 -21.62 -12.30 8.39
N MET L 276 -20.35 -12.05 8.07
CA MET L 276 -19.29 -13.07 8.14
C MET L 276 -19.04 -13.55 9.60
N ARG L 277 -18.95 -12.59 10.52
CA ARG L 277 -18.75 -12.86 11.94
C ARG L 277 -19.86 -13.76 12.49
N HIS L 278 -21.09 -13.44 12.15
CA HIS L 278 -22.23 -14.24 12.63
C HIS L 278 -22.24 -15.62 12.02
N CYS L 279 -22.01 -15.73 10.72
CA CYS L 279 -22.06 -17.01 10.05
CA CYS L 279 -22.10 -17.02 10.07
C CYS L 279 -20.94 -17.95 10.51
N TRP L 280 -19.78 -17.38 10.86
CA TRP L 280 -18.67 -18.24 11.29
C TRP L 280 -19.06 -18.95 12.59
N GLY L 281 -19.85 -18.28 13.44
CA GLY L 281 -20.53 -18.99 14.52
C GLY L 281 -19.91 -18.94 15.90
N VAL L 282 -18.75 -18.33 16.05
CA VAL L 282 -18.09 -18.38 17.34
C VAL L 282 -18.94 -17.80 18.46
N PHE L 283 -19.66 -16.70 18.22
CA PHE L 283 -20.49 -16.12 19.25
C PHE L 283 -21.74 -16.94 19.59
N ARG L 284 -22.22 -17.73 18.63
CA ARG L 284 -23.30 -18.64 18.82
C ARG L 284 -22.89 -19.85 19.74
N ASP L 285 -21.60 -20.19 19.70
CA ASP L 285 -21.06 -21.41 20.29
C ASP L 285 -20.31 -21.21 21.61
N ARG L 286 -20.15 -19.95 22.03
CA ARG L 286 -19.47 -19.66 23.31
C ARG L 286 -20.12 -20.37 24.51
N ARG L 287 -19.29 -20.66 25.51
CA ARG L 287 -19.70 -21.39 26.67
C ARG L 287 -19.43 -20.65 27.98
N PRO L 288 -20.17 -19.56 28.22
CA PRO L 288 -19.91 -18.76 29.42
C PRO L 288 -20.13 -19.55 30.71
N ASP L 289 -20.96 -20.61 30.66
CA ASP L 289 -21.15 -21.48 31.82
C ASP L 289 -19.85 -22.21 32.21
N LEU L 290 -18.88 -22.28 31.29
CA LEU L 290 -17.58 -22.95 31.54
C LEU L 290 -16.42 -21.98 31.71
N TYR L 291 -16.72 -20.67 31.78
CA TYR L 291 -15.66 -19.67 31.79
C TYR L 291 -15.41 -19.05 33.16
N LYS L 292 -16.00 -19.59 34.23
CA LYS L 292 -15.79 -18.97 35.56
C LYS L 292 -14.31 -18.94 35.97
N VAL L 293 -13.51 -19.91 35.52
CA VAL L 293 -12.08 -19.91 35.84
C VAL L 293 -11.37 -18.61 35.34
N LEU L 294 -11.92 -17.94 34.32
CA LEU L 294 -11.37 -16.65 33.86
C LEU L 294 -11.51 -15.52 34.92
N LEU L 295 -12.34 -15.72 35.94
CA LEU L 295 -12.50 -14.73 36.98
C LEU L 295 -11.55 -15.05 38.14
N THR L 296 -10.61 -15.95 37.92
CA THR L 296 -9.52 -16.18 38.84
C THR L 296 -8.21 -15.65 38.22
N LEU L 297 -7.22 -15.43 39.09
CA LEU L 297 -5.85 -15.18 38.69
C LEU L 297 -5.02 -16.47 38.71
N ASP L 298 -5.29 -17.35 39.67
CA ASP L 298 -4.46 -18.51 39.98
C ASP L 298 -5.04 -19.77 39.51
N GLY L 299 -6.15 -19.70 38.77
CA GLY L 299 -6.76 -20.91 38.21
C GLY L 299 -7.66 -21.69 39.15
N LYS L 300 -7.89 -21.17 40.37
CA LYS L 300 -8.71 -21.82 41.39
C LYS L 300 -9.63 -20.87 42.16
N ASN L 301 -9.11 -19.71 42.61
CA ASN L 301 -9.82 -18.84 43.55
C ASN L 301 -10.42 -17.66 42.88
N PRO L 302 -11.77 -17.58 42.85
CA PRO L 302 -12.40 -16.44 42.19
C PRO L 302 -12.03 -15.18 42.93
N VAL L 303 -11.80 -14.11 42.22
CA VAL L 303 -11.45 -12.89 42.89
C VAL L 303 -12.76 -12.29 43.48
N LEU L 304 -12.59 -11.45 44.49
CA LEU L 304 -13.72 -10.75 45.11
C LEU L 304 -14.20 -9.62 44.16
N LYS M 8 -7.31 -9.98 85.89
CA LYS M 8 -8.48 -10.86 85.56
C LYS M 8 -8.86 -10.75 84.05
N GLY M 9 -8.93 -11.90 83.35
CA GLY M 9 -9.23 -11.99 81.91
C GLY M 9 -8.18 -12.75 81.09
N ARG M 10 -8.53 -13.18 79.88
CA ARG M 10 -7.57 -13.85 78.98
C ARG M 10 -6.42 -12.96 78.70
N LYS M 11 -5.23 -13.44 78.97
CA LYS M 11 -4.06 -12.68 78.67
C LYS M 11 -3.33 -13.32 77.55
N VAL M 12 -2.64 -12.54 76.74
CA VAL M 12 -1.81 -13.07 75.67
CA VAL M 12 -1.83 -13.06 75.66
C VAL M 12 -0.52 -12.26 75.58
N VAL M 13 0.59 -12.95 75.42
CA VAL M 13 1.87 -12.27 75.28
C VAL M 13 2.26 -12.34 73.81
N VAL M 14 2.58 -11.17 73.25
CA VAL M 14 2.94 -11.05 71.87
C VAL M 14 4.40 -10.63 71.76
N SER M 15 5.00 -10.92 70.62
CA SER M 15 6.39 -10.59 70.42
C SER M 15 6.65 -10.12 69.01
N ALA M 16 7.47 -9.07 68.88
CA ALA M 16 7.98 -8.64 67.59
C ALA M 16 9.49 -9.00 67.55
N LEU M 17 9.94 -9.55 66.41
CA LEU M 17 11.32 -9.87 66.19
C LEU M 17 11.91 -8.88 65.19
N GLN M 18 13.22 -8.65 65.31
CA GLN M 18 13.93 -7.73 64.42
C GLN M 18 15.31 -8.31 64.18
N PHE M 19 15.63 -8.62 62.94
CA PHE M 19 16.95 -9.19 62.63
C PHE M 19 17.43 -8.88 61.23
N ALA M 20 18.68 -9.18 60.99
CA ALA M 20 19.31 -8.98 59.67
C ALA M 20 19.27 -10.27 58.91
N CYS M 21 19.16 -10.15 57.60
CA CYS M 21 19.10 -11.29 56.69
C CYS M 21 20.29 -11.39 55.73
N THR M 22 20.76 -12.60 55.45
CA THR M 22 21.65 -12.84 54.32
C THR M 22 20.73 -13.28 53.14
N ASP M 23 21.30 -13.72 52.03
CA ASP M 23 20.43 -14.23 50.98
C ASP M 23 20.44 -15.76 50.97
N ASP M 24 20.76 -16.37 52.11
CA ASP M 24 20.69 -17.84 52.25
C ASP M 24 19.51 -18.27 53.14
N VAL M 25 18.57 -19.01 52.57
CA VAL M 25 17.36 -19.42 53.29
CA VAL M 25 17.36 -19.38 53.30
C VAL M 25 17.69 -20.15 54.58
N SER M 26 18.59 -21.15 54.54
CA SER M 26 18.89 -21.88 55.76
C SER M 26 19.42 -21.01 56.86
N THR M 27 20.29 -20.06 56.55
CA THR M 27 20.83 -19.16 57.54
C THR M 27 19.66 -18.36 58.17
N ASN M 28 18.81 -17.83 57.35
CA ASN M 28 17.72 -16.95 57.81
C ASN M 28 16.65 -17.66 58.64
N VAL M 29 16.26 -18.85 58.20
CA VAL M 29 15.33 -19.67 58.97
C VAL M 29 15.98 -20.06 60.33
N THR M 30 17.25 -20.43 60.33
CA THR M 30 17.98 -20.67 61.59
C THR M 30 17.94 -19.42 62.48
N THR M 31 18.12 -18.24 61.91
CA THR M 31 18.07 -16.98 62.68
C THR M 31 16.65 -16.84 63.29
N ALA M 32 15.61 -17.04 62.47
CA ALA M 32 14.23 -16.92 62.94
C ALA M 32 13.90 -17.89 64.07
N GLU M 33 14.35 -19.13 63.94
CA GLU M 33 14.13 -20.10 64.98
C GLU M 33 14.78 -19.69 66.29
N ARG M 34 16.05 -19.28 66.24
CA ARG M 34 16.78 -18.81 67.42
C ARG M 34 15.95 -17.72 68.14
N LEU M 35 15.51 -16.72 67.41
CA LEU M 35 14.77 -15.61 68.03
C LEU M 35 13.35 -15.98 68.48
N VAL M 36 12.68 -16.91 67.75
CA VAL M 36 11.36 -17.43 68.23
C VAL M 36 11.51 -18.16 69.60
N ARG M 37 12.54 -18.99 69.72
CA ARG M 37 12.82 -19.72 70.97
C ARG M 37 13.11 -18.71 72.07
N ALA M 38 13.90 -17.68 71.75
CA ALA M 38 14.20 -16.61 72.73
C ALA M 38 12.91 -15.93 73.18
N ALA M 39 12.03 -15.64 72.24
CA ALA M 39 10.77 -15.00 72.56
C ALA M 39 9.92 -15.92 73.44
N HIS M 40 9.81 -17.17 73.07
CA HIS M 40 9.02 -18.13 73.85
C HIS M 40 9.58 -18.25 75.27
N LYS M 41 10.90 -18.20 75.39
CA LYS M 41 11.53 -18.31 76.68
C LYS M 41 11.13 -17.14 77.60
N GLN M 42 10.87 -15.97 77.01
CA GLN M 42 10.37 -14.80 77.72
C GLN M 42 8.84 -14.78 77.86
N GLY M 43 8.15 -15.86 77.50
CA GLY M 43 6.72 -15.98 77.71
C GLY M 43 5.82 -15.73 76.51
N ALA M 44 6.36 -15.51 75.31
CA ALA M 44 5.53 -15.18 74.17
C ALA M 44 4.64 -16.34 73.74
N ASN M 45 3.41 -16.01 73.37
CA ASN M 45 2.42 -16.94 72.85
C ASN M 45 2.27 -16.80 71.33
N ILE M 46 2.46 -15.58 70.80
CA ILE M 46 2.40 -15.31 69.38
C ILE M 46 3.66 -14.52 68.99
N VAL M 47 4.39 -14.98 67.98
CA VAL M 47 5.65 -14.38 67.63
C VAL M 47 5.67 -13.99 66.18
N LEU M 48 6.01 -12.71 65.91
CA LEU M 48 5.99 -12.18 64.58
C LEU M 48 7.37 -11.95 63.94
N ILE M 49 7.57 -12.69 62.85
CA ILE M 49 8.73 -12.60 61.99
C ILE M 49 8.48 -11.58 60.82
N GLN M 50 9.50 -10.76 60.54
CA GLN M 50 9.52 -9.73 59.48
C GLN M 50 9.23 -10.28 58.06
N GLU M 51 8.86 -9.39 57.18
CA GLU M 51 8.49 -9.72 55.80
C GLU M 51 9.61 -10.34 54.97
N LEU M 52 9.26 -11.37 54.20
CA LEU M 52 10.18 -12.01 53.22
C LEU M 52 11.56 -12.33 53.80
N PHE M 53 11.51 -12.82 55.02
CA PHE M 53 12.69 -13.08 55.81
C PHE M 53 13.58 -14.20 55.30
N GLU M 54 13.07 -15.02 54.38
CA GLU M 54 13.89 -16.09 53.80
C GLU M 54 15.14 -15.59 53.06
N GLY M 55 15.16 -14.34 52.64
CA GLY M 55 16.30 -13.79 51.92
C GLY M 55 16.41 -12.31 51.96
N TYR M 56 17.29 -11.79 51.11
CA TYR M 56 17.40 -10.35 50.89
C TYR M 56 16.08 -9.82 50.41
N TYR M 57 15.79 -8.57 50.71
CA TYR M 57 14.65 -7.89 50.15
C TYR M 57 14.99 -7.65 48.66
N PHE M 58 14.62 -8.62 47.82
CA PHE M 58 15.10 -8.67 46.42
C PHE M 58 14.38 -7.68 45.50
N CYS M 59 13.27 -7.12 46.00
CA CYS M 59 12.45 -6.19 45.28
C CYS M 59 13.09 -4.84 44.94
N GLN M 60 14.32 -4.61 45.34
CA GLN M 60 15.06 -3.44 44.83
C GLN M 60 15.30 -3.62 43.32
N ALA M 61 15.37 -4.87 42.88
CA ALA M 61 15.57 -5.19 41.46
C ALA M 61 14.28 -5.59 40.82
N GLN M 62 14.18 -5.43 39.51
CA GLN M 62 13.05 -5.98 38.70
C GLN M 62 13.67 -7.04 37.75
N ARG M 63 13.87 -8.22 38.28
CA ARG M 63 14.57 -9.28 37.57
C ARG M 63 13.75 -10.53 37.33
N GLU M 64 13.79 -11.01 36.09
CA GLU M 64 13.17 -12.29 35.69
C GLU M 64 13.55 -13.41 36.63
N ASP M 65 14.83 -13.57 36.91
CA ASP M 65 15.25 -14.71 37.73
C ASP M 65 14.70 -14.62 39.16
N PHE M 66 14.49 -13.42 39.69
CA PHE M 66 13.98 -13.29 41.05
C PHE M 66 12.52 -13.73 41.22
N ILE M 67 11.74 -13.67 40.15
CA ILE M 67 10.37 -14.14 40.19
C ILE M 67 10.35 -15.64 40.56
N GLN M 68 11.35 -16.37 40.11
CA GLN M 68 11.41 -17.80 40.35
C GLN M 68 11.92 -18.15 41.74
N ARG M 69 12.09 -17.14 42.62
CA ARG M 69 12.22 -17.42 44.05
C ARG M 69 10.89 -17.89 44.63
N ALA M 70 9.76 -17.64 43.96
CA ALA M 70 8.45 -18.05 44.49
C ALA M 70 8.32 -19.57 44.59
N LYS M 71 7.52 -20.05 45.55
CA LYS M 71 7.22 -21.47 45.71
C LYS M 71 5.75 -21.66 46.02
N PRO M 72 5.20 -22.83 45.69
CA PRO M 72 3.82 -23.03 46.06
C PRO M 72 3.62 -22.99 47.57
N TYR M 73 2.42 -22.59 47.97
CA TYR M 73 1.93 -22.68 49.35
C TYR M 73 1.97 -24.15 49.83
N LYS M 74 1.53 -25.07 48.99
CA LYS M 74 1.51 -26.48 49.33
C LYS M 74 2.92 -27.07 49.56
N ASP M 75 3.09 -27.73 50.69
CA ASP M 75 4.35 -28.39 51.03
C ASP M 75 5.54 -27.44 50.93
N HIS M 76 5.38 -26.24 51.43
CA HIS M 76 6.46 -25.24 51.41
C HIS M 76 7.47 -25.63 52.51
N PRO M 77 8.76 -25.75 52.16
CA PRO M 77 9.71 -26.24 53.15
C PRO M 77 9.89 -25.34 54.38
N THR M 78 9.82 -24.03 54.23
CA THR M 78 9.92 -23.12 55.34
C THR M 78 8.67 -23.14 56.23
N ILE M 79 7.48 -23.15 55.64
CA ILE M 79 6.27 -23.24 56.41
C ILE M 79 6.29 -24.57 57.19
N MET M 80 6.66 -25.66 56.52
CA MET M 80 6.67 -26.98 57.18
C MET M 80 7.66 -27.08 58.38
N ARG M 81 8.83 -26.48 58.21
CA ARG M 81 9.84 -26.44 59.27
C ARG M 81 9.34 -25.60 60.44
N LEU M 82 8.77 -24.46 60.14
CA LEU M 82 8.26 -23.64 61.21
C LEU M 82 6.97 -24.21 61.86
N GLN M 83 6.19 -25.02 61.13
CA GLN M 83 5.07 -25.73 61.80
C GLN M 83 5.60 -26.66 62.94
N LYS M 84 6.73 -27.32 62.68
CA LYS M 84 7.36 -28.19 63.73
C LYS M 84 7.69 -27.38 64.95
N LEU M 85 8.26 -26.20 64.74
CA LEU M 85 8.66 -25.37 65.85
C LEU M 85 7.43 -24.82 66.63
N ALA M 86 6.41 -24.39 65.91
CA ALA M 86 5.18 -23.90 66.53
C ALA M 86 4.59 -24.95 67.47
N LYS M 87 4.58 -26.19 67.00
CA LYS M 87 4.03 -27.32 67.72
C LYS M 87 4.88 -27.63 68.94
N GLU M 88 6.19 -27.69 68.77
CA GLU M 88 7.11 -27.96 69.90
C GLU M 88 6.90 -26.95 71.03
N LEU M 89 6.83 -25.69 70.68
CA LEU M 89 6.77 -24.64 71.66
C LEU M 89 5.36 -24.15 72.07
N GLY M 90 4.30 -24.51 71.33
CA GLY M 90 2.98 -23.97 71.64
C GLY M 90 2.89 -22.49 71.35
N VAL M 91 3.41 -22.06 70.21
CA VAL M 91 3.34 -20.65 69.83
CA VAL M 91 3.41 -20.67 69.82
C VAL M 91 2.76 -20.50 68.43
N VAL M 92 2.01 -19.44 68.24
CA VAL M 92 1.47 -19.06 66.92
C VAL M 92 2.56 -18.33 66.12
N ILE M 93 2.77 -18.74 64.88
CA ILE M 93 3.84 -18.19 64.03
C ILE M 93 3.29 -17.88 62.61
N PRO M 94 3.03 -16.61 62.30
CA PRO M 94 2.70 -16.26 60.91
C PRO M 94 3.95 -16.32 60.06
N VAL M 95 3.89 -16.99 58.91
CA VAL M 95 5.07 -17.20 58.09
C VAL M 95 4.98 -16.48 56.74
N SER M 96 5.75 -15.40 56.58
CA SER M 96 5.81 -14.63 55.33
C SER M 96 6.58 -15.42 54.24
N PHE M 97 5.98 -15.55 53.03
CA PHE M 97 6.67 -16.21 51.92
C PHE M 97 6.21 -15.66 50.56
N PHE M 98 7.03 -15.89 49.53
CA PHE M 98 6.75 -15.53 48.13
C PHE M 98 6.04 -16.73 47.51
N GLU M 99 4.76 -16.55 47.19
CA GLU M 99 3.92 -17.63 46.72
C GLU M 99 3.82 -17.67 45.20
N GLU M 100 3.98 -18.87 44.64
CA GLU M 100 3.61 -19.21 43.27
C GLU M 100 2.27 -19.97 43.27
N ALA M 101 1.34 -19.58 42.41
CA ALA M 101 0.04 -20.25 42.32
C ALA M 101 -0.34 -20.29 40.82
N ASN M 102 0.13 -21.36 40.18
CA ASN M 102 0.11 -21.54 38.74
C ASN M 102 0.82 -20.33 38.15
N ASN M 103 0.18 -19.50 37.36
CA ASN M 103 0.89 -18.33 36.81
C ASN M 103 0.74 -17.06 37.65
N ALA M 104 -0.07 -17.10 38.70
CA ALA M 104 -0.14 -15.98 39.62
C ALA M 104 1.00 -16.05 40.66
N HIS M 105 1.39 -14.90 41.19
CA HIS M 105 2.34 -14.82 42.24
C HIS M 105 1.88 -13.83 43.28
N TYR M 106 2.20 -14.12 44.51
CA TYR M 106 1.71 -13.26 45.60
C TYR M 106 2.72 -13.12 46.70
N ASN M 107 2.61 -12.03 47.42
CA ASN M 107 3.37 -11.81 48.66
C ASN M 107 2.41 -12.30 49.78
N SER M 108 2.72 -13.44 50.38
CA SER M 108 1.75 -14.15 51.20
C SER M 108 2.23 -14.47 52.63
N ILE M 109 1.29 -14.88 53.45
CA ILE M 109 1.59 -15.25 54.83
C ILE M 109 0.65 -16.39 55.25
N ALA M 110 1.23 -17.47 55.80
CA ALA M 110 0.51 -18.61 56.30
C ALA M 110 0.49 -18.48 57.83
N ILE M 111 -0.67 -18.68 58.44
CA ILE M 111 -0.83 -18.51 59.85
C ILE M 111 -0.74 -19.88 60.53
N ILE M 112 0.36 -20.13 61.25
CA ILE M 112 0.51 -21.40 61.93
C ILE M 112 0.02 -21.32 63.38
N ASP M 113 -0.92 -22.19 63.76
CA ASP M 113 -1.46 -22.19 65.10
C ASP M 113 -0.50 -22.84 66.09
N ALA M 114 -0.78 -22.66 67.38
CA ALA M 114 0.07 -23.18 68.46
C ALA M 114 0.16 -24.70 68.55
N ASP M 115 -0.74 -25.43 67.87
CA ASP M 115 -0.62 -26.91 67.79
C ASP M 115 0.07 -27.29 66.47
N GLY M 116 0.62 -26.31 65.75
CA GLY M 116 1.25 -26.61 64.44
C GLY M 116 0.31 -26.64 63.24
N THR M 117 -0.99 -26.46 63.45
CA THR M 117 -1.93 -26.44 62.32
C THR M 117 -1.79 -25.21 61.41
N ASP M 118 -1.74 -25.47 60.11
CA ASP M 118 -1.72 -24.41 59.06
C ASP M 118 -3.16 -23.94 58.92
N LEU M 119 -3.49 -22.80 59.51
CA LEU M 119 -4.85 -22.27 59.50
C LEU M 119 -5.25 -21.60 58.17
N GLY M 120 -4.30 -21.35 57.28
CA GLY M 120 -4.64 -20.73 56.01
C GLY M 120 -3.75 -19.54 55.68
N ILE M 121 -4.10 -18.85 54.61
CA ILE M 121 -3.25 -17.87 54.02
C ILE M 121 -3.92 -16.49 53.82
N TYR M 122 -3.14 -15.43 53.91
CA TYR M 122 -3.54 -14.13 53.49
C TYR M 122 -2.54 -13.70 52.39
N ARG M 123 -3.06 -13.09 51.34
CA ARG M 123 -2.25 -12.57 50.22
C ARG M 123 -2.25 -11.05 50.24
N LYS M 124 -1.05 -10.48 50.27
CA LYS M 124 -0.89 -9.02 50.34
C LYS M 124 -1.75 -8.29 49.34
N SER M 125 -2.54 -7.33 49.83
CA SER M 125 -3.56 -6.61 49.04
C SER M 125 -3.04 -5.37 48.36
N HIS M 126 -2.33 -4.55 49.12
CA HIS M 126 -1.78 -3.28 48.63
C HIS M 126 -0.31 -3.48 48.30
N ILE M 127 0.06 -3.30 47.05
CA ILE M 127 1.41 -3.58 46.59
C ILE M 127 2.20 -2.31 46.30
N PRO M 128 3.30 -2.07 47.03
CA PRO M 128 4.05 -0.83 46.84
C PRO M 128 4.91 -0.82 45.54
N ASP M 129 5.41 0.34 45.20
CA ASP M 129 6.19 0.53 43.99
C ASP M 129 7.14 1.72 44.14
N GLY M 130 8.12 1.79 43.28
CA GLY M 130 9.09 2.87 43.27
C GLY M 130 10.47 2.37 43.59
N PRO M 131 11.49 3.23 43.42
CA PRO M 131 12.89 2.79 43.63
C PRO M 131 13.09 2.15 44.97
N GLY M 132 13.74 0.98 44.97
CA GLY M 132 13.93 0.22 46.19
C GLY M 132 12.88 -0.81 46.54
N TYR M 133 11.65 -0.59 46.08
CA TYR M 133 10.50 -1.33 46.56
C TYR M 133 9.56 -1.67 45.37
N GLU M 134 10.14 -2.33 44.38
CA GLU M 134 9.49 -2.60 43.13
C GLU M 134 8.60 -3.85 43.24
N GLU M 135 7.72 -3.88 44.22
CA GLU M 135 6.91 -5.07 44.45
C GLU M 135 5.86 -5.30 43.38
N LYS M 136 5.37 -4.23 42.78
CA LYS M 136 4.34 -4.39 41.75
C LYS M 136 4.82 -5.22 40.53
N PHE M 137 6.14 -5.33 40.32
CA PHE M 137 6.71 -6.18 39.27
C PHE M 137 6.58 -7.67 39.59
N TYR M 138 6.56 -8.03 40.87
CA TYR M 138 6.60 -9.41 41.33
C TYR M 138 5.22 -10.01 41.69
N PHE M 139 4.34 -9.19 42.28
CA PHE M 139 3.15 -9.75 42.90
C PHE M 139 1.82 -9.30 42.32
N ASN M 140 0.95 -10.26 41.98
CA ASN M 140 -0.42 -9.95 41.72
C ASN M 140 -0.96 -9.31 42.99
N PRO M 141 -1.80 -8.28 42.85
CA PRO M 141 -2.51 -7.80 44.04
C PRO M 141 -3.33 -8.93 44.63
N GLY M 142 -3.28 -9.05 45.93
CA GLY M 142 -3.88 -10.16 46.64
C GLY M 142 -5.35 -10.25 46.41
N ASP M 143 -5.83 -11.47 46.38
CA ASP M 143 -7.24 -11.76 46.15
C ASP M 143 -7.92 -12.54 47.28
N THR M 144 -7.30 -12.66 48.45
CA THR M 144 -8.01 -13.27 49.60
C THR M 144 -8.94 -12.30 50.29
N GLY M 145 -8.64 -10.99 50.18
CA GLY M 145 -9.29 -9.99 51.00
C GLY M 145 -8.69 -10.04 52.38
N PHE M 146 -9.12 -9.16 53.25
CA PHE M 146 -8.59 -9.10 54.59
C PHE M 146 -9.21 -10.19 55.44
N LYS M 147 -8.39 -10.86 56.23
CA LYS M 147 -8.84 -12.04 56.98
C LYS M 147 -8.50 -11.94 58.44
N VAL M 148 -9.25 -12.70 59.25
CA VAL M 148 -8.89 -12.91 60.64
C VAL M 148 -8.77 -14.41 60.89
N PHE M 149 -7.94 -14.80 61.85
CA PHE M 149 -7.68 -16.23 62.10
C PHE M 149 -7.89 -16.48 63.56
N GLN M 150 -8.70 -17.50 63.85
CA GLN M 150 -8.90 -17.98 65.21
C GLN M 150 -7.73 -18.85 65.63
N THR M 151 -6.89 -18.38 66.52
CA THR M 151 -5.77 -19.16 67.02
C THR M 151 -6.15 -19.67 68.40
N LYS M 152 -5.27 -20.45 69.02
CA LYS M 152 -5.49 -20.93 70.39
C LYS M 152 -5.57 -19.82 71.42
N TYR M 153 -4.91 -18.69 71.18
CA TYR M 153 -4.84 -17.63 72.17
C TYR M 153 -5.70 -16.43 71.86
N ALA M 154 -6.06 -16.22 70.59
CA ALA M 154 -6.80 -15.02 70.20
C ALA M 154 -7.23 -15.10 68.74
N LYS M 155 -8.24 -14.30 68.38
CA LYS M 155 -8.52 -14.04 66.98
C LYS M 155 -7.59 -12.93 66.53
N ILE M 156 -6.82 -13.17 65.47
CA ILE M 156 -5.81 -12.21 65.05
C ILE M 156 -6.04 -11.78 63.60
N GLY M 157 -5.61 -10.56 63.30
CA GLY M 157 -5.57 -10.03 61.98
C GLY M 157 -4.11 -9.81 61.56
N VAL M 158 -3.74 -10.43 60.46
CA VAL M 158 -2.39 -10.35 59.92
C VAL M 158 -2.46 -9.79 58.52
N ALA M 159 -1.72 -8.73 58.28
CA ALA M 159 -1.56 -8.23 56.92
C ALA M 159 -0.09 -7.98 56.72
N ILE M 160 0.32 -7.48 55.54
CA ILE M 160 1.73 -7.50 55.20
C ILE M 160 2.23 -6.12 54.83
N CYS M 161 3.35 -5.73 55.45
CA CYS M 161 4.12 -4.50 55.14
C CYS M 161 3.26 -3.33 54.61
N TRP M 162 3.30 -3.00 53.30
CA TRP M 162 2.60 -1.79 52.80
C TRP M 162 1.10 -1.74 53.19
N ASP M 163 0.46 -2.89 53.38
CA ASP M 163 -0.91 -2.92 53.91
C ASP M 163 -1.06 -2.05 55.19
N GLN M 164 0.02 -1.88 55.95
CA GLN M 164 -0.01 -1.20 57.22
C GLN M 164 -0.25 0.30 57.08
N TRP M 165 -0.13 0.84 55.87
CA TRP M 165 -0.39 2.25 55.65
C TRP M 165 -1.90 2.53 55.47
N PHE M 166 -2.72 1.47 55.36
CA PHE M 166 -4.11 1.62 54.94
C PHE M 166 -5.09 1.46 56.06
N PRO M 167 -5.77 2.57 56.48
CA PRO M 167 -6.78 2.38 57.55
C PRO M 167 -7.82 1.34 57.25
N GLU M 168 -8.12 1.16 55.95
CA GLU M 168 -9.19 0.23 55.52
C GLU M 168 -8.88 -1.21 55.91
N ALA M 169 -7.61 -1.59 55.83
CA ALA M 169 -7.22 -2.95 56.18
C ALA M 169 -7.35 -3.24 57.65
N ALA M 170 -6.89 -2.28 58.48
CA ALA M 170 -7.00 -2.44 59.93
C ALA M 170 -8.47 -2.50 60.36
N ARG M 171 -9.30 -1.57 59.85
CA ARG M 171 -10.71 -1.57 60.10
C ARG M 171 -11.40 -2.86 59.64
N ALA M 172 -11.08 -3.31 58.43
CA ALA M 172 -11.63 -4.57 57.89
C ALA M 172 -11.35 -5.76 58.82
N MET M 173 -10.13 -5.83 59.37
CA MET M 173 -9.79 -6.91 60.29
C MET M 173 -10.51 -6.76 61.64
N ALA M 174 -10.52 -5.55 62.17
CA ALA M 174 -11.19 -5.30 63.44
C ALA M 174 -12.70 -5.58 63.36
N LEU M 175 -13.33 -5.22 62.25
CA LEU M 175 -14.76 -5.48 62.09
C LEU M 175 -15.09 -6.95 62.10
N GLN M 176 -14.14 -7.75 61.66
CA GLN M 176 -14.32 -9.21 61.65
C GLN M 176 -13.87 -9.88 62.95
N GLY M 177 -13.55 -9.10 63.99
CA GLY M 177 -13.22 -9.66 65.32
C GLY M 177 -11.78 -9.76 65.68
N ALA M 178 -10.87 -9.21 64.84
CA ALA M 178 -9.43 -9.25 65.19
C ALA M 178 -9.20 -8.58 66.53
N GLU M 179 -8.45 -9.24 67.39
CA GLU M 179 -8.17 -8.73 68.72
C GLU M 179 -6.78 -8.12 68.82
N ILE M 180 -5.91 -8.47 67.88
CA ILE M 180 -4.54 -7.97 67.79
C ILE M 180 -4.23 -7.95 66.29
N LEU M 181 -3.53 -6.92 65.82
CA LEU M 181 -3.12 -6.78 64.43
C LEU M 181 -1.61 -6.97 64.36
N PHE M 182 -1.17 -7.65 63.29
CA PHE M 182 0.23 -7.97 63.08
C PHE M 182 0.63 -7.58 61.65
N TYR M 183 1.78 -6.93 61.53
CA TYR M 183 2.31 -6.51 60.23
C TYR M 183 3.81 -6.75 60.11
N PRO M 184 4.20 -7.90 59.51
CA PRO M 184 5.62 -8.07 59.13
C PRO M 184 6.00 -7.06 58.06
N THR M 185 7.18 -6.48 58.17
CA THR M 185 7.56 -5.33 57.40
C THR M 185 8.98 -5.43 56.85
N ALA M 186 9.23 -4.72 55.77
CA ALA M 186 10.57 -4.44 55.26
C ALA M 186 10.60 -3.00 54.76
N ILE M 187 11.10 -2.08 55.59
CA ILE M 187 11.16 -0.69 55.24
C ILE M 187 12.39 0.00 55.82
N GLY M 188 12.96 0.88 55.01
CA GLY M 188 14.21 1.59 55.30
C GLY M 188 14.37 2.82 54.43
N SER M 189 15.63 3.20 54.18
CA SER M 189 15.95 4.24 53.25
C SER M 189 15.46 3.90 51.80
N GLU M 190 15.48 4.89 50.92
CA GLU M 190 15.10 4.72 49.54
C GLU M 190 16.32 5.10 48.70
N PRO M 191 16.71 4.23 47.76
CA PRO M 191 18.02 4.36 47.11
C PRO M 191 18.18 5.55 46.22
N HIS M 192 17.07 6.11 45.76
CA HIS M 192 17.14 7.24 44.85
C HIS M 192 17.20 8.60 45.51
N ASP M 193 16.92 8.66 46.81
CA ASP M 193 16.85 9.92 47.53
C ASP M 193 17.15 9.71 49.02
N GLN M 194 18.36 10.09 49.40
CA GLN M 194 18.86 9.87 50.74
C GLN M 194 18.15 10.74 51.76
N SER M 195 17.42 11.76 51.31
CA SER M 195 16.74 12.66 52.23
C SER M 195 15.41 12.07 52.75
N ILE M 196 14.93 10.96 52.17
CA ILE M 196 13.70 10.36 52.63
C ILE M 196 13.93 9.54 53.89
N ASP M 197 13.23 9.91 54.95
CA ASP M 197 13.28 9.18 56.22
C ASP M 197 11.85 9.00 56.73
N SER M 198 11.29 7.83 56.45
CA SER M 198 9.89 7.60 56.67
C SER M 198 9.51 7.02 58.03
N ARG M 199 10.49 6.76 58.89
CA ARG M 199 10.22 5.96 60.13
C ARG M 199 9.16 6.56 61.08
N ASP M 200 9.20 7.89 61.30
CA ASP M 200 8.23 8.54 62.20
C ASP M 200 6.81 8.49 61.58
N HIS M 201 6.74 8.74 60.28
CA HIS M 201 5.48 8.70 59.52
C HIS M 201 4.85 7.28 59.60
N TRP M 202 5.70 6.27 59.38
CA TRP M 202 5.32 4.86 59.42
C TRP M 202 4.71 4.50 60.76
N LYS M 203 5.41 4.87 61.83
CA LYS M 203 4.90 4.60 63.16
C LYS M 203 3.57 5.29 63.41
N ARG M 204 3.47 6.58 63.08
CA ARG M 204 2.25 7.35 63.39
C ARG M 204 1.01 6.76 62.70
N VAL M 205 1.17 6.31 61.48
CA VAL M 205 0.03 5.77 60.75
C VAL M 205 -0.52 4.49 61.44
N MET M 206 0.38 3.61 61.87
CA MET M 206 -0.03 2.37 62.58
C MET M 206 -0.58 2.64 63.96
N GLN M 207 0.04 3.56 64.69
CA GLN M 207 -0.51 3.97 65.98
C GLN M 207 -1.94 4.47 65.81
N GLY M 208 -2.18 5.16 64.69
CA GLY M 208 -3.49 5.58 64.32
C GLY M 208 -4.47 4.43 64.19
N HIS M 209 -4.08 3.37 63.51
CA HIS M 209 -4.94 2.19 63.40
C HIS M 209 -5.24 1.53 64.76
N ALA M 210 -4.21 1.39 65.59
CA ALA M 210 -4.38 0.77 66.89
C ALA M 210 -5.39 1.59 67.72
N GLY M 211 -5.19 2.90 67.72
CA GLY M 211 -6.06 3.82 68.43
C GLY M 211 -7.47 3.92 67.91
N ALA M 212 -7.62 3.81 66.61
CA ALA M 212 -8.93 4.02 66.00
C ALA M 212 -9.81 2.79 66.14
N ASN M 213 -9.18 1.63 66.23
CA ASN M 213 -9.90 0.34 66.37
C ASN M 213 -9.86 -0.22 67.81
N LEU M 214 -9.08 0.44 68.69
CA LEU M 214 -8.86 -0.04 70.06
C LEU M 214 -8.43 -1.52 70.13
N VAL M 215 -7.38 -1.80 69.39
CA VAL M 215 -6.74 -3.08 69.43
C VAL M 215 -5.22 -2.89 69.48
N PRO M 216 -4.49 -3.80 70.17
CA PRO M 216 -3.04 -3.74 70.06
C PRO M 216 -2.53 -4.11 68.64
N LEU M 217 -1.29 -3.74 68.34
CA LEU M 217 -0.71 -3.89 67.01
C LEU M 217 0.77 -4.18 67.16
N VAL M 218 1.25 -5.07 66.31
CA VAL M 218 2.64 -5.56 66.35
C VAL M 218 3.24 -5.38 64.99
N ALA M 219 4.39 -4.72 64.93
CA ALA M 219 5.12 -4.51 63.69
C ALA M 219 6.59 -4.95 63.84
N SER M 220 6.99 -5.87 62.97
CA SER M 220 8.31 -6.45 62.95
C SER M 220 9.00 -6.05 61.67
N ASN M 221 10.09 -5.29 61.80
CA ASN M 221 10.82 -4.78 60.64
C ASN M 221 12.24 -5.24 60.67
N ARG M 222 12.79 -5.33 59.48
CA ARG M 222 14.16 -5.69 59.23
C ARG M 222 15.18 -4.61 59.67
N ILE M 223 16.41 -5.06 59.93
CA ILE M 223 17.59 -4.18 60.10
C ILE M 223 18.68 -4.58 59.09
N GLY M 224 19.75 -3.79 59.04
CA GLY M 224 20.91 -4.06 58.20
C GLY M 224 20.87 -3.36 56.85
N ASN M 225 22.04 -3.21 56.26
CA ASN M 225 22.18 -2.69 54.91
C ASN M 225 22.15 -3.82 53.91
N GLU M 226 21.42 -3.68 52.81
CA GLU M 226 21.43 -4.69 51.73
C GLU M 226 21.71 -4.03 50.43
N ILE M 227 22.64 -4.65 49.69
CA ILE M 227 23.05 -4.16 48.40
C ILE M 227 22.66 -5.23 47.38
N ILE M 228 21.83 -4.83 46.44
CA ILE M 228 21.33 -5.71 45.41
C ILE M 228 21.84 -5.27 44.03
N GLU M 229 22.27 -6.23 43.19
CA GLU M 229 22.55 -5.94 41.80
C GLU M 229 21.21 -5.89 41.05
N THR M 230 20.86 -4.72 40.55
CA THR M 230 19.67 -4.55 39.76
C THR M 230 20.07 -4.40 38.33
N GLU M 231 19.05 -4.40 37.50
CA GLU M 231 19.20 -4.23 36.06
C GLU M 231 19.94 -3.04 35.65
N HIS M 232 20.06 -2.04 36.55
CA HIS M 232 20.77 -0.81 36.29
C HIS M 232 21.96 -0.61 37.27
N GLY M 233 22.39 -1.69 37.93
CA GLY M 233 23.56 -1.62 38.81
C GLY M 233 23.17 -1.75 40.26
N LYS M 234 24.08 -1.37 41.13
CA LYS M 234 23.85 -1.53 42.57
C LYS M 234 22.80 -0.62 43.13
N SER M 235 22.01 -1.15 44.05
CA SER M 235 21.03 -0.42 44.78
C SER M 235 21.09 -0.87 46.22
N GLU M 236 21.02 0.10 47.13
CA GLU M 236 21.21 -0.15 48.53
C GLU M 236 20.11 0.42 49.39
N ILE M 237 19.65 -0.39 50.35
CA ILE M 237 18.72 0.06 51.38
C ILE M 237 19.36 -0.20 52.78
N LYS M 238 19.31 0.80 53.64
CA LYS M 238 19.56 0.59 55.07
C LYS M 238 18.18 0.43 55.71
N PHE M 239 17.85 -0.79 56.13
CA PHE M 239 16.55 -1.06 56.80
C PHE M 239 16.62 -0.46 58.19
N TYR M 240 15.54 0.19 58.62
CA TYR M 240 15.69 0.97 59.83
C TYR M 240 15.09 0.44 61.12
N GLY M 241 14.79 -0.87 61.15
CA GLY M 241 14.27 -1.47 62.38
C GLY M 241 13.07 -0.72 62.93
N ASN M 242 13.17 -0.24 64.17
CA ASN M 242 12.06 0.41 64.85
C ASN M 242 10.82 -0.48 64.95
N SER M 243 11.04 -1.82 65.02
CA SER M 243 9.97 -2.76 65.32
C SER M 243 9.34 -2.30 66.62
N PHE M 244 8.04 -2.47 66.77
CA PHE M 244 7.35 -1.99 67.95
C PHE M 244 6.08 -2.73 68.21
N ILE M 245 5.58 -2.55 69.41
CA ILE M 245 4.29 -3.10 69.83
C ILE M 245 3.55 -1.90 70.42
N ALA M 246 2.32 -1.65 69.94
CA ALA M 246 1.48 -0.56 70.41
C ALA M 246 0.23 -1.11 71.08
N GLY M 247 -0.20 -0.43 72.14
CA GLY M 247 -1.44 -0.78 72.83
C GLY M 247 -2.66 -0.22 72.13
N PRO M 248 -3.86 -0.43 72.71
CA PRO M 248 -5.08 -0.05 72.06
C PRO M 248 -5.45 1.44 72.06
N THR M 249 -4.66 2.30 72.68
CA THR M 249 -4.84 3.76 72.46
C THR M 249 -3.75 4.27 71.52
N GLY M 250 -3.00 3.35 70.91
CA GLY M 250 -1.87 3.68 70.04
C GLY M 250 -0.53 4.01 70.71
N GLU M 251 -0.50 3.89 72.02
CA GLU M 251 0.73 4.12 72.80
C GLU M 251 1.76 3.03 72.50
N ILE M 252 3.01 3.42 72.25
CA ILE M 252 4.11 2.45 72.06
C ILE M 252 4.46 1.86 73.42
N VAL M 253 4.33 0.54 73.56
CA VAL M 253 4.68 -0.11 74.83
CA VAL M 253 4.62 -0.21 74.77
C VAL M 253 6.05 -0.74 74.75
N SER M 254 6.53 -1.05 73.56
CA SER M 254 7.84 -1.59 73.37
C SER M 254 8.39 -1.20 71.97
N ILE M 255 9.67 -0.84 71.89
CA ILE M 255 10.24 -0.45 70.65
C ILE M 255 11.76 -0.74 70.58
N ALA M 256 12.22 -1.12 69.39
CA ALA M 256 13.63 -1.39 69.17
C ALA M 256 14.24 -0.19 68.46
N ASP M 257 15.56 -0.08 68.50
CA ASP M 257 16.21 1.00 67.74
C ASP M 257 16.38 0.59 66.27
N ASP M 258 17.24 1.30 65.53
CA ASP M 258 17.35 1.07 64.09
C ASP M 258 18.46 0.12 63.65
N LYS M 259 19.13 -0.51 64.60
CA LYS M 259 20.24 -1.39 64.24
C LYS M 259 20.40 -2.66 65.09
N GLU M 260 19.80 -2.74 66.26
CA GLU M 260 19.95 -3.89 67.15
C GLU M 260 19.07 -5.04 66.71
N GLU M 261 19.55 -6.25 66.83
CA GLU M 261 18.68 -7.43 66.75
C GLU M 261 17.82 -7.37 68.03
N ALA M 262 16.53 -7.64 67.95
CA ALA M 262 15.66 -7.49 69.11
C ALA M 262 14.58 -8.55 69.18
N VAL M 263 14.19 -8.82 70.42
CA VAL M 263 13.02 -9.58 70.77
C VAL M 263 12.19 -8.66 71.68
N LEU M 264 11.05 -8.18 71.21
CA LEU M 264 10.18 -7.32 71.98
C LEU M 264 9.03 -8.14 72.52
N ILE M 265 8.61 -7.86 73.76
CA ILE M 265 7.58 -8.66 74.48
C ILE M 265 6.57 -7.73 75.12
N ALA M 266 5.27 -8.05 74.99
CA ALA M 266 4.22 -7.30 75.66
C ALA M 266 3.03 -8.20 75.94
N GLU M 267 2.47 -8.07 77.12
CA GLU M 267 1.27 -8.83 77.53
C GLU M 267 0.03 -7.93 77.45
N PHE M 268 -1.06 -8.45 76.92
CA PHE M 268 -2.31 -7.73 76.82
C PHE M 268 -3.46 -8.56 77.42
N ASN M 269 -4.37 -7.87 78.09
CA ASN M 269 -5.55 -8.52 78.65
C ASN M 269 -6.68 -8.29 77.65
N LEU M 270 -6.95 -9.32 76.84
CA LEU M 270 -7.90 -9.24 75.75
C LEU M 270 -9.36 -9.00 76.19
N ASP M 271 -9.72 -9.43 77.40
CA ASP M 271 -11.07 -9.17 77.91
C ASP M 271 -11.22 -7.72 78.37
N LYS M 272 -10.24 -7.20 79.07
CA LYS M 272 -10.27 -5.78 79.42
C LYS M 272 -10.27 -4.90 78.20
N ILE M 273 -9.45 -5.23 77.21
CA ILE M 273 -9.33 -4.40 76.05
C ILE M 273 -10.64 -4.47 75.25
N LYS M 274 -11.22 -5.66 75.14
CA LYS M 274 -12.51 -5.80 74.48
C LYS M 274 -13.57 -4.89 75.12
N SER M 275 -13.61 -4.90 76.44
CA SER M 275 -14.55 -4.06 77.18
C SER M 275 -14.31 -2.53 76.91
N MET M 276 -13.03 -2.16 76.82
CA MET M 276 -12.63 -0.75 76.61
C MET M 276 -13.01 -0.36 75.20
N ARG M 277 -12.73 -1.25 74.26
CA ARG M 277 -13.10 -1.02 72.89
C ARG M 277 -14.60 -0.77 72.69
N HIS M 278 -15.43 -1.59 73.31
CA HIS M 278 -16.87 -1.42 73.17
C HIS M 278 -17.39 -0.21 73.90
N CYS M 279 -16.85 0.10 75.07
CA CYS M 279 -17.30 1.26 75.82
CA CYS M 279 -17.41 1.25 75.77
C CYS M 279 -16.95 2.57 75.11
N TRP M 280 -15.82 2.58 74.39
CA TRP M 280 -15.37 3.85 73.73
C TRP M 280 -16.40 4.23 72.69
N GLY M 281 -17.01 3.22 72.07
CA GLY M 281 -18.20 3.43 71.29
C GLY M 281 -18.03 3.55 69.78
N VAL M 282 -16.80 3.61 69.27
CA VAL M 282 -16.62 3.85 67.85
C VAL M 282 -17.36 2.81 66.96
N PHE M 283 -17.28 1.53 67.31
CA PHE M 283 -18.00 0.51 66.51
C PHE M 283 -19.52 0.60 66.56
N ARG M 284 -19.99 1.17 67.64
CA ARG M 284 -21.43 1.46 67.84
C ARG M 284 -21.91 2.62 66.90
N ASP M 285 -20.99 3.52 66.58
CA ASP M 285 -21.34 4.81 65.96
C ASP M 285 -20.96 4.91 64.49
N ARG M 286 -20.35 3.85 63.93
CA ARG M 286 -19.95 3.85 62.53
C ARG M 286 -21.18 4.05 61.64
N ARG M 287 -20.92 4.63 60.46
CA ARG M 287 -21.93 5.04 59.51
C ARG M 287 -21.67 4.45 58.10
N PRO M 288 -21.77 3.11 57.97
CA PRO M 288 -21.55 2.45 56.69
C PRO M 288 -22.49 2.95 55.61
N ASP M 289 -23.66 3.46 55.97
CA ASP M 289 -24.49 4.09 54.96
C ASP M 289 -23.83 5.31 54.26
N LEU M 290 -22.78 5.88 54.85
CA LEU M 290 -22.13 7.06 54.29
C LEU M 290 -20.75 6.73 53.78
N TYR M 291 -20.38 5.44 53.75
CA TYR M 291 -19.02 5.08 53.40
C TYR M 291 -18.85 4.58 51.96
N LYS M 292 -19.88 4.73 51.12
CA LYS M 292 -19.78 4.16 49.79
C LYS M 292 -18.66 4.82 48.93
N VAL M 293 -18.32 6.09 49.22
CA VAL M 293 -17.22 6.74 48.50
C VAL M 293 -15.89 5.98 48.67
N LEU M 294 -15.75 5.18 49.73
CA LEU M 294 -14.55 4.39 49.96
C LEU M 294 -14.36 3.26 48.94
N LEU M 295 -15.42 2.92 48.23
CA LEU M 295 -15.39 1.94 47.18
C LEU M 295 -15.07 2.60 45.80
N THR M 296 -14.63 3.85 45.82
CA THR M 296 -14.09 4.56 44.65
C THR M 296 -12.59 4.72 44.83
N LEU M 297 -11.89 4.92 43.74
CA LEU M 297 -10.49 5.39 43.79
C LEU M 297 -10.39 6.93 43.66
N ASP M 298 -11.28 7.47 42.87
CA ASP M 298 -11.27 8.86 42.41
C ASP M 298 -12.27 9.78 43.13
N GLY M 299 -12.92 9.25 44.17
CA GLY M 299 -13.88 10.04 44.94
C GLY M 299 -15.25 10.17 44.31
N LYS M 300 -15.47 9.59 43.13
CA LYS M 300 -16.77 9.67 42.44
C LYS M 300 -17.30 8.34 41.87
N ASN M 301 -16.46 7.58 41.19
CA ASN M 301 -16.89 6.39 40.40
C ASN M 301 -16.64 5.11 41.18
N PRO M 302 -17.71 4.38 41.56
CA PRO M 302 -17.51 3.10 42.24
C PRO M 302 -16.79 2.14 41.33
N VAL M 303 -15.88 1.38 41.88
CA VAL M 303 -15.22 0.35 41.06
C VAL M 303 -16.19 -0.80 40.80
N LEU M 304 -15.90 -1.54 39.74
CA LEU M 304 -16.71 -2.70 39.35
C LEU M 304 -16.41 -3.87 40.34
N ASP N 7 10.32 29.51 47.61
CA ASP N 7 10.10 28.04 47.48
C ASP N 7 8.67 27.79 46.93
N LYS N 8 8.61 27.41 45.65
CA LYS N 8 7.43 27.58 44.82
C LYS N 8 6.20 26.73 45.17
N GLY N 9 5.02 27.34 44.93
CA GLY N 9 3.75 26.68 45.04
C GLY N 9 2.73 27.47 45.84
N ARG N 10 1.51 27.04 45.71
CA ARG N 10 0.39 27.67 46.39
C ARG N 10 0.47 27.46 47.90
N LYS N 11 0.44 28.54 48.65
CA LYS N 11 0.56 28.48 50.09
C LYS N 11 -0.73 28.88 50.77
N VAL N 12 -1.00 28.24 51.89
CA VAL N 12 -2.17 28.56 52.70
CA VAL N 12 -2.16 28.56 52.69
C VAL N 12 -1.75 28.56 54.15
N VAL N 13 -2.20 29.55 54.89
CA VAL N 13 -1.88 29.65 56.31
C VAL N 13 -3.20 29.29 57.03
N VAL N 14 -3.13 28.29 57.89
CA VAL N 14 -4.27 27.88 58.66
C VAL N 14 -4.05 28.15 60.15
N SER N 15 -5.17 28.22 60.86
CA SER N 15 -5.20 28.55 62.27
C SER N 15 -6.27 27.74 63.05
N ALA N 16 -5.84 27.31 64.24
CA ALA N 16 -6.69 26.71 65.22
C ALA N 16 -6.81 27.69 66.36
N LEU N 17 -8.02 27.89 66.83
CA LEU N 17 -8.28 28.74 67.99
C LEU N 17 -8.68 27.86 69.18
N GLN N 18 -8.43 28.34 70.39
CA GLN N 18 -8.74 27.64 71.62
C GLN N 18 -9.13 28.65 72.67
N PHE N 19 -10.36 28.55 73.17
CA PHE N 19 -10.86 29.50 74.19
C PHE N 19 -11.96 28.90 75.08
N ALA N 20 -12.29 29.64 76.12
CA ALA N 20 -13.31 29.25 77.09
C ALA N 20 -14.63 29.93 76.77
N CYS N 21 -15.72 29.22 77.06
CA CYS N 21 -17.05 29.71 76.79
C CYS N 21 -17.86 29.96 78.03
N THR N 22 -18.66 31.01 77.98
CA THR N 22 -19.72 31.19 78.95
C THR N 22 -20.96 30.57 78.30
N ASP N 23 -22.14 30.81 78.87
CA ASP N 23 -23.34 30.32 78.25
C ASP N 23 -24.17 31.48 77.64
N ASP N 24 -23.49 32.59 77.34
CA ASP N 24 -24.08 33.75 76.68
CA ASP N 24 -24.11 33.73 76.69
C ASP N 24 -23.56 33.83 75.24
N VAL N 25 -24.44 33.74 74.25
CA VAL N 25 -24.01 33.73 72.85
CA VAL N 25 -23.98 33.73 72.85
C VAL N 25 -23.22 34.98 72.46
N SER N 26 -23.71 36.15 72.84
CA SER N 26 -23.03 37.40 72.49
C SER N 26 -21.62 37.41 73.05
N THR N 27 -21.43 36.96 74.28
CA THR N 27 -20.07 36.93 74.85
C THR N 27 -19.14 36.01 74.01
N ASN N 28 -19.62 34.82 73.69
CA ASN N 28 -18.82 33.83 72.98
C ASN N 28 -18.51 34.23 71.55
N VAL N 29 -19.46 34.87 70.87
CA VAL N 29 -19.23 35.32 69.51
C VAL N 29 -18.21 36.45 69.52
N THR N 30 -18.27 37.33 70.54
CA THR N 30 -17.30 38.38 70.71
C THR N 30 -15.89 37.78 70.91
N THR N 31 -15.78 36.73 71.72
CA THR N 31 -14.51 36.03 71.92
C THR N 31 -14.00 35.46 70.57
N ALA N 32 -14.86 34.76 69.85
CA ALA N 32 -14.50 34.19 68.57
C ALA N 32 -13.96 35.27 67.62
N GLU N 33 -14.70 36.37 67.51
CA GLU N 33 -14.32 37.44 66.63
C GLU N 33 -12.92 38.01 67.00
N ARG N 34 -12.69 38.24 68.29
CA ARG N 34 -11.41 38.74 68.78
C ARG N 34 -10.29 37.79 68.34
N LEU N 35 -10.50 36.49 68.48
CA LEU N 35 -9.45 35.57 68.15
C LEU N 35 -9.27 35.34 66.61
N VAL N 36 -10.36 35.42 65.84
CA VAL N 36 -10.24 35.37 64.37
C VAL N 36 -9.42 36.57 63.88
N ARG N 37 -9.68 37.76 64.46
CA ARG N 37 -8.91 38.96 64.10
C ARG N 37 -7.44 38.77 64.46
N ALA N 38 -7.19 38.21 65.62
CA ALA N 38 -5.81 37.90 66.03
C ALA N 38 -5.14 36.92 65.04
N ALA N 39 -5.85 35.91 64.59
CA ALA N 39 -5.27 34.94 63.65
C ALA N 39 -4.99 35.59 62.30
N HIS N 40 -5.96 36.42 61.86
CA HIS N 40 -5.81 37.17 60.62
C HIS N 40 -4.58 38.08 60.68
N LYS N 41 -4.37 38.73 61.80
CA LYS N 41 -3.24 39.62 61.95
C LYS N 41 -1.93 38.86 61.82
N GLN N 42 -1.92 37.61 62.24
CA GLN N 42 -0.76 36.75 62.12
C GLN N 42 -0.65 36.02 60.78
N GLY N 43 -1.48 36.36 59.78
CA GLY N 43 -1.41 35.75 58.46
C GLY N 43 -2.39 34.64 58.07
N ALA N 44 -3.26 34.23 58.97
CA ALA N 44 -4.21 33.15 58.66
C ALA N 44 -5.11 33.46 57.47
N ASN N 45 -5.34 32.43 56.66
CA ASN N 45 -6.24 32.45 55.54
C ASN N 45 -7.52 31.66 55.90
N ILE N 46 -7.38 30.64 56.71
CA ILE N 46 -8.50 29.80 57.14
C ILE N 46 -8.38 29.67 58.65
N VAL N 47 -9.46 29.97 59.37
CA VAL N 47 -9.46 30.01 60.83
C VAL N 47 -10.56 29.10 61.41
N LEU N 48 -10.16 28.21 62.29
CA LEU N 48 -11.06 27.23 62.82
C LEU N 48 -11.46 27.45 64.28
N ILE N 49 -12.75 27.73 64.47
CA ILE N 49 -13.39 27.85 65.78
C ILE N 49 -13.95 26.49 66.27
N GLN N 50 -13.76 26.24 67.57
CA GLN N 50 -14.21 25.01 68.28
C GLN N 50 -15.72 24.72 68.22
N GLU N 51 -16.08 23.49 68.51
CA GLU N 51 -17.44 22.99 68.39
C GLU N 51 -18.45 23.67 69.34
N LEU N 52 -19.61 24.02 68.78
CA LEU N 52 -20.73 24.58 69.57
C LEU N 52 -20.30 25.74 70.50
N PHE N 53 -19.40 26.56 69.97
CA PHE N 53 -18.78 27.66 70.69
C PHE N 53 -19.78 28.74 71.16
N GLU N 54 -21.00 28.72 70.65
CA GLU N 54 -22.02 29.71 71.06
C GLU N 54 -22.43 29.61 72.51
N GLY N 55 -22.20 28.46 73.15
CA GLY N 55 -22.56 28.29 74.55
C GLY N 55 -21.77 27.24 75.22
N TYR N 56 -22.21 26.91 76.43
CA TYR N 56 -21.67 25.76 77.18
C TYR N 56 -21.87 24.51 76.35
N TYR N 57 -21.02 23.50 76.57
CA TYR N 57 -21.25 22.16 75.98
C TYR N 57 -22.40 21.53 76.81
N PHE N 58 -23.61 21.81 76.36
CA PHE N 58 -24.83 21.49 77.12
C PHE N 58 -25.16 20.00 77.12
N CYS N 59 -24.47 19.26 76.29
CA CYS N 59 -24.76 17.84 76.11
C CYS N 59 -24.34 16.97 77.32
N GLN N 60 -23.80 17.59 78.40
CA GLN N 60 -23.69 16.87 79.70
C GLN N 60 -25.06 16.42 80.23
N ALA N 61 -26.10 17.18 79.89
CA ALA N 61 -27.48 16.87 80.26
C ALA N 61 -28.28 16.34 79.09
N GLN N 62 -29.39 15.69 79.37
CA GLN N 62 -30.36 15.26 78.39
C GLN N 62 -31.63 15.97 78.77
N ARG N 63 -31.75 17.24 78.35
CA ARG N 63 -32.88 18.08 78.81
C ARG N 63 -33.76 18.53 77.65
N GLU N 64 -35.05 18.39 77.85
CA GLU N 64 -36.05 18.89 76.92
C GLU N 64 -35.78 20.34 76.50
N ASP N 65 -35.57 21.21 77.48
CA ASP N 65 -35.38 22.63 77.16
C ASP N 65 -34.12 22.89 76.34
N PHE N 66 -33.06 22.11 76.56
CA PHE N 66 -31.84 22.31 75.80
C PHE N 66 -32.01 22.00 74.31
N ILE N 67 -32.94 21.12 73.97
CA ILE N 67 -33.14 20.80 72.54
C ILE N 67 -33.52 22.10 71.81
N GLN N 68 -34.27 22.95 72.48
CA GLN N 68 -34.75 24.19 71.86
C GLN N 68 -33.69 25.31 71.72
N ARG N 69 -32.45 24.99 72.03
CA ARG N 69 -31.35 25.90 71.67
C ARG N 69 -31.09 25.86 70.16
N ALA N 70 -31.60 24.82 69.47
CA ALA N 70 -31.38 24.69 68.05
C ALA N 70 -32.03 25.85 67.29
N LYS N 71 -31.49 26.16 66.12
CA LYS N 71 -32.03 27.22 65.26
C LYS N 71 -31.86 26.81 63.81
N PRO N 72 -32.72 27.33 62.93
CA PRO N 72 -32.56 26.95 61.52
C PRO N 72 -31.23 27.41 60.93
N TYR N 73 -30.80 26.69 59.93
CA TYR N 73 -29.65 27.08 59.10
C TYR N 73 -29.96 28.41 58.39
N LYS N 74 -31.19 28.60 57.96
CA LYS N 74 -31.59 29.79 57.24
C LYS N 74 -31.62 31.00 58.14
N ASP N 75 -30.94 32.07 57.69
CA ASP N 75 -30.85 33.35 58.41
C ASP N 75 -30.41 33.19 59.86
N HIS N 76 -29.43 32.34 60.10
CA HIS N 76 -28.90 32.13 61.43
C HIS N 76 -28.08 33.39 61.89
N PRO N 77 -28.40 33.96 63.06
CA PRO N 77 -27.69 35.22 63.44
C PRO N 77 -26.18 35.09 63.63
N THR N 78 -25.71 33.95 64.11
CA THR N 78 -24.27 33.79 64.32
C THR N 78 -23.54 33.59 63.00
N ILE N 79 -24.11 32.75 62.13
CA ILE N 79 -23.57 32.60 60.78
C ILE N 79 -23.50 33.94 60.02
N MET N 80 -24.62 34.67 60.02
CA MET N 80 -24.72 35.95 59.37
C MET N 80 -23.69 36.96 59.90
N ARG N 81 -23.50 36.98 61.20
CA ARG N 81 -22.52 37.84 61.77
C ARG N 81 -21.11 37.43 61.31
N LEU N 82 -20.80 36.15 61.35
CA LEU N 82 -19.48 35.71 60.96
C LEU N 82 -19.23 35.80 59.43
N GLN N 83 -20.28 35.81 58.61
CA GLN N 83 -20.12 36.05 57.18
C GLN N 83 -19.58 37.44 56.94
N LYS N 84 -20.05 38.40 57.72
CA LYS N 84 -19.54 39.76 57.67
C LYS N 84 -18.04 39.82 58.00
N LEU N 85 -17.64 39.09 59.03
CA LEU N 85 -16.25 39.07 59.44
C LEU N 85 -15.36 38.40 58.35
N ALA N 86 -15.84 37.29 57.83
CA ALA N 86 -15.11 36.57 56.79
C ALA N 86 -14.85 37.49 55.62
N LYS N 87 -15.87 38.24 55.23
CA LYS N 87 -15.77 39.12 54.11
C LYS N 87 -14.81 40.29 54.39
N GLU N 88 -14.95 40.91 55.56
CA GLU N 88 -14.09 42.03 55.94
C GLU N 88 -12.63 41.65 55.87
N LEU N 89 -12.28 40.49 56.45
CA LEU N 89 -10.89 40.05 56.61
C LEU N 89 -10.33 39.21 55.48
N GLY N 90 -11.23 38.67 54.66
CA GLY N 90 -10.82 37.75 53.58
C GLY N 90 -10.34 36.42 54.11
N VAL N 91 -11.02 35.91 55.12
CA VAL N 91 -10.66 34.63 55.66
C VAL N 91 -11.83 33.65 55.56
N VAL N 92 -11.49 32.39 55.41
CA VAL N 92 -12.45 31.30 55.48
C VAL N 92 -12.75 30.96 56.94
N ILE N 93 -14.05 30.90 57.29
CA ILE N 93 -14.53 30.58 58.66
C ILE N 93 -15.66 29.51 58.64
N PRO N 94 -15.35 28.27 59.02
CA PRO N 94 -16.40 27.29 59.32
C PRO N 94 -17.10 27.61 60.64
N VAL N 95 -18.43 27.60 60.65
CA VAL N 95 -19.20 27.99 61.81
C VAL N 95 -20.05 26.85 62.31
N SER N 96 -19.65 26.32 63.46
CA SER N 96 -20.37 25.24 64.16
C SER N 96 -21.62 25.78 64.83
N PHE N 97 -22.73 25.08 64.64
CA PHE N 97 -24.00 25.47 65.28
C PHE N 97 -24.96 24.30 65.41
N PHE N 98 -25.94 24.48 66.28
CA PHE N 98 -26.99 23.50 66.55
C PHE N 98 -28.14 23.81 65.62
N GLU N 99 -28.39 22.90 64.69
CA GLU N 99 -29.37 23.12 63.60
C GLU N 99 -30.74 22.47 63.89
N GLU N 100 -31.80 23.24 63.68
CA GLU N 100 -33.19 22.73 63.66
C GLU N 100 -33.60 22.71 62.19
N ALA N 101 -34.12 21.58 61.71
CA ALA N 101 -34.59 21.45 60.36
C ALA N 101 -35.94 20.69 60.42
N ASN N 102 -37.00 21.46 60.58
CA ASN N 102 -38.34 20.96 60.92
C ASN N 102 -38.25 20.12 62.24
N ASN N 103 -38.59 18.84 62.21
CA ASN N 103 -38.46 18.08 63.44
C ASN N 103 -37.10 17.39 63.59
N ALA N 104 -36.23 17.48 62.58
CA ALA N 104 -34.90 16.92 62.71
C ALA N 104 -33.97 17.94 63.37
N HIS N 105 -32.92 17.45 63.99
CA HIS N 105 -31.92 18.32 64.58
C HIS N 105 -30.56 17.79 64.30
N TYR N 106 -29.58 18.68 64.15
CA TYR N 106 -28.26 18.24 63.79
C TYR N 106 -27.20 19.10 64.44
N ASN N 107 -26.02 18.51 64.58
CA ASN N 107 -24.82 19.21 65.03
C ASN N 107 -24.17 19.57 63.66
N SER N 108 -24.21 20.83 63.29
CA SER N 108 -23.88 21.25 61.91
C SER N 108 -22.78 22.25 61.84
N ILE N 109 -22.28 22.44 60.63
CA ILE N 109 -21.24 23.43 60.40
C ILE N 109 -21.43 24.06 58.97
N ALA N 110 -21.49 25.39 58.92
CA ALA N 110 -21.63 26.14 57.68
C ALA N 110 -20.25 26.68 57.27
N ILE N 111 -19.85 26.46 56.02
CA ILE N 111 -18.52 26.88 55.57
C ILE N 111 -18.62 28.22 54.88
N ILE N 112 -18.03 29.24 55.48
CA ILE N 112 -18.09 30.58 54.93
C ILE N 112 -16.78 30.87 54.20
N ASP N 113 -16.86 31.22 52.93
CA ASP N 113 -15.68 31.47 52.11
C ASP N 113 -15.11 32.86 52.38
N ALA N 114 -13.91 33.12 51.87
CA ALA N 114 -13.21 34.39 52.12
C ALA N 114 -13.88 35.65 51.54
N ASP N 115 -14.87 35.50 50.67
CA ASP N 115 -15.66 36.60 50.15
C ASP N 115 -17.00 36.72 50.91
N GLY N 116 -17.17 35.93 51.99
CA GLY N 116 -18.42 35.96 52.77
C GLY N 116 -19.51 34.99 52.30
N THR N 117 -19.28 34.27 51.20
CA THR N 117 -20.26 33.39 50.65
C THR N 117 -20.46 32.13 51.55
N ASP N 118 -21.72 31.83 51.84
CA ASP N 118 -22.05 30.61 52.57
C ASP N 118 -21.97 29.50 51.54
N LEU N 119 -20.92 28.71 51.59
CA LEU N 119 -20.77 27.62 50.66
C LEU N 119 -21.64 26.39 50.94
N GLY N 120 -22.30 26.31 52.08
CA GLY N 120 -23.08 25.10 52.37
C GLY N 120 -22.76 24.49 53.75
N ILE N 121 -23.40 23.38 54.01
CA ILE N 121 -23.42 22.79 55.32
C ILE N 121 -22.94 21.32 55.31
N TYR N 122 -22.32 20.91 56.40
CA TYR N 122 -22.03 19.54 56.72
C TYR N 122 -22.75 19.23 58.05
N ARG N 123 -23.39 18.06 58.13
CA ARG N 123 -24.10 17.61 59.33
C ARG N 123 -23.34 16.45 59.96
N LYS N 124 -22.99 16.63 61.22
CA LYS N 124 -22.18 15.62 61.95
C LYS N 124 -22.76 14.23 61.78
N SER N 125 -21.92 13.31 61.34
CA SER N 125 -22.31 11.97 60.98
C SER N 125 -22.26 10.94 62.13
N HIS N 126 -21.19 10.97 62.89
CA HIS N 126 -20.98 10.06 64.01
C HIS N 126 -21.28 10.80 65.31
N ILE N 127 -22.24 10.28 66.04
CA ILE N 127 -22.75 11.00 67.22
C ILE N 127 -22.31 10.26 68.51
N PRO N 128 -21.55 10.94 69.36
CA PRO N 128 -21.09 10.31 70.58
C PRO N 128 -22.16 10.17 71.67
N ASP N 129 -21.84 9.38 72.69
CA ASP N 129 -22.81 9.08 73.77
C ASP N 129 -22.08 8.69 75.03
N GLY N 130 -22.76 8.78 76.16
CA GLY N 130 -22.19 8.37 77.42
C GLY N 130 -22.12 9.55 78.35
N PRO N 131 -21.82 9.30 79.61
CA PRO N 131 -21.79 10.39 80.57
C PRO N 131 -20.88 11.56 80.16
N GLY N 132 -21.45 12.77 80.26
CA GLY N 132 -20.78 14.03 79.86
C GLY N 132 -20.96 14.40 78.40
N TYR N 133 -21.25 13.39 77.55
CA TYR N 133 -21.27 13.59 76.11
C TYR N 133 -22.49 12.94 75.46
N GLU N 134 -23.66 13.34 75.96
CA GLU N 134 -24.95 12.69 75.59
C GLU N 134 -25.52 13.27 74.27
N GLU N 135 -24.72 13.25 73.20
CA GLU N 135 -25.08 13.93 71.96
C GLU N 135 -26.17 13.19 71.23
N LYS N 136 -26.25 11.88 71.44
CA LYS N 136 -27.25 11.06 70.74
C LYS N 136 -28.70 11.40 71.12
N PHE N 137 -28.87 12.02 72.26
CA PHE N 137 -30.18 12.53 72.71
C PHE N 137 -30.65 13.76 71.90
N TYR N 138 -29.69 14.52 71.38
CA TYR N 138 -29.96 15.80 70.69
C TYR N 138 -29.96 15.76 69.17
N PHE N 139 -29.08 14.96 68.58
CA PHE N 139 -28.84 15.08 67.15
C PHE N 139 -29.21 13.86 66.39
N ASN N 140 -30.03 14.04 65.38
CA ASN N 140 -30.15 12.98 64.33
C ASN N 140 -28.79 12.72 63.78
N PRO N 141 -28.47 11.47 63.50
CA PRO N 141 -27.22 11.30 62.81
C PRO N 141 -27.25 12.01 61.45
N GLY N 142 -26.15 12.63 61.08
CA GLY N 142 -26.13 13.49 59.89
C GLY N 142 -26.40 12.78 58.60
N ASP N 143 -27.03 13.52 57.68
CA ASP N 143 -27.42 12.96 56.42
C ASP N 143 -26.84 13.69 55.19
N THR N 144 -25.84 14.54 55.37
CA THR N 144 -25.19 15.19 54.24
C THR N 144 -24.17 14.24 53.62
N GLY N 145 -23.62 13.34 54.41
CA GLY N 145 -22.46 12.56 53.98
C GLY N 145 -21.23 13.46 54.14
N PHE N 146 -20.06 12.90 53.89
CA PHE N 146 -18.80 13.66 54.04
C PHE N 146 -18.62 14.56 52.83
N LYS N 147 -18.29 15.82 53.07
CA LYS N 147 -18.17 16.80 52.03
C LYS N 147 -16.82 17.46 51.93
N VAL N 148 -16.55 18.04 50.77
CA VAL N 148 -15.41 18.92 50.60
C VAL N 148 -15.92 20.25 50.02
N PHE N 149 -15.21 21.33 50.30
CA PHE N 149 -15.62 22.68 49.92
C PHE N 149 -14.50 23.36 49.22
N GLN N 150 -14.77 23.90 48.05
CA GLN N 150 -13.80 24.67 47.31
C GLN N 150 -13.84 26.12 47.83
N THR N 151 -12.82 26.53 48.55
CA THR N 151 -12.74 27.88 49.07
C THR N 151 -11.76 28.64 48.18
N LYS N 152 -11.62 29.96 48.41
CA LYS N 152 -10.66 30.74 47.66
C LYS N 152 -9.24 30.27 47.81
N TYR N 153 -8.91 29.61 48.92
CA TYR N 153 -7.52 29.23 49.19
C TYR N 153 -7.17 27.76 48.99
N ALA N 154 -8.18 26.89 49.06
CA ALA N 154 -7.98 25.44 49.07
C ALA N 154 -9.28 24.73 49.02
N LYS N 155 -9.26 23.48 48.55
CA LYS N 155 -10.38 22.58 48.76
C LYS N 155 -10.21 21.97 50.15
N ILE N 156 -11.22 22.09 51.00
CA ILE N 156 -11.07 21.67 52.39
C ILE N 156 -12.13 20.64 52.76
N GLY N 157 -11.77 19.81 53.71
CA GLY N 157 -12.69 18.83 54.32
C GLY N 157 -12.93 19.22 55.79
N VAL N 158 -14.18 19.44 56.14
CA VAL N 158 -14.53 19.84 57.51
C VAL N 158 -15.46 18.76 58.06
N ALA N 159 -15.12 18.21 59.21
CA ALA N 159 -16.02 17.33 59.93
C ALA N 159 -16.03 17.79 61.40
N ILE N 160 -16.77 17.13 62.28
CA ILE N 160 -17.05 17.69 63.59
C ILE N 160 -16.77 16.71 64.70
N CYS N 161 -15.99 17.20 65.66
CA CYS N 161 -15.62 16.48 66.88
C CYS N 161 -15.54 14.95 66.77
N TRP N 162 -16.52 14.21 67.24
CA TRP N 162 -16.46 12.74 67.28
C TRP N 162 -16.10 12.12 65.90
N ASP N 163 -16.53 12.76 64.79
CA ASP N 163 -16.12 12.34 63.43
C ASP N 163 -14.61 12.11 63.34
N GLN N 164 -13.84 12.83 64.18
CA GLN N 164 -12.40 12.79 64.11
C GLN N 164 -11.78 11.45 64.54
N TRP N 165 -12.58 10.59 65.19
CA TRP N 165 -12.09 9.30 65.57
C TRP N 165 -12.19 8.25 64.44
N PHE N 166 -12.81 8.62 63.31
CA PHE N 166 -13.15 7.66 62.25
C PHE N 166 -12.27 7.84 61.01
N PRO N 167 -11.38 6.86 60.75
CA PRO N 167 -10.55 6.94 59.55
C PRO N 167 -11.37 7.08 58.29
N GLU N 168 -12.59 6.52 58.31
CA GLU N 168 -13.47 6.59 57.17
C GLU N 168 -13.82 8.00 56.75
N ALA N 169 -14.02 8.90 57.74
CA ALA N 169 -14.43 10.27 57.41
C ALA N 169 -13.26 11.02 56.74
N ALA N 170 -12.08 10.81 57.28
CA ALA N 170 -10.89 11.47 56.79
C ALA N 170 -10.59 10.98 55.35
N ARG N 171 -10.69 9.67 55.14
CA ARG N 171 -10.46 9.07 53.85
C ARG N 171 -11.51 9.57 52.84
N ALA N 172 -12.78 9.60 53.26
CA ALA N 172 -13.85 10.04 52.39
C ALA N 172 -13.58 11.46 51.88
N MET N 173 -13.08 12.34 52.75
CA MET N 173 -12.83 13.72 52.36
C MET N 173 -11.61 13.80 51.44
N ALA N 174 -10.54 13.10 51.79
CA ALA N 174 -9.35 13.11 50.98
C ALA N 174 -9.60 12.51 49.59
N LEU N 175 -10.42 11.46 49.51
CA LEU N 175 -10.73 10.87 48.20
C LEU N 175 -11.42 11.87 47.26
N GLN N 176 -12.13 12.82 47.87
CA GLN N 176 -12.84 13.85 47.11
C GLN N 176 -12.03 15.11 46.92
N GLY N 177 -10.73 15.06 47.22
CA GLY N 177 -9.85 16.20 46.95
C GLY N 177 -9.59 17.16 48.08
N ALA N 178 -10.00 16.85 49.32
CA ALA N 178 -9.66 17.72 50.46
C ALA N 178 -8.12 17.83 50.56
N GLU N 179 -7.64 19.05 50.69
CA GLU N 179 -6.22 19.32 50.82
C GLU N 179 -5.79 19.57 52.25
N ILE N 180 -6.75 19.89 53.11
CA ILE N 180 -6.57 20.14 54.56
C ILE N 180 -7.85 19.65 55.22
N LEU N 181 -7.72 18.96 56.34
CA LEU N 181 -8.87 18.56 57.14
C LEU N 181 -9.00 19.40 58.42
N PHE N 182 -10.22 19.70 58.78
CA PHE N 182 -10.54 20.53 59.94
C PHE N 182 -11.54 19.83 60.83
N TYR N 183 -11.26 19.84 62.15
CA TYR N 183 -12.17 19.22 63.14
C TYR N 183 -12.39 20.08 64.41
N PRO N 184 -13.45 20.91 64.43
CA PRO N 184 -13.88 21.60 65.66
C PRO N 184 -14.35 20.58 66.72
N THR N 185 -13.88 20.76 67.92
CA THR N 185 -13.93 19.73 68.94
C THR N 185 -14.40 20.31 70.28
N ALA N 186 -15.01 19.44 71.06
CA ALA N 186 -15.26 19.68 72.51
C ALA N 186 -14.99 18.37 73.26
N ILE N 187 -13.79 18.22 73.80
CA ILE N 187 -13.46 17.00 74.52
C ILE N 187 -12.64 17.34 75.75
N GLY N 188 -12.95 16.62 76.83
CA GLY N 188 -12.27 16.79 78.09
C GLY N 188 -12.32 15.53 78.96
N SER N 189 -12.32 15.77 80.26
CA SER N 189 -12.49 14.73 81.26
C SER N 189 -13.91 14.19 81.13
N GLU N 190 -14.19 13.09 81.83
CA GLU N 190 -15.54 12.43 81.77
C GLU N 190 -16.05 12.39 83.21
N PRO N 191 -17.27 12.91 83.46
CA PRO N 191 -17.77 13.18 84.81
C PRO N 191 -17.99 11.94 85.72
N HIS N 192 -18.11 10.77 85.11
CA HIS N 192 -18.35 9.54 85.85
C HIS N 192 -17.06 8.81 86.26
N ASP N 193 -15.92 9.21 85.68
CA ASP N 193 -14.67 8.50 85.95
C ASP N 193 -13.45 9.40 85.70
N GLN N 194 -12.93 9.95 86.78
CA GLN N 194 -11.78 10.88 86.71
C GLN N 194 -10.48 10.22 86.25
N SER N 195 -10.42 8.88 86.23
CA SER N 195 -9.24 8.18 85.70
C SER N 195 -9.12 8.26 84.19
N ILE N 196 -10.18 8.68 83.49
CA ILE N 196 -10.14 8.73 82.02
C ILE N 196 -9.43 10.01 81.53
N ASP N 197 -8.35 9.85 80.79
CA ASP N 197 -7.62 10.96 80.20
C ASP N 197 -7.36 10.57 78.75
N SER N 198 -8.19 11.06 77.85
CA SER N 198 -8.18 10.63 76.49
C SER N 198 -7.24 11.46 75.59
N ARG N 199 -6.61 12.51 76.11
CA ARG N 199 -5.91 13.46 75.20
C ARG N 199 -4.83 12.82 74.25
N ASP N 200 -4.05 11.87 74.74
CA ASP N 200 -2.97 11.30 73.92
C ASP N 200 -3.56 10.41 72.87
N HIS N 201 -4.56 9.62 73.27
CA HIS N 201 -5.33 8.75 72.34
C HIS N 201 -5.94 9.57 71.23
N TRP N 202 -6.60 10.65 71.63
CA TRP N 202 -7.22 11.60 70.72
C TRP N 202 -6.25 12.16 69.67
N LYS N 203 -5.12 12.66 70.11
CA LYS N 203 -4.15 13.16 69.16
C LYS N 203 -3.63 12.08 68.19
N ARG N 204 -3.32 10.90 68.72
CA ARG N 204 -2.72 9.83 67.90
C ARG N 204 -3.63 9.39 66.78
N VAL N 205 -4.92 9.31 67.06
CA VAL N 205 -5.86 8.92 66.04
C VAL N 205 -5.90 9.90 64.87
N MET N 206 -5.95 11.18 65.17
CA MET N 206 -5.96 12.22 64.15
C MET N 206 -4.62 12.31 63.41
N GLN N 207 -3.52 12.17 64.14
CA GLN N 207 -2.20 12.15 63.48
C GLN N 207 -2.17 11.02 62.45
N GLY N 208 -2.84 9.92 62.78
CA GLY N 208 -2.93 8.79 61.87
C GLY N 208 -3.67 9.13 60.58
N HIS N 209 -4.78 9.90 60.69
CA HIS N 209 -5.51 10.35 59.50
C HIS N 209 -4.63 11.25 58.57
N ALA N 210 -3.90 12.19 59.18
CA ALA N 210 -3.06 13.11 58.44
C ALA N 210 -2.00 12.29 57.70
N GLY N 211 -1.34 11.38 58.43
CA GLY N 211 -0.32 10.57 57.86
C GLY N 211 -0.80 9.59 56.79
N ALA N 212 -2.01 9.03 56.96
CA ALA N 212 -2.52 8.02 56.02
C ALA N 212 -3.02 8.62 54.74
N ASN N 213 -3.50 9.86 54.81
CA ASN N 213 -3.99 10.56 53.65
C ASN N 213 -2.99 11.60 53.07
N LEU N 214 -1.88 11.84 53.79
CA LEU N 214 -0.88 12.84 53.39
C LEU N 214 -1.53 14.23 53.15
N VAL N 215 -2.31 14.63 54.14
CA VAL N 215 -2.91 15.95 54.18
C VAL N 215 -2.71 16.57 55.59
N PRO N 216 -2.51 17.90 55.65
CA PRO N 216 -2.48 18.52 56.95
C PRO N 216 -3.85 18.47 57.64
N LEU N 217 -3.85 18.66 58.95
CA LEU N 217 -5.05 18.49 59.75
C LEU N 217 -5.02 19.51 60.90
N VAL N 218 -6.16 20.11 61.16
CA VAL N 218 -6.30 21.17 62.17
C VAL N 218 -7.43 20.77 63.13
N ALA N 219 -7.16 20.79 64.43
CA ALA N 219 -8.12 20.50 65.46
C ALA N 219 -8.19 21.64 66.52
N SER N 220 -9.39 22.19 66.71
CA SER N 220 -9.66 23.28 67.64
C SER N 220 -10.50 22.77 68.76
N ASN N 221 -9.92 22.77 69.97
CA ASN N 221 -10.60 22.27 71.18
C ASN N 221 -10.81 23.36 72.24
N ARG N 222 -11.91 23.21 72.97
CA ARG N 222 -12.29 24.01 74.12
C ARG N 222 -11.36 23.85 75.32
N ILE N 223 -11.32 24.86 76.17
CA ILE N 223 -10.69 24.85 77.47
C ILE N 223 -11.70 25.30 78.54
N GLY N 224 -11.33 25.10 79.78
CA GLY N 224 -12.11 25.54 80.94
C GLY N 224 -12.96 24.44 81.54
N ASN N 225 -13.35 24.67 82.78
CA ASN N 225 -14.30 23.82 83.49
C ASN N 225 -15.70 24.30 83.23
N GLU N 226 -16.62 23.39 82.96
CA GLU N 226 -18.03 23.76 82.77
C GLU N 226 -18.88 22.83 83.62
N ILE N 227 -19.84 23.42 84.30
CA ILE N 227 -20.73 22.73 85.23
C ILE N 227 -22.14 22.96 84.73
N ILE N 228 -22.85 21.87 84.48
CA ILE N 228 -24.18 21.88 83.94
C ILE N 228 -25.12 21.21 84.94
N GLU N 229 -26.31 21.78 85.11
CA GLU N 229 -27.40 21.11 85.85
C GLU N 229 -28.09 20.04 84.99
N THR N 230 -28.03 18.79 85.43
CA THR N 230 -28.62 17.68 84.68
C THR N 230 -29.79 17.12 85.46
N GLU N 231 -30.48 16.21 84.78
CA GLU N 231 -31.53 15.36 85.39
C GLU N 231 -31.16 14.84 86.77
N HIS N 232 -29.88 14.54 87.00
CA HIS N 232 -29.43 13.92 88.25
C HIS N 232 -28.48 14.81 89.05
N GLY N 233 -28.58 16.14 88.87
CA GLY N 233 -27.71 17.07 89.57
C GLY N 233 -26.58 17.59 88.73
N LYS N 234 -25.60 18.18 89.38
CA LYS N 234 -24.46 18.75 88.71
C LYS N 234 -23.58 17.74 88.00
N SER N 235 -23.09 18.12 86.84
CA SER N 235 -22.13 17.35 86.10
C SER N 235 -21.04 18.33 85.65
N GLU N 236 -19.80 17.88 85.73
CA GLU N 236 -18.66 18.77 85.39
C GLU N 236 -17.70 18.12 84.41
N ILE N 237 -17.24 18.92 83.44
CA ILE N 237 -16.14 18.55 82.54
C ILE N 237 -15.05 19.65 82.57
N LYS N 238 -13.78 19.22 82.69
CA LYS N 238 -12.62 20.07 82.45
C LYS N 238 -12.18 19.78 80.99
N PHE N 239 -12.42 20.73 80.10
CA PHE N 239 -12.01 20.61 78.74
C PHE N 239 -10.50 20.77 78.65
N TYR N 240 -9.84 19.92 77.84
CA TYR N 240 -8.40 19.87 77.94
C TYR N 240 -7.55 20.53 76.82
N GLY N 241 -8.18 21.40 76.03
CA GLY N 241 -7.43 22.12 75.02
C GLY N 241 -6.62 21.14 74.18
N ASN N 242 -5.31 21.32 74.12
CA ASN N 242 -4.45 20.54 73.23
C ASN N 242 -4.84 20.68 71.73
N SER N 243 -5.43 21.85 71.37
CA SER N 243 -5.64 22.19 70.01
C SER N 243 -4.30 22.06 69.27
N PHE N 244 -4.34 21.57 68.04
CA PHE N 244 -3.10 21.37 67.30
C PHE N 244 -3.28 21.42 65.81
N ILE N 245 -2.14 21.57 65.15
CA ILE N 245 -2.04 21.49 63.68
C ILE N 245 -0.98 20.44 63.39
N ALA N 246 -1.34 19.49 62.53
CA ALA N 246 -0.44 18.42 62.11
C ALA N 246 -0.18 18.53 60.62
N GLY N 247 1.04 18.14 60.23
CA GLY N 247 1.43 18.08 58.87
C GLY N 247 1.04 16.75 58.19
N PRO N 248 1.38 16.60 56.91
CA PRO N 248 0.95 15.48 56.11
C PRO N 248 1.67 14.17 56.40
N THR N 249 2.63 14.16 57.31
CA THR N 249 3.15 12.89 57.79
C THR N 249 2.64 12.63 59.22
N GLY N 250 1.70 13.45 59.68
CA GLY N 250 1.16 13.36 61.01
C GLY N 250 1.96 14.07 62.10
N GLU N 251 3.03 14.76 61.73
CA GLU N 251 3.87 15.44 62.73
C GLU N 251 3.08 16.64 63.28
N ILE N 252 3.08 16.84 64.59
CA ILE N 252 2.45 18.03 65.19
C ILE N 252 3.35 19.23 64.87
N VAL N 253 2.86 20.25 64.17
CA VAL N 253 3.69 21.45 63.90
C VAL N 253 3.43 22.58 64.90
N SER N 254 2.25 22.59 65.48
CA SER N 254 1.93 23.56 66.49
C SER N 254 0.88 22.94 67.43
N ILE N 255 0.99 23.22 68.71
CA ILE N 255 0.06 22.63 69.69
C ILE N 255 -0.06 23.53 70.89
N ALA N 256 -1.26 23.64 71.42
CA ALA N 256 -1.54 24.44 72.62
C ALA N 256 -1.53 23.53 73.85
N ASP N 257 -1.44 24.14 75.05
CA ASP N 257 -1.54 23.37 76.29
C ASP N 257 -3.02 23.12 76.69
N ASP N 258 -3.25 22.67 77.92
CA ASP N 258 -4.61 22.34 78.32
C ASP N 258 -5.39 23.41 79.02
N LYS N 259 -4.85 24.63 79.07
CA LYS N 259 -5.56 25.69 79.78
C LYS N 259 -5.49 27.12 79.20
N GLU N 260 -4.49 27.41 78.37
CA GLU N 260 -4.28 28.74 77.79
C GLU N 260 -5.25 28.99 76.64
N GLU N 261 -5.64 30.24 76.48
CA GLU N 261 -6.27 30.68 75.26
C GLU N 261 -5.17 30.63 74.21
N ALA N 262 -5.47 30.16 72.98
CA ALA N 262 -4.41 30.09 71.95
C ALA N 262 -4.89 30.39 70.55
N VAL N 263 -3.96 30.91 69.78
CA VAL N 263 -4.11 31.12 68.33
C VAL N 263 -2.90 30.40 67.72
N LEU N 264 -3.14 29.25 67.09
CA LEU N 264 -2.08 28.49 66.47
C LEU N 264 -2.06 28.83 64.98
N ILE N 265 -0.85 28.90 64.41
CA ILE N 265 -0.65 29.27 63.01
C ILE N 265 0.33 28.34 62.34
N ALA N 266 -0.01 27.87 61.14
CA ALA N 266 0.90 27.06 60.36
C ALA N 266 0.69 27.33 58.85
N GLU N 267 1.79 27.42 58.11
CA GLU N 267 1.74 27.58 56.67
C GLU N 267 2.05 26.25 55.96
N PHE N 268 1.27 25.92 54.94
CA PHE N 268 1.49 24.69 54.13
C PHE N 268 1.56 25.02 52.68
N ASN N 269 2.47 24.33 51.97
CA ASN N 269 2.63 24.47 50.53
C ASN N 269 1.82 23.35 49.90
N LEU N 270 0.62 23.69 49.47
CA LEU N 270 -0.32 22.71 48.98
C LEU N 270 0.12 22.07 47.68
N ASP N 271 0.90 22.76 46.86
CA ASP N 271 1.47 22.11 45.65
C ASP N 271 2.51 21.07 45.99
N LYS N 272 3.42 21.38 46.91
CA LYS N 272 4.41 20.38 47.30
C LYS N 272 3.78 19.20 48.02
N ILE N 273 2.80 19.44 48.87
CA ILE N 273 2.13 18.38 49.58
C ILE N 273 1.37 17.47 48.63
N LYS N 274 0.64 18.07 47.66
CA LYS N 274 -0.04 17.26 46.65
C LYS N 274 0.97 16.32 45.97
N SER N 275 2.12 16.84 45.59
CA SER N 275 3.13 16.08 44.89
C SER N 275 3.66 14.94 45.77
N MET N 276 3.89 15.24 47.04
CA MET N 276 4.32 14.27 48.05
C MET N 276 3.25 13.18 48.26
N ARG N 277 1.99 13.59 48.37
CA ARG N 277 0.90 12.70 48.54
C ARG N 277 0.80 11.69 47.40
N HIS N 278 0.89 12.18 46.17
CA HIS N 278 0.79 11.30 45.02
C HIS N 278 2.01 10.39 44.90
N CYS N 279 3.19 10.90 45.18
CA CYS N 279 4.39 10.12 45.05
CA CYS N 279 4.35 10.07 44.98
C CYS N 279 4.46 8.98 46.08
N TRP N 280 3.91 9.21 47.27
CA TRP N 280 3.93 8.16 48.30
C TRP N 280 3.11 6.95 47.86
N GLY N 281 2.06 7.21 47.12
CA GLY N 281 1.43 6.14 46.34
C GLY N 281 0.19 5.46 46.94
N VAL N 282 -0.18 5.84 48.17
CA VAL N 282 -1.31 5.15 48.81
C VAL N 282 -2.59 5.23 47.98
N PHE N 283 -2.88 6.37 47.37
CA PHE N 283 -4.11 6.49 46.60
C PHE N 283 -4.05 5.70 45.27
N ARG N 284 -2.84 5.52 44.75
CA ARG N 284 -2.62 4.63 43.59
C ARG N 284 -2.89 3.14 43.91
N ASP N 285 -2.69 2.77 45.16
CA ASP N 285 -2.60 1.38 45.58
C ASP N 285 -3.82 0.85 46.36
N ARG N 286 -4.81 1.73 46.64
CA ARG N 286 -6.01 1.35 47.33
C ARG N 286 -6.73 0.23 46.61
N ARG N 287 -7.47 -0.56 47.38
CA ARG N 287 -8.18 -1.73 46.87
C ARG N 287 -9.68 -1.70 47.22
N PRO N 288 -10.44 -0.75 46.65
CA PRO N 288 -11.88 -0.66 46.91
C PRO N 288 -12.63 -1.95 46.60
N ASP N 289 -12.09 -2.78 45.71
CA ASP N 289 -12.71 -4.08 45.46
C ASP N 289 -12.70 -4.98 46.71
N LEU N 290 -11.84 -4.68 47.66
CA LEU N 290 -11.70 -5.45 48.90
C LEU N 290 -12.26 -4.75 50.15
N TYR N 291 -12.96 -3.62 49.96
CA TYR N 291 -13.39 -2.85 51.08
C TYR N 291 -14.89 -2.96 51.40
N LYS N 292 -15.60 -3.90 50.78
CA LYS N 292 -17.03 -4.01 51.00
C LYS N 292 -17.41 -4.27 52.48
N VAL N 293 -16.52 -4.95 53.24
CA VAL N 293 -16.74 -5.20 54.69
C VAL N 293 -16.88 -3.90 55.47
N LEU N 294 -16.33 -2.81 54.94
CA LEU N 294 -16.48 -1.52 55.57
C LEU N 294 -17.94 -1.00 55.53
N LEU N 295 -18.75 -1.59 54.65
CA LEU N 295 -20.14 -1.21 54.58
C LEU N 295 -21.01 -2.10 55.50
N THR N 296 -20.37 -2.89 56.39
CA THR N 296 -21.05 -3.63 57.44
C THR N 296 -20.75 -2.94 58.80
N LEU N 297 -21.59 -3.23 59.79
CA LEU N 297 -21.30 -2.90 61.17
C LEU N 297 -20.67 -4.08 61.90
N ASP N 298 -21.11 -5.27 61.54
CA ASP N 298 -20.76 -6.49 62.27
C ASP N 298 -19.71 -7.39 61.59
N GLY N 299 -19.09 -6.88 60.52
CA GLY N 299 -18.07 -7.65 59.83
C GLY N 299 -18.59 -8.70 58.86
N LYS N 300 -19.93 -8.81 58.74
CA LYS N 300 -20.58 -9.80 57.83
C LYS N 300 -21.74 -9.24 56.97
N ASN N 301 -22.69 -8.54 57.57
CA ASN N 301 -23.91 -8.14 56.86
C ASN N 301 -23.85 -6.73 56.34
N PRO N 302 -23.90 -6.53 54.99
CA PRO N 302 -23.89 -5.13 54.44
C PRO N 302 -25.12 -4.39 54.90
N VAL N 303 -24.97 -3.14 55.34
CA VAL N 303 -26.18 -2.38 55.71
C VAL N 303 -27.05 -2.06 54.48
N LEU N 304 -28.33 -1.83 54.71
CA LEU N 304 -29.29 -1.45 53.67
C LEU N 304 -28.99 -0.02 53.14
N LYS O 8 -65.04 -20.56 59.63
CA LYS O 8 -64.27 -21.35 58.63
C LYS O 8 -63.04 -20.53 58.21
N GLY O 9 -61.87 -21.19 58.16
CA GLY O 9 -60.60 -20.54 57.80
C GLY O 9 -59.54 -20.74 58.88
N ARG O 10 -58.28 -20.42 58.56
CA ARG O 10 -57.16 -20.57 59.50
C ARG O 10 -57.35 -19.73 60.74
N LYS O 11 -57.38 -20.37 61.91
CA LYS O 11 -57.45 -19.67 63.18
C LYS O 11 -56.14 -19.81 63.90
N VAL O 12 -55.70 -18.74 64.52
CA VAL O 12 -54.48 -18.75 65.29
C VAL O 12 -54.74 -18.10 66.62
N VAL O 13 -54.21 -18.72 67.66
CA VAL O 13 -54.38 -18.23 69.04
C VAL O 13 -53.05 -17.59 69.44
N VAL O 14 -53.12 -16.34 69.87
CA VAL O 14 -51.91 -15.60 70.27
C VAL O 14 -52.01 -15.25 71.75
N SER O 15 -50.84 -15.03 72.37
CA SER O 15 -50.75 -14.71 73.75
C SER O 15 -49.72 -13.63 74.03
N ALA O 16 -50.11 -12.73 74.93
CA ALA O 16 -49.20 -11.76 75.52
C ALA O 16 -48.94 -12.20 76.98
N LEU O 17 -47.66 -12.22 77.36
CA LEU O 17 -47.24 -12.54 78.73
C LEU O 17 -46.73 -11.26 79.41
N GLN O 18 -46.92 -11.20 80.73
CA GLN O 18 -46.56 -10.04 81.55
C GLN O 18 -46.00 -10.52 82.89
N PHE O 19 -44.73 -10.17 83.18
CA PHE O 19 -44.16 -10.60 84.43
C PHE O 19 -43.02 -9.73 84.89
N ALA O 20 -42.66 -9.95 86.16
CA ALA O 20 -41.59 -9.24 86.82
C ALA O 20 -40.29 -10.04 86.70
N CYS O 21 -39.19 -9.29 86.55
CA CYS O 21 -37.87 -9.86 86.39
C CYS O 21 -36.98 -9.61 87.60
N THR O 22 -36.09 -10.58 87.88
CA THR O 22 -35.00 -10.38 88.84
C THR O 22 -33.80 -10.06 87.96
N ASP O 23 -32.61 -9.87 88.53
CA ASP O 23 -31.43 -9.70 87.65
C ASP O 23 -30.64 -11.03 87.49
N ASP O 24 -31.34 -12.15 87.65
CA ASP O 24 -30.79 -13.48 87.48
C ASP O 24 -31.43 -14.16 86.22
N VAL O 25 -30.60 -14.48 85.22
CA VAL O 25 -31.11 -15.10 83.97
C VAL O 25 -31.88 -16.41 84.23
N SER O 26 -31.30 -17.29 85.06
CA SER O 26 -31.90 -18.59 85.29
C SER O 26 -33.28 -18.46 85.97
N THR O 27 -33.43 -17.51 86.88
CA THR O 27 -34.76 -17.26 87.46
C THR O 27 -35.76 -16.79 86.39
N ASN O 28 -35.34 -15.83 85.54
CA ASN O 28 -36.23 -15.20 84.54
C ASN O 28 -36.65 -16.12 83.39
N VAL O 29 -35.73 -16.96 82.93
CA VAL O 29 -36.07 -17.96 81.90
C VAL O 29 -37.02 -19.05 82.48
N THR O 30 -36.90 -19.36 83.78
CA THR O 30 -37.83 -20.29 84.47
C THR O 30 -39.25 -19.69 84.50
N THR O 31 -39.31 -18.39 84.85
CA THR O 31 -40.59 -17.64 84.83
C THR O 31 -41.19 -17.64 83.45
N ALA O 32 -40.34 -17.37 82.44
CA ALA O 32 -40.82 -17.36 81.07
C ALA O 32 -41.36 -18.75 80.66
N GLU O 33 -40.61 -19.81 80.94
CA GLU O 33 -41.03 -21.16 80.59
CA GLU O 33 -41.02 -21.18 80.60
C GLU O 33 -42.35 -21.51 81.26
N ARG O 34 -42.51 -21.11 82.53
CA ARG O 34 -43.77 -21.38 83.29
C ARG O 34 -44.98 -20.71 82.63
N LEU O 35 -44.80 -19.44 82.21
CA LEU O 35 -45.90 -18.69 81.61
C LEU O 35 -46.18 -19.17 80.19
N VAL O 36 -45.16 -19.59 79.47
CA VAL O 36 -45.37 -20.11 78.10
C VAL O 36 -46.18 -21.39 78.16
N ARG O 37 -45.83 -22.24 79.12
CA ARG O 37 -46.58 -23.49 79.29
C ARG O 37 -48.05 -23.18 79.65
N ALA O 38 -48.25 -22.14 80.47
CA ALA O 38 -49.63 -21.74 80.86
C ALA O 38 -50.37 -21.29 79.61
N ALA O 39 -49.73 -20.45 78.79
CA ALA O 39 -50.38 -19.95 77.57
C ALA O 39 -50.80 -21.10 76.66
N HIS O 40 -49.87 -22.06 76.51
CA HIS O 40 -50.09 -23.24 75.68
C HIS O 40 -51.30 -24.05 76.17
N LYS O 41 -51.40 -24.23 77.49
CA LYS O 41 -52.56 -24.90 78.13
C LYS O 41 -53.89 -24.19 77.83
N GLN O 42 -53.84 -22.88 77.66
CA GLN O 42 -55.04 -22.12 77.26
C GLN O 42 -55.23 -22.08 75.71
N GLY O 43 -54.43 -22.84 74.96
CA GLY O 43 -54.61 -22.92 73.51
C GLY O 43 -53.72 -22.08 72.63
N ALA O 44 -52.78 -21.34 73.21
CA ALA O 44 -51.91 -20.46 72.43
C ALA O 44 -50.99 -21.23 71.47
N ASN O 45 -50.87 -20.69 70.25
CA ASN O 45 -50.01 -21.17 69.20
C ASN O 45 -48.77 -20.30 69.10
N ILE O 46 -48.91 -19.04 69.42
CA ILE O 46 -47.80 -18.10 69.37
C ILE O 46 -47.80 -17.33 70.65
N VAL O 47 -46.68 -17.35 71.36
CA VAL O 47 -46.57 -16.68 72.68
C VAL O 47 -45.46 -15.63 72.68
N LEU O 48 -45.77 -14.40 73.17
CA LEU O 48 -44.82 -13.29 73.18
C LEU O 48 -44.32 -12.92 74.58
N ILE O 49 -43.02 -13.03 74.77
CA ILE O 49 -42.35 -12.68 76.00
C ILE O 49 -41.76 -11.27 75.86
N GLN O 50 -41.88 -10.49 76.95
CA GLN O 50 -41.43 -9.09 77.00
C GLN O 50 -39.93 -8.86 76.66
N GLU O 51 -39.60 -7.62 76.35
CA GLU O 51 -38.25 -7.23 75.92
C GLU O 51 -37.16 -7.46 77.00
N LEU O 52 -36.03 -7.99 76.55
CA LEU O 52 -34.84 -8.17 77.42
C LEU O 52 -35.16 -8.86 78.79
N PHE O 53 -36.08 -9.83 78.76
CA PHE O 53 -36.61 -10.54 79.95
C PHE O 53 -35.55 -11.32 80.78
N GLU O 54 -34.40 -11.62 80.19
CA GLU O 54 -33.33 -12.33 80.91
C GLU O 54 -32.77 -11.60 82.14
N GLY O 55 -33.05 -10.30 82.25
CA GLY O 55 -32.56 -9.54 83.40
C GLY O 55 -33.38 -8.31 83.67
N TYR O 56 -32.90 -7.50 84.59
CA TYR O 56 -33.45 -6.17 84.83
C TYR O 56 -33.21 -5.34 83.54
N TYR O 57 -34.04 -4.32 83.37
CA TYR O 57 -33.88 -3.39 82.28
C TYR O 57 -32.69 -2.48 82.64
N PHE O 58 -31.52 -2.93 82.19
CA PHE O 58 -30.22 -2.37 82.63
C PHE O 58 -29.91 -1.03 81.98
N CYS O 59 -30.69 -0.65 80.97
CA CYS O 59 -30.44 0.56 80.22
C CYS O 59 -30.71 1.84 81.00
N GLN O 60 -31.09 1.75 82.28
CA GLN O 60 -31.13 2.98 83.11
C GLN O 60 -29.74 3.52 83.26
N ALA O 61 -28.77 2.62 83.24
CA ALA O 61 -27.38 3.00 83.38
C ALA O 61 -26.69 3.07 81.99
N GLN O 62 -25.55 3.74 81.97
CA GLN O 62 -24.66 3.75 80.83
C GLN O 62 -23.32 3.27 81.41
N ARG O 63 -23.20 1.93 81.52
CA ARG O 63 -22.04 1.31 82.15
C ARG O 63 -21.31 0.39 81.19
N GLU O 64 -19.98 0.56 81.17
CA GLU O 64 -19.06 -0.31 80.45
C GLU O 64 -19.34 -1.80 80.68
N ASP O 65 -19.45 -2.20 81.93
CA ASP O 65 -19.62 -3.60 82.25
C ASP O 65 -20.95 -4.18 81.75
N PHE O 66 -22.03 -3.36 81.71
CA PHE O 66 -23.33 -3.84 81.20
C PHE O 66 -23.31 -4.19 79.70
N ILE O 67 -22.50 -3.50 78.93
CA ILE O 67 -22.37 -3.86 77.49
C ILE O 67 -21.97 -5.35 77.34
N GLN O 68 -21.10 -5.82 78.22
CA GLN O 68 -20.62 -7.22 78.18
C GLN O 68 -21.69 -8.24 78.59
N ARG O 69 -22.90 -7.79 78.91
CA ARG O 69 -24.03 -8.72 79.06
C ARG O 69 -24.42 -9.35 77.71
N ALA O 70 -23.93 -8.75 76.61
CA ALA O 70 -24.29 -9.21 75.31
C ALA O 70 -23.69 -10.57 75.02
N LYS O 71 -24.38 -11.35 74.22
CA LYS O 71 -23.90 -12.66 73.79
C LYS O 71 -24.16 -12.86 72.30
N PRO O 72 -23.33 -13.65 71.62
CA PRO O 72 -23.62 -13.89 70.22
C PRO O 72 -24.96 -14.60 69.99
N TYR O 73 -25.54 -14.36 68.84
CA TYR O 73 -26.74 -15.04 68.39
C TYR O 73 -26.48 -16.57 68.26
N LYS O 74 -25.31 -16.92 67.76
CA LYS O 74 -24.92 -18.33 67.60
C LYS O 74 -24.76 -19.06 68.96
N ASP O 75 -25.45 -20.20 69.08
CA ASP O 75 -25.44 -21.04 70.29
C ASP O 75 -25.81 -20.27 71.57
N HIS O 76 -26.78 -19.38 71.47
CA HIS O 76 -27.21 -18.61 72.60
C HIS O 76 -27.92 -19.57 73.57
N PRO O 77 -27.48 -19.58 74.85
CA PRO O 77 -28.01 -20.56 75.82
C PRO O 77 -29.53 -20.38 76.09
N THR O 78 -30.00 -19.15 76.11
CA THR O 78 -31.44 -18.88 76.27
C THR O 78 -32.25 -19.24 75.03
N ILE O 79 -31.76 -18.88 73.84
CA ILE O 79 -32.47 -19.27 72.60
C ILE O 79 -32.56 -20.82 72.50
N MET O 80 -31.43 -21.49 72.75
CA MET O 80 -31.35 -22.96 72.69
C MET O 80 -32.35 -23.64 73.66
N ARG O 81 -32.39 -23.13 74.88
CA ARG O 81 -33.31 -23.61 75.89
C ARG O 81 -34.77 -23.44 75.47
N LEU O 82 -35.14 -22.27 74.97
CA LEU O 82 -36.51 -22.03 74.53
C LEU O 82 -36.84 -22.72 73.20
N GLN O 83 -35.83 -23.05 72.40
CA GLN O 83 -36.09 -23.87 71.21
C GLN O 83 -36.67 -25.22 71.60
N LYS O 84 -36.16 -25.79 72.68
CA LYS O 84 -36.68 -27.11 73.19
C LYS O 84 -38.11 -26.98 73.66
N LEU O 85 -38.41 -25.88 74.33
CA LEU O 85 -39.78 -25.63 74.75
C LEU O 85 -40.75 -25.46 73.55
N ALA O 86 -40.30 -24.69 72.54
CA ALA O 86 -41.11 -24.45 71.34
C ALA O 86 -41.45 -25.78 70.66
N LYS O 87 -40.45 -26.65 70.52
CA LYS O 87 -40.65 -27.93 69.85
C LYS O 87 -41.52 -28.87 70.70
N GLU O 88 -41.25 -28.95 72.00
CA GLU O 88 -42.06 -29.76 72.92
C GLU O 88 -43.56 -29.39 72.85
N LEU O 89 -43.86 -28.10 72.85
CA LEU O 89 -45.26 -27.64 72.88
C LEU O 89 -45.90 -27.38 71.52
N GLY O 90 -45.10 -27.25 70.47
CA GLY O 90 -45.66 -26.86 69.17
C GLY O 90 -46.10 -25.39 69.17
N VAL O 91 -45.31 -24.53 69.80
CA VAL O 91 -45.64 -23.10 69.84
C VAL O 91 -44.51 -22.25 69.27
N VAL O 92 -44.90 -21.15 68.64
CA VAL O 92 -43.94 -20.15 68.14
C VAL O 92 -43.52 -19.20 69.29
N ILE O 93 -42.21 -19.02 69.46
CA ILE O 93 -41.67 -18.20 70.55
C ILE O 93 -40.59 -17.20 70.05
N PRO O 94 -40.95 -15.92 69.89
CA PRO O 94 -39.91 -14.90 69.66
C PRO O 94 -39.09 -14.68 70.96
N VAL O 95 -37.78 -14.66 70.82
CA VAL O 95 -36.86 -14.54 71.96
C VAL O 95 -36.00 -13.27 71.90
N SER O 96 -36.32 -12.32 72.79
CA SER O 96 -35.58 -11.06 72.91
C SER O 96 -34.26 -11.29 73.63
N PHE O 97 -33.19 -10.80 73.03
CA PHE O 97 -31.89 -10.89 73.64
C PHE O 97 -30.95 -9.77 73.23
N PHE O 98 -29.93 -9.58 74.04
CA PHE O 98 -28.86 -8.61 73.81
C PHE O 98 -27.78 -9.28 72.96
N GLU O 99 -27.73 -8.93 71.67
CA GLU O 99 -26.79 -9.53 70.73
C GLU O 99 -25.38 -8.85 70.61
N GLU O 100 -24.33 -9.67 70.65
CA GLU O 100 -22.97 -9.27 70.31
C GLU O 100 -22.67 -9.85 68.91
N ALA O 101 -22.10 -9.02 68.04
CA ALA O 101 -21.73 -9.47 66.70
C ALA O 101 -20.41 -8.79 66.32
N ASN O 102 -19.31 -9.48 66.66
CA ASN O 102 -17.97 -8.95 66.64
C ASN O 102 -18.00 -7.66 67.50
N ASN O 103 -17.74 -6.48 66.93
CA ASN O 103 -17.77 -5.24 67.73
C ASN O 103 -19.09 -4.52 67.68
N ALA O 104 -20.03 -4.98 66.89
CA ALA O 104 -21.38 -4.41 66.89
C ALA O 104 -22.22 -5.06 67.99
N HIS O 105 -23.25 -4.34 68.45
CA HIS O 105 -24.18 -4.84 69.45
C HIS O 105 -25.54 -4.43 69.04
N TYR O 106 -26.52 -5.27 69.30
CA TYR O 106 -27.87 -4.98 68.95
C TYR O 106 -28.86 -5.49 69.99
N ASN O 107 -30.05 -4.90 69.93
CA ASN O 107 -31.18 -5.30 70.70
C ASN O 107 -31.95 -6.16 69.71
N SER O 108 -31.96 -7.48 69.93
CA SER O 108 -32.34 -8.41 68.90
C SER O 108 -33.43 -9.34 69.32
N ILE O 109 -33.98 -10.03 68.35
CA ILE O 109 -35.02 -11.01 68.62
C ILE O 109 -34.93 -12.16 67.60
N ALA O 110 -34.85 -13.39 68.12
CA ALA O 110 -34.82 -14.62 67.28
C ALA O 110 -36.20 -15.30 67.30
N ILE O 111 -36.73 -15.64 66.11
CA ILE O 111 -38.07 -16.23 65.97
C ILE O 111 -37.96 -17.75 65.88
N ILE O 112 -38.39 -18.44 66.95
CA ILE O 112 -38.42 -19.90 66.97
C ILE O 112 -39.78 -20.37 66.51
N ASP O 113 -39.80 -21.34 65.58
CA ASP O 113 -41.00 -21.87 64.99
C ASP O 113 -41.59 -22.99 65.90
N ALA O 114 -42.75 -23.53 65.50
CA ALA O 114 -43.46 -24.52 66.27
C ALA O 114 -42.75 -25.85 66.26
N ASP O 115 -41.86 -26.06 65.28
CA ASP O 115 -41.01 -27.25 65.24
C ASP O 115 -39.65 -27.06 65.96
N GLY O 116 -39.39 -25.90 66.52
CA GLY O 116 -38.12 -25.67 67.18
C GLY O 116 -37.09 -24.97 66.29
N THR O 117 -37.42 -24.80 65.01
CA THR O 117 -36.49 -24.20 64.04
C THR O 117 -36.27 -22.69 64.29
N ASP O 118 -34.99 -22.30 64.41
CA ASP O 118 -34.60 -20.89 64.51
C ASP O 118 -34.77 -20.27 63.12
N LEU O 119 -35.82 -19.48 62.93
CA LEU O 119 -36.09 -18.93 61.59
C LEU O 119 -35.26 -17.68 61.24
N GLY O 120 -34.49 -17.15 62.18
CA GLY O 120 -33.72 -15.94 61.91
C GLY O 120 -33.92 -14.86 62.96
N ILE O 121 -33.36 -13.69 62.66
CA ILE O 121 -33.26 -12.63 63.62
C ILE O 121 -33.76 -11.29 63.03
N TYR O 122 -34.34 -10.46 63.90
CA TYR O 122 -34.65 -9.07 63.58
C TYR O 122 -33.83 -8.24 64.57
N ARG O 123 -33.20 -7.18 64.08
CA ARG O 123 -32.43 -6.26 64.92
C ARG O 123 -33.17 -4.92 65.08
N LYS O 124 -33.39 -4.52 66.34
CA LYS O 124 -34.14 -3.31 66.64
C LYS O 124 -33.66 -2.11 65.84
N SER O 125 -34.59 -1.47 65.10
CA SER O 125 -34.25 -0.40 64.15
C SER O 125 -34.20 1.01 64.79
N HIS O 126 -35.24 1.36 65.55
CA HIS O 126 -35.38 2.66 66.24
C HIS O 126 -34.92 2.48 67.69
N ILE O 127 -33.90 3.21 68.09
CA ILE O 127 -33.32 3.06 69.43
C ILE O 127 -33.64 4.27 70.32
N PRO O 128 -34.31 4.02 71.47
CA PRO O 128 -34.70 5.14 72.33
C PRO O 128 -33.52 5.71 73.13
N ASP O 129 -33.73 6.88 73.70
CA ASP O 129 -32.71 7.54 74.51
C ASP O 129 -33.35 8.43 75.60
N GLY O 130 -32.57 8.80 76.59
CA GLY O 130 -33.04 9.66 77.65
C GLY O 130 -33.00 8.96 78.99
N PRO O 131 -33.18 9.73 80.07
CA PRO O 131 -33.08 9.19 81.42
C PRO O 131 -33.98 8.01 81.60
N GLY O 132 -33.43 6.91 82.08
CA GLY O 132 -34.18 5.66 82.27
C GLY O 132 -34.03 4.68 81.13
N TYR O 133 -33.81 5.21 79.91
CA TYR O 133 -33.91 4.41 78.67
C TYR O 133 -32.76 4.73 77.75
N GLU O 134 -31.55 4.55 78.27
CA GLU O 134 -30.30 4.94 77.57
C GLU O 134 -29.85 3.88 76.54
N GLU O 135 -30.80 3.43 75.70
CA GLU O 135 -30.51 2.34 74.78
C GLU O 135 -29.50 2.71 73.69
N LYS O 136 -29.49 3.98 73.25
CA LYS O 136 -28.52 4.44 72.24
C LYS O 136 -27.06 4.25 72.65
N PHE O 137 -26.79 4.15 73.97
CA PHE O 137 -25.46 3.88 74.50
C PHE O 137 -25.04 2.44 74.22
N TYR O 138 -26.02 1.54 74.12
CA TYR O 138 -25.74 0.07 74.09
C TYR O 138 -25.80 -0.55 72.74
N PHE O 139 -26.75 -0.09 71.91
CA PHE O 139 -27.11 -0.74 70.66
C PHE O 139 -26.86 0.08 69.38
N ASN O 140 -26.11 -0.51 68.45
CA ASN O 140 -26.09 -0.05 67.07
C ASN O 140 -27.56 -0.04 66.56
N PRO O 141 -27.96 1.02 65.84
CA PRO O 141 -29.24 0.94 65.18
C PRO O 141 -29.26 -0.30 64.25
N GLY O 142 -30.37 -1.04 64.28
CA GLY O 142 -30.47 -2.29 63.54
C GLY O 142 -30.28 -2.19 62.05
N ASP O 143 -29.68 -3.22 61.49
CA ASP O 143 -29.39 -3.23 60.12
C ASP O 143 -30.03 -4.42 59.35
N THR O 144 -30.95 -5.14 59.98
CA THR O 144 -31.70 -6.18 59.27
C THR O 144 -32.78 -5.56 58.44
N GLY O 145 -33.26 -4.37 58.82
CA GLY O 145 -34.48 -3.84 58.21
C GLY O 145 -35.66 -4.62 58.82
N PHE O 146 -36.88 -4.20 58.51
CA PHE O 146 -38.12 -4.86 59.01
C PHE O 146 -38.31 -6.18 58.31
N LYS O 147 -38.76 -7.16 59.07
CA LYS O 147 -38.88 -8.52 58.56
C LYS O 147 -40.20 -9.14 58.93
N VAL O 148 -40.57 -10.12 58.12
CA VAL O 148 -41.72 -10.95 58.39
CA VAL O 148 -41.74 -10.95 58.35
C VAL O 148 -41.26 -12.40 58.34
N PHE O 149 -41.76 -13.21 59.25
CA PHE O 149 -41.38 -14.62 59.34
C PHE O 149 -42.55 -15.53 59.04
N GLN O 150 -42.31 -16.50 58.17
CA GLN O 150 -43.29 -17.52 57.89
C GLN O 150 -43.18 -18.61 58.97
N THR O 151 -44.17 -18.69 59.88
CA THR O 151 -44.19 -19.73 60.90
C THR O 151 -45.19 -20.81 60.46
N LYS O 152 -45.31 -21.84 61.28
CA LYS O 152 -46.28 -22.91 61.01
C LYS O 152 -47.70 -22.37 61.00
N TYR O 153 -47.99 -21.35 61.82
CA TYR O 153 -49.36 -20.83 61.95
C TYR O 153 -49.70 -19.62 61.12
N ALA O 154 -48.69 -18.81 60.77
CA ALA O 154 -48.93 -17.49 60.20
C ALA O 154 -47.64 -16.78 59.81
N LYS O 155 -47.74 -15.82 58.89
CA LYS O 155 -46.65 -14.87 58.64
C LYS O 155 -46.82 -13.79 59.68
N ILE O 156 -45.79 -13.55 60.47
CA ILE O 156 -45.85 -12.61 61.58
C ILE O 156 -44.80 -11.50 61.41
N GLY O 157 -45.14 -10.31 61.87
CA GLY O 157 -44.19 -9.21 61.87
C GLY O 157 -43.81 -9.01 63.34
N VAL O 158 -42.52 -9.13 63.65
CA VAL O 158 -42.03 -8.92 64.98
C VAL O 158 -41.03 -7.73 65.00
N ALA O 159 -41.28 -6.76 65.88
CA ALA O 159 -40.37 -5.66 66.10
C ALA O 159 -40.22 -5.46 67.60
N ILE O 160 -39.43 -4.49 68.01
CA ILE O 160 -39.04 -4.41 69.40
C ILE O 160 -39.29 -3.06 70.03
N CYS O 161 -39.93 -3.10 71.19
CA CYS O 161 -40.26 -1.95 72.03
C CYS O 161 -40.41 -0.60 71.24
N TRP O 162 -39.41 0.28 71.27
CA TRP O 162 -39.52 1.65 70.65
C TRP O 162 -40.01 1.61 69.19
N ASP O 163 -39.69 0.54 68.45
CA ASP O 163 -40.20 0.37 67.07
C ASP O 163 -41.75 0.56 67.02
N GLN O 164 -42.42 0.25 68.13
CA GLN O 164 -43.88 0.24 68.13
C GLN O 164 -44.48 1.65 67.99
N TRP O 165 -43.65 2.69 68.12
CA TRP O 165 -44.16 4.06 68.01
C TRP O 165 -44.17 4.61 66.56
N PHE O 166 -43.61 3.82 65.61
CA PHE O 166 -43.36 4.23 64.23
C PHE O 166 -44.31 3.56 63.24
N PRO O 167 -45.24 4.33 62.68
CA PRO O 167 -46.15 3.78 61.69
C PRO O 167 -45.40 3.10 60.54
N GLU O 168 -44.20 3.60 60.22
CA GLU O 168 -43.41 3.07 59.11
C GLU O 168 -43.07 1.59 59.30
N ALA O 169 -42.76 1.21 60.55
CA ALA O 169 -42.38 -0.18 60.87
C ALA O 169 -43.59 -1.11 60.71
N ALA O 170 -44.73 -0.70 61.26
CA ALA O 170 -45.95 -1.48 61.12
C ALA O 170 -46.37 -1.64 59.62
N ARG O 171 -46.34 -0.55 58.87
CA ARG O 171 -46.69 -0.59 57.46
C ARG O 171 -45.67 -1.43 56.62
N ALA O 172 -44.39 -1.31 56.95
CA ALA O 172 -43.38 -2.10 56.22
C ALA O 172 -43.65 -3.60 56.41
N MET O 173 -43.97 -4.01 57.67
CA MET O 173 -44.27 -5.41 57.94
C MET O 173 -45.55 -5.84 57.22
N ALA O 174 -46.58 -5.01 57.28
CA ALA O 174 -47.87 -5.33 56.62
C ALA O 174 -47.68 -5.47 55.12
N LEU O 175 -46.90 -4.57 54.52
CA LEU O 175 -46.57 -4.64 53.09
C LEU O 175 -45.84 -5.90 52.71
N GLN O 176 -45.03 -6.43 53.64
CA GLN O 176 -44.28 -7.68 53.37
C GLN O 176 -45.12 -8.94 53.73
N GLY O 177 -46.41 -8.75 54.02
CA GLY O 177 -47.34 -9.88 54.28
C GLY O 177 -47.57 -10.27 55.74
N ALA O 178 -47.20 -9.44 56.72
CA ALA O 178 -47.46 -9.78 58.13
C ALA O 178 -48.98 -9.88 58.38
N GLU O 179 -49.37 -10.96 59.07
CA GLU O 179 -50.77 -11.21 59.37
C GLU O 179 -51.10 -10.80 60.82
N ILE O 180 -50.06 -10.68 61.64
CA ILE O 180 -50.15 -10.26 63.06
C ILE O 180 -48.85 -9.52 63.36
N LEU O 181 -48.94 -8.44 64.12
CA LEU O 181 -47.76 -7.73 64.59
C LEU O 181 -47.48 -8.03 66.09
N PHE O 182 -46.21 -8.12 66.46
CA PHE O 182 -45.78 -8.44 67.83
C PHE O 182 -44.72 -7.45 68.26
N TYR O 183 -44.86 -6.91 69.47
CA TYR O 183 -43.96 -5.95 70.03
C TYR O 183 -43.61 -6.25 71.52
N PRO O 184 -42.51 -6.97 71.76
CA PRO O 184 -42.04 -7.11 73.15
C PRO O 184 -41.55 -5.74 73.69
N THR O 185 -41.95 -5.39 74.90
CA THR O 185 -41.76 -4.06 75.42
C THR O 185 -41.18 -4.02 76.84
N ALA O 186 -40.48 -2.90 77.16
CA ALA O 186 -40.12 -2.54 78.54
C ALA O 186 -40.34 -1.04 78.71
N ILE O 187 -41.51 -0.68 79.15
CA ILE O 187 -41.81 0.74 79.33
C ILE O 187 -42.52 1.01 80.65
N GLY O 188 -42.17 2.13 81.25
CA GLY O 188 -42.74 2.51 82.54
C GLY O 188 -42.62 3.98 82.83
N SER O 189 -42.50 4.29 84.11
CA SER O 189 -42.26 5.64 84.53
C SER O 189 -40.87 6.10 84.01
N GLU O 190 -40.59 7.39 84.13
CA GLU O 190 -39.33 7.93 83.71
C GLU O 190 -38.69 8.59 84.93
N PRO O 191 -37.43 8.22 85.24
CA PRO O 191 -36.88 8.57 86.57
C PRO O 191 -36.59 10.04 86.80
N HIS O 192 -36.46 10.81 85.74
CA HIS O 192 -36.19 12.27 85.87
C HIS O 192 -37.45 13.15 86.03
N ASP O 193 -38.64 12.57 85.93
CA ASP O 193 -39.84 13.35 85.88
C ASP O 193 -41.03 12.43 86.16
N GLN O 194 -41.49 12.46 87.41
CA GLN O 194 -42.56 11.58 87.87
C GLN O 194 -43.93 11.92 87.27
N SER O 195 -44.07 13.10 86.65
CA SER O 195 -45.34 13.48 86.01
C SER O 195 -45.55 12.82 84.63
N ILE O 196 -44.53 12.16 84.07
CA ILE O 196 -44.69 11.52 82.78
C ILE O 196 -45.37 10.16 82.95
N ASP O 197 -46.58 10.05 82.40
CA ASP O 197 -47.31 8.79 82.38
C ASP O 197 -47.70 8.53 80.93
N SER O 198 -46.94 7.67 80.26
CA SER O 198 -47.09 7.44 78.82
C SER O 198 -48.02 6.28 78.39
N ARG O 199 -48.59 5.59 79.35
CA ARG O 199 -49.36 4.34 79.02
C ARG O 199 -50.53 4.48 78.02
N ASP O 200 -51.31 5.57 78.13
CA ASP O 200 -52.45 5.81 77.21
C ASP O 200 -51.99 6.18 75.82
N HIS O 201 -50.96 7.02 75.75
CA HIS O 201 -50.33 7.44 74.50
C HIS O 201 -49.77 6.21 73.78
N TRP O 202 -49.01 5.41 74.54
CA TRP O 202 -48.39 4.14 74.10
C TRP O 202 -49.41 3.24 73.45
N LYS O 203 -50.46 2.94 74.19
CA LYS O 203 -51.57 2.14 73.65
C LYS O 203 -52.20 2.73 72.39
N ARG O 204 -52.52 4.02 72.41
CA ARG O 204 -53.21 4.64 71.23
C ARG O 204 -52.40 4.57 69.95
N VAL O 205 -51.08 4.72 70.05
CA VAL O 205 -50.25 4.72 68.85
C VAL O 205 -50.26 3.31 68.21
N MET O 206 -50.15 2.27 69.05
CA MET O 206 -50.20 0.89 68.51
C MET O 206 -51.57 0.55 67.96
N GLN O 207 -52.61 0.98 68.65
CA GLN O 207 -53.98 0.79 68.14
C GLN O 207 -54.17 1.43 66.74
N GLY O 208 -53.54 2.58 66.55
CA GLY O 208 -53.55 3.23 65.27
C GLY O 208 -52.87 2.37 64.18
N HIS O 209 -51.74 1.70 64.50
CA HIS O 209 -51.09 0.77 63.53
C HIS O 209 -52.00 -0.38 63.13
N ALA O 210 -52.60 -1.00 64.13
CA ALA O 210 -53.48 -2.11 63.88
C ALA O 210 -54.64 -1.67 62.97
N GLY O 211 -55.27 -0.55 63.33
CA GLY O 211 -56.38 0.00 62.54
C GLY O 211 -56.04 0.44 61.12
N ALA O 212 -54.84 1.01 60.92
CA ALA O 212 -54.44 1.50 59.59
C ALA O 212 -54.03 0.37 58.63
N ASN O 213 -53.55 -0.73 59.19
CA ASN O 213 -53.10 -1.86 58.38
C ASN O 213 -54.09 -3.01 58.37
N LEU O 214 -55.12 -2.91 59.21
CA LEU O 214 -56.10 -3.98 59.38
C LEU O 214 -55.42 -5.33 59.73
N VAL O 215 -54.58 -5.28 60.76
CA VAL O 215 -53.94 -6.47 61.28
C VAL O 215 -53.97 -6.48 62.83
N PRO O 216 -54.14 -7.66 63.44
CA PRO O 216 -54.07 -7.71 64.91
C PRO O 216 -52.65 -7.40 65.42
N LEU O 217 -52.57 -7.01 66.68
CA LEU O 217 -51.32 -6.57 67.28
C LEU O 217 -51.24 -7.06 68.73
N VAL O 218 -50.07 -7.54 69.12
CA VAL O 218 -49.80 -8.05 70.46
C VAL O 218 -48.62 -7.28 71.08
N ALA O 219 -48.83 -6.76 72.30
CA ALA O 219 -47.79 -6.05 73.02
C ALA O 219 -47.62 -6.68 74.40
N SER O 220 -46.42 -7.18 74.70
CA SER O 220 -46.08 -7.75 75.99
C SER O 220 -45.14 -6.79 76.69
N ASN O 221 -45.55 -6.31 77.84
CA ASN O 221 -44.75 -5.36 78.61
C ASN O 221 -44.50 -5.90 80.06
N ARG O 222 -43.37 -5.44 80.61
CA ARG O 222 -42.89 -5.71 81.95
C ARG O 222 -43.75 -5.06 83.03
N ILE O 223 -43.69 -5.66 84.24
CA ILE O 223 -44.20 -5.10 85.47
C ILE O 223 -43.11 -5.00 86.55
N GLY O 224 -43.42 -4.27 87.62
CA GLY O 224 -42.61 -4.19 88.81
C GLY O 224 -41.64 -3.04 88.88
N ASN O 225 -41.12 -2.81 90.06
CA ASN O 225 -40.10 -1.77 90.25
C ASN O 225 -38.73 -2.33 90.06
N GLU O 226 -37.85 -1.56 89.45
CA GLU O 226 -36.49 -1.97 89.30
C GLU O 226 -35.60 -0.81 89.62
N ILE O 227 -34.63 -1.07 90.49
CA ILE O 227 -33.61 -0.13 90.87
C ILE O 227 -32.29 -0.58 90.23
N ILE O 228 -31.65 0.32 89.50
CA ILE O 228 -30.37 0.06 88.90
C ILE O 228 -29.33 0.99 89.53
N GLU O 229 -28.17 0.45 89.86
CA GLU O 229 -27.03 1.26 90.27
C GLU O 229 -26.40 1.85 89.00
N THR O 230 -26.66 3.12 88.74
CA THR O 230 -26.09 3.76 87.55
C THR O 230 -24.77 4.42 87.95
N GLU O 231 -24.05 4.84 86.93
CA GLU O 231 -22.82 5.58 87.13
C GLU O 231 -23.04 6.89 87.92
N HIS O 232 -24.28 7.33 88.12
CA HIS O 232 -24.56 8.50 89.00
C HIS O 232 -25.47 8.16 90.19
N GLY O 233 -25.53 6.88 90.61
CA GLY O 233 -26.35 6.45 91.75
C GLY O 233 -27.60 5.67 91.33
N LYS O 234 -28.46 5.39 92.29
CA LYS O 234 -29.69 4.60 92.04
C LYS O 234 -30.66 5.31 91.11
N SER O 235 -31.28 4.54 90.23
CA SER O 235 -32.32 5.06 89.33
C SER O 235 -33.42 4.02 89.35
N GLU O 236 -34.65 4.49 89.43
CA GLU O 236 -35.78 3.61 89.61
C GLU O 236 -36.83 3.81 88.55
N ILE O 237 -37.40 2.70 88.07
CA ILE O 237 -38.52 2.73 87.16
C ILE O 237 -39.59 1.76 87.70
N LYS O 238 -40.85 2.19 87.63
CA LYS O 238 -41.99 1.31 87.85
C LYS O 238 -42.53 1.00 86.46
N PHE O 239 -42.36 -0.24 86.02
CA PHE O 239 -42.92 -0.67 84.73
C PHE O 239 -44.42 -0.80 84.90
N TYR O 240 -45.16 -0.44 83.85
CA TYR O 240 -46.61 -0.27 83.99
C TYR O 240 -47.52 -1.30 83.28
N GLY O 241 -46.96 -2.45 82.91
CA GLY O 241 -47.78 -3.55 82.43
C GLY O 241 -48.63 -3.05 81.29
N ASN O 242 -49.94 -3.24 81.40
CA ASN O 242 -50.88 -2.86 80.35
C ASN O 242 -50.60 -3.61 79.06
N SER O 243 -49.99 -4.79 79.17
CA SER O 243 -49.85 -5.68 78.02
C SER O 243 -51.25 -5.87 77.43
N PHE O 244 -51.32 -6.03 76.12
CA PHE O 244 -52.63 -6.13 75.47
C PHE O 244 -52.59 -6.80 74.11
N ILE O 245 -53.77 -7.17 73.65
CA ILE O 245 -53.96 -7.73 72.30
C ILE O 245 -55.05 -6.90 71.64
N ALA O 246 -54.75 -6.34 70.46
CA ALA O 246 -55.72 -5.54 69.71
C ALA O 246 -56.10 -6.29 68.44
N GLY O 247 -57.38 -6.20 68.08
CA GLY O 247 -57.93 -6.78 66.84
C GLY O 247 -57.65 -5.87 65.64
N PRO O 248 -58.10 -6.29 64.43
CA PRO O 248 -57.71 -5.60 63.18
C PRO O 248 -58.24 -4.16 62.95
N THR O 249 -59.21 -3.71 63.71
CA THR O 249 -59.62 -2.30 63.63
C THR O 249 -59.02 -1.52 64.81
N GLY O 250 -58.04 -2.11 65.51
CA GLY O 250 -57.44 -1.48 66.71
C GLY O 250 -58.19 -1.66 68.06
N GLU O 251 -59.33 -2.36 68.07
CA GLU O 251 -60.07 -2.59 69.33
C GLU O 251 -59.25 -3.50 70.25
N ILE O 252 -59.11 -3.08 71.51
CA ILE O 252 -58.46 -3.87 72.54
C ILE O 252 -59.39 -5.06 72.86
N VAL O 253 -58.92 -6.29 72.65
CA VAL O 253 -59.72 -7.47 72.93
C VAL O 253 -59.29 -8.16 74.22
N SER O 254 -58.07 -7.89 74.69
CA SER O 254 -57.62 -8.43 75.96
C SER O 254 -56.55 -7.48 76.53
N ILE O 255 -56.62 -7.16 77.82
CA ILE O 255 -55.66 -6.24 78.43
C ILE O 255 -55.36 -6.61 79.88
N ALA O 256 -54.10 -6.43 80.28
CA ALA O 256 -53.69 -6.64 81.69
C ALA O 256 -53.64 -5.29 82.44
N ASP O 257 -53.72 -5.35 83.78
CA ASP O 257 -53.54 -4.13 84.58
C ASP O 257 -52.03 -3.76 84.66
N ASP O 258 -51.71 -2.81 85.52
CA ASP O 258 -50.35 -2.29 85.58
C ASP O 258 -49.42 -2.96 86.59
N LYS O 259 -49.92 -4.01 87.24
CA LYS O 259 -49.15 -4.68 88.29
C LYS O 259 -49.22 -6.24 88.34
N GLU O 260 -50.26 -6.84 87.77
CA GLU O 260 -50.42 -8.28 87.84
C GLU O 260 -49.51 -9.05 86.88
N GLU O 261 -49.15 -10.28 87.28
CA GLU O 261 -48.54 -11.22 86.35
C GLU O 261 -49.70 -11.65 85.47
N ALA O 262 -49.49 -11.85 84.17
CA ALA O 262 -50.66 -12.19 83.30
C ALA O 262 -50.35 -13.01 82.07
N VAL O 263 -51.36 -13.78 81.67
CA VAL O 263 -51.36 -14.51 80.42
C VAL O 263 -52.62 -14.09 79.67
N LEU O 264 -52.45 -13.32 78.59
CA LEU O 264 -53.59 -12.91 77.73
C LEU O 264 -53.69 -13.82 76.52
N ILE O 265 -54.92 -14.06 76.09
CA ILE O 265 -55.24 -14.95 75.00
C ILE O 265 -56.29 -14.33 74.10
N ALA O 266 -56.09 -14.44 72.79
CA ALA O 266 -57.12 -14.07 71.81
C ALA O 266 -56.97 -14.97 70.57
N GLU O 267 -58.10 -15.34 69.99
CA GLU O 267 -58.09 -16.11 68.75
C GLU O 267 -58.47 -15.19 67.59
N PHE O 268 -57.79 -15.32 66.47
CA PHE O 268 -58.12 -14.56 65.25
C PHE O 268 -58.32 -15.48 64.05
N ASN O 269 -59.26 -15.13 63.18
CA ASN O 269 -59.49 -15.86 61.94
C ASN O 269 -58.69 -15.17 60.83
N LEU O 270 -57.48 -15.64 60.59
CA LEU O 270 -56.59 -14.96 59.63
C LEU O 270 -57.12 -14.88 58.14
N ASP O 271 -57.94 -15.86 57.71
CA ASP O 271 -58.53 -15.80 56.36
C ASP O 271 -59.64 -14.76 56.26
N LYS O 272 -60.48 -14.65 57.28
CA LYS O 272 -61.53 -13.61 57.28
C LYS O 272 -60.89 -12.22 57.38
N ILE O 273 -59.87 -12.08 58.22
CA ILE O 273 -59.20 -10.77 58.35
C ILE O 273 -58.55 -10.40 57.00
N LYS O 274 -57.98 -11.38 56.29
CA LYS O 274 -57.30 -11.09 55.02
C LYS O 274 -58.29 -10.66 53.92
N SER O 275 -59.45 -11.30 53.85
CA SER O 275 -60.44 -10.88 52.87
C SER O 275 -61.00 -9.50 53.27
N MET O 276 -61.18 -9.23 54.58
CA MET O 276 -61.57 -7.87 55.04
C MET O 276 -60.54 -6.84 54.59
N ARG O 277 -59.28 -7.15 54.85
CA ARG O 277 -58.18 -6.27 54.49
C ARG O 277 -58.22 -5.96 52.98
N HIS O 278 -58.31 -7.00 52.16
CA HIS O 278 -58.40 -6.89 50.71
C HIS O 278 -59.58 -6.02 50.22
N CYS O 279 -60.78 -6.28 50.74
CA CYS O 279 -62.00 -5.50 50.36
C CYS O 279 -61.92 -4.03 50.77
N TRP O 280 -61.39 -3.78 51.95
CA TRP O 280 -61.23 -2.42 52.43
C TRP O 280 -60.42 -1.64 51.36
N GLY O 281 -59.40 -2.31 50.78
CA GLY O 281 -58.71 -1.80 49.61
C GLY O 281 -57.61 -0.79 49.83
N VAL O 282 -57.38 -0.38 51.07
CA VAL O 282 -56.39 0.71 51.31
C VAL O 282 -55.02 0.43 50.69
N PHE O 283 -54.53 -0.81 50.78
CA PHE O 283 -53.24 -1.20 50.16
C PHE O 283 -53.18 -0.93 48.64
N ARG O 284 -54.26 -1.21 47.95
CA ARG O 284 -54.35 -0.87 46.53
C ARG O 284 -54.46 0.65 46.28
N ASP O 285 -54.91 1.40 47.30
CA ASP O 285 -55.15 2.85 47.15
C ASP O 285 -53.94 3.68 47.53
N ARG O 286 -52.90 3.06 48.07
CA ARG O 286 -51.72 3.83 48.54
C ARG O 286 -51.07 4.59 47.39
N ARG O 287 -50.36 5.66 47.71
CA ARG O 287 -49.73 6.51 46.71
C ARG O 287 -48.21 6.62 46.97
N PRO O 288 -47.48 5.49 46.80
CA PRO O 288 -46.01 5.50 47.01
C PRO O 288 -45.27 6.56 46.18
N ASP O 289 -45.87 6.95 45.06
CA ASP O 289 -45.35 8.01 44.19
C ASP O 289 -45.30 9.37 44.90
N LEU O 290 -46.10 9.52 45.96
CA LEU O 290 -46.15 10.74 46.78
C LEU O 290 -45.46 10.60 48.13
N TYR O 291 -44.82 9.44 48.43
CA TYR O 291 -44.28 9.21 49.77
C TYR O 291 -42.77 9.43 49.88
N LYS O 292 -42.16 10.07 48.90
CA LYS O 292 -40.69 10.27 48.91
C LYS O 292 -40.18 10.98 50.14
N VAL O 293 -40.98 11.91 50.64
CA VAL O 293 -40.61 12.70 51.83
C VAL O 293 -40.33 11.83 53.04
N LEU O 294 -40.91 10.61 53.06
CA LEU O 294 -40.68 9.67 54.19
C LEU O 294 -39.24 9.17 54.24
N LEU O 295 -38.53 9.31 53.12
CA LEU O 295 -37.09 8.94 53.03
C LEU O 295 -36.19 10.10 53.42
N THR O 296 -36.77 11.18 53.96
CA THR O 296 -36.00 12.27 54.52
C THR O 296 -36.20 12.21 56.05
N LEU O 297 -35.28 12.87 56.78
CA LEU O 297 -35.48 13.17 58.24
C LEU O 297 -36.06 14.59 58.48
N ASP O 298 -35.65 15.53 57.62
CA ASP O 298 -35.91 16.97 57.81
C ASP O 298 -37.03 17.51 56.91
N GLY O 299 -37.72 16.61 56.24
CA GLY O 299 -38.82 17.02 55.37
C GLY O 299 -38.42 17.57 54.01
N LYS O 300 -37.12 17.53 53.69
CA LYS O 300 -36.60 18.06 52.42
C LYS O 300 -35.45 17.23 51.76
N ASN O 301 -34.46 16.85 52.54
CA ASN O 301 -33.26 16.18 52.00
C ASN O 301 -33.35 14.68 52.12
N PRO O 302 -33.41 13.96 50.97
CA PRO O 302 -33.39 12.49 51.08
C PRO O 302 -32.09 11.98 51.70
N VAL O 303 -32.18 10.99 52.56
CA VAL O 303 -30.98 10.41 53.15
C VAL O 303 -30.24 9.60 52.07
N LEU O 304 -28.95 9.44 52.27
CA LEU O 304 -28.13 8.60 51.43
C LEU O 304 -28.39 7.10 51.79
N ASP P 7 -48.14 29.69 81.58
CA ASP P 7 -47.20 29.12 80.55
C ASP P 7 -47.08 30.01 79.30
N LYS P 8 -45.84 30.37 78.95
CA LYS P 8 -45.61 31.20 77.75
C LYS P 8 -45.60 30.30 76.52
N GLY P 9 -45.67 30.94 75.34
CA GLY P 9 -45.69 30.22 74.07
C GLY P 9 -46.93 30.52 73.28
N ARG P 10 -46.83 30.38 71.96
CA ARG P 10 -47.94 30.62 71.05
C ARG P 10 -49.08 29.68 71.39
N LYS P 11 -50.24 30.26 71.59
CA LYS P 11 -51.48 29.51 71.82
C LYS P 11 -52.30 29.65 70.60
N VAL P 12 -52.90 28.57 70.17
CA VAL P 12 -53.78 28.65 69.04
C VAL P 12 -55.04 27.91 69.44
N VAL P 13 -56.19 28.51 69.15
CA VAL P 13 -57.51 27.91 69.36
C VAL P 13 -58.02 27.35 68.03
N VAL P 14 -58.31 26.05 68.02
CA VAL P 14 -58.81 25.39 66.81
C VAL P 14 -60.26 24.97 67.01
N SER P 15 -60.98 24.82 65.89
CA SER P 15 -62.39 24.45 65.93
C SER P 15 -62.74 23.48 64.82
N ALA P 16 -63.56 22.50 65.17
CA ALA P 16 -64.15 21.59 64.22
C ALA P 16 -65.61 21.91 64.23
N LEU P 17 -66.18 22.08 63.05
CA LEU P 17 -67.63 22.30 62.88
C LEU P 17 -68.30 21.02 62.41
N GLN P 18 -69.58 20.86 62.73
CA GLN P 18 -70.35 19.69 62.34
C GLN P 18 -71.74 20.17 62.08
N PHE P 19 -72.23 19.92 60.88
CA PHE P 19 -73.58 20.32 60.51
C PHE P 19 -74.14 19.50 59.37
N ALA P 20 -75.45 19.64 59.18
CA ALA P 20 -76.19 18.95 58.15
C ALA P 20 -76.27 19.84 56.90
N CYS P 21 -76.22 19.18 55.72
CA CYS P 21 -76.28 19.84 54.42
C CYS P 21 -77.60 19.62 53.68
N THR P 22 -78.05 20.67 52.99
CA THR P 22 -79.08 20.56 51.98
C THR P 22 -78.29 20.37 50.69
N ASP P 23 -78.99 20.21 49.57
CA ASP P 23 -78.28 20.13 48.29
C ASP P 23 -78.19 21.50 47.62
N ASP P 24 -78.33 22.56 48.45
CA ASP P 24 -78.29 23.90 47.96
C ASP P 24 -77.06 24.67 48.48
N VAL P 25 -76.26 25.20 47.54
CA VAL P 25 -74.99 25.89 47.86
C VAL P 25 -75.14 27.11 48.77
N SER P 26 -76.07 28.01 48.44
CA SER P 26 -76.23 29.27 49.19
C SER P 26 -76.59 29.00 50.65
N THR P 27 -77.56 28.11 50.86
CA THR P 27 -77.95 27.64 52.20
C THR P 27 -76.77 27.05 52.99
N ASN P 28 -76.03 26.13 52.37
CA ASN P 28 -74.89 25.52 53.05
C ASN P 28 -73.79 26.52 53.36
N VAL P 29 -73.54 27.48 52.46
CA VAL P 29 -72.47 28.46 52.72
C VAL P 29 -72.95 29.34 53.90
N THR P 30 -74.25 29.69 53.87
CA THR P 30 -74.85 30.46 54.97
C THR P 30 -74.70 29.72 56.31
N THR P 31 -74.96 28.40 56.31
CA THR P 31 -74.74 27.54 57.52
C THR P 31 -73.25 27.61 58.00
N ALA P 32 -72.32 27.41 57.06
CA ALA P 32 -70.88 27.43 57.37
C ALA P 32 -70.48 28.78 58.00
N GLU P 33 -70.88 29.85 57.32
CA GLU P 33 -70.68 31.22 57.78
C GLU P 33 -71.16 31.44 59.24
N ARG P 34 -72.40 31.01 59.53
CA ARG P 34 -73.01 31.08 60.86
C ARG P 34 -72.14 30.36 61.89
N LEU P 35 -71.72 29.14 61.56
CA LEU P 35 -70.95 28.33 62.51
C LEU P 35 -69.50 28.84 62.68
N VAL P 36 -68.89 29.36 61.60
CA VAL P 36 -67.54 29.97 61.68
C VAL P 36 -67.60 31.19 62.60
N ARG P 37 -68.64 32.01 62.41
CA ARG P 37 -68.85 33.17 63.27
C ARG P 37 -69.00 32.77 64.75
N ALA P 38 -69.75 31.68 65.00
CA ALA P 38 -69.94 31.18 66.38
C ALA P 38 -68.62 30.63 66.99
N ALA P 39 -67.80 30.01 66.15
CA ALA P 39 -66.50 29.51 66.60
C ALA P 39 -65.58 30.68 66.95
N HIS P 40 -65.56 31.68 66.07
CA HIS P 40 -64.78 32.91 66.30
C HIS P 40 -65.21 33.58 67.61
N LYS P 41 -66.52 33.63 67.85
CA LYS P 41 -67.03 34.23 69.07
C LYS P 41 -66.46 33.51 70.27
N GLN P 42 -66.20 32.21 70.14
CA GLN P 42 -65.62 31.42 71.23
C GLN P 42 -64.10 31.40 71.25
N GLY P 43 -63.46 32.25 70.45
CA GLY P 43 -62.04 32.36 70.49
C GLY P 43 -61.30 31.63 69.40
N ALA P 44 -62.00 30.96 68.49
CA ALA P 44 -61.27 30.15 67.46
C ALA P 44 -60.43 31.01 66.52
N ASN P 45 -59.20 30.52 66.25
CA ASN P 45 -58.25 31.14 65.28
C ASN P 45 -58.29 30.41 63.95
N ILE P 46 -58.49 29.10 64.01
CA ILE P 46 -58.53 28.27 62.82
C ILE P 46 -59.79 27.42 62.92
N VAL P 47 -60.60 27.45 61.87
CA VAL P 47 -61.89 26.78 61.88
C VAL P 47 -62.07 25.84 60.69
N LEU P 48 -62.38 24.57 61.00
CA LEU P 48 -62.48 23.55 59.98
C LEU P 48 -63.93 23.20 59.65
N ILE P 49 -64.29 23.43 58.39
CA ILE P 49 -65.55 23.01 57.82
C ILE P 49 -65.38 21.63 57.16
N GLN P 50 -66.39 20.79 57.33
CA GLN P 50 -66.48 19.45 56.73
C GLN P 50 -66.41 19.42 55.20
N GLU P 51 -66.06 18.22 54.72
CA GLU P 51 -65.80 17.98 53.33
C GLU P 51 -67.00 18.22 52.44
N LEU P 52 -66.78 18.95 51.34
CA LEU P 52 -67.79 19.19 50.30
C LEU P 52 -69.15 19.66 50.85
N PHE P 53 -69.05 20.61 51.78
CA PHE P 53 -70.18 21.18 52.50
C PHE P 53 -71.23 21.84 51.57
N GLU P 54 -70.82 22.23 50.37
CA GLU P 54 -71.70 22.92 49.41
C GLU P 54 -72.94 22.13 48.92
N GLY P 55 -72.97 20.82 49.15
CA GLY P 55 -74.11 19.99 48.75
C GLY P 55 -74.10 18.62 49.40
N TYR P 56 -75.05 17.76 48.99
CA TYR P 56 -75.08 16.39 49.46
C TYR P 56 -73.77 15.76 49.02
N TYR P 57 -73.32 14.76 49.77
CA TYR P 57 -72.16 13.98 49.40
C TYR P 57 -72.56 13.05 48.24
N PHE P 58 -72.26 13.50 47.02
CA PHE P 58 -72.67 12.81 45.76
C PHE P 58 -71.65 11.80 45.19
N CYS P 59 -70.45 11.75 45.77
CA CYS P 59 -69.27 11.05 45.16
C CYS P 59 -69.43 9.55 44.82
N GLN P 60 -70.30 8.85 45.56
CA GLN P 60 -70.55 7.43 45.34
C GLN P 60 -71.68 7.20 44.31
N ALA P 61 -72.59 8.17 44.17
CA ALA P 61 -73.65 8.11 43.16
C ALA P 61 -73.08 8.53 41.81
N GLN P 62 -72.93 7.60 40.88
CA GLN P 62 -72.32 7.88 39.57
C GLN P 62 -73.31 8.57 38.64
N ARG P 63 -73.77 9.74 39.05
CA ARG P 63 -74.68 10.51 38.25
C ARG P 63 -73.84 11.53 37.47
N GLU P 64 -73.95 11.48 36.16
CA GLU P 64 -73.13 12.28 35.26
C GLU P 64 -73.39 13.79 35.36
N ASP P 65 -74.61 14.17 35.76
CA ASP P 65 -74.98 15.59 35.88
C ASP P 65 -74.26 16.36 37.03
N PHE P 66 -73.79 15.63 38.06
CA PHE P 66 -73.06 16.28 39.19
C PHE P 66 -71.63 16.71 38.80
N ILE P 67 -71.18 16.35 37.60
CA ILE P 67 -69.86 16.79 37.11
C ILE P 67 -69.81 18.32 36.90
N GLN P 68 -70.96 18.93 36.61
CA GLN P 68 -71.05 20.40 36.38
C GLN P 68 -70.86 21.21 37.66
N ARG P 69 -71.03 20.57 38.81
CA ARG P 69 -70.76 21.22 40.09
C ARG P 69 -69.29 21.60 40.23
N ALA P 70 -68.41 20.90 39.52
CA ALA P 70 -66.98 21.25 39.53
C ALA P 70 -66.79 22.63 38.94
N LYS P 71 -66.03 23.46 39.65
CA LYS P 71 -65.68 24.82 39.22
C LYS P 71 -64.17 25.08 39.36
N PRO P 72 -63.62 26.03 38.57
CA PRO P 72 -62.19 26.35 38.71
C PRO P 72 -61.75 26.82 40.12
N TYR P 73 -60.48 26.53 40.45
CA TYR P 73 -59.86 27.08 41.65
C TYR P 73 -59.86 28.62 41.58
N LYS P 74 -59.52 29.16 40.39
CA LYS P 74 -59.48 30.60 40.18
C LYS P 74 -60.88 31.25 40.20
N ASP P 75 -61.01 32.29 41.04
CA ASP P 75 -62.26 33.05 41.24
C ASP P 75 -63.47 32.17 41.59
N HIS P 76 -63.25 31.13 42.40
CA HIS P 76 -64.36 30.28 42.88
C HIS P 76 -65.27 31.14 43.78
N PRO P 77 -66.58 31.19 43.50
CA PRO P 77 -67.47 32.08 44.30
C PRO P 77 -67.50 31.76 45.81
N THR P 78 -67.47 30.48 46.18
CA THR P 78 -67.47 30.11 47.61
C THR P 78 -66.14 30.47 48.30
N ILE P 79 -64.99 30.25 47.63
CA ILE P 79 -63.69 30.59 48.19
C ILE P 79 -63.59 32.10 48.41
N MET P 80 -63.95 32.86 47.37
CA MET P 80 -63.97 34.34 47.46
C MET P 80 -64.89 34.85 48.57
N ARG P 81 -66.03 34.22 48.73
CA ARG P 81 -66.93 34.61 49.79
C ARG P 81 -66.28 34.34 51.15
N LEU P 82 -65.75 33.13 51.34
CA LEU P 82 -65.14 32.80 52.63
C LEU P 82 -63.82 33.58 52.88
N GLN P 83 -63.19 34.10 51.80
CA GLN P 83 -61.99 34.99 51.98
C GLN P 83 -62.34 36.28 52.73
N LYS P 84 -63.45 36.89 52.36
CA LYS P 84 -63.89 38.11 53.06
C LYS P 84 -64.19 37.79 54.53
N LEU P 85 -64.86 36.66 54.78
CA LEU P 85 -65.17 36.23 56.15
C LEU P 85 -63.87 36.00 56.97
N ALA P 86 -62.91 35.28 56.38
CA ALA P 86 -61.61 35.05 57.02
C ALA P 86 -60.92 36.38 57.40
N LYS P 87 -60.91 37.34 56.47
CA LYS P 87 -60.28 38.62 56.70
C LYS P 87 -61.05 39.40 57.76
N GLU P 88 -62.37 39.42 57.64
CA GLU P 88 -63.23 40.11 58.57
C GLU P 88 -62.95 39.68 60.00
N LEU P 89 -62.95 38.37 60.23
CA LEU P 89 -62.82 37.83 61.60
C LEU P 89 -61.38 37.57 62.05
N GLY P 90 -60.43 37.54 61.13
CA GLY P 90 -59.05 37.22 61.49
C GLY P 90 -58.89 35.72 61.75
N VAL P 91 -59.61 34.89 60.99
CA VAL P 91 -59.50 33.43 61.13
C VAL P 91 -59.04 32.70 59.84
N VAL P 92 -58.37 31.59 60.06
CA VAL P 92 -57.94 30.70 58.99
C VAL P 92 -59.05 29.72 58.67
N ILE P 93 -59.35 29.57 57.39
CA ILE P 93 -60.44 28.69 56.95
C ILE P 93 -60.02 27.86 55.75
N PRO P 94 -59.71 26.58 55.99
CA PRO P 94 -59.57 25.67 54.83
C PRO P 94 -60.92 25.47 54.15
N VAL P 95 -60.98 25.66 52.84
CA VAL P 95 -62.24 25.55 52.06
C VAL P 95 -62.29 24.34 51.08
N SER P 96 -62.98 23.29 51.51
CA SER P 96 -63.19 22.09 50.69
C SER P 96 -64.07 22.40 49.49
N PHE P 97 -63.64 21.98 48.30
CA PHE P 97 -64.43 22.23 47.10
C PHE P 97 -64.12 21.24 45.98
N PHE P 98 -65.09 21.11 45.06
CA PHE P 98 -65.00 20.26 43.87
C PHE P 98 -64.37 21.08 42.72
N GLU P 99 -63.12 20.75 42.38
CA GLU P 99 -62.28 21.53 41.47
C GLU P 99 -62.29 21.05 40.02
N GLU P 100 -62.44 22.01 39.10
CA GLU P 100 -62.33 21.77 37.67
C GLU P 100 -61.01 22.36 37.21
N ALA P 101 -60.15 21.52 36.64
CA ALA P 101 -58.86 21.93 36.09
C ALA P 101 -58.80 21.35 34.66
N ASN P 102 -59.50 22.02 33.74
CA ASN P 102 -59.77 21.54 32.34
C ASN P 102 -60.52 20.16 32.26
N ASN P 103 -59.85 19.09 31.80
CA ASN P 103 -60.49 17.75 31.75
C ASN P 103 -60.18 16.91 33.01
N ALA P 104 -59.13 17.29 33.73
CA ALA P 104 -58.93 16.75 35.09
C ALA P 104 -59.90 17.42 36.10
N HIS P 105 -60.42 16.62 37.03
CA HIS P 105 -61.27 17.09 38.12
C HIS P 105 -60.66 16.58 39.42
N TYR P 106 -60.72 17.39 40.50
CA TYR P 106 -60.16 17.00 41.80
C TYR P 106 -61.04 17.38 42.96
N ASN P 107 -60.84 16.68 44.08
CA ASN P 107 -61.48 16.99 45.34
C ASN P 107 -60.40 17.76 46.06
N SER P 108 -60.64 19.04 46.25
CA SER P 108 -59.58 19.96 46.67
C SER P 108 -59.91 20.80 47.91
N ILE P 109 -58.88 21.48 48.40
CA ILE P 109 -59.06 22.38 49.52
C ILE P 109 -58.09 23.57 49.41
N ALA P 110 -58.66 24.76 49.54
CA ALA P 110 -57.92 26.02 49.48
C ALA P 110 -57.74 26.55 50.90
N ILE P 111 -56.51 26.89 51.24
CA ILE P 111 -56.22 27.38 52.58
C ILE P 111 -56.22 28.89 52.58
N ILE P 112 -57.20 29.47 53.27
CA ILE P 112 -57.35 30.91 53.37
C ILE P 112 -56.78 31.38 54.70
N ASP P 113 -55.80 32.28 54.63
CA ASP P 113 -55.16 32.78 55.81
C ASP P 113 -56.05 33.80 56.54
N ALA P 114 -55.63 34.16 57.76
CA ALA P 114 -56.39 35.08 58.63
C ALA P 114 -56.48 36.53 58.14
N ASP P 115 -55.72 36.86 57.08
CA ASP P 115 -55.82 38.17 56.38
C ASP P 115 -56.58 38.03 55.06
N GLY P 116 -57.18 36.85 54.82
CA GLY P 116 -57.90 36.62 53.58
C GLY P 116 -57.08 36.09 52.42
N THR P 117 -55.75 36.02 52.58
CA THR P 117 -54.90 35.53 51.48
C THR P 117 -55.15 34.06 51.13
N ASP P 118 -55.27 33.76 49.84
CA ASP P 118 -55.32 32.39 49.33
C ASP P 118 -53.88 31.80 49.37
N LEU P 119 -53.60 30.88 50.28
CA LEU P 119 -52.25 30.32 50.38
C LEU P 119 -51.96 29.20 49.39
N GLY P 120 -52.98 28.66 48.73
CA GLY P 120 -52.77 27.54 47.78
C GLY P 120 -53.75 26.40 48.01
N ILE P 121 -53.57 25.33 47.23
CA ILE P 121 -54.44 24.12 47.26
C ILE P 121 -53.73 22.80 47.56
N TYR P 122 -54.47 21.93 48.25
CA TYR P 122 -54.12 20.52 48.36
C TYR P 122 -55.20 19.75 47.55
N ARG P 123 -54.78 18.75 46.79
CA ARG P 123 -55.69 17.90 46.02
C ARG P 123 -55.69 16.50 46.65
N LYS P 124 -56.90 16.01 46.95
CA LYS P 124 -57.08 14.66 47.55
C LYS P 124 -56.26 13.61 46.77
N SER P 125 -55.40 12.92 47.49
CA SER P 125 -54.43 12.00 46.89
C SER P 125 -54.91 10.55 46.80
N HIS P 126 -55.60 10.08 47.85
CA HIS P 126 -56.03 8.69 47.93
C HIS P 126 -57.49 8.56 47.49
N ILE P 127 -57.73 7.88 46.37
CA ILE P 127 -59.07 7.75 45.77
C ILE P 127 -59.49 6.29 45.90
N PRO P 128 -60.55 6.05 46.70
CA PRO P 128 -61.02 4.68 46.85
C PRO P 128 -61.86 4.21 45.66
N ASP P 129 -61.68 2.96 45.30
CA ASP P 129 -62.50 2.31 44.30
C ASP P 129 -63.36 1.29 45.06
N TYR P 133 -68.17 2.44 46.63
CA TYR P 133 -67.03 3.30 46.33
C TYR P 133 -66.76 3.37 44.84
N GLU P 134 -67.04 4.52 44.25
CA GLU P 134 -66.80 4.76 42.84
C GLU P 134 -66.44 6.24 42.60
N GLU P 135 -65.63 6.82 43.51
CA GLU P 135 -65.21 8.23 43.42
C GLU P 135 -64.37 8.57 42.19
N LYS P 136 -63.75 7.57 41.58
CA LYS P 136 -62.92 7.81 40.38
C LYS P 136 -63.75 8.40 39.20
N PHE P 137 -65.06 8.11 39.19
CA PHE P 137 -66.02 8.76 38.29
C PHE P 137 -65.95 10.31 38.34
N TYR P 138 -65.66 10.88 39.52
CA TYR P 138 -65.60 12.35 39.71
C TYR P 138 -64.20 12.93 39.89
N PHE P 139 -63.35 12.24 40.65
CA PHE P 139 -62.04 12.78 41.04
C PHE P 139 -60.86 12.02 40.46
N ASN P 140 -59.93 12.76 39.86
CA ASN P 140 -58.62 12.20 39.51
C ASN P 140 -57.77 12.08 40.80
N PRO P 141 -56.77 11.18 40.81
CA PRO P 141 -55.87 11.15 41.95
C PRO P 141 -55.09 12.46 42.01
N GLY P 142 -55.00 13.04 43.20
CA GLY P 142 -54.33 14.32 43.38
C GLY P 142 -52.87 14.27 42.96
N ASP P 143 -52.41 15.37 42.39
CA ASP P 143 -51.04 15.51 41.97
C ASP P 143 -50.28 16.64 42.73
N THR P 144 -50.83 17.22 43.78
CA THR P 144 -50.10 18.26 44.51
C THR P 144 -49.06 17.64 45.44
N GLY P 145 -49.34 16.43 45.91
CA GLY P 145 -48.61 15.83 47.00
C GLY P 145 -49.11 16.42 48.31
N PHE P 146 -48.57 15.91 49.42
CA PHE P 146 -48.95 16.39 50.75
C PHE P 146 -48.24 17.69 51.01
N LYS P 147 -48.96 18.65 51.54
CA LYS P 147 -48.49 20.00 51.69
C LYS P 147 -48.70 20.54 53.07
N VAL P 148 -47.91 21.56 53.40
CA VAL P 148 -48.07 22.32 54.63
C VAL P 148 -48.20 23.79 54.25
N PHE P 149 -48.85 24.55 55.10
CA PHE P 149 -49.16 25.93 54.81
C PHE P 149 -48.84 26.76 56.03
N GLN P 150 -48.05 27.81 55.83
CA GLN P 150 -47.70 28.73 56.87
C GLN P 150 -48.82 29.77 56.97
N THR P 151 -49.61 29.69 58.06
CA THR P 151 -50.70 30.66 58.32
C THR P 151 -50.20 31.64 59.36
N LYS P 152 -51.01 32.67 59.67
CA LYS P 152 -50.66 33.65 60.70
C LYS P 152 -50.43 33.05 62.10
N TYR P 153 -51.09 31.92 62.38
CA TYR P 153 -51.08 31.33 63.73
C TYR P 153 -50.23 30.11 63.82
N ALA P 154 -50.03 29.42 62.69
CA ALA P 154 -49.30 28.17 62.74
C ALA P 154 -49.10 27.62 61.37
N LYS P 155 -48.12 26.74 61.28
CA LYS P 155 -47.92 25.97 60.09
C LYS P 155 -48.88 24.78 60.22
N ILE P 156 -49.72 24.57 59.22
CA ILE P 156 -50.74 23.51 59.29
C ILE P 156 -50.69 22.54 58.10
N GLY P 157 -51.20 21.33 58.31
CA GLY P 157 -51.28 20.32 57.29
C GLY P 157 -52.75 19.94 57.11
N VAL P 158 -53.22 19.89 55.87
CA VAL P 158 -54.62 19.55 55.57
C VAL P 158 -54.67 18.39 54.57
N ALA P 159 -55.42 17.36 54.89
CA ALA P 159 -55.69 16.28 53.95
C ALA P 159 -57.19 15.96 53.99
N ILE P 160 -57.65 15.21 53.01
CA ILE P 160 -59.09 15.09 52.77
C ILE P 160 -59.65 13.67 52.81
N CYS P 161 -60.66 13.49 53.65
CA CYS P 161 -61.54 12.31 53.61
C CYS P 161 -60.78 10.98 53.63
N TRP P 162 -60.82 10.22 52.54
CA TRP P 162 -60.16 8.91 52.49
C TRP P 162 -58.64 8.97 52.85
N ASP P 163 -57.97 10.12 52.58
CA ASP P 163 -56.59 10.38 53.04
C ASP P 163 -56.37 10.03 54.52
N GLN P 164 -57.46 10.13 55.29
CA GLN P 164 -57.42 9.97 56.75
C GLN P 164 -56.92 8.61 57.21
N TRP P 165 -57.08 7.61 56.35
CA TRP P 165 -56.68 6.25 56.71
C TRP P 165 -55.17 5.97 56.56
N PHE P 166 -54.44 6.89 55.93
CA PHE P 166 -53.04 6.64 55.57
C PHE P 166 -52.05 7.37 56.48
N PRO P 167 -51.38 6.62 57.39
CA PRO P 167 -50.34 7.22 58.25
C PRO P 167 -49.24 7.97 57.43
N GLU P 168 -49.02 7.56 56.17
CA GLU P 168 -48.02 8.20 55.32
C GLU P 168 -48.32 9.70 55.10
N ALA P 169 -49.60 9.99 54.93
CA ALA P 169 -50.04 11.37 54.68
C ALA P 169 -49.78 12.22 55.93
N ALA P 170 -50.12 11.69 57.10
CA ALA P 170 -49.90 12.42 58.38
C ALA P 170 -48.39 12.66 58.63
N ARG P 171 -47.61 11.63 58.37
CA ARG P 171 -46.14 11.71 58.55
C ARG P 171 -45.52 12.69 57.58
N ALA P 172 -45.92 12.62 56.32
CA ALA P 172 -45.39 13.55 55.29
C ALA P 172 -45.62 15.01 55.71
N MET P 173 -46.79 15.29 56.24
CA MET P 173 -47.09 16.65 56.64
C MET P 173 -46.24 17.06 57.89
N ALA P 174 -46.18 16.18 58.90
CA ALA P 174 -45.41 16.44 60.15
C ALA P 174 -43.90 16.63 59.85
N LEU P 175 -43.37 15.85 58.90
CA LEU P 175 -41.96 15.96 58.50
C LEU P 175 -41.65 17.33 57.93
N GLN P 176 -42.66 17.96 57.32
CA GLN P 176 -42.50 19.27 56.67
C GLN P 176 -42.82 20.42 57.61
N GLY P 177 -43.05 20.10 58.88
CA GLY P 177 -43.28 21.10 59.90
C GLY P 177 -44.72 21.40 60.26
N ALA P 178 -45.68 20.58 59.81
CA ALA P 178 -47.08 20.81 60.22
C ALA P 178 -47.20 20.73 61.75
N GLU P 179 -47.80 21.75 62.37
CA GLU P 179 -47.97 21.84 63.83
C GLU P 179 -49.32 21.37 64.24
N ILE P 180 -50.26 21.37 63.28
CA ILE P 180 -51.63 20.85 63.49
C ILE P 180 -52.10 20.19 62.19
N LEU P 181 -52.81 19.07 62.31
CA LEU P 181 -53.40 18.39 61.15
C LEU P 181 -54.93 18.56 61.15
N PHE P 182 -55.45 18.72 59.93
CA PHE P 182 -56.84 18.96 59.69
C PHE P 182 -57.36 17.98 58.67
N TYR P 183 -58.47 17.33 59.00
CA TYR P 183 -59.07 16.31 58.14
C TYR P 183 -60.58 16.50 58.00
N PRO P 184 -61.00 17.38 57.08
CA PRO P 184 -62.41 17.44 56.75
C PRO P 184 -62.79 16.09 56.11
N THR P 185 -63.96 15.56 56.44
CA THR P 185 -64.33 14.25 55.93
C THR P 185 -65.87 14.11 55.81
N ALA P 186 -66.30 12.97 55.29
CA ALA P 186 -67.73 12.68 55.12
C ALA P 186 -67.83 11.22 55.26
N ILE P 187 -68.41 10.77 56.37
CA ILE P 187 -68.55 9.34 56.56
C ILE P 187 -69.80 8.94 57.40
N GLY P 188 -70.45 7.89 56.94
CA GLY P 188 -71.68 7.40 57.55
C GLY P 188 -71.90 5.96 57.17
N SER P 189 -73.16 5.59 57.00
CA SER P 189 -73.54 4.24 56.64
C SER P 189 -75.00 4.20 56.14
N GLU P 190 -75.42 3.00 55.75
CA GLU P 190 -76.79 2.74 55.27
C GLU P 190 -77.76 2.51 56.46
N PRO P 191 -78.97 3.16 56.44
CA PRO P 191 -80.00 2.76 57.44
C PRO P 191 -80.67 1.45 57.06
N SER P 195 -73.22 -4.89 61.27
CA SER P 195 -74.14 -3.83 61.61
C SER P 195 -73.41 -2.50 62.03
N ILE P 196 -72.38 -2.59 62.89
CA ILE P 196 -71.70 -1.36 63.38
C ILE P 196 -70.96 -0.58 62.27
N ASP P 197 -71.10 0.75 62.30
CA ASP P 197 -70.42 1.61 61.33
C ASP P 197 -68.91 1.72 61.70
N SER P 198 -68.18 2.56 60.97
CA SER P 198 -66.73 2.61 61.12
C SER P 198 -66.22 3.65 62.14
N ARG P 199 -67.11 4.23 62.95
CA ARG P 199 -66.72 5.39 63.80
C ARG P 199 -65.58 5.07 64.76
N ASP P 200 -65.62 3.91 65.39
CA ASP P 200 -64.58 3.56 66.35
C ASP P 200 -63.25 3.31 65.65
N HIS P 201 -63.28 2.51 64.58
CA HIS P 201 -62.09 2.24 63.73
C HIS P 201 -61.48 3.56 63.22
N TRP P 202 -62.35 4.41 62.68
CA TRP P 202 -61.94 5.72 62.18
C TRP P 202 -61.23 6.53 63.29
N LYS P 203 -61.87 6.68 64.46
CA LYS P 203 -61.23 7.44 65.52
C LYS P 203 -59.88 6.87 65.97
N ARG P 204 -59.77 5.54 66.08
CA ARG P 204 -58.52 4.94 66.50
C ARG P 204 -57.37 5.25 65.52
N VAL P 205 -57.65 5.18 64.21
CA VAL P 205 -56.64 5.47 63.18
C VAL P 205 -56.18 6.93 63.31
N MET P 206 -57.13 7.85 63.47
CA MET P 206 -56.82 9.28 63.57
C MET P 206 -56.06 9.66 64.85
N GLN P 207 -56.51 9.15 65.99
CA GLN P 207 -55.79 9.36 67.26
C GLN P 207 -54.34 8.83 67.13
N GLY P 208 -54.19 7.73 66.38
CA GLY P 208 -52.87 7.16 66.11
C GLY P 208 -51.94 8.10 65.36
N HIS P 209 -52.48 8.84 64.38
CA HIS P 209 -51.69 9.85 63.65
C HIS P 209 -51.24 10.93 64.61
N ALA P 210 -52.17 11.42 65.44
CA ALA P 210 -51.87 12.45 66.41
C ALA P 210 -50.77 11.98 67.38
N GLY P 211 -50.98 10.81 67.98
CA GLY P 211 -49.99 10.23 68.88
C GLY P 211 -48.61 9.97 68.31
N ALA P 212 -48.55 9.51 67.06
CA ALA P 212 -47.30 9.11 66.42
C ALA P 212 -46.45 10.27 65.92
N ASN P 213 -47.12 11.37 65.56
CA ASN P 213 -46.47 12.60 65.12
C ASN P 213 -46.40 13.67 66.23
N LEU P 214 -47.10 13.44 67.36
CA LEU P 214 -47.13 14.41 68.48
C LEU P 214 -47.57 15.79 68.01
N VAL P 215 -48.69 15.80 67.29
CA VAL P 215 -49.31 17.05 66.86
C VAL P 215 -50.83 16.95 67.10
N PRO P 216 -51.48 18.10 67.41
CA PRO P 216 -52.97 18.03 67.52
C PRO P 216 -53.58 17.72 66.16
N LEU P 217 -54.79 17.18 66.20
CA LEU P 217 -55.50 16.81 65.00
C LEU P 217 -57.00 17.15 65.14
N VAL P 218 -57.55 17.78 64.09
CA VAL P 218 -58.92 18.26 64.02
C VAL P 218 -59.61 17.51 62.88
N ALA P 219 -60.77 16.93 63.16
CA ALA P 219 -61.56 16.21 62.15
C ALA P 219 -63.04 16.67 62.16
N SER P 220 -63.52 17.14 61.03
CA SER P 220 -64.86 17.66 60.89
C SER P 220 -65.64 16.77 59.99
N ASN P 221 -66.69 16.17 60.55
CA ASN P 221 -67.57 15.27 59.81
C ASN P 221 -69.04 15.77 59.80
N ARG P 222 -69.71 15.44 58.73
CA ARG P 222 -71.10 15.78 58.44
C ARG P 222 -72.06 14.96 59.30
N ILE P 223 -73.29 15.47 59.43
CA ILE P 223 -74.39 14.74 60.05
C ILE P 223 -75.55 14.76 59.08
N GLY P 224 -76.59 14.00 59.43
CA GLY P 224 -77.81 13.99 58.69
C GLY P 224 -77.97 12.83 57.75
N ASN P 225 -79.22 12.68 57.29
CA ASN P 225 -79.61 11.69 56.32
C ASN P 225 -79.62 12.34 54.94
N GLU P 226 -79.13 11.65 53.92
CA GLU P 226 -79.14 12.21 52.57
C GLU P 226 -79.58 11.14 51.60
N ILE P 227 -80.48 11.51 50.66
CA ILE P 227 -81.01 10.59 49.63
C ILE P 227 -80.74 11.13 48.19
N ILE P 228 -80.21 10.25 47.34
CA ILE P 228 -79.84 10.57 45.94
C ILE P 228 -80.19 9.39 45.01
N GLU P 229 -80.97 9.65 43.93
CA GLU P 229 -81.36 8.57 42.98
C GLU P 229 -80.21 8.12 42.05
N THR P 230 -80.20 6.81 41.71
CA THR P 230 -79.16 6.18 40.88
C THR P 230 -79.86 5.14 39.97
N GLU P 231 -79.14 4.62 38.97
CA GLU P 231 -79.68 3.60 38.03
C GLU P 231 -78.82 2.36 38.03
N LYS P 234 -81.10 4.02 43.86
CA LYS P 234 -81.13 4.98 44.95
C LYS P 234 -80.07 4.69 46.00
N SER P 235 -79.54 5.77 46.59
CA SER P 235 -78.56 5.69 47.68
C SER P 235 -79.08 6.49 48.88
N GLU P 236 -78.95 5.93 50.08
CA GLU P 236 -79.30 6.64 51.32
C GLU P 236 -78.16 6.51 52.33
N ILE P 237 -77.61 7.65 52.74
CA ILE P 237 -76.56 7.67 53.74
C ILE P 237 -76.95 8.51 54.96
N LYS P 238 -76.79 7.92 56.15
CA LYS P 238 -76.85 8.66 57.41
C LYS P 238 -75.40 8.88 57.85
N PHE P 239 -74.99 10.14 57.90
CA PHE P 239 -73.65 10.49 58.30
C PHE P 239 -73.55 10.49 59.81
N TYR P 240 -72.50 9.87 60.35
CA TYR P 240 -72.44 9.63 61.79
C TYR P 240 -71.73 10.69 62.66
N GLY P 241 -71.50 11.87 62.09
CA GLY P 241 -70.90 12.96 62.86
C GLY P 241 -69.62 12.52 63.58
N ASN P 242 -69.61 12.65 64.90
CA ASN P 242 -68.44 12.33 65.71
C ASN P 242 -67.17 13.13 65.31
N SER P 243 -67.38 14.37 64.88
CA SER P 243 -66.27 15.31 64.73
C SER P 243 -65.53 15.41 66.09
N PHE P 244 -64.22 15.60 66.05
CA PHE P 244 -63.45 15.69 67.27
C PHE P 244 -62.15 16.49 67.09
N ILE P 245 -61.53 16.77 68.23
CA ILE P 245 -60.21 17.37 68.28
C ILE P 245 -59.43 16.52 69.25
N ALA P 246 -58.23 16.11 68.80
CA ALA P 246 -57.33 15.29 69.56
C ALA P 246 -56.02 16.07 69.83
N GLY P 247 -55.45 15.83 71.00
CA GLY P 247 -54.18 16.40 71.40
C GLY P 247 -53.01 15.56 70.89
N PRO P 248 -51.79 16.04 71.16
CA PRO P 248 -50.59 15.44 70.59
C PRO P 248 -50.24 14.05 71.14
N THR P 249 -50.97 13.56 72.16
CA THR P 249 -50.80 12.16 72.59
C THR P 249 -51.96 11.31 72.07
N GLY P 250 -52.76 11.88 71.15
CA GLY P 250 -53.93 11.21 70.62
C GLY P 250 -55.18 11.25 71.49
N GLU P 251 -55.10 11.89 72.67
CA GLU P 251 -56.29 12.01 73.53
C GLU P 251 -57.39 12.90 72.88
N ILE P 252 -58.62 12.43 72.87
CA ILE P 252 -59.75 13.23 72.42
C ILE P 252 -60.04 14.29 73.49
N VAL P 253 -59.82 15.56 73.19
CA VAL P 253 -60.08 16.62 74.15
C VAL P 253 -61.49 17.18 73.95
N SER P 254 -62.05 16.97 72.77
CA SER P 254 -63.38 17.47 72.47
C SER P 254 -64.01 16.58 71.40
N ILE P 255 -65.30 16.29 71.55
CA ILE P 255 -65.98 15.37 70.65
C ILE P 255 -67.45 15.66 70.54
N ALA P 256 -67.99 15.54 69.35
CA ALA P 256 -69.43 15.70 69.11
C ALA P 256 -70.10 14.32 69.01
N ASP P 257 -71.42 14.29 69.09
CA ASP P 257 -72.19 13.02 68.95
C ASP P 257 -72.60 12.84 67.50
N ASP P 258 -73.44 11.84 67.22
CA ASP P 258 -73.81 11.57 65.81
C ASP P 258 -75.02 12.34 65.26
N LYS P 259 -75.65 13.19 66.07
CA LYS P 259 -76.87 13.91 65.64
C LYS P 259 -76.79 15.42 65.72
N GLU P 260 -76.13 15.92 66.76
CA GLU P 260 -76.12 17.35 67.05
C GLU P 260 -75.31 18.14 66.04
N GLU P 261 -75.77 19.33 65.75
CA GLU P 261 -74.92 20.32 65.10
C GLU P 261 -73.96 20.81 66.21
N ALA P 262 -72.68 20.94 65.86
CA ALA P 262 -71.67 21.27 66.87
C ALA P 262 -70.59 22.22 66.39
N VAL P 263 -70.08 22.98 67.37
CA VAL P 263 -68.92 23.84 67.24
C VAL P 263 -67.98 23.44 68.37
N LEU P 264 -66.93 22.67 68.03
CA LEU P 264 -65.95 22.21 69.02
C LEU P 264 -64.80 23.20 69.11
N ILE P 265 -64.26 23.38 70.31
CA ILE P 265 -63.21 24.35 70.59
C ILE P 265 -62.10 23.70 71.40
N ALA P 266 -60.84 23.86 70.97
CA ALA P 266 -59.73 23.48 71.81
C ALA P 266 -58.56 24.48 71.69
N GLU P 267 -57.88 24.74 72.81
CA GLU P 267 -56.68 25.59 72.80
C GLU P 267 -55.40 24.73 72.89
N PHE P 268 -54.39 25.05 72.09
CA PHE P 268 -53.08 24.34 72.16
C PHE P 268 -51.90 25.31 72.29
N ASN P 269 -50.94 24.96 73.13
CA ASN P 269 -49.72 25.72 73.26
C ASN P 269 -48.74 25.08 72.29
N LEU P 270 -48.61 25.65 71.11
CA LEU P 270 -47.74 25.10 70.06
C LEU P 270 -46.25 25.09 70.44
N ASP P 271 -45.79 26.00 71.29
CA ASP P 271 -44.38 25.96 71.68
C ASP P 271 -44.08 24.81 72.67
N LYS P 272 -44.98 24.59 73.63
CA LYS P 272 -44.82 23.48 74.57
C LYS P 272 -44.94 22.16 73.83
N ILE P 273 -45.89 22.10 72.89
CA ILE P 273 -46.13 20.85 72.13
C ILE P 273 -44.93 20.54 71.25
N LYS P 274 -44.35 21.57 70.62
CA LYS P 274 -43.11 21.41 69.83
C LYS P 274 -41.99 20.85 70.73
N SER P 275 -41.84 21.46 71.90
CA SER P 275 -40.82 21.03 72.87
C SER P 275 -41.01 19.54 73.25
N MET P 276 -42.26 19.18 73.55
CA MET P 276 -42.66 17.80 73.90
CA MET P 276 -42.56 17.80 73.94
C MET P 276 -42.38 16.81 72.78
N ARG P 277 -42.76 17.20 71.57
CA ARG P 277 -42.58 16.38 70.39
C ARG P 277 -41.08 16.07 70.16
N HIS P 278 -40.22 17.09 70.32
CA HIS P 278 -38.78 16.89 70.08
C HIS P 278 -38.17 16.03 71.19
N CYS P 279 -38.58 16.25 72.44
CA CYS P 279 -38.02 15.49 73.58
CA CYS P 279 -37.93 15.47 73.50
C CYS P 279 -38.44 14.01 73.52
N TRP P 280 -39.67 13.77 73.09
CA TRP P 280 -40.15 12.37 72.99
C TRP P 280 -39.24 11.59 72.05
N GLY P 281 -38.77 12.21 70.96
CA GLY P 281 -37.62 11.68 70.22
C GLY P 281 -37.90 10.92 68.94
N VAL P 282 -39.16 10.67 68.61
CA VAL P 282 -39.46 9.80 67.43
C VAL P 282 -38.83 10.34 66.15
N PHE P 283 -38.85 11.67 65.96
CA PHE P 283 -38.23 12.30 64.76
C PHE P 283 -36.70 12.25 64.74
N ARG P 284 -36.11 12.18 65.92
CA ARG P 284 -34.65 12.01 66.06
C ARG P 284 -34.25 10.54 65.67
N ASP P 285 -35.21 9.62 65.84
CA ASP P 285 -34.96 8.16 65.83
C ASP P 285 -35.42 7.44 64.55
N ARG P 286 -36.12 8.16 63.66
CA ARG P 286 -36.60 7.60 62.39
C ARG P 286 -35.47 7.00 61.55
N ARG P 287 -35.81 5.97 60.77
CA ARG P 287 -34.87 5.27 59.95
C ARG P 287 -35.24 5.25 58.44
N PRO P 288 -35.20 6.43 57.77
CA PRO P 288 -35.59 6.45 56.37
C PRO P 288 -34.74 5.52 55.50
N ASP P 289 -33.51 5.24 55.93
CA ASP P 289 -32.69 4.27 55.23
C ASP P 289 -33.33 2.88 55.20
N LEU P 290 -34.27 2.63 56.11
CA LEU P 290 -34.99 1.36 56.16
C LEU P 290 -36.43 1.40 55.62
N TYR P 291 -36.87 2.56 55.10
CA TYR P 291 -38.25 2.75 54.72
C TYR P 291 -38.54 2.66 53.20
N LYS P 292 -37.59 2.18 52.40
CA LYS P 292 -37.79 2.16 50.92
C LYS P 292 -39.01 1.30 50.47
N VAL P 293 -39.30 0.22 51.23
CA VAL P 293 -40.47 -0.64 50.89
C VAL P 293 -41.79 0.16 50.91
N LEU P 294 -41.82 1.28 51.65
CA LEU P 294 -42.99 2.16 51.66
C LEU P 294 -43.22 2.80 50.28
N LEU P 295 -42.19 2.82 49.42
CA LEU P 295 -42.33 3.36 48.05
C LEU P 295 -42.70 2.27 46.99
N THR P 296 -43.17 1.13 47.49
CA THR P 296 -43.72 0.06 46.69
C THR P 296 -45.21 -0.08 47.04
N LEU P 297 -45.96 -0.71 46.14
CA LEU P 297 -47.33 -1.11 46.39
C LEU P 297 -47.35 -2.54 46.94
N ASP P 298 -46.46 -3.40 46.42
CA ASP P 298 -46.51 -4.85 46.70
C ASP P 298 -45.47 -5.35 47.70
N GLY P 299 -44.72 -4.41 48.31
CA GLY P 299 -43.67 -4.76 49.23
C GLY P 299 -42.39 -5.26 48.56
N LYS P 300 -42.29 -5.10 47.24
CA LYS P 300 -41.11 -5.57 46.47
C LYS P 300 -40.63 -4.54 45.42
N ASN P 301 -41.51 -4.14 44.50
CA ASN P 301 -41.17 -3.32 43.31
C ASN P 301 -41.45 -1.84 43.45
N PRO P 302 -40.41 -0.98 43.28
CA PRO P 302 -40.67 0.47 43.42
C PRO P 302 -41.59 0.99 42.31
N VAL P 303 -42.24 2.14 42.53
CA VAL P 303 -43.21 2.64 41.52
C VAL P 303 -42.61 3.65 40.51
C1 GOL Q . 5.54 -48.22 -36.72
O1 GOL Q . 4.82 -49.46 -36.56
C2 GOL Q . 7.05 -48.47 -36.75
O2 GOL Q . 7.38 -49.51 -37.68
C3 GOL Q . 7.79 -47.20 -37.19
O3 GOL Q . 7.43 -46.08 -36.38
C1 GOL R . 11.88 -19.89 -27.07
O1 GOL R . 11.90 -21.31 -27.10
C2 GOL R . 13.30 -19.39 -27.32
O2 GOL R . 13.27 -17.95 -27.33
C3 GOL R . 14.26 -19.94 -26.24
O3 GOL R . 15.59 -19.40 -26.39
C1 GOL S . -2.73 -26.54 -41.44
O1 GOL S . -1.79 -25.46 -41.34
C2 GOL S . -4.14 -26.03 -41.74
O2 GOL S . -4.30 -25.78 -43.15
C3 GOL S . -4.44 -24.75 -40.96
O3 GOL S . -5.82 -24.43 -41.17
C1 PEG T . 19.05 -50.72 -43.63
O1 PEG T . 19.25 -52.11 -43.97
C2 PEG T . 20.23 -50.22 -42.82
O2 PEG T . 20.78 -49.06 -43.45
C3 PEG T . 21.93 -48.54 -42.77
C4 PEG T . 22.79 -47.73 -43.72
O4 PEG T . 22.84 -48.35 -45.01
C1 PGE U . 5.09 -5.73 -45.36
O1 PGE U . 3.68 -5.58 -45.58
C2 PGE U . 5.33 -5.65 -43.86
O2 PGE U . 6.32 -4.66 -43.55
C3 PGE U . 5.86 -3.31 -43.55
C4 PGE U . 6.96 -2.44 -44.14
O4 PGE U . 10.05 -0.38 -44.73
C6 PGE U . 8.93 -0.05 -43.90
C5 PGE U . 7.63 -0.19 -44.68
O3 PGE U . 6.68 -1.04 -44.03
C1 EDO V . 27.23 -8.09 -59.63
O1 EDO V . 27.07 -9.07 -60.67
C2 EDO V . 26.58 -8.61 -58.35
O2 EDO V . 27.53 -8.74 -57.28
C4 N2H W . 13.90 -10.88 -72.14
C5 N2H W . 15.10 -11.80 -72.48
C6 N2H W . 14.52 -13.09 -73.09
O8 N2H W . 13.88 -6.53 -72.14
C1 N2H W . 13.28 -7.24 -71.01
O9 N2H W . 14.30 -7.24 -70.03
N2 N2H W . 13.06 -8.73 -71.31
C3 N2H W . 14.32 -9.49 -71.59
N7 N2H W . 15.48 -14.20 -73.05
C1 GOL X . 11.95 -19.87 -71.19
O1 GOL X . 10.55 -20.03 -70.95
C2 GOL X . 12.50 -21.28 -71.34
O2 GOL X . 13.69 -21.43 -70.54
C3 GOL X . 12.75 -21.59 -72.80
O3 GOL X . 14.14 -21.46 -73.05
C1 GOL Y . 15.34 6.84 -76.04
O1 GOL Y . 16.27 7.94 -76.05
C2 GOL Y . 15.61 5.98 -77.23
O2 GOL Y . 15.39 6.80 -78.40
C3 GOL Y . 14.69 4.75 -77.20
O3 GOL Y . 14.53 4.23 -78.53
C4 N2H Z . 38.51 -7.42 -76.34
C5 N2H Z . 37.27 -6.60 -76.64
C6 N2H Z . 37.55 -5.82 -77.95
O8 N2H Z . 38.91 -11.26 -74.37
C1 N2H Z . 39.67 -10.13 -73.86
O9 N2H Z . 38.84 -9.68 -72.82
N2 N2H Z . 39.69 -9.01 -74.94
C3 N2H Z . 38.39 -8.23 -75.04
N7 N2H Z . 36.52 -4.79 -78.24
C1 GOL AA . 38.13 1.69 -82.40
O1 GOL AA . 36.79 1.20 -82.10
C2 GOL AA . 38.92 2.17 -81.17
O2 GOL AA . 38.04 2.87 -80.26
C3 GOL AA . 39.60 1.02 -80.39
O3 GOL AA . 41.02 1.18 -80.32
C1 GOL BA . 44.08 -31.65 -69.39
O1 GOL BA . 42.83 -30.98 -69.54
C2 GOL BA . 44.09 -32.93 -70.21
O2 GOL BA . 45.41 -33.47 -70.15
C3 GOL BA . 43.68 -32.64 -71.66
O3 GOL BA . 44.04 -33.72 -72.54
C1 GOL CA . 37.44 -25.91 -71.61
O1 GOL CA . 36.64 -26.00 -70.42
C2 GOL CA . 36.91 -24.84 -72.57
O2 GOL CA . 37.01 -23.52 -71.99
C3 GOL CA . 37.67 -24.89 -73.88
O3 GOL CA . 37.26 -23.79 -74.69
C1 GOL DA . 53.04 7.51 -80.12
O1 GOL DA . 51.77 7.99 -80.58
C2 GOL DA . 52.82 6.26 -79.26
O2 GOL DA . 53.72 6.22 -78.14
C3 GOL DA . 53.03 4.98 -80.04
O3 GOL DA . 52.36 3.92 -79.35
C1 PGE EA . 52.89 -33.15 -58.85
O1 PGE EA . 53.24 -34.33 -58.13
C2 PGE EA . 51.45 -32.73 -58.53
O2 PGE EA . 51.44 -31.48 -57.85
C3 PGE EA . 50.60 -31.41 -56.69
C4 PGE EA . 50.92 -30.13 -55.89
O4 PGE EA . 53.83 -30.09 -52.37
C6 PGE EA . 52.46 -29.69 -52.52
C5 PGE EA . 52.17 -29.39 -53.99
O3 PGE EA . 51.41 -30.45 -54.59
C1 EDO FA . 45.99 12.19 -47.80
O1 EDO FA . 47.39 11.93 -48.02
C2 EDO FA . 45.12 11.05 -48.31
O2 EDO FA . 43.97 10.82 -47.47
C4 N2H GA . 58.15 16.65 -61.29
C5 N2H GA . 58.87 15.91 -60.16
C6 N2H GA . 60.03 15.08 -60.77
O8 N2H GA . 55.93 20.64 -61.06
C1 N2H GA . 55.42 19.40 -61.61
O9 N2H GA . 54.67 18.87 -60.52
N2 N2H GA . 56.59 18.39 -61.90
C3 N2H GA . 56.89 17.40 -60.80
N7 N2H GA . 60.57 14.05 -59.82
C1 GOL HA . 61.54 8.32 -63.56
O1 GOL HA . 61.38 8.29 -64.96
C2 GOL HA . 62.13 6.99 -63.13
O2 GOL HA . 62.00 6.69 -61.73
C3 GOL HA . 63.59 7.10 -63.36
O3 GOL HA . 64.05 8.08 -62.41
C1 GOL IA . 52.21 42.02 -65.11
O1 GOL IA . 53.00 43.20 -64.93
C2 GOL IA . 50.73 42.29 -64.81
O2 GOL IA . 50.10 43.00 -65.87
C3 GOL IA . 50.00 40.95 -64.63
O3 GOL IA . 50.35 40.32 -63.39
C1 PEG JA . 36.82 40.58 -69.01
O1 PEG JA . 37.89 41.51 -68.85
C2 PEG JA . 35.94 40.59 -67.76
O2 PEG JA . 35.10 39.45 -67.74
C3 PEG JA . 33.96 39.50 -68.62
C4 PEG JA . 32.78 38.80 -67.95
O4 PEG JA . 31.68 38.74 -68.86
C1 PEG KA . 61.53 28.69 -81.90
O1 PEG KA . 60.98 27.43 -82.29
C2 PEG KA . 62.51 28.53 -80.74
O2 PEG KA . 63.88 28.35 -81.12
C3 PEG KA . 64.19 27.07 -81.69
C4 PEG KA . 65.18 26.31 -80.84
O4 PEG KA . 65.12 24.93 -81.23
C1 EDO LA . 29.39 -1.73 -60.14
O1 EDO LA . 28.70 -1.40 -58.93
C2 EDO LA . 28.79 -2.96 -60.83
O2 EDO LA . 28.62 -2.70 -62.24
C4 N2H MA . 60.62 20.24 -36.33
C5 N2H MA . 60.59 21.13 -37.58
C6 N2H MA . 61.41 22.42 -37.27
O8 N2H MA . 60.83 15.87 -36.29
C1 N2H MA . 59.88 16.52 -35.47
O9 N2H MA . 58.71 16.47 -36.30
N2 N2H MA . 60.27 18.03 -35.35
C3 N2H MA . 60.04 18.83 -36.60
N7 N2H MA . 61.14 23.49 -38.25
C1 GOL NA . 60.25 29.24 -34.38
O1 GOL NA . 60.35 29.35 -32.95
C2 GOL NA . 60.17 30.64 -34.96
O2 GOL NA . 59.25 30.72 -36.04
C3 GOL NA . 61.52 31.11 -35.46
O3 GOL NA . 61.65 30.94 -36.91
C1 GOL OA . 42.23 25.12 -9.89
O1 GOL OA . 40.79 25.20 -9.96
C2 GOL OA . 42.82 24.96 -11.30
O2 GOL OA . 42.21 23.84 -11.96
C3 GOL OA . 42.65 26.24 -12.14
O3 GOL OA . 43.92 26.81 -12.44
C1 GOL PA . 68.81 -4.41 -32.82
O1 GOL PA . 70.11 -5.00 -32.65
C2 GOL PA . 67.71 -5.45 -32.58
O2 GOL PA . 67.92 -6.13 -31.34
C3 GOL PA . 66.36 -4.74 -32.50
O3 GOL PA . 66.10 -4.10 -33.74
C1 GOL QA . 53.22 -10.74 -25.72
O1 GOL QA . 52.69 -10.85 -24.39
C2 GOL QA . 54.69 -11.17 -25.77
O2 GOL QA . 55.10 -11.23 -27.15
C3 GOL QA . 55.59 -10.18 -25.03
O3 GOL QA . 56.99 -10.49 -25.20
C4 N2H RA . 36.68 32.70 -15.06
C5 N2H RA . 36.01 31.49 -14.36
C6 N2H RA . 36.94 31.02 -13.22
O8 N2H RA . 34.73 36.06 -16.46
C1 N2H RA . 35.61 35.53 -17.46
O9 N2H RA . 34.74 34.79 -18.36
N2 N2H RA . 36.54 34.48 -16.77
C3 N2H RA . 35.71 33.45 -16.01
N7 N2H RA . 36.59 29.68 -12.71
C1 GOL SA . 27.87 56.10 -21.41
O1 GOL SA . 27.06 54.97 -21.10
C2 GOL SA . 27.43 57.27 -20.51
O2 GOL SA . 27.85 58.48 -21.13
C3 GOL SA . 28.05 57.16 -19.13
O3 GOL SA . 27.30 57.93 -18.18
C1 GOL TA . 43.63 18.56 -47.23
O1 GOL TA . 43.98 19.06 -48.52
C2 GOL TA . 44.74 17.77 -46.50
O2 GOL TA . 45.98 18.49 -46.36
C3 GOL TA . 44.29 17.41 -45.09
O3 GOL TA . 42.90 17.70 -44.86
C4 N2H UA . 13.20 23.90 -12.27
C5 N2H UA . 13.82 25.32 -12.26
C6 N2H UA . 12.89 26.25 -11.43
O8 N2H UA . 15.22 20.10 -12.39
C1 N2H UA . 14.17 20.26 -13.35
O9 N2H UA . 14.85 20.67 -14.56
N2 N2H UA . 13.31 21.50 -12.92
C3 N2H UA . 14.06 22.84 -13.05
N7 N2H UA . 13.35 27.65 -11.38
C1 GOL VA . 3.11 12.52 5.33
O1 GOL VA . 1.76 12.63 5.73
C2 GOL VA . 3.78 11.34 6.05
O2 GOL VA . 4.97 11.85 6.63
C3 GOL VA . 4.14 10.20 5.08
O3 GOL VA . 2.96 9.58 4.53
C1 PEG WA . 16.70 -6.05 -6.47
O1 PEG WA . 15.41 -6.66 -6.51
C2 PEG WA . 17.79 -7.08 -6.18
O2 PEG WA . 19.01 -6.43 -5.81
C3 PEG WA . 20.08 -7.34 -5.57
C4 PEG WA . 21.40 -6.71 -6.05
O4 PEG WA . 21.52 -5.40 -5.50
C1 PGE XA . 1.01 0.09 -34.75
O1 PGE XA . -0.15 -0.32 -35.47
C2 PGE XA . 1.24 1.60 -34.96
O2 PGE XA . 2.47 1.80 -35.64
C3 PGE XA . 2.68 3.15 -36.06
C4 PGE XA . 3.94 3.23 -36.90
O4 PGE XA . 8.67 2.59 -36.77
C6 PGE XA . 7.46 2.47 -36.01
C5 PGE XA . 6.25 2.76 -36.89
O3 PGE XA . 5.07 2.89 -36.10
C1 GOL YA . 6.99 30.95 -11.40
O1 GOL YA . 5.93 30.37 -12.16
C2 GOL YA . 7.09 32.45 -11.63
O2 GOL YA . 7.91 33.14 -10.67
C3 GOL YA . 7.69 32.63 -13.01
O3 GOL YA . 7.32 33.93 -13.45
C1 GOL ZA . -48.14 -67.46 50.57
O1 GOL ZA . -48.92 -68.67 50.77
C2 GOL ZA . -46.64 -67.76 50.57
O2 GOL ZA . -46.32 -68.80 49.63
C3 GOL ZA . -45.81 -66.54 50.18
O3 GOL ZA . -46.11 -65.44 51.03
C1 GOL AB . -26.58 -27.40 29.16
O1 GOL AB . -26.44 -27.77 30.54
C2 GOL AB . -25.76 -28.36 28.29
O2 GOL AB . -26.29 -28.29 26.95
C3 GOL AB . -24.25 -28.00 28.38
O3 GOL AB . -23.40 -29.14 28.74
C4 N2H BB . -39.45 -29.86 15.60
C5 N2H BB . -38.26 -30.86 15.34
C6 N2H BB . -38.84 -32.15 14.66
O8 N2H BB . -39.47 -25.36 15.60
C1 N2H BB . -40.00 -26.15 16.73
O9 N2H BB . -38.90 -26.21 17.65
N2 N2H BB . -40.25 -27.66 16.37
C3 N2H BB . -38.99 -28.49 16.17
N7 N2H BB . -37.83 -33.23 14.53
C1 GOL CB . -40.24 -40.79 14.85
O1 GOL CB . -38.87 -40.38 14.69
C2 GOL CB . -40.66 -40.52 16.28
O2 GOL CB . -39.54 -40.71 17.19
C3 GOL CB . -41.20 -39.12 16.43
O3 GOL CB . -42.59 -39.16 16.75
C1 GOL DB . -45.58 -2.92 10.93
O1 GOL DB . -44.81 -1.70 10.98
C2 GOL DB . -44.79 -4.09 10.32
O2 GOL DB . -45.61 -4.77 9.36
C3 GOL DB . -44.36 -5.11 11.41
O3 GOL DB . -43.07 -5.67 11.15
C1 GOL EB . -39.00 -13.98 9.42
O1 GOL EB . -38.52 -15.31 9.53
C2 GOL EB . -37.87 -13.08 9.91
O2 GOL EB . -37.83 -11.91 9.08
C3 GOL EB . -38.04 -12.70 11.38
O3 GOL EB . -37.18 -11.59 11.66
C1 GOL FB . -24.00 -20.89 27.40
O1 GOL FB . -24.28 -20.92 28.82
C2 GOL FB . -24.93 -21.82 26.60
O2 GOL FB . -24.32 -22.05 25.29
C3 GOL FB . -26.38 -21.32 26.36
O3 GOL FB . -26.92 -20.25 27.16
C1 PEG GB . -59.17 -35.18 19.75
O1 PEG GB . -57.77 -35.05 20.06
C2 PEG GB . -60.01 -34.67 20.92
O2 PEG GB . -61.18 -33.99 20.41
C3 PEG GB . -61.92 -33.26 21.39
C4 PEG GB . -62.48 -31.99 20.77
O4 PEG GB . -63.82 -31.76 21.26
C1 PGE HB . -48.12 -25.04 41.94
O1 PGE HB . -49.52 -24.76 42.15
C2 PGE HB . -47.37 -25.00 43.26
O2 PGE HB . -47.89 -23.95 44.09
C3 PGE HB . -46.96 -22.91 44.42
C4 PGE HB . -46.66 -22.03 43.19
O4 PGE HB . -43.23 -19.36 43.10
C6 PGE HB . -44.31 -19.99 43.81
C5 PGE HB . -45.61 -19.84 43.02
O3 PGE HB . -46.66 -20.64 43.60
C4 N2H IB . -14.77 -26.51 11.34
C5 N2H IB . -16.01 -25.67 10.99
C6 N2H IB . -15.66 -24.79 9.76
O8 N2H IB . -14.38 -30.40 13.10
C1 N2H IB . -13.66 -29.31 13.73
O9 N2H IB . -14.53 -28.94 14.78
N2 N2H IB . -13.60 -28.09 12.75
C3 N2H IB . -14.91 -27.32 12.63
N7 N2H IB . -16.73 -23.85 9.45
C1 GOL JB . -13.44 -18.15 7.62
O1 GOL JB . -12.07 -17.93 7.43
C2 GOL JB . -14.23 -17.15 6.79
O2 GOL JB . -14.99 -16.30 7.66
C3 GOL JB . -15.13 -17.95 5.87
O3 GOL JB . -16.17 -17.15 5.30
C1 GOL KB . 10.94 -11.67 25.30
O1 GOL KB . 10.98 -11.19 26.67
C2 GOL KB . 9.54 -12.09 24.87
O2 GOL KB . 8.94 -12.74 26.00
C3 GOL KB . 8.70 -10.90 24.37
O3 GOL KB . 8.30 -11.13 23.02
C1 GOL LB . -9.14 -51.69 15.88
O1 GOL LB . -9.03 -52.81 15.00
C2 GOL LB . -9.22 -52.17 17.32
O2 GOL LB . -8.03 -52.90 17.63
C3 GOL LB . -9.30 -50.97 18.25
O3 GOL LB . -10.51 -50.25 18.02
C1 EDO MB . -6.92 -7.23 40.10
O1 EDO MB . -5.55 -7.50 39.71
C2 EDO MB . -7.82 -8.42 39.76
O2 EDO MB . -8.80 -8.65 40.80
C4 N2H NB . 5.03 -2.72 26.64
C5 N2H NB . 5.76 -3.47 27.80
C6 N2H NB . 6.87 -4.35 27.17
O8 N2H NB . 2.90 1.38 26.90
C1 N2H NB . 2.40 0.12 26.35
O9 N2H NB . 1.64 -0.42 27.43
N2 N2H NB . 3.60 -0.83 26.10
C3 N2H NB . 3.76 -1.93 27.09
N7 N2H NB . 7.58 -5.20 28.13
C1 GOL OB . -3.11 21.73 23.57
O1 GOL OB . -2.64 21.01 24.70
C2 GOL OB . -2.31 23.01 23.30
O2 GOL OB . -2.83 23.64 22.13
C3 GOL OB . -0.83 22.70 23.05
O3 GOL OB . -0.05 23.87 23.31
C1 PEG PB . -16.33 21.16 19.30
O1 PEG PB . -15.43 22.25 19.56
C2 PEG PB . -17.22 20.94 20.51
O2 PEG PB . -18.42 20.25 20.13
C3 PEG PB . -19.29 20.07 21.25
C4 PEG PB . -20.52 19.22 20.90
O4 PEG PB . -20.83 19.33 19.51
NA NA QB . 0.29 6.20 3.59
C4 N2H RB . 7.87 0.56 51.60
C5 N2H RB . 7.62 1.54 50.45
C6 N2H RB . 8.40 2.86 50.74
O8 N2H RB . 7.87 -3.96 51.65
C1 N2H RB . 6.98 -3.12 52.45
O9 N2H RB . 5.88 -3.00 51.60
N2 N2H RB . 7.54 -1.68 52.55
C3 N2H RB . 7.03 -0.74 51.49
N7 N2H RB . 8.32 3.88 49.68
C1 GOL SB . 7.41 9.70 53.67
O1 GOL SB . 7.52 9.85 55.07
C2 GOL SB . 7.23 11.07 53.07
O2 GOL SB . 6.14 11.07 52.13
C3 GOL SB . 8.51 11.46 52.37
O3 GOL SB . 8.52 10.79 51.11
C1 GOL TB . 13.55 -24.28 55.11
O1 GOL TB . 13.21 -23.72 53.84
C2 GOL TB . 14.87 -25.06 55.02
O2 GOL TB . 14.92 -26.01 56.05
C3 GOL TB . 16.06 -24.11 55.19
O3 GOL TB . 17.19 -24.58 54.45
C4 N2H UB . -15.97 12.85 73.11
C5 N2H UB . -16.62 11.61 73.72
C6 N2H UB . -15.82 11.22 74.98
O8 N2H UB . -17.99 16.51 71.59
C1 N2H UB . -17.08 15.76 70.77
O9 N2H UB . -17.97 14.89 70.04
N2 N2H UB . -16.21 14.84 71.70
C3 N2H UB . -16.87 13.53 72.05
N7 N2H UB . -16.02 9.81 75.36
C1 GOL VB . -9.98 6.49 75.88
O1 GOL VB . -8.68 7.08 75.67
C2 GOL VB . -9.79 5.13 76.55
O2 GOL VB . -10.78 4.15 76.18
C3 GOL VB . -9.85 5.30 78.05
O3 GOL VB . -11.14 4.87 78.55
C1 GOL WB . -24.96 36.35 66.99
O1 GOL WB . -25.78 35.24 67.37
C2 GOL WB . -25.33 37.56 67.88
O2 GOL WB . -24.70 38.72 67.36
C3 GOL WB . -24.86 37.32 69.31
O3 GOL WB . -25.19 38.47 70.13
C1 GOL XB . -21.17 38.42 51.24
O1 GOL XB . -21.66 37.50 50.26
C2 GOL XB . -21.78 38.14 52.62
O2 GOL XB . -23.20 38.05 52.54
C3 GOL XB . -21.35 39.24 53.61
O3 GOL XB . -22.14 39.25 54.81
C1 EDO YB . -9.24 -1.59 42.84
O1 EDO YB . -10.46 -1.89 42.15
C2 EDO YB . -8.03 -2.17 42.10
O2 EDO YB . -7.05 -1.16 41.90
C4 N2H ZB . -39.58 3.90 76.20
C5 N2H ZB . -38.91 5.29 76.20
C6 N2H ZB . -39.76 6.26 77.05
O8 N2H ZB . -37.42 0.36 76.11
C1 N2H ZB . -38.46 0.33 75.13
O9 N2H ZB . -37.75 0.62 73.92
N2 N2H ZB . -39.41 1.56 75.38
C3 N2H ZB . -38.67 2.86 75.46
N7 N2H ZB . -39.41 7.68 76.78
C1 GOL AC . -45.09 12.59 75.24
O1 GOL AC . -44.94 14.01 75.29
C2 GOL AC . -45.82 12.15 76.50
O2 GOL AC . -45.31 12.80 77.67
C3 GOL AC . -45.67 10.64 76.63
O3 GOL AC . -46.93 10.06 76.42
C1 EDO BC . -30.53 7.05 60.13
O1 EDO BC . -30.82 7.74 61.34
C2 EDO BC . -31.56 7.40 59.05
O2 EDO BC . -30.94 7.64 57.77
#